data_4X8F
#
_entry.id   4X8F
#
_cell.length_a   129.220
_cell.length_b   130.849
_cell.length_c   145.690
_cell.angle_alpha   110.52
_cell.angle_beta   90.00
_cell.angle_gamma   119.59
#
_symmetry.space_group_name_H-M   'P 1'
#
_entity_poly.entity_id   1
_entity_poly.type   'polypeptide(L)'
_entity_poly.pdbx_seq_one_letter_code
;GSHMNKLVVLGSVNADHVLQVPSFPRPGETLHGRNYQVIPGGKGANQAVAAARMQADVGFIACVGDDSFGINIRESFKLD
GINTAGVKLQPNCPTGIAMIQVSDSGENSICISAEANAKLTAAAIEPDLAAIRDARYLLMQLETPLDGILKAAQEAKTAK
TNVILNPAPARELPDELLKCVDLITPNETEAEVLTGITVYDDSSAQQAADALHCKGIEIVIITLGSKGVWLSQNGRGQRI
PGFVVKATDTTAAGDTFNGALVTGLLQEMPLESAIKFAHAAAAISVTRFGAQTSIPTRAEVEAFLAEHS
;
_entity_poly.pdbx_strand_id   A,B,C,D,E,F,G,H,I,J,K,L,M,N,O,P
#
# COMPACT_ATOMS: atom_id res chain seq x y z
N MET A 4 -41.29 88.35 101.21
CA MET A 4 -40.52 88.65 100.01
C MET A 4 -39.11 89.09 100.37
N ASN A 5 -38.12 88.55 99.67
CA ASN A 5 -36.71 88.62 100.08
C ASN A 5 -36.05 89.93 99.73
N LYS A 6 -35.19 90.38 100.65
CA LYS A 6 -34.57 91.71 100.65
C LYS A 6 -33.50 91.92 99.59
N LEU A 7 -32.72 90.88 99.32
CA LEU A 7 -31.69 90.93 98.28
C LEU A 7 -32.01 89.94 97.15
N VAL A 8 -31.76 90.37 95.91
CA VAL A 8 -32.03 89.58 94.73
C VAL A 8 -30.84 89.50 93.79
N VAL A 9 -30.41 88.28 93.52
CA VAL A 9 -29.31 88.00 92.60
C VAL A 9 -29.77 87.42 91.29
N LEU A 10 -29.14 87.91 90.23
CA LEU A 10 -29.52 87.54 88.89
C LEU A 10 -28.23 87.22 88.16
N GLY A 11 -28.06 85.95 87.79
CA GLY A 11 -26.84 85.56 87.13
C GLY A 11 -26.87 84.11 86.73
N SER A 12 -25.69 83.59 86.39
CA SER A 12 -25.56 82.28 85.76
C SER A 12 -25.48 81.15 86.78
N VAL A 13 -25.52 79.92 86.26
CA VAL A 13 -25.15 78.72 87.01
C VAL A 13 -24.16 77.93 86.15
N ASN A 14 -23.20 77.24 86.75
CA ASN A 14 -22.30 76.41 85.98
C ASN A 14 -22.13 75.08 86.65
N ALA A 15 -21.57 74.13 85.91
CA ALA A 15 -21.01 72.93 86.48
C ALA A 15 -19.60 72.96 85.96
N ASP A 16 -18.62 72.82 86.83
CA ASP A 16 -17.25 72.88 86.35
C ASP A 16 -16.65 71.49 86.27
N HIS A 17 -16.42 71.04 85.06
CA HIS A 17 -15.81 69.75 84.86
C HIS A 17 -14.32 69.92 84.71
N VAL A 18 -13.62 69.68 85.81
CA VAL A 18 -12.18 69.84 85.86
C VAL A 18 -11.59 68.45 85.95
N LEU A 19 -10.57 68.24 85.12
CA LEU A 19 -9.87 66.98 85.01
C LEU A 19 -8.45 67.34 84.71
N GLN A 20 -7.52 66.83 85.51
CA GLN A 20 -6.16 67.27 85.34
C GLN A 20 -5.58 66.57 84.13
N VAL A 21 -4.99 67.40 83.30
CA VAL A 21 -4.43 66.92 82.08
C VAL A 21 -2.95 67.04 82.30
N PRO A 22 -2.16 66.10 81.78
CA PRO A 22 -0.71 66.19 81.92
C PRO A 22 -0.01 66.84 80.73
N SER A 23 -0.68 66.94 79.59
CA SER A 23 -0.11 67.61 78.43
C SER A 23 -1.22 68.33 77.70
N PHE A 24 -1.05 69.64 77.48
CA PHE A 24 -2.04 70.48 76.78
C PHE A 24 -2.63 69.74 75.57
N PRO A 25 -3.96 69.81 75.39
CA PRO A 25 -4.60 69.03 74.32
C PRO A 25 -4.20 69.49 72.93
N ARG A 26 -4.02 68.50 72.07
CA ARG A 26 -3.64 68.67 70.66
C ARG A 26 -4.52 67.84 69.75
N PRO A 27 -4.44 68.05 68.42
CA PRO A 27 -5.34 67.26 67.56
C PRO A 27 -5.06 65.75 67.66
N GLY A 28 -5.77 64.96 66.87
CA GLY A 28 -5.48 63.53 66.81
C GLY A 28 -5.79 62.71 68.04
N GLU A 29 -4.76 62.10 68.59
CA GLU A 29 -4.94 61.06 69.60
C GLU A 29 -5.45 61.63 70.93
N THR A 30 -5.66 60.72 71.87
CA THR A 30 -6.37 60.97 73.11
C THR A 30 -5.42 61.36 74.26
N LEU A 31 -5.78 60.97 75.47
CA LEU A 31 -5.05 61.36 76.67
C LEU A 31 -5.64 60.71 77.91
N HIS A 32 -4.78 60.20 78.78
CA HIS A 32 -5.23 59.58 80.02
C HIS A 32 -5.06 60.47 81.27
N GLY A 33 -5.84 61.54 81.37
CA GLY A 33 -5.79 62.44 82.52
C GLY A 33 -6.32 61.78 83.79
N ARG A 34 -6.31 62.52 84.91
CA ARG A 34 -6.72 61.94 86.18
C ARG A 34 -7.44 62.93 87.09
N ASN A 35 -7.93 62.41 88.20
CA ASN A 35 -8.55 63.20 89.28
C ASN A 35 -9.53 64.30 88.86
N TYR A 36 -10.55 63.87 88.12
CA TYR A 36 -11.66 64.70 87.67
C TYR A 36 -12.65 65.02 88.79
N GLN A 37 -13.03 66.28 88.91
CA GLN A 37 -14.01 66.69 89.91
C GLN A 37 -15.09 67.53 89.24
N VAL A 38 -16.30 67.43 89.78
CA VAL A 38 -17.42 68.26 89.33
C VAL A 38 -17.65 69.32 90.40
N ILE A 39 -17.33 70.57 90.09
CA ILE A 39 -17.40 71.59 91.11
C ILE A 39 -18.45 72.63 90.71
N PRO A 40 -19.47 72.75 91.56
CA PRO A 40 -20.63 73.62 91.36
C PRO A 40 -20.09 75.03 91.17
N GLY A 41 -20.68 75.77 90.25
CA GLY A 41 -20.12 77.06 89.94
C GLY A 41 -21.10 78.03 89.33
N GLY A 42 -20.53 78.99 88.61
CA GLY A 42 -21.28 80.03 87.95
C GLY A 42 -21.34 81.26 88.80
N LYS A 43 -20.94 82.38 88.21
CA LYS A 43 -20.80 83.66 88.89
C LYS A 43 -22.08 83.96 89.63
N GLY A 44 -23.16 84.20 88.88
CA GLY A 44 -24.47 84.39 89.48
C GLY A 44 -24.74 83.43 90.63
N ALA A 45 -24.21 82.21 90.57
CA ALA A 45 -24.49 81.21 91.60
C ALA A 45 -23.55 81.28 92.82
N ASN A 46 -22.26 81.51 92.59
CA ASN A 46 -21.34 81.73 93.70
C ASN A 46 -21.82 82.84 94.62
N GLN A 47 -22.14 83.98 94.02
CA GLN A 47 -22.52 85.17 94.75
C GLN A 47 -23.83 85.04 95.54
N ALA A 48 -24.79 84.30 95.01
CA ALA A 48 -26.01 84.10 95.77
C ALA A 48 -25.74 83.07 96.88
N VAL A 49 -24.79 82.17 96.64
CA VAL A 49 -24.35 81.25 97.69
C VAL A 49 -23.42 81.97 98.68
N ALA A 50 -22.64 82.90 98.16
CA ALA A 50 -21.82 83.75 99.01
C ALA A 50 -22.75 84.50 99.97
N ALA A 51 -23.74 85.19 99.39
CA ALA A 51 -24.76 85.91 100.16
C ALA A 51 -25.41 85.07 101.27
N ALA A 52 -25.86 83.89 100.91
CA ALA A 52 -26.53 82.98 101.84
C ALA A 52 -25.63 82.59 102.99
N ARG A 53 -24.34 82.59 102.74
CA ARG A 53 -23.36 82.22 103.77
C ARG A 53 -23.18 83.33 104.79
N MET A 54 -23.45 84.58 104.38
CA MET A 54 -23.41 85.71 105.30
C MET A 54 -24.78 86.02 105.88
N GLN A 55 -25.56 84.99 106.11
CA GLN A 55 -26.90 85.09 106.68
C GLN A 55 -27.75 86.23 106.13
N ALA A 56 -27.82 86.37 104.80
CA ALA A 56 -28.66 87.40 104.16
C ALA A 56 -29.99 86.82 103.65
N ASP A 57 -30.94 87.69 103.33
CA ASP A 57 -32.21 87.30 102.72
C ASP A 57 -32.14 87.32 101.20
N VAL A 58 -31.65 86.23 100.64
CA VAL A 58 -31.38 86.21 99.21
C VAL A 58 -32.30 85.28 98.45
N GLY A 59 -32.70 85.72 97.27
CA GLY A 59 -33.44 84.87 96.37
C GLY A 59 -32.65 84.81 95.09
N PHE A 60 -32.76 83.71 94.39
CA PHE A 60 -31.98 83.52 93.19
C PHE A 60 -32.92 83.51 91.99
N ILE A 61 -32.48 84.16 90.91
CA ILE A 61 -33.19 84.13 89.67
C ILE A 61 -32.16 83.70 88.64
N ALA A 62 -32.30 82.43 88.22
CA ALA A 62 -31.34 81.76 87.34
C ALA A 62 -31.97 80.60 86.57
N CYS A 63 -31.24 80.08 85.58
CA CYS A 63 -31.69 78.91 84.79
C CYS A 63 -30.76 77.69 84.86
N VAL A 64 -31.36 76.57 85.26
CA VAL A 64 -30.72 75.27 85.32
C VAL A 64 -31.40 74.34 84.31
N GLY A 65 -31.07 73.05 84.30
CA GLY A 65 -31.68 72.13 83.36
C GLY A 65 -32.18 70.86 84.02
N ASP A 66 -32.84 70.01 83.23
CA ASP A 66 -33.35 68.72 83.72
C ASP A 66 -32.29 67.91 84.45
N ASP A 67 -31.05 68.04 83.96
CA ASP A 67 -29.84 67.45 84.53
C ASP A 67 -29.95 66.96 85.95
N SER A 68 -29.47 65.76 86.22
CA SER A 68 -29.42 65.26 87.60
C SER A 68 -28.57 66.19 88.50
N PHE A 69 -28.16 67.33 87.94
CA PHE A 69 -27.46 68.41 88.62
C PHE A 69 -28.49 69.51 88.84
N GLY A 70 -28.84 70.22 87.77
CA GLY A 70 -29.88 71.24 87.79
C GLY A 70 -31.14 71.00 88.63
N ILE A 71 -31.15 69.96 89.44
CA ILE A 71 -32.28 69.64 90.29
C ILE A 71 -31.73 69.49 91.69
N ASN A 72 -30.60 68.80 91.74
CA ASN A 72 -29.87 68.50 92.94
C ASN A 72 -29.21 69.76 93.44
N ILE A 73 -28.93 70.66 92.51
CA ILE A 73 -28.32 71.93 92.84
C ILE A 73 -29.36 72.86 93.42
N ARG A 74 -30.58 72.77 92.89
CA ARG A 74 -31.72 73.54 93.38
C ARG A 74 -32.18 73.07 94.75
N GLU A 75 -31.91 71.82 95.06
CA GLU A 75 -32.31 71.25 96.34
C GLU A 75 -31.20 71.60 97.30
N SER A 76 -30.00 71.69 96.72
CA SER A 76 -28.77 72.08 97.41
C SER A 76 -28.80 73.55 97.82
N PHE A 77 -29.41 74.36 96.99
CA PHE A 77 -29.65 75.76 97.30
C PHE A 77 -30.43 75.99 98.59
N LYS A 78 -31.57 75.32 98.70
CA LYS A 78 -32.44 75.45 99.87
C LYS A 78 -31.77 75.00 101.19
N LEU A 79 -30.87 74.02 101.11
CA LEU A 79 -30.23 73.52 102.32
C LEU A 79 -29.19 74.52 102.73
N ASP A 80 -29.08 75.56 101.91
CA ASP A 80 -28.19 76.66 102.17
C ASP A 80 -29.02 77.92 102.41
N GLY A 81 -30.35 77.77 102.44
CA GLY A 81 -31.26 78.87 102.77
C GLY A 81 -31.80 79.76 101.67
N ILE A 82 -31.63 79.31 100.43
CA ILE A 82 -32.02 80.08 99.26
C ILE A 82 -33.50 80.05 98.86
N ASN A 83 -34.02 81.22 98.51
CA ASN A 83 -35.32 81.35 97.87
C ASN A 83 -35.17 80.83 96.46
N THR A 84 -35.65 79.61 96.26
CA THR A 84 -35.51 78.91 94.97
C THR A 84 -36.67 79.27 94.05
N ALA A 85 -37.39 80.35 94.42
CA ALA A 85 -38.41 80.93 93.58
C ALA A 85 -37.93 81.01 92.14
N GLY A 86 -37.30 82.12 91.79
CA GLY A 86 -36.80 82.34 90.45
C GLY A 86 -35.79 81.35 89.88
N VAL A 87 -35.59 80.20 90.52
CA VAL A 87 -34.67 79.22 89.95
C VAL A 87 -35.40 78.42 88.91
N LYS A 88 -35.70 79.10 87.80
CA LYS A 88 -36.46 78.50 86.75
C LYS A 88 -35.67 77.31 86.26
N LEU A 89 -36.35 76.20 86.08
CA LEU A 89 -35.72 74.97 85.65
C LEU A 89 -35.87 74.92 84.16
N GLN A 90 -35.27 73.95 83.50
CA GLN A 90 -35.37 73.92 82.06
C GLN A 90 -35.62 72.50 81.60
N PRO A 91 -36.71 72.29 80.82
CA PRO A 91 -37.07 70.95 80.33
C PRO A 91 -36.30 70.61 79.06
N ASN A 92 -35.93 69.33 78.92
CA ASN A 92 -35.10 68.86 77.80
C ASN A 92 -33.80 69.65 77.50
N CYS A 93 -33.19 70.23 78.54
CA CYS A 93 -31.98 71.02 78.38
C CYS A 93 -30.94 70.80 79.49
N PRO A 94 -29.64 70.73 79.14
CA PRO A 94 -28.65 70.64 80.23
C PRO A 94 -28.33 72.06 80.71
N THR A 95 -27.57 72.21 81.78
CA THR A 95 -27.41 73.52 82.45
C THR A 95 -26.53 74.55 81.77
N GLY A 96 -25.24 74.41 81.98
CA GLY A 96 -24.26 75.29 81.41
C GLY A 96 -23.12 74.65 82.09
N ILE A 97 -21.93 74.72 81.52
CA ILE A 97 -20.88 73.93 82.06
C ILE A 97 -19.56 74.59 81.77
N ALA A 98 -18.52 74.19 82.47
CA ALA A 98 -17.22 74.72 82.19
C ALA A 98 -16.32 73.53 82.12
N MET A 99 -15.64 73.38 80.99
CA MET A 99 -14.76 72.26 80.87
C MET A 99 -13.37 72.82 80.96
N ILE A 100 -12.81 72.64 82.15
CA ILE A 100 -11.59 73.26 82.54
C ILE A 100 -10.59 72.13 82.60
N GLN A 101 -9.74 72.16 81.60
CA GLN A 101 -8.65 71.23 81.53
C GLN A 101 -7.39 71.85 82.09
N VAL A 102 -6.79 71.19 83.08
CA VAL A 102 -5.54 71.65 83.69
C VAL A 102 -4.39 71.44 82.67
N SER A 103 -3.11 71.42 83.08
CA SER A 103 -2.07 71.05 82.10
C SER A 103 -0.83 70.48 82.77
N ASP A 104 -0.90 70.36 84.09
CA ASP A 104 0.08 69.61 84.88
C ASP A 104 1.58 69.91 84.68
N SER A 105 2.01 71.08 84.20
CA SER A 105 1.31 72.35 84.12
C SER A 105 1.60 73.02 82.78
N GLY A 106 1.57 74.34 82.79
CA GLY A 106 1.84 75.12 81.62
C GLY A 106 0.82 76.23 81.60
N GLU A 107 -0.41 75.85 81.30
CA GLU A 107 -1.49 76.79 81.13
C GLU A 107 -2.81 76.02 81.27
N ASN A 108 -3.93 76.72 81.18
CA ASN A 108 -5.21 76.05 81.34
C ASN A 108 -6.06 76.02 80.08
N SER A 109 -7.06 75.15 80.09
CA SER A 109 -8.06 75.06 79.03
C SER A 109 -9.49 75.10 79.58
N ILE A 110 -9.95 76.26 80.01
CA ILE A 110 -11.32 76.38 80.43
C ILE A 110 -12.14 76.45 79.15
N CYS A 111 -13.20 75.64 79.07
CA CYS A 111 -14.08 75.67 77.92
C CYS A 111 -15.50 75.81 78.43
N ILE A 112 -16.21 76.83 77.93
CA ILE A 112 -17.51 77.23 78.48
C ILE A 112 -18.59 76.76 77.52
N SER A 113 -19.71 76.30 78.07
CA SER A 113 -20.83 75.91 77.26
C SER A 113 -22.02 76.77 77.62
N ALA A 114 -22.83 77.07 76.61
CA ALA A 114 -23.98 77.93 76.80
C ALA A 114 -25.02 77.26 77.70
N GLU A 115 -25.91 76.52 77.05
CA GLU A 115 -27.00 75.81 77.71
C GLU A 115 -27.93 76.70 78.55
N ALA A 116 -28.58 76.16 79.57
CA ALA A 116 -29.68 76.86 80.29
C ALA A 116 -29.40 78.33 80.66
N ASN A 117 -28.14 78.68 80.81
CA ASN A 117 -27.79 80.08 81.04
C ASN A 117 -28.07 80.85 79.74
N ALA A 118 -29.32 80.89 79.31
CA ALA A 118 -29.60 81.53 78.03
C ALA A 118 -31.07 81.80 77.92
N LYS A 119 -31.83 81.01 78.65
CA LYS A 119 -33.27 81.13 78.66
C LYS A 119 -33.59 82.46 79.34
N LEU A 120 -32.67 82.91 80.19
CA LEU A 120 -32.87 84.12 80.95
C LEU A 120 -32.92 85.32 80.01
N THR A 121 -34.05 85.48 79.33
CA THR A 121 -34.25 86.62 78.43
C THR A 121 -35.28 87.53 79.11
N ALA A 122 -35.40 88.76 78.61
CA ALA A 122 -36.35 89.74 79.15
C ALA A 122 -37.70 89.10 79.46
N ALA A 123 -38.12 88.19 78.58
CA ALA A 123 -39.43 87.58 78.73
C ALA A 123 -39.48 86.52 79.82
N ALA A 124 -38.33 86.01 80.21
CA ALA A 124 -38.34 84.87 81.14
C ALA A 124 -38.43 85.28 82.59
N ILE A 125 -38.19 86.57 82.86
CA ILE A 125 -38.11 87.06 84.22
C ILE A 125 -39.36 87.88 84.59
N GLU A 126 -40.32 87.92 83.67
CA GLU A 126 -41.56 88.66 83.88
C GLU A 126 -42.33 88.41 85.20
N PRO A 127 -42.57 87.14 85.60
CA PRO A 127 -43.28 86.99 86.88
C PRO A 127 -42.33 87.31 88.03
N ASP A 128 -41.07 87.56 87.68
CA ASP A 128 -40.04 87.82 88.66
C ASP A 128 -39.88 89.31 88.94
N LEU A 129 -40.45 90.17 88.10
CA LEU A 129 -40.59 91.57 88.49
C LEU A 129 -41.13 91.58 89.92
N ALA A 130 -42.15 90.76 90.18
CA ALA A 130 -42.70 90.58 91.52
C ALA A 130 -41.61 90.54 92.58
N ALA A 131 -40.60 89.68 92.40
CA ALA A 131 -39.47 89.66 93.30
C ALA A 131 -38.53 90.88 93.19
N ILE A 132 -38.12 91.20 91.96
CA ILE A 132 -37.18 92.31 91.68
C ILE A 132 -37.58 93.69 92.20
N ARG A 133 -38.87 94.01 92.11
CA ARG A 133 -39.30 95.36 92.44
C ARG A 133 -39.23 95.70 93.92
N ASP A 134 -39.91 94.92 94.74
CA ASP A 134 -40.03 95.19 96.16
C ASP A 134 -38.77 94.88 96.97
N ALA A 135 -37.74 94.41 96.28
CA ALA A 135 -36.52 94.02 96.96
C ALA A 135 -35.58 95.21 96.98
N ARG A 136 -34.70 95.26 97.96
CA ARG A 136 -33.92 96.48 98.16
C ARG A 136 -32.71 96.54 97.26
N TYR A 137 -32.13 95.39 96.95
CA TYR A 137 -30.95 95.36 96.09
C TYR A 137 -31.06 94.35 94.94
N LEU A 138 -30.27 94.57 93.89
CA LEU A 138 -30.22 93.66 92.76
C LEU A 138 -28.80 93.49 92.35
N LEU A 139 -28.33 92.25 92.46
CA LEU A 139 -26.96 91.94 92.17
C LEU A 139 -26.91 91.07 90.92
N MET A 140 -26.08 91.42 89.94
CA MET A 140 -26.03 90.68 88.70
C MET A 140 -24.71 90.82 87.94
N GLN A 141 -24.38 89.82 87.12
CA GLN A 141 -23.17 89.84 86.30
C GLN A 141 -23.46 89.64 84.82
N LEU A 142 -22.41 89.32 84.06
CA LEU A 142 -22.54 89.27 82.61
C LEU A 142 -22.33 87.89 81.95
N GLU A 143 -22.78 86.80 82.57
CA GLU A 143 -22.66 85.46 81.97
C GLU A 143 -23.98 84.90 81.46
N THR A 144 -25.01 85.76 81.40
CA THR A 144 -26.31 85.39 80.84
C THR A 144 -26.73 86.43 79.78
N PRO A 145 -27.82 86.17 79.01
CA PRO A 145 -28.12 87.11 77.92
C PRO A 145 -28.32 88.56 78.33
N LEU A 146 -27.82 89.43 77.46
CA LEU A 146 -27.80 90.85 77.68
C LEU A 146 -29.20 91.41 77.76
N ASP A 147 -30.02 91.06 76.79
CA ASP A 147 -31.42 91.48 76.83
C ASP A 147 -32.17 90.93 78.05
N GLY A 148 -31.58 90.00 78.79
CA GLY A 148 -32.30 89.53 79.96
C GLY A 148 -32.11 90.49 81.12
N ILE A 149 -30.86 90.90 81.33
CA ILE A 149 -30.50 91.94 82.28
C ILE A 149 -31.16 93.27 81.99
N LEU A 150 -31.02 93.75 80.74
CA LEU A 150 -31.51 95.06 80.35
C LEU A 150 -32.87 95.35 80.92
N LYS A 151 -33.78 94.40 80.85
CA LYS A 151 -35.11 94.63 81.40
C LYS A 151 -35.09 94.60 82.92
N ALA A 152 -34.29 93.70 83.48
CA ALA A 152 -34.22 93.53 84.93
C ALA A 152 -33.76 94.82 85.65
N ALA A 153 -32.71 95.45 85.11
CA ALA A 153 -32.21 96.71 85.66
C ALA A 153 -33.27 97.83 85.67
N GLN A 154 -33.93 98.08 84.53
CA GLN A 154 -34.91 99.17 84.47
C GLN A 154 -36.12 99.06 85.39
N GLU A 155 -36.75 97.89 85.46
CA GLU A 155 -37.93 97.81 86.32
C GLU A 155 -37.51 97.77 87.78
N ALA A 156 -36.23 97.47 88.01
CA ALA A 156 -35.69 97.54 89.37
C ALA A 156 -35.65 99.00 89.74
N LYS A 157 -34.85 99.77 89.00
CA LYS A 157 -34.76 101.23 89.16
C LYS A 157 -36.11 101.97 89.28
N THR A 158 -37.05 101.67 88.38
CA THR A 158 -38.39 102.27 88.39
C THR A 158 -39.22 101.82 89.61
N ALA A 159 -38.67 100.90 90.39
CA ALA A 159 -39.34 100.39 91.58
C ALA A 159 -38.40 100.57 92.76
N LYS A 160 -37.64 101.67 92.68
CA LYS A 160 -36.67 102.09 93.69
C LYS A 160 -35.90 100.93 94.32
N THR A 161 -35.40 100.04 93.47
CA THR A 161 -34.61 98.90 93.94
C THR A 161 -33.22 99.11 93.41
N ASN A 162 -32.26 99.09 94.32
CA ASN A 162 -30.87 99.30 93.97
C ASN A 162 -30.27 98.19 93.09
N VAL A 163 -29.39 98.55 92.16
CA VAL A 163 -28.84 97.56 91.25
C VAL A 163 -27.34 97.67 91.20
N ILE A 164 -26.67 96.57 91.51
CA ILE A 164 -25.23 96.50 91.44
C ILE A 164 -24.86 95.64 90.25
N LEU A 165 -23.86 96.07 89.51
CA LEU A 165 -23.51 95.34 88.31
C LEU A 165 -22.06 94.92 88.39
N ASN A 166 -21.88 93.61 88.53
CA ASN A 166 -20.58 92.96 88.40
C ASN A 166 -20.35 92.68 86.92
N PRO A 167 -19.48 93.46 86.26
CA PRO A 167 -19.37 93.28 84.82
C PRO A 167 -18.56 92.03 84.42
N ALA A 168 -18.72 90.92 85.15
CA ALA A 168 -18.00 89.66 84.87
C ALA A 168 -18.88 88.66 84.14
N PRO A 169 -18.30 87.99 83.10
CA PRO A 169 -16.94 88.30 82.67
C PRO A 169 -16.90 89.45 81.73
N ALA A 170 -15.79 90.18 81.75
CA ALA A 170 -15.61 91.45 81.06
C ALA A 170 -16.09 91.51 79.60
N ARG A 171 -16.88 92.52 79.28
CA ARG A 171 -17.34 92.66 77.91
C ARG A 171 -17.66 94.12 77.61
N GLU A 172 -17.87 94.45 76.34
CA GLU A 172 -18.20 95.83 76.02
C GLU A 172 -19.71 95.93 76.07
N LEU A 173 -20.21 97.01 76.67
CA LEU A 173 -21.64 97.16 76.87
C LEU A 173 -22.16 98.44 76.26
N PRO A 174 -23.46 98.47 75.95
CA PRO A 174 -24.08 99.67 75.39
C PRO A 174 -24.56 100.54 76.52
N ASP A 175 -24.87 101.79 76.23
CA ASP A 175 -25.57 102.64 77.19
C ASP A 175 -27.00 102.10 77.43
N GLU A 176 -27.99 102.99 77.53
CA GLU A 176 -29.39 102.60 77.72
C GLU A 176 -29.63 101.82 79.02
N LEU A 177 -28.61 101.07 79.41
CA LEU A 177 -28.56 100.24 80.60
C LEU A 177 -27.69 100.80 81.72
N LEU A 178 -26.45 101.15 81.39
CA LEU A 178 -25.55 101.77 82.35
C LEU A 178 -26.16 102.99 83.05
N LYS A 179 -27.24 103.52 82.49
CA LYS A 179 -28.00 104.62 83.12
C LYS A 179 -28.88 104.06 84.23
N CYS A 180 -29.00 102.74 84.28
CA CYS A 180 -29.85 102.10 85.28
C CYS A 180 -29.05 101.44 86.40
N VAL A 181 -27.73 101.57 86.37
CA VAL A 181 -26.89 100.97 87.40
C VAL A 181 -26.64 101.97 88.55
N ASP A 182 -26.61 101.47 89.78
CA ASP A 182 -26.42 102.34 90.95
C ASP A 182 -25.01 102.23 91.49
N LEU A 183 -24.31 101.20 91.04
CA LEU A 183 -22.96 100.88 91.50
C LEU A 183 -22.30 99.94 90.50
N ILE A 184 -20.98 100.06 90.39
CA ILE A 184 -20.23 99.25 89.44
C ILE A 184 -18.98 98.62 90.07
N THR A 185 -18.62 97.41 89.64
CA THR A 185 -17.51 96.71 90.29
C THR A 185 -16.33 96.20 89.42
N PRO A 186 -15.96 96.90 88.33
CA PRO A 186 -14.93 96.27 87.48
C PRO A 186 -13.49 96.13 88.02
N ASN A 187 -12.64 95.58 87.17
CA ASN A 187 -11.21 95.44 87.39
C ASN A 187 -10.43 96.02 86.20
N GLU A 188 -9.10 95.90 86.24
CA GLU A 188 -8.22 96.34 85.14
C GLU A 188 -8.73 95.94 83.77
N THR A 189 -9.09 94.66 83.65
CA THR A 189 -9.50 94.06 82.39
C THR A 189 -10.89 94.52 81.99
N GLU A 190 -11.73 94.79 82.97
CA GLU A 190 -13.08 95.20 82.68
C GLU A 190 -13.12 96.62 82.18
N ALA A 191 -12.28 97.50 82.72
CA ALA A 191 -12.35 98.91 82.36
C ALA A 191 -12.12 99.22 80.89
N GLU A 192 -11.05 98.68 80.29
CA GLU A 192 -10.69 99.04 78.91
C GLU A 192 -11.82 98.72 77.95
N VAL A 193 -12.51 97.63 78.22
CA VAL A 193 -13.64 97.23 77.38
C VAL A 193 -14.84 98.20 77.47
N LEU A 194 -14.78 99.20 78.35
CA LEU A 194 -15.93 100.10 78.48
C LEU A 194 -15.55 101.61 78.61
N THR A 195 -14.29 101.89 78.90
CA THR A 195 -13.84 103.26 79.12
C THR A 195 -12.60 103.59 78.30
N GLY A 196 -11.99 102.61 77.66
CA GLY A 196 -10.85 102.88 76.83
C GLY A 196 -9.57 103.07 77.60
N ILE A 197 -9.65 103.01 78.92
CA ILE A 197 -8.48 103.23 79.77
C ILE A 197 -7.79 101.91 80.18
N THR A 198 -6.46 101.92 80.19
CA THR A 198 -5.69 100.72 80.52
C THR A 198 -5.47 100.66 82.04
N VAL A 199 -5.90 101.71 82.72
CA VAL A 199 -5.85 101.86 84.19
C VAL A 199 -4.91 100.96 85.01
N TYR A 200 -3.82 101.50 85.54
CA TYR A 200 -2.95 100.67 86.37
C TYR A 200 -2.59 101.32 87.71
N ASP A 201 -2.74 102.63 87.80
CA ASP A 201 -2.43 103.31 89.06
C ASP A 201 -3.47 104.37 89.38
N ASP A 202 -3.21 105.18 90.42
CA ASP A 202 -4.17 106.15 90.92
C ASP A 202 -4.58 107.27 89.96
N SER A 203 -3.66 107.73 89.12
CA SER A 203 -3.98 108.80 88.18
C SER A 203 -4.82 108.24 87.04
N SER A 204 -4.46 107.05 86.57
CA SER A 204 -5.21 106.38 85.51
C SER A 204 -6.55 105.80 85.99
N ALA A 205 -6.65 105.47 87.28
CA ALA A 205 -7.87 104.88 87.86
C ALA A 205 -9.01 105.88 88.03
N GLN A 206 -8.66 107.14 88.25
CA GLN A 206 -9.64 108.20 88.41
C GLN A 206 -10.33 108.48 87.08
N GLN A 207 -9.57 108.36 85.99
CA GLN A 207 -10.03 108.67 84.62
C GLN A 207 -11.05 107.71 84.00
N ALA A 208 -10.82 106.40 84.16
CA ALA A 208 -11.75 105.38 83.66
C ALA A 208 -13.08 105.52 84.33
N ALA A 209 -13.00 105.62 85.66
CA ALA A 209 -14.15 105.80 86.50
C ALA A 209 -15.05 106.86 85.88
N ASP A 210 -14.56 108.10 85.83
CA ASP A 210 -15.30 109.18 85.18
C ASP A 210 -16.10 108.76 83.95
N ALA A 211 -15.49 107.97 83.06
CA ALA A 211 -16.20 107.54 81.86
C ALA A 211 -17.50 106.84 82.29
N LEU A 212 -17.39 105.98 83.29
CA LEU A 212 -18.55 105.32 83.91
C LEU A 212 -19.50 106.39 84.45
N HIS A 213 -18.99 107.23 85.34
CA HIS A 213 -19.68 108.43 85.81
C HIS A 213 -20.36 109.15 84.66
N CYS A 214 -19.63 109.29 83.55
CA CYS A 214 -20.16 109.89 82.32
C CYS A 214 -21.19 108.98 81.62
N LYS A 215 -21.23 107.70 82.03
CA LYS A 215 -22.24 106.76 81.55
C LYS A 215 -23.31 106.49 82.62
N GLY A 216 -23.34 107.33 83.65
CA GLY A 216 -24.43 107.31 84.63
C GLY A 216 -24.12 106.53 85.88
N ILE A 217 -22.87 106.12 86.08
CA ILE A 217 -22.55 105.34 87.28
C ILE A 217 -21.90 106.13 88.41
N GLU A 218 -22.56 106.09 89.57
CA GLU A 218 -22.15 106.82 90.78
C GLU A 218 -20.98 106.19 91.55
N ILE A 219 -21.17 104.96 92.03
CA ILE A 219 -20.18 104.32 92.87
C ILE A 219 -19.38 103.35 92.00
N VAL A 220 -18.07 103.59 91.87
CA VAL A 220 -17.28 102.79 90.96
C VAL A 220 -16.17 102.18 91.76
N ILE A 221 -16.16 100.85 91.80
CA ILE A 221 -15.21 100.12 92.62
C ILE A 221 -14.31 99.23 91.76
N ILE A 222 -13.16 99.73 91.33
CA ILE A 222 -12.27 98.93 90.50
C ILE A 222 -11.30 98.07 91.33
N THR A 223 -11.62 96.79 91.52
CA THR A 223 -10.77 95.90 92.32
C THR A 223 -9.64 95.25 91.57
N LEU A 224 -8.44 95.33 92.14
CA LEU A 224 -7.27 94.70 91.56
C LEU A 224 -6.65 93.67 92.52
N GLY A 225 -7.36 92.56 92.74
CA GLY A 225 -6.95 91.47 93.62
C GLY A 225 -5.75 91.62 94.54
N SER A 226 -4.58 91.77 93.94
CA SER A 226 -3.32 91.92 94.68
C SER A 226 -3.16 93.28 95.38
N LYS A 227 -3.29 94.36 94.61
CA LYS A 227 -2.93 95.70 95.09
C LYS A 227 -4.04 96.43 95.86
N GLY A 228 -5.27 95.96 95.72
CA GLY A 228 -6.37 96.53 96.48
C GLY A 228 -7.36 97.22 95.56
N VAL A 229 -8.42 97.78 96.13
CA VAL A 229 -9.48 98.40 95.35
C VAL A 229 -9.40 99.93 95.26
N TRP A 230 -9.60 100.45 94.05
CA TRP A 230 -9.79 101.88 93.87
C TRP A 230 -11.26 102.22 93.75
N LEU A 231 -11.77 102.88 94.77
CA LEU A 231 -13.14 103.38 94.76
C LEU A 231 -13.12 104.76 94.13
N SER A 232 -14.19 105.11 93.43
CA SER A 232 -14.33 106.45 92.86
C SER A 232 -15.77 106.87 92.97
N GLN A 233 -16.14 107.20 94.21
CA GLN A 233 -17.48 107.62 94.54
C GLN A 233 -17.60 109.09 94.15
N ASN A 234 -17.92 109.31 92.87
CA ASN A 234 -18.06 110.63 92.28
C ASN A 234 -16.79 111.48 92.21
N GLY A 235 -15.64 110.84 92.14
CA GLY A 235 -14.40 111.56 91.96
C GLY A 235 -13.68 111.66 93.27
N ARG A 236 -14.47 111.71 94.35
CA ARG A 236 -13.88 111.78 95.68
C ARG A 236 -13.53 110.34 96.01
N GLY A 237 -12.32 109.97 95.58
CA GLY A 237 -11.85 108.60 95.59
C GLY A 237 -10.58 108.29 96.36
N GLN A 238 -10.41 107.01 96.68
CA GLN A 238 -9.28 106.52 97.47
C GLN A 238 -8.86 105.09 97.16
N ARG A 239 -7.68 104.71 97.66
CA ARG A 239 -7.11 103.36 97.51
C ARG A 239 -7.29 102.54 98.79
N ILE A 240 -7.68 101.27 98.64
CA ILE A 240 -7.93 100.38 99.78
C ILE A 240 -7.15 99.06 99.76
N PRO A 241 -6.27 98.86 100.74
CA PRO A 241 -5.50 97.61 100.80
C PRO A 241 -6.36 96.43 101.28
N GLY A 242 -6.72 95.51 100.39
CA GLY A 242 -7.46 94.31 100.77
C GLY A 242 -6.47 93.38 101.45
N PHE A 243 -6.83 92.90 102.66
CA PHE A 243 -5.97 92.14 103.60
C PHE A 243 -4.63 91.60 103.09
N VAL A 244 -3.64 91.58 103.98
CA VAL A 244 -2.30 91.13 103.64
C VAL A 244 -2.33 89.63 103.33
N VAL A 245 -2.77 89.30 102.12
CA VAL A 245 -3.02 87.92 101.72
C VAL A 245 -2.59 87.56 100.30
N LYS A 246 -3.27 86.54 99.78
CA LYS A 246 -3.00 86.00 98.47
C LYS A 246 -4.24 85.97 97.58
N ALA A 247 -4.45 84.79 97.01
CA ALA A 247 -5.32 84.46 95.90
C ALA A 247 -4.80 83.13 95.34
N THR A 248 -5.63 82.10 95.43
CA THR A 248 -5.28 80.75 94.96
C THR A 248 -6.35 80.27 94.00
N ASP A 249 -7.55 80.11 94.53
CA ASP A 249 -8.71 79.89 93.70
C ASP A 249 -9.49 81.20 93.64
N THR A 250 -8.99 82.15 92.83
CA THR A 250 -9.62 83.47 92.66
C THR A 250 -11.00 83.30 92.02
N THR A 251 -11.27 82.09 91.53
CA THR A 251 -12.58 81.69 91.00
C THR A 251 -13.69 82.30 91.85
N ALA A 252 -13.95 81.70 93.01
CA ALA A 252 -14.92 82.30 93.94
C ALA A 252 -14.35 83.46 94.78
N ALA A 253 -13.27 84.10 94.33
CA ALA A 253 -12.69 85.18 95.14
C ALA A 253 -13.46 86.44 94.86
N GLY A 254 -13.37 86.91 93.63
CA GLY A 254 -14.15 88.06 93.20
C GLY A 254 -15.62 87.73 93.16
N ASP A 255 -15.97 86.49 93.49
CA ASP A 255 -17.35 86.12 93.61
C ASP A 255 -17.74 86.36 95.05
N THR A 256 -16.86 86.04 95.99
CA THR A 256 -17.19 86.22 97.41
C THR A 256 -17.21 87.69 97.77
N PHE A 257 -16.24 88.42 97.27
CA PHE A 257 -16.20 89.88 97.32
C PHE A 257 -17.57 90.45 97.00
N ASN A 258 -18.03 90.21 95.78
CA ASN A 258 -19.32 90.70 95.32
C ASN A 258 -20.52 90.19 96.13
N GLY A 259 -20.46 88.97 96.63
CA GLY A 259 -21.56 88.39 97.39
C GLY A 259 -21.70 89.03 98.76
N ALA A 260 -20.54 89.28 99.35
CA ALA A 260 -20.45 89.87 100.67
C ALA A 260 -20.67 91.38 100.63
N LEU A 261 -20.00 92.06 99.71
CA LEU A 261 -20.18 93.51 99.59
C LEU A 261 -21.63 93.95 99.54
N VAL A 262 -22.46 93.23 98.79
CA VAL A 262 -23.87 93.59 98.72
C VAL A 262 -24.59 93.09 99.95
N THR A 263 -24.06 92.03 100.53
CA THR A 263 -24.64 91.51 101.75
C THR A 263 -24.47 92.54 102.87
N GLY A 264 -23.36 93.27 102.83
CA GLY A 264 -23.06 94.39 103.73
C GLY A 264 -23.98 95.59 103.62
N LEU A 265 -23.93 96.24 102.46
CA LEU A 265 -24.73 97.40 102.14
C LEU A 265 -26.19 97.19 102.54
N LEU A 266 -26.64 95.94 102.45
CA LEU A 266 -28.00 95.51 102.78
C LEU A 266 -28.28 95.65 104.28
N GLN A 267 -27.25 95.41 105.11
CA GLN A 267 -27.35 95.53 106.58
C GLN A 267 -26.95 96.93 107.06
N GLU A 268 -27.15 97.90 106.18
CA GLU A 268 -27.08 99.32 106.48
C GLU A 268 -25.65 99.82 106.70
N MET A 269 -24.67 98.91 106.58
CA MET A 269 -23.27 99.29 106.70
C MET A 269 -22.93 100.44 105.77
N PRO A 270 -21.99 101.31 106.20
CA PRO A 270 -21.64 102.35 105.25
C PRO A 270 -20.80 101.76 104.14
N LEU A 271 -20.98 102.31 102.94
CA LEU A 271 -20.26 101.91 101.74
C LEU A 271 -18.80 101.63 102.07
N GLU A 272 -18.18 102.63 102.68
CA GLU A 272 -16.78 102.59 103.03
C GLU A 272 -16.40 101.35 103.87
N SER A 273 -17.31 100.89 104.72
CA SER A 273 -17.02 99.74 105.60
C SER A 273 -17.29 98.36 104.99
N ALA A 274 -18.30 98.25 104.13
CA ALA A 274 -18.62 96.99 103.44
C ALA A 274 -17.54 96.49 102.49
N ILE A 275 -16.93 97.38 101.70
CA ILE A 275 -15.77 97.00 100.88
C ILE A 275 -14.71 96.33 101.73
N LYS A 276 -14.60 96.77 102.96
CA LYS A 276 -13.65 96.16 103.86
C LYS A 276 -14.16 94.78 104.22
N PHE A 277 -15.44 94.68 104.56
CA PHE A 277 -16.08 93.41 104.93
C PHE A 277 -15.82 92.27 103.92
N ALA A 278 -16.23 92.47 102.68
CA ALA A 278 -15.94 91.56 101.57
C ALA A 278 -14.46 91.18 101.50
N HIS A 279 -13.59 92.17 101.54
CA HIS A 279 -12.15 91.96 101.50
C HIS A 279 -11.70 90.90 102.46
N ALA A 280 -12.46 90.70 103.52
CA ALA A 280 -12.10 89.65 104.44
C ALA A 280 -12.45 88.30 103.83
N ALA A 281 -13.74 88.06 103.62
CA ALA A 281 -14.25 86.82 103.03
C ALA A 281 -13.49 86.40 101.78
N ALA A 282 -13.13 87.35 100.91
CA ALA A 282 -12.33 87.03 99.75
C ALA A 282 -10.96 86.54 100.22
N ALA A 283 -10.40 87.21 101.21
CA ALA A 283 -9.10 86.85 101.75
C ALA A 283 -9.14 85.47 102.41
N ILE A 284 -10.28 85.11 103.02
CA ILE A 284 -10.50 83.76 103.55
C ILE A 284 -10.86 82.73 102.47
N SER A 285 -11.61 83.20 101.47
CA SER A 285 -12.04 82.38 100.32
C SER A 285 -10.86 81.99 99.47
N VAL A 286 -10.01 82.97 99.15
CA VAL A 286 -8.81 82.71 98.35
C VAL A 286 -7.81 81.71 98.96
N THR A 287 -7.81 81.53 100.27
CA THR A 287 -6.90 80.55 100.86
C THR A 287 -7.46 79.12 100.82
N ARG A 288 -8.71 78.96 100.41
CA ARG A 288 -9.27 77.62 100.31
C ARG A 288 -9.27 77.04 98.90
N PHE A 289 -8.65 75.87 98.78
CA PHE A 289 -8.65 75.06 97.55
C PHE A 289 -10.08 74.66 97.17
N GLY A 290 -10.41 74.77 95.88
CA GLY A 290 -11.77 74.50 95.43
C GLY A 290 -12.43 75.78 94.96
N ALA A 291 -13.61 75.67 94.37
CA ALA A 291 -14.22 76.85 93.76
C ALA A 291 -15.43 77.35 94.53
N GLN A 292 -16.52 76.58 94.55
CA GLN A 292 -17.72 77.01 95.30
C GLN A 292 -17.75 76.33 96.66
N THR A 293 -16.62 75.74 97.00
CA THR A 293 -16.41 75.16 98.31
C THR A 293 -15.46 76.09 99.10
N SER A 294 -14.74 76.93 98.36
CA SER A 294 -13.92 77.99 98.93
C SER A 294 -14.72 79.20 99.39
N ILE A 295 -15.75 79.00 100.22
CA ILE A 295 -16.55 80.13 100.72
C ILE A 295 -16.85 79.94 102.21
N PRO A 296 -16.44 80.92 103.04
CA PRO A 296 -16.49 80.76 104.49
C PRO A 296 -17.84 81.14 105.07
N THR A 297 -18.05 80.78 106.34
CA THR A 297 -19.30 81.04 107.02
C THR A 297 -19.22 82.45 107.60
N ARG A 298 -20.35 83.02 108.02
CA ARG A 298 -20.33 84.38 108.57
C ARG A 298 -19.52 84.53 109.83
N ALA A 299 -19.80 83.71 110.84
CA ALA A 299 -19.00 83.74 112.06
C ALA A 299 -17.52 83.70 111.71
N GLU A 300 -17.18 82.86 110.73
CA GLU A 300 -15.84 82.65 110.27
C GLU A 300 -15.23 83.93 109.74
N VAL A 301 -16.00 84.67 108.95
CA VAL A 301 -15.56 85.96 108.42
C VAL A 301 -15.55 87.01 109.53
N GLU A 302 -16.60 87.02 110.34
CA GLU A 302 -16.77 88.01 111.40
C GLU A 302 -15.72 87.90 112.49
N ALA A 303 -15.49 86.67 112.94
CA ALA A 303 -14.40 86.38 113.86
C ALA A 303 -13.06 86.81 113.29
N PHE A 304 -12.87 86.56 111.99
CA PHE A 304 -11.62 86.86 111.26
C PHE A 304 -11.32 88.35 111.35
N LEU A 305 -12.37 89.14 111.15
CA LEU A 305 -12.29 90.58 111.22
C LEU A 305 -11.66 91.05 112.55
N ALA A 306 -12.11 90.49 113.65
CA ALA A 306 -11.58 90.83 114.96
C ALA A 306 -10.07 90.59 115.01
N GLU A 307 -9.65 89.41 114.57
CA GLU A 307 -8.26 89.00 114.58
C GLU A 307 -7.35 89.90 113.73
N HIS A 308 -7.95 90.76 112.92
CA HIS A 308 -7.19 91.73 112.15
C HIS A 308 -7.66 93.13 112.46
N SER A 309 -7.02 94.12 111.81
CA SER A 309 -7.33 95.54 111.95
C SER A 309 -6.36 96.42 111.13
N MET B 4 -28.59 31.11 88.79
CA MET B 4 -27.38 31.83 88.42
C MET B 4 -27.34 32.20 86.93
N ASN B 5 -26.17 32.67 86.51
CA ASN B 5 -25.96 33.22 85.16
C ASN B 5 -25.09 32.33 84.27
N LYS B 6 -24.95 32.73 83.00
CA LYS B 6 -24.15 31.97 82.04
C LYS B 6 -23.19 32.82 81.21
N LEU B 7 -23.51 34.08 80.97
CA LEU B 7 -22.55 34.96 80.31
C LEU B 7 -22.04 36.05 81.25
N VAL B 8 -20.75 36.32 81.14
CA VAL B 8 -20.09 37.30 81.99
C VAL B 8 -19.30 38.30 81.14
N VAL B 9 -19.59 39.58 81.37
CA VAL B 9 -18.82 40.66 80.77
C VAL B 9 -17.99 41.24 81.90
N LEU B 10 -16.76 41.58 81.61
CA LEU B 10 -15.90 42.15 82.63
C LEU B 10 -15.34 43.36 81.91
N GLY B 11 -15.67 44.57 82.35
CA GLY B 11 -15.20 45.75 81.64
C GLY B 11 -15.46 47.08 82.28
N SER B 12 -15.36 48.13 81.47
CA SER B 12 -15.31 49.49 81.97
C SER B 12 -16.51 50.27 81.51
N VAL B 13 -17.41 50.60 82.42
CA VAL B 13 -18.40 51.62 82.13
C VAL B 13 -17.77 53.02 82.16
N ASN B 14 -18.18 53.92 81.27
CA ASN B 14 -17.79 55.32 81.38
C ASN B 14 -18.57 56.28 80.50
N ALA B 15 -19.03 57.37 81.12
CA ALA B 15 -19.73 58.48 80.46
C ALA B 15 -18.86 59.41 79.61
N ASP B 16 -19.32 59.65 78.38
CA ASP B 16 -18.62 60.50 77.44
C ASP B 16 -19.30 61.86 77.34
N HIS B 17 -18.61 62.90 77.81
CA HIS B 17 -19.15 64.26 77.82
C HIS B 17 -18.88 64.99 76.51
N VAL B 18 -19.94 65.20 75.74
CA VAL B 18 -19.82 65.72 74.39
C VAL B 18 -20.26 67.19 74.32
N LEU B 19 -19.44 68.05 73.72
CA LEU B 19 -19.78 69.48 73.57
C LEU B 19 -19.19 70.02 72.28
N GLN B 20 -19.99 70.71 71.50
CA GLN B 20 -19.48 71.25 70.26
C GLN B 20 -18.95 72.68 70.34
N VAL B 21 -17.70 72.87 69.90
CA VAL B 21 -16.99 74.16 69.98
C VAL B 21 -16.77 74.72 68.56
N PRO B 22 -16.47 76.03 68.45
CA PRO B 22 -16.22 76.61 67.12
C PRO B 22 -14.83 76.31 66.54
N SER B 23 -13.88 75.94 67.41
CA SER B 23 -12.52 75.63 66.99
C SER B 23 -11.80 74.89 68.11
N PHE B 24 -10.51 74.59 67.90
CA PHE B 24 -9.70 73.91 68.92
C PHE B 24 -9.29 74.95 69.96
N PRO B 25 -8.83 74.49 71.13
CA PRO B 25 -8.39 75.48 72.13
C PRO B 25 -6.98 75.99 71.88
N ARG B 26 -6.35 76.42 72.96
CA ARG B 26 -4.96 76.87 73.01
C ARG B 26 -4.87 77.53 74.37
N PRO B 27 -3.64 77.74 74.86
CA PRO B 27 -3.39 78.37 76.17
C PRO B 27 -3.92 79.81 76.33
N GLY B 28 -4.52 80.07 77.48
CA GLY B 28 -5.03 81.38 77.83
C GLY B 28 -6.55 81.54 77.94
N GLU B 29 -7.21 81.65 76.80
CA GLU B 29 -8.62 82.02 76.77
C GLU B 29 -9.55 80.81 76.84
N THR B 30 -10.83 81.01 76.49
CA THR B 30 -11.88 80.02 76.67
C THR B 30 -12.78 79.95 75.43
N LEU B 31 -13.48 78.84 75.26
CA LEU B 31 -14.29 78.63 74.08
C LEU B 31 -15.74 78.45 74.54
N HIS B 32 -16.66 79.03 73.77
CA HIS B 32 -18.06 78.93 74.08
C HIS B 32 -18.57 77.77 73.26
N GLY B 33 -19.22 76.81 73.92
CA GLY B 33 -19.61 75.62 73.21
C GLY B 33 -21.11 75.49 72.98
N ARG B 34 -21.50 74.43 72.26
CA ARG B 34 -22.87 74.25 71.86
C ARG B 34 -23.17 72.76 71.90
N ASN B 35 -24.46 72.42 71.78
CA ASN B 35 -25.01 71.05 71.73
C ASN B 35 -24.35 70.07 72.70
N TYR B 36 -24.32 70.38 73.98
CA TYR B 36 -23.70 69.50 74.97
C TYR B 36 -24.58 68.28 75.23
N GLN B 37 -24.00 67.08 75.18
CA GLN B 37 -24.72 65.84 75.51
C GLN B 37 -23.84 64.81 76.24
N VAL B 38 -24.41 63.99 77.11
CA VAL B 38 -23.67 62.87 77.72
C VAL B 38 -24.14 61.52 77.18
N ILE B 39 -23.25 60.76 76.54
CA ILE B 39 -23.62 59.45 75.99
C ILE B 39 -22.89 58.34 76.75
N PRO B 40 -23.66 57.43 77.38
CA PRO B 40 -23.03 56.37 78.15
C PRO B 40 -22.17 55.60 77.18
N GLY B 41 -20.98 55.19 77.61
CA GLY B 41 -20.05 54.53 76.70
C GLY B 41 -19.12 53.60 77.44
N GLY B 42 -17.97 53.29 76.84
CA GLY B 42 -17.03 52.38 77.46
C GLY B 42 -17.32 50.97 77.00
N LYS B 43 -16.28 50.30 76.53
CA LYS B 43 -16.39 48.98 75.89
C LYS B 43 -17.23 47.99 76.68
N GLY B 44 -16.76 47.57 77.84
CA GLY B 44 -17.51 46.69 78.71
C GLY B 44 -18.99 47.00 78.84
N ALA B 45 -19.34 48.27 78.72
CA ALA B 45 -20.73 48.64 78.88
C ALA B 45 -21.42 48.42 77.55
N ASN B 46 -20.82 48.88 76.47
CA ASN B 46 -21.34 48.53 75.15
C ASN B 46 -21.41 47.02 74.86
N GLN B 47 -20.27 46.33 74.97
CA GLN B 47 -20.22 44.90 74.66
C GLN B 47 -21.01 44.04 75.63
N ALA B 48 -22.09 44.57 76.16
CA ALA B 48 -22.86 43.81 77.13
C ALA B 48 -24.33 44.20 77.01
N VAL B 49 -24.56 45.47 76.69
CA VAL B 49 -25.88 45.97 76.32
C VAL B 49 -26.08 45.50 74.89
N ALA B 50 -24.98 45.38 74.16
CA ALA B 50 -24.98 44.78 72.83
C ALA B 50 -25.52 43.35 72.97
N ALA B 51 -24.84 42.55 73.78
CA ALA B 51 -25.28 41.19 74.08
C ALA B 51 -26.74 41.12 74.52
N ALA B 52 -26.98 41.51 75.77
CA ALA B 52 -28.30 41.48 76.42
C ALA B 52 -29.55 41.82 75.60
N ARG B 53 -29.42 42.67 74.58
CA ARG B 53 -30.57 43.01 73.77
C ARG B 53 -30.92 41.82 72.86
N MET B 54 -29.92 40.97 72.66
CA MET B 54 -30.07 39.68 71.98
C MET B 54 -30.38 38.63 73.04
N GLN B 55 -31.21 39.00 74.01
CA GLN B 55 -31.67 38.12 75.09
C GLN B 55 -30.66 37.26 75.84
N ALA B 56 -29.36 37.40 75.62
CA ALA B 56 -28.39 36.52 76.27
C ALA B 56 -28.59 36.37 77.80
N ASP B 57 -28.09 35.29 78.41
CA ASP B 57 -28.11 35.16 79.87
C ASP B 57 -26.86 35.77 80.43
N VAL B 58 -26.85 37.11 80.52
CA VAL B 58 -25.64 37.87 80.69
C VAL B 58 -25.49 38.49 82.07
N GLY B 59 -24.26 38.50 82.56
CA GLY B 59 -23.94 39.21 83.79
C GLY B 59 -22.82 40.22 83.57
N PHE B 60 -22.84 41.30 84.33
CA PHE B 60 -21.86 42.36 84.15
C PHE B 60 -20.98 42.54 85.39
N ILE B 61 -19.69 42.72 85.12
CA ILE B 61 -18.65 42.99 86.10
C ILE B 61 -18.00 44.28 85.63
N ALA B 62 -18.26 45.36 86.36
CA ALA B 62 -17.64 46.62 86.04
C ALA B 62 -17.66 47.44 87.30
N CYS B 63 -16.89 48.51 87.31
CA CYS B 63 -16.93 49.39 88.45
C CYS B 63 -17.32 50.83 88.07
N VAL B 64 -18.38 51.28 88.75
CA VAL B 64 -18.89 52.63 88.62
C VAL B 64 -18.85 53.38 89.94
N GLY B 65 -19.04 54.69 89.85
CA GLY B 65 -19.04 55.54 91.02
C GLY B 65 -20.40 55.85 91.62
N ASP B 66 -20.43 56.62 92.71
CA ASP B 66 -21.69 57.03 93.33
C ASP B 66 -22.18 58.37 92.85
N ASP B 67 -21.46 59.00 91.93
CA ASP B 67 -21.95 60.26 91.39
C ASP B 67 -23.24 59.93 90.66
N SER B 68 -24.37 60.23 91.29
CA SER B 68 -25.72 59.86 90.82
C SER B 68 -25.86 59.26 89.40
N PHE B 69 -25.05 59.68 88.43
CA PHE B 69 -25.00 59.00 87.13
C PHE B 69 -24.57 57.57 87.33
N GLY B 70 -23.39 57.37 87.90
CA GLY B 70 -22.88 56.05 88.23
C GLY B 70 -23.98 55.11 88.68
N ILE B 71 -24.99 55.67 89.36
CA ILE B 71 -26.19 54.93 89.72
C ILE B 71 -27.25 54.95 88.58
N ASN B 72 -27.26 56.01 87.75
CA ASN B 72 -28.17 56.14 86.58
C ASN B 72 -27.86 55.13 85.49
N ILE B 73 -26.83 54.34 85.72
CA ILE B 73 -26.33 53.41 84.74
C ILE B 73 -26.48 52.01 85.31
N ARG B 74 -26.36 51.89 86.62
CA ARG B 74 -26.56 50.58 87.23
C ARG B 74 -28.01 50.11 87.09
N GLU B 75 -28.94 51.00 86.83
CA GLU B 75 -30.29 50.56 86.50
C GLU B 75 -30.43 50.42 84.99
N SER B 76 -30.13 51.51 84.28
CA SER B 76 -30.13 51.59 82.81
C SER B 76 -29.64 50.28 82.21
N PHE B 77 -28.62 49.73 82.85
CA PHE B 77 -28.16 48.39 82.60
C PHE B 77 -29.27 47.41 82.98
N LYS B 78 -29.32 47.08 84.27
CA LYS B 78 -30.25 46.13 84.88
C LYS B 78 -31.58 45.91 84.15
N LEU B 79 -32.06 46.95 83.48
CA LEU B 79 -33.30 46.80 82.73
C LEU B 79 -33.04 46.04 81.45
N ASP B 80 -32.09 46.52 80.67
CA ASP B 80 -31.72 45.82 79.45
C ASP B 80 -31.17 44.45 79.74
N GLY B 81 -31.95 43.62 80.43
CA GLY B 81 -31.59 42.24 80.61
C GLY B 81 -30.58 42.03 81.71
N ILE B 82 -29.39 42.59 81.48
CA ILE B 82 -28.17 42.41 82.30
C ILE B 82 -28.27 42.32 83.83
N ASN B 83 -27.60 41.32 84.36
CA ASN B 83 -27.45 41.09 85.78
C ASN B 83 -26.38 42.01 86.39
N THR B 84 -26.80 42.99 87.19
CA THR B 84 -25.89 43.99 87.71
C THR B 84 -25.16 43.60 89.00
N ALA B 85 -25.33 42.34 89.42
CA ALA B 85 -24.70 41.85 90.66
C ALA B 85 -23.26 42.29 90.85
N GLY B 86 -22.43 42.06 89.84
CA GLY B 86 -21.01 42.32 89.92
C GLY B 86 -20.59 43.70 89.45
N VAL B 87 -21.56 44.57 89.19
CA VAL B 87 -21.26 45.97 88.91
C VAL B 87 -21.35 46.65 90.24
N LYS B 88 -20.22 47.01 90.82
CA LYS B 88 -20.24 47.57 92.17
C LYS B 88 -20.01 49.07 92.22
N LEU B 89 -20.59 49.67 93.25
CA LEU B 89 -20.51 51.09 93.46
C LEU B 89 -19.25 51.40 94.22
N GLN B 90 -18.45 52.28 93.65
CA GLN B 90 -17.22 52.67 94.29
C GLN B 90 -17.59 53.88 95.10
N PRO B 91 -17.23 53.90 96.39
CA PRO B 91 -17.69 55.10 97.11
C PRO B 91 -16.74 56.24 96.83
N ASN B 92 -17.28 57.45 96.71
CA ASN B 92 -16.50 58.66 96.38
C ASN B 92 -15.49 58.56 95.23
N CYS B 93 -15.85 57.82 94.19
CA CYS B 93 -15.06 57.81 92.95
C CYS B 93 -16.13 57.92 91.88
N PRO B 94 -15.91 58.74 90.84
CA PRO B 94 -16.95 58.86 89.80
C PRO B 94 -16.72 57.81 88.73
N THR B 95 -17.71 57.55 87.87
CA THR B 95 -17.48 56.56 86.84
C THR B 95 -16.68 57.26 85.78
N GLY B 96 -15.99 56.51 84.94
CA GLY B 96 -15.04 57.08 83.99
C GLY B 96 -15.59 58.15 83.06
N ILE B 97 -14.71 58.89 82.40
CA ILE B 97 -15.15 60.07 81.66
C ILE B 97 -14.38 60.32 80.38
N ALA B 98 -15.02 61.10 79.50
CA ALA B 98 -14.37 61.59 78.31
C ALA B 98 -14.86 63.00 78.03
N MET B 99 -13.88 63.88 77.90
CA MET B 99 -14.11 65.26 77.58
C MET B 99 -13.61 65.52 76.19
N ILE B 100 -14.51 65.60 75.24
CA ILE B 100 -14.12 65.74 73.84
C ILE B 100 -14.58 67.09 73.30
N GLN B 101 -13.64 68.00 73.10
CA GLN B 101 -13.96 69.29 72.51
C GLN B 101 -13.85 69.05 71.02
N VAL B 102 -14.87 69.52 70.29
CA VAL B 102 -15.10 69.10 68.92
C VAL B 102 -14.59 69.95 67.73
N SER B 103 -13.88 69.26 66.84
CA SER B 103 -13.62 69.78 65.50
C SER B 103 -14.11 68.71 64.51
N ASP B 104 -15.26 68.90 63.83
CA ASP B 104 -16.14 70.11 63.82
C ASP B 104 -15.42 71.43 63.51
N SER B 105 -14.45 71.33 62.61
CA SER B 105 -13.47 72.36 62.22
C SER B 105 -12.14 71.63 61.97
N GLY B 106 -12.21 70.30 62.01
CA GLY B 106 -11.05 69.42 61.89
C GLY B 106 -11.22 68.09 62.63
N GLU B 107 -10.30 67.75 63.54
CA GLU B 107 -10.34 66.46 64.25
C GLU B 107 -10.74 66.61 65.73
N ASN B 108 -10.90 65.51 66.47
CA ASN B 108 -11.42 65.58 67.84
C ASN B 108 -10.40 65.45 68.96
N SER B 109 -10.35 66.48 69.83
CA SER B 109 -9.52 66.49 71.04
C SER B 109 -10.17 65.67 72.16
N ILE B 110 -9.61 64.50 72.45
CA ILE B 110 -10.15 63.64 73.48
C ILE B 110 -9.29 63.66 74.72
N CYS B 111 -9.94 63.87 75.87
CA CYS B 111 -9.28 63.85 77.16
C CYS B 111 -10.07 62.85 77.97
N ILE B 112 -9.45 61.73 78.33
CA ILE B 112 -10.16 60.65 78.98
C ILE B 112 -9.62 60.37 80.36
N SER B 113 -10.49 60.14 81.33
CA SER B 113 -10.07 59.69 82.64
C SER B 113 -10.48 58.26 82.76
N ALA B 114 -10.03 57.60 83.80
CA ALA B 114 -10.42 56.21 83.94
C ALA B 114 -11.22 56.07 85.20
N GLU B 115 -11.08 57.09 86.03
CA GLU B 115 -11.60 57.11 87.39
C GLU B 115 -12.04 55.76 88.00
N ALA B 116 -13.35 55.54 88.12
CA ALA B 116 -13.82 54.38 88.88
C ALA B 116 -13.40 53.07 88.28
N ASN B 117 -13.13 53.12 86.99
CA ASN B 117 -12.75 51.93 86.26
C ASN B 117 -11.43 51.39 86.79
N ALA B 118 -10.69 52.22 87.51
CA ALA B 118 -9.40 51.79 88.02
C ALA B 118 -9.52 50.83 89.19
N LYS B 119 -10.72 50.60 89.73
CA LYS B 119 -10.90 49.69 90.87
C LYS B 119 -11.20 48.23 90.48
N LEU B 120 -11.13 47.92 89.19
CA LEU B 120 -11.33 46.55 88.70
C LEU B 120 -10.02 45.76 88.85
N THR B 121 -9.76 45.33 90.09
CA THR B 121 -8.54 44.61 90.47
C THR B 121 -8.78 43.16 90.87
N ALA B 122 -7.70 42.42 91.11
CA ALA B 122 -7.75 41.02 91.59
C ALA B 122 -8.69 40.75 92.77
N ALA B 123 -8.54 41.51 93.85
CA ALA B 123 -9.36 41.33 95.06
C ALA B 123 -10.75 41.95 94.88
N ALA B 124 -10.91 42.72 93.82
CA ALA B 124 -12.13 43.48 93.64
C ALA B 124 -13.25 42.61 93.11
N ILE B 125 -12.92 41.41 92.63
CA ILE B 125 -13.95 40.52 92.11
C ILE B 125 -13.84 39.09 92.62
N GLU B 126 -13.14 38.91 93.75
CA GLU B 126 -13.17 37.62 94.45
C GLU B 126 -14.59 37.03 94.63
N PRO B 127 -15.63 37.86 94.91
CA PRO B 127 -16.97 37.24 94.96
C PRO B 127 -17.57 36.88 93.60
N ASP B 128 -16.99 37.39 92.53
CA ASP B 128 -17.55 37.28 91.19
C ASP B 128 -16.97 36.09 90.44
N LEU B 129 -15.90 35.55 91.00
CA LEU B 129 -15.32 34.30 90.57
C LEU B 129 -16.35 33.16 90.55
N ALA B 130 -17.22 33.13 91.57
CA ALA B 130 -18.35 32.22 91.59
C ALA B 130 -19.00 32.25 90.24
N ALA B 131 -19.47 33.43 89.85
CA ALA B 131 -20.11 33.61 88.55
C ALA B 131 -19.13 33.35 87.42
N ILE B 132 -17.87 33.77 87.57
CA ILE B 132 -16.88 33.45 86.55
C ILE B 132 -16.82 31.96 86.19
N ARG B 133 -16.75 31.09 87.21
CA ARG B 133 -16.60 29.65 86.97
C ARG B 133 -17.86 29.02 86.47
N ASP B 134 -18.99 29.25 87.18
CA ASP B 134 -20.30 28.72 86.78
C ASP B 134 -20.86 29.29 85.48
N ALA B 135 -20.09 30.17 84.84
CA ALA B 135 -20.50 30.77 83.56
C ALA B 135 -19.94 29.95 82.45
N ARG B 136 -20.60 29.99 81.30
CA ARG B 136 -20.04 29.25 80.21
C ARG B 136 -19.02 30.14 79.47
N TYR B 137 -19.24 31.44 79.44
CA TYR B 137 -18.26 32.28 78.78
C TYR B 137 -17.72 33.41 79.63
N LEU B 138 -16.97 34.31 78.98
CA LEU B 138 -16.42 35.48 79.63
C LEU B 138 -15.90 36.48 78.58
N LEU B 139 -16.38 37.70 78.65
CA LEU B 139 -15.98 38.72 77.70
C LEU B 139 -15.23 39.89 78.38
N MET B 140 -14.10 40.34 77.81
CA MET B 140 -13.33 41.47 78.38
C MET B 140 -12.59 42.29 77.33
N GLN B 141 -12.41 43.57 77.63
CA GLN B 141 -11.66 44.46 76.74
C GLN B 141 -10.60 45.06 77.61
N LEU B 142 -9.89 46.06 77.11
CA LEU B 142 -8.67 46.51 77.79
C LEU B 142 -8.80 47.92 78.30
N GLU B 143 -10.01 48.23 78.76
CA GLU B 143 -10.29 49.51 79.35
C GLU B 143 -10.37 49.33 80.84
N THR B 144 -9.93 48.17 81.31
CA THR B 144 -9.87 47.91 82.73
C THR B 144 -8.45 47.44 83.00
N PRO B 145 -7.98 47.56 84.25
CA PRO B 145 -6.62 47.15 84.61
C PRO B 145 -6.40 45.67 84.38
N LEU B 146 -5.20 45.29 83.95
CA LEU B 146 -4.89 43.89 83.67
C LEU B 146 -4.98 43.06 84.95
N ASP B 147 -4.42 43.59 86.03
CA ASP B 147 -4.45 42.94 87.34
C ASP B 147 -5.81 42.36 87.60
N GLY B 148 -6.84 43.07 87.14
CA GLY B 148 -8.21 42.61 87.27
C GLY B 148 -8.66 41.74 86.10
N ILE B 149 -8.33 42.16 84.89
CA ILE B 149 -8.61 41.36 83.70
C ILE B 149 -7.98 39.98 83.85
N LEU B 150 -6.83 39.90 84.53
CA LEU B 150 -6.18 38.61 84.75
C LEU B 150 -6.85 37.55 85.65
N LYS B 151 -7.22 37.91 86.88
CA LYS B 151 -7.74 36.92 87.82
C LYS B 151 -9.01 36.38 87.23
N ALA B 152 -9.72 37.23 86.52
CA ALA B 152 -10.95 36.81 85.87
C ALA B 152 -10.63 35.66 84.90
N ALA B 153 -9.63 35.85 84.04
CA ALA B 153 -9.26 34.82 83.07
C ALA B 153 -8.84 33.55 83.78
N GLN B 154 -7.86 33.67 84.66
CA GLN B 154 -7.30 32.53 85.38
C GLN B 154 -8.32 31.73 86.19
N GLU B 155 -9.29 32.41 86.79
CA GLU B 155 -10.27 31.72 87.61
C GLU B 155 -11.12 30.85 86.73
N ALA B 156 -11.28 31.28 85.48
CA ALA B 156 -12.10 30.53 84.53
C ALA B 156 -11.37 29.32 84.01
N LYS B 157 -10.29 29.57 83.27
CA LYS B 157 -9.52 28.51 82.61
C LYS B 157 -9.35 27.26 83.48
N THR B 158 -9.05 27.46 84.75
CA THR B 158 -8.84 26.35 85.67
C THR B 158 -10.11 25.54 85.93
N ALA B 159 -11.26 26.18 85.81
CA ALA B 159 -12.52 25.52 86.10
C ALA B 159 -13.39 25.70 84.88
N LYS B 160 -12.68 25.60 83.75
CA LYS B 160 -13.19 25.65 82.38
C LYS B 160 -14.26 26.71 82.02
N THR B 161 -13.91 27.52 81.03
CA THR B 161 -14.78 28.56 80.48
C THR B 161 -14.03 29.26 79.35
N ASN B 162 -14.59 29.25 78.14
CA ASN B 162 -13.91 29.93 77.04
C ASN B 162 -13.90 31.43 77.37
N VAL B 163 -12.80 32.09 77.02
CA VAL B 163 -12.54 33.46 77.45
C VAL B 163 -12.25 34.37 76.26
N ILE B 164 -12.99 35.47 76.13
CA ILE B 164 -12.82 36.38 74.99
C ILE B 164 -12.22 37.75 75.32
N LEU B 165 -11.30 38.22 74.48
CA LEU B 165 -10.67 39.51 74.71
C LEU B 165 -10.63 40.43 73.49
N ASN B 166 -11.32 41.56 73.60
CA ASN B 166 -11.19 42.62 72.62
C ASN B 166 -9.95 43.41 72.95
N PRO B 167 -8.94 43.42 72.05
CA PRO B 167 -7.68 44.11 72.32
C PRO B 167 -7.84 45.61 72.29
N ALA B 168 -9.08 46.07 72.22
CA ALA B 168 -9.35 47.48 72.19
C ALA B 168 -9.64 47.87 73.63
N PRO B 169 -9.11 49.03 74.07
CA PRO B 169 -8.31 49.84 73.16
C PRO B 169 -6.85 49.33 73.13
N ALA B 170 -6.19 49.50 71.98
CA ALA B 170 -4.88 48.93 71.72
C ALA B 170 -3.77 49.25 72.74
N ARG B 171 -3.10 48.19 73.18
CA ARG B 171 -1.94 48.31 74.05
C ARG B 171 -1.00 47.13 73.81
N GLU B 172 -0.63 46.44 74.87
CA GLU B 172 0.32 45.34 74.81
C GLU B 172 0.00 44.41 75.96
N LEU B 173 0.09 43.10 75.76
CA LEU B 173 -0.26 42.15 76.82
C LEU B 173 0.84 41.17 77.18
N PRO B 174 0.78 40.63 78.41
CA PRO B 174 1.81 39.65 78.74
C PRO B 174 1.39 38.30 78.20
N ASP B 175 2.39 37.50 77.85
CA ASP B 175 2.16 36.21 77.24
C ASP B 175 1.29 35.40 78.16
N GLU B 176 1.74 35.18 79.38
CA GLU B 176 0.94 34.50 80.42
C GLU B 176 -0.58 34.81 80.43
N LEU B 177 -1.02 35.83 79.71
CA LEU B 177 -2.44 36.14 79.66
C LEU B 177 -3.11 35.64 78.38
N LEU B 178 -2.54 36.04 77.24
CA LEU B 178 -3.05 35.58 75.94
C LEU B 178 -3.11 34.06 75.87
N LYS B 179 -2.38 33.37 76.73
CA LYS B 179 -2.44 31.92 76.73
C LYS B 179 -3.79 31.58 77.29
N CYS B 180 -4.24 32.38 78.24
CA CYS B 180 -5.51 32.09 78.86
C CYS B 180 -6.69 32.63 78.04
N VAL B 181 -6.43 33.17 76.84
CA VAL B 181 -7.54 33.57 75.98
C VAL B 181 -7.89 32.54 74.88
N ASP B 182 -9.18 32.32 74.70
CA ASP B 182 -9.69 31.36 73.73
C ASP B 182 -10.31 32.04 72.54
N LEU B 183 -9.65 33.10 72.12
CA LEU B 183 -10.05 33.95 71.01
C LEU B 183 -9.32 35.28 71.15
N ILE B 184 -9.56 36.18 70.21
CA ILE B 184 -9.09 37.57 70.26
C ILE B 184 -9.63 38.22 69.02
N THR B 185 -10.14 39.41 69.18
CA THR B 185 -10.78 40.07 68.08
C THR B 185 -10.17 41.45 67.92
N PRO B 186 -8.89 41.50 67.55
CA PRO B 186 -8.24 42.80 67.44
C PRO B 186 -8.73 43.54 66.22
N ASN B 187 -8.25 44.77 66.02
CA ASN B 187 -8.50 45.51 64.81
C ASN B 187 -7.15 45.80 64.20
N GLU B 188 -7.10 45.96 62.89
CA GLU B 188 -5.84 46.10 62.16
C GLU B 188 -4.78 46.98 62.83
N THR B 189 -5.16 48.22 63.18
CA THR B 189 -4.21 49.20 63.72
C THR B 189 -3.83 48.82 65.15
N GLU B 190 -4.74 48.15 65.84
CA GLU B 190 -4.45 47.65 67.16
C GLU B 190 -3.55 46.47 66.93
N ALA B 191 -4.18 45.35 66.57
CA ALA B 191 -3.54 44.07 66.22
C ALA B 191 -2.05 44.12 65.98
N GLU B 192 -1.61 45.16 65.30
CA GLU B 192 -0.21 45.35 65.02
C GLU B 192 0.60 45.44 66.30
N VAL B 193 0.15 46.29 67.23
CA VAL B 193 0.90 46.56 68.46
C VAL B 193 1.06 45.33 69.33
N LEU B 194 0.30 44.28 69.00
CA LEU B 194 0.28 43.03 69.77
C LEU B 194 1.30 42.07 69.22
N THR B 195 1.74 42.32 68.00
CA THR B 195 2.71 41.46 67.38
C THR B 195 3.80 42.23 66.63
N GLY B 196 3.40 43.28 65.93
CA GLY B 196 4.33 44.07 65.15
C GLY B 196 4.19 43.77 63.68
N ILE B 197 2.97 43.45 63.25
CA ILE B 197 2.71 43.08 61.84
C ILE B 197 1.59 43.88 61.21
N THR B 198 1.99 44.83 60.37
CA THR B 198 1.04 45.74 59.75
C THR B 198 0.12 44.94 58.86
N VAL B 199 -1.14 44.87 59.24
CA VAL B 199 -2.14 44.14 58.50
C VAL B 199 -2.76 45.00 57.41
N TYR B 200 -2.70 44.54 56.16
CA TYR B 200 -3.32 45.25 55.05
C TYR B 200 -3.92 44.35 53.95
N ASP B 201 -3.41 43.12 53.81
CA ASP B 201 -3.94 42.23 52.79
C ASP B 201 -4.07 40.82 53.36
N ASP B 202 -4.45 39.87 52.51
CA ASP B 202 -4.74 38.52 52.97
C ASP B 202 -3.52 37.77 53.49
N SER B 203 -2.37 37.90 52.84
CA SER B 203 -1.23 37.07 53.18
C SER B 203 -0.57 37.54 54.49
N SER B 204 -0.48 38.86 54.66
CA SER B 204 0.05 39.44 55.90
C SER B 204 -0.95 39.32 57.02
N ALA B 205 -2.21 39.14 56.65
CA ALA B 205 -3.27 39.01 57.63
C ALA B 205 -3.12 37.68 58.32
N GLN B 206 -2.54 36.74 57.58
CA GLN B 206 -2.27 35.41 58.09
C GLN B 206 -1.12 35.38 59.09
N GLN B 207 -0.09 36.20 58.85
CA GLN B 207 1.13 36.13 59.66
C GLN B 207 0.86 36.53 61.09
N ALA B 208 -0.07 37.47 61.25
CA ALA B 208 -0.50 37.94 62.55
C ALA B 208 -1.04 36.81 63.39
N ALA B 209 -2.00 36.10 62.83
CA ALA B 209 -2.65 34.97 63.47
C ALA B 209 -1.67 33.98 64.09
N ASP B 210 -0.92 33.25 63.25
CA ASP B 210 0.14 32.35 63.72
C ASP B 210 1.01 32.95 64.83
N ALA B 211 1.44 34.20 64.65
CA ALA B 211 2.19 34.91 65.69
C ALA B 211 1.34 35.03 66.96
N LEU B 212 0.07 35.37 66.79
CA LEU B 212 -0.95 35.35 67.85
C LEU B 212 -1.24 33.94 68.38
N HIS B 213 -1.71 33.07 67.47
CA HIS B 213 -1.89 31.63 67.74
C HIS B 213 -0.79 31.04 68.60
N CYS B 214 0.44 31.36 68.23
CA CYS B 214 1.65 30.80 68.85
C CYS B 214 1.67 31.09 70.34
N LYS B 215 0.82 32.00 70.79
CA LYS B 215 0.77 32.47 72.19
C LYS B 215 -0.34 31.83 73.00
N GLY B 216 -0.86 30.70 72.51
CA GLY B 216 -1.83 29.87 73.21
C GLY B 216 -3.27 30.12 72.83
N ILE B 217 -3.47 30.86 71.75
CA ILE B 217 -4.79 31.29 71.35
C ILE B 217 -5.34 30.40 70.27
N GLU B 218 -6.55 29.89 70.51
CA GLU B 218 -7.21 28.97 69.58
C GLU B 218 -7.67 29.73 68.34
N ILE B 219 -8.62 30.64 68.56
CA ILE B 219 -9.24 31.35 67.46
C ILE B 219 -8.82 32.83 67.41
N VAL B 220 -8.53 33.36 66.23
CA VAL B 220 -8.09 34.74 66.13
C VAL B 220 -8.89 35.43 65.04
N ILE B 221 -9.73 36.38 65.41
CA ILE B 221 -10.54 37.05 64.39
C ILE B 221 -10.27 38.54 64.32
N ILE B 222 -9.29 38.90 63.51
CA ILE B 222 -8.87 40.29 63.37
C ILE B 222 -9.84 41.04 62.48
N THR B 223 -10.57 42.00 63.04
CA THR B 223 -11.48 42.79 62.23
C THR B 223 -10.61 43.53 61.23
N LEU B 224 -11.00 43.48 59.97
CA LEU B 224 -10.21 44.08 58.90
C LEU B 224 -11.03 45.24 58.38
N GLY B 225 -12.03 45.58 59.20
CA GLY B 225 -12.98 46.65 58.95
C GLY B 225 -13.93 46.58 57.78
N SER B 226 -13.80 47.58 56.92
CA SER B 226 -14.71 47.77 55.79
C SER B 226 -14.67 46.68 54.71
N LYS B 227 -14.26 45.46 55.06
CA LYS B 227 -14.12 44.46 54.03
C LYS B 227 -14.07 43.01 54.51
N GLY B 228 -13.72 42.81 55.78
CA GLY B 228 -13.66 41.45 56.27
C GLY B 228 -13.41 41.20 57.74
N VAL B 229 -13.39 39.91 58.07
CA VAL B 229 -13.27 39.45 59.45
C VAL B 229 -12.38 38.23 59.39
N TRP B 230 -11.09 38.46 59.29
CA TRP B 230 -10.12 37.38 59.20
C TRP B 230 -10.25 36.34 60.31
N LEU B 231 -10.81 35.17 59.97
CA LEU B 231 -11.00 34.08 60.93
C LEU B 231 -9.93 32.98 60.79
N SER B 232 -9.45 32.46 61.93
CA SER B 232 -8.41 31.43 61.98
C SER B 232 -8.54 30.48 63.14
N GLN B 233 -8.84 29.22 62.86
CA GLN B 233 -8.97 28.25 63.94
C GLN B 233 -7.73 27.35 63.98
N ASN B 234 -6.68 27.83 64.62
CA ASN B 234 -5.33 27.25 64.58
C ASN B 234 -4.61 27.43 63.26
N GLY B 235 -4.85 28.55 62.59
CA GLY B 235 -4.12 28.83 61.39
C GLY B 235 -4.97 28.81 60.15
N ARG B 236 -6.17 28.28 60.27
CA ARG B 236 -7.04 28.24 59.10
C ARG B 236 -7.60 29.64 58.88
N GLY B 237 -6.86 30.42 58.12
CA GLY B 237 -7.19 31.80 57.90
C GLY B 237 -8.20 31.80 56.79
N GLN B 238 -9.00 32.86 56.70
CA GLN B 238 -10.09 32.93 55.72
C GLN B 238 -10.36 34.39 55.30
N ARG B 239 -11.63 34.76 55.29
CA ARG B 239 -12.09 36.11 54.98
C ARG B 239 -13.61 36.10 55.01
N ILE B 240 -14.25 37.14 55.55
CA ILE B 240 -15.69 37.24 55.40
C ILE B 240 -16.01 38.57 54.76
N PRO B 241 -16.47 38.58 53.50
CA PRO B 241 -16.77 39.90 52.95
C PRO B 241 -17.99 40.36 53.73
N GLY B 242 -17.90 41.57 54.25
CA GLY B 242 -18.85 42.04 55.21
C GLY B 242 -20.18 42.45 54.62
N PHE B 243 -20.38 43.76 54.51
CA PHE B 243 -21.63 44.28 54.02
C PHE B 243 -21.54 45.60 53.26
N VAL B 244 -21.90 45.52 51.99
CA VAL B 244 -22.03 46.68 51.13
C VAL B 244 -23.27 47.51 51.56
N VAL B 245 -23.09 48.47 52.47
CA VAL B 245 -24.20 49.24 53.01
C VAL B 245 -23.87 50.73 53.00
N LYS B 246 -24.55 51.49 53.82
CA LYS B 246 -24.40 52.94 53.82
C LYS B 246 -24.01 53.40 55.22
N ALA B 247 -22.70 53.49 55.44
CA ALA B 247 -22.13 53.56 56.78
C ALA B 247 -22.56 54.79 57.56
N THR B 248 -22.31 54.78 58.86
CA THR B 248 -22.73 55.90 59.72
C THR B 248 -22.03 55.88 61.08
N ASP B 249 -21.11 56.83 61.28
CA ASP B 249 -20.35 56.99 62.54
C ASP B 249 -19.55 55.73 62.91
N THR B 250 -18.70 55.87 63.92
CA THR B 250 -17.90 54.74 64.39
C THR B 250 -18.64 54.08 65.54
N THR B 251 -18.83 54.86 66.61
CA THR B 251 -19.51 54.44 67.83
C THR B 251 -19.18 53.03 68.28
N ALA B 252 -20.21 52.26 68.58
CA ALA B 252 -20.00 50.98 69.21
C ALA B 252 -19.38 50.09 68.14
N ALA B 253 -20.07 50.00 67.00
CA ALA B 253 -19.78 49.11 65.87
C ALA B 253 -18.92 47.91 66.20
N GLY B 254 -17.65 48.15 66.53
CA GLY B 254 -16.79 47.10 67.03
C GLY B 254 -17.10 46.72 68.45
N ASP B 255 -18.08 47.42 69.04
CA ASP B 255 -18.54 47.10 70.38
C ASP B 255 -19.76 46.17 70.26
N THR B 256 -20.61 46.40 69.26
CA THR B 256 -21.82 45.60 69.02
C THR B 256 -21.47 44.27 68.33
N PHE B 257 -20.64 44.42 67.30
CA PHE B 257 -19.97 43.34 66.60
C PHE B 257 -19.44 42.34 67.59
N ASN B 258 -18.43 42.76 68.35
CA ASN B 258 -17.88 41.89 69.37
C ASN B 258 -18.92 41.57 70.39
N GLY B 259 -19.88 42.47 70.55
CA GLY B 259 -20.96 42.26 71.48
C GLY B 259 -21.83 41.14 70.99
N ALA B 260 -22.09 41.11 69.69
CA ALA B 260 -22.96 40.09 69.11
C ALA B 260 -22.25 38.74 68.95
N LEU B 261 -21.02 38.74 68.43
CA LEU B 261 -20.28 37.49 68.20
C LEU B 261 -20.38 36.54 69.38
N VAL B 262 -20.40 37.09 70.59
CA VAL B 262 -20.53 36.24 71.75
C VAL B 262 -21.98 35.79 71.93
N THR B 263 -22.92 36.60 71.45
CA THR B 263 -24.32 36.22 71.51
C THR B 263 -24.54 35.05 70.57
N GLY B 264 -23.74 34.96 69.51
CA GLY B 264 -23.79 33.81 68.65
C GLY B 264 -23.42 32.55 69.42
N LEU B 265 -22.16 32.49 69.82
CA LEU B 265 -21.55 31.31 70.44
C LEU B 265 -22.36 30.64 71.57
N LEU B 266 -23.13 31.44 72.31
CA LEU B 266 -23.95 30.86 73.39
C LEU B 266 -25.12 30.04 72.84
N GLN B 267 -25.74 30.51 71.76
CA GLN B 267 -26.81 29.74 71.13
C GLN B 267 -26.22 28.83 70.04
N GLU B 268 -25.31 27.97 70.49
CA GLU B 268 -24.75 26.84 69.75
C GLU B 268 -24.34 27.04 68.28
N MET B 269 -24.43 28.28 67.79
CA MET B 269 -23.93 28.61 66.46
C MET B 269 -22.44 28.27 66.29
N PRO B 270 -22.06 27.84 65.08
CA PRO B 270 -20.63 27.73 64.78
C PRO B 270 -20.19 29.14 64.40
N LEU B 271 -18.92 29.44 64.67
CA LEU B 271 -18.35 30.78 64.53
C LEU B 271 -18.77 31.56 63.27
N GLU B 272 -18.52 30.94 62.11
CA GLU B 272 -18.84 31.50 60.79
C GLU B 272 -20.29 31.91 60.70
N SER B 273 -21.14 31.24 61.48
CA SER B 273 -22.56 31.53 61.47
C SER B 273 -22.78 32.79 62.26
N ALA B 274 -22.05 32.89 63.36
CA ALA B 274 -22.10 34.09 64.18
C ALA B 274 -21.49 35.34 63.54
N ILE B 275 -20.30 35.19 62.95
CA ILE B 275 -19.58 36.29 62.30
C ILE B 275 -20.45 36.99 61.24
N LYS B 276 -21.36 36.25 60.63
CA LYS B 276 -22.30 36.83 59.70
C LYS B 276 -23.30 37.61 60.55
N PHE B 277 -23.81 36.93 61.57
CA PHE B 277 -24.73 37.48 62.55
C PHE B 277 -24.14 38.76 63.15
N ALA B 278 -22.96 38.67 63.73
CA ALA B 278 -22.27 39.85 64.25
C ALA B 278 -22.22 40.98 63.24
N HIS B 279 -21.65 40.71 62.07
CA HIS B 279 -21.60 41.67 60.98
C HIS B 279 -22.95 42.24 60.58
N ALA B 280 -24.04 41.60 60.97
CA ALA B 280 -25.34 42.19 60.70
C ALA B 280 -25.47 43.36 61.65
N ALA B 281 -25.45 43.06 62.94
CA ALA B 281 -25.46 44.10 63.95
C ALA B 281 -24.43 45.19 63.59
N ALA B 282 -23.23 44.78 63.19
CA ALA B 282 -22.19 45.71 62.77
C ALA B 282 -22.55 46.43 61.49
N ALA B 283 -23.64 46.00 60.86
CA ALA B 283 -24.06 46.61 59.61
C ALA B 283 -25.35 47.37 59.79
N ILE B 284 -26.21 46.91 60.71
CA ILE B 284 -27.44 47.66 60.93
C ILE B 284 -27.06 48.94 61.65
N SER B 285 -26.63 48.82 62.91
CA SER B 285 -26.37 49.97 63.76
C SER B 285 -25.25 50.91 63.28
N VAL B 286 -24.63 50.59 62.15
CA VAL B 286 -23.70 51.53 61.57
C VAL B 286 -24.42 52.42 60.55
N THR B 287 -25.75 52.36 60.57
CA THR B 287 -26.58 53.30 59.84
C THR B 287 -27.24 54.09 60.95
N ARG B 288 -27.05 53.55 62.15
CA ARG B 288 -27.49 54.14 63.41
C ARG B 288 -26.28 54.85 64.01
N PHE B 289 -26.47 55.49 65.15
CA PHE B 289 -25.42 56.33 65.72
C PHE B 289 -25.56 56.54 67.24
N GLY B 290 -24.56 57.19 67.84
CA GLY B 290 -24.64 57.51 69.26
C GLY B 290 -23.77 56.70 70.20
N ALA B 291 -24.21 55.47 70.47
CA ALA B 291 -23.58 54.52 71.39
C ALA B 291 -24.59 53.43 71.71
N GLN B 292 -25.17 53.54 72.90
CA GLN B 292 -26.25 52.66 73.32
C GLN B 292 -27.47 52.91 72.44
N THR B 293 -27.45 54.00 71.69
CA THR B 293 -28.54 54.33 70.80
C THR B 293 -28.48 53.50 69.53
N SER B 294 -27.27 53.13 69.10
CA SER B 294 -27.10 52.33 67.90
C SER B 294 -27.66 50.91 68.06
N ILE B 295 -27.04 50.10 68.90
CA ILE B 295 -27.41 48.68 69.16
C ILE B 295 -28.85 48.23 68.79
N PRO B 296 -28.97 47.27 67.84
CA PRO B 296 -30.28 46.76 67.40
C PRO B 296 -30.73 45.54 68.21
N THR B 297 -32.01 45.18 68.14
CA THR B 297 -32.52 44.04 68.90
C THR B 297 -32.39 42.76 68.08
N ARG B 298 -32.65 41.63 68.73
CA ARG B 298 -32.65 40.32 68.09
C ARG B 298 -33.63 40.33 66.92
N ALA B 299 -34.84 40.79 67.22
CA ALA B 299 -35.91 40.95 66.23
C ALA B 299 -35.36 41.58 64.96
N GLU B 300 -34.51 42.60 65.14
CA GLU B 300 -33.83 43.29 64.03
C GLU B 300 -32.90 42.32 63.30
N VAL B 301 -31.62 42.31 63.67
CA VAL B 301 -30.59 41.43 63.08
C VAL B 301 -31.12 40.13 62.45
N GLU B 302 -32.02 39.43 63.13
CA GLU B 302 -32.56 38.21 62.58
C GLU B 302 -33.38 38.58 61.34
N ALA B 303 -34.22 39.60 61.46
CA ALA B 303 -34.94 40.12 60.30
C ALA B 303 -33.97 40.54 59.21
N PHE B 304 -32.92 41.28 59.57
CA PHE B 304 -31.92 41.77 58.60
C PHE B 304 -31.29 40.62 57.83
N LEU B 305 -30.87 39.58 58.55
CA LEU B 305 -30.28 38.40 57.96
C LEU B 305 -31.18 37.88 56.86
N ALA B 306 -32.48 37.82 57.16
CA ALA B 306 -33.49 37.42 56.18
C ALA B 306 -33.52 38.40 55.00
N GLU B 307 -33.57 39.71 55.28
CA GLU B 307 -33.64 40.72 54.21
C GLU B 307 -32.43 40.70 53.28
N HIS B 308 -31.34 40.07 53.72
CA HIS B 308 -30.16 39.94 52.86
C HIS B 308 -29.88 38.47 52.57
N SER B 309 -29.79 38.12 51.29
CA SER B 309 -29.62 36.72 50.90
C SER B 309 -29.15 36.56 49.45
N MET C 4 -4.59 90.68 143.59
CA MET C 4 -4.41 91.18 142.23
C MET C 4 -3.02 91.68 141.94
N ASN C 5 -2.95 92.67 141.05
CA ASN C 5 -1.69 93.16 140.52
C ASN C 5 -1.66 94.67 140.34
N LYS C 6 -0.50 95.28 140.59
CA LYS C 6 -0.39 96.72 140.51
C LYS C 6 -0.46 97.16 139.05
N LEU C 7 0.33 96.51 138.22
CA LEU C 7 0.36 96.80 136.79
C LEU C 7 0.05 95.56 136.01
N VAL C 8 -0.52 95.76 134.84
CA VAL C 8 -0.86 94.68 133.97
C VAL C 8 -0.29 94.94 132.59
N VAL C 9 0.39 93.94 132.05
CA VAL C 9 0.85 94.01 130.66
C VAL C 9 0.00 93.12 129.77
N LEU C 10 -0.32 93.65 128.60
CA LEU C 10 -1.20 93.00 127.65
C LEU C 10 -0.51 93.11 126.31
N GLY C 11 -0.06 91.97 125.83
CA GLY C 11 0.66 91.98 124.58
C GLY C 11 1.03 90.63 124.02
N SER C 12 1.96 90.70 123.09
CA SER C 12 2.30 89.58 122.25
C SER C 12 3.38 88.75 122.91
N VAL C 13 3.29 87.45 122.72
CA VAL C 13 4.44 86.59 122.93
C VAL C 13 4.83 86.09 121.57
N ASN C 14 6.12 86.03 121.30
CA ASN C 14 6.67 85.58 120.02
C ASN C 14 7.91 84.78 120.24
N ALA C 15 8.35 84.15 119.17
CA ALA C 15 9.68 83.61 119.17
C ALA C 15 10.35 84.25 118.00
N ASP C 16 11.53 84.78 118.22
CA ASP C 16 12.26 85.27 117.09
C ASP C 16 13.12 84.08 116.65
N HIS C 17 12.72 83.51 115.50
CA HIS C 17 13.40 82.41 114.85
C HIS C 17 14.45 83.07 113.97
N VAL C 18 15.69 83.11 114.47
CA VAL C 18 16.77 83.83 113.80
C VAL C 18 17.83 82.89 113.27
N LEU C 19 18.31 83.15 112.06
CA LEU C 19 19.33 82.33 111.45
C LEU C 19 20.34 83.25 110.79
N GLN C 20 21.61 83.04 111.10
CA GLN C 20 22.66 83.93 110.61
C GLN C 20 23.16 83.54 109.22
N VAL C 21 23.09 84.50 108.30
CA VAL C 21 23.49 84.32 106.91
C VAL C 21 24.57 85.32 106.50
N PRO C 22 25.45 84.93 105.56
CA PRO C 22 26.37 85.92 104.98
C PRO C 22 25.71 86.60 103.78
N SER C 23 25.06 85.79 102.95
CA SER C 23 24.46 86.23 101.70
C SER C 23 23.10 86.92 101.81
N PHE C 24 22.15 86.43 101.00
CA PHE C 24 20.78 86.92 100.95
C PHE C 24 20.01 86.18 99.88
N PRO C 25 18.77 85.76 100.21
CA PRO C 25 17.99 84.96 99.28
C PRO C 25 17.49 85.77 98.08
N ARG C 26 17.82 85.25 96.90
CA ARG C 26 17.29 85.75 95.64
C ARG C 26 16.27 84.66 95.44
N PRO C 27 15.31 84.84 94.52
CA PRO C 27 14.41 83.70 94.57
C PRO C 27 15.17 82.45 94.10
N GLY C 28 14.51 81.30 94.10
CA GLY C 28 15.18 80.09 93.66
C GLY C 28 16.19 79.59 94.67
N GLU C 29 17.36 79.21 94.17
CA GLU C 29 18.36 78.42 94.91
C GLU C 29 18.45 78.61 96.42
N THR C 30 18.64 77.47 97.07
CA THR C 30 18.63 77.37 98.51
C THR C 30 19.94 77.95 99.02
N LEU C 31 19.90 78.55 100.20
CA LEU C 31 21.09 79.18 100.78
C LEU C 31 21.22 78.73 102.24
N HIS C 32 22.43 78.41 102.66
CA HIS C 32 22.61 77.94 104.02
C HIS C 32 23.07 79.01 104.99
N GLY C 33 22.47 78.97 106.18
CA GLY C 33 22.80 79.89 107.25
C GLY C 33 23.51 79.13 108.34
N ARG C 34 23.87 79.83 109.41
CA ARG C 34 24.64 79.23 110.48
C ARG C 34 24.20 79.87 111.79
N ASN C 35 24.69 79.33 112.91
CA ASN C 35 24.35 79.83 114.26
C ASN C 35 22.85 80.02 114.41
N TYR C 36 22.08 78.97 114.17
CA TYR C 36 20.63 79.11 114.32
C TYR C 36 20.29 79.21 115.81
N GLN C 37 19.44 80.18 116.21
CA GLN C 37 18.94 80.28 117.59
C GLN C 37 17.48 80.71 117.65
N VAL C 38 16.73 80.23 118.63
CA VAL C 38 15.38 80.75 118.89
C VAL C 38 15.41 81.61 120.16
N ILE C 39 15.04 82.88 120.01
CA ILE C 39 15.17 83.81 121.12
C ILE C 39 13.80 84.18 121.67
N PRO C 40 13.60 83.97 122.98
CA PRO C 40 12.32 84.42 123.51
C PRO C 40 12.24 85.94 123.34
N GLY C 41 11.14 86.42 122.78
CA GLY C 41 11.02 87.81 122.38
C GLY C 41 9.55 88.20 122.24
N GLY C 42 9.28 89.18 121.39
CA GLY C 42 7.92 89.68 121.24
C GLY C 42 7.76 90.79 122.26
N LYS C 43 7.32 91.97 121.81
CA LYS C 43 7.28 93.16 122.67
C LYS C 43 6.62 92.96 124.04
N GLY C 44 5.28 92.85 124.07
CA GLY C 44 4.54 92.63 125.30
C GLY C 44 5.16 91.73 126.36
N ALA C 45 5.98 90.77 125.94
CA ALA C 45 6.64 89.88 126.91
C ALA C 45 7.96 90.51 127.35
N ASN C 46 8.69 91.07 126.40
CA ASN C 46 9.88 91.81 126.75
C ASN C 46 9.56 92.79 127.85
N GLN C 47 8.53 93.60 127.64
CA GLN C 47 8.22 94.64 128.62
C GLN C 47 7.78 94.06 129.95
N ALA C 48 7.04 92.97 129.93
CA ALA C 48 6.59 92.41 131.19
C ALA C 48 7.73 91.67 131.85
N VAL C 49 8.65 91.15 131.06
CA VAL C 49 9.82 90.56 131.68
C VAL C 49 10.75 91.70 132.09
N ALA C 50 10.71 92.80 131.34
CA ALA C 50 11.44 93.98 131.74
C ALA C 50 10.97 94.41 133.12
N ALA C 51 9.73 94.89 133.19
CA ALA C 51 9.11 95.34 134.45
C ALA C 51 9.27 94.37 135.61
N ALA C 52 9.00 93.10 135.34
CA ALA C 52 9.10 92.08 136.37
C ALA C 52 10.52 91.90 136.87
N ARG C 53 11.47 92.07 135.97
CA ARG C 53 12.86 91.80 136.28
C ARG C 53 13.37 92.78 137.33
N MET C 54 12.78 93.97 137.39
CA MET C 54 13.12 94.91 138.46
C MET C 54 11.95 95.14 139.43
N GLN C 55 11.57 94.05 140.07
CA GLN C 55 10.64 94.01 141.19
C GLN C 55 9.35 94.84 141.12
N ALA C 56 8.60 94.75 140.03
CA ALA C 56 7.29 95.40 140.00
C ALA C 56 6.21 94.32 140.27
N ASP C 57 5.00 94.74 140.64
CA ASP C 57 3.86 93.86 140.87
C ASP C 57 3.12 93.64 139.58
N VAL C 58 3.44 92.54 138.89
CA VAL C 58 3.02 92.31 137.50
C VAL C 58 2.05 91.16 137.22
N GLY C 59 1.17 91.39 136.26
CA GLY C 59 0.32 90.37 135.67
C GLY C 59 0.46 90.40 134.16
N PHE C 60 0.30 89.26 133.51
CA PHE C 60 0.47 89.21 132.06
C PHE C 60 -0.84 88.77 131.37
N ILE C 61 -1.16 89.38 130.23
CA ILE C 61 -2.31 88.99 129.42
C ILE C 61 -1.88 88.69 128.00
N ALA C 62 -1.87 87.43 127.59
CA ALA C 62 -1.35 87.13 126.27
C ALA C 62 -1.87 85.81 125.74
N CYS C 63 -1.60 85.53 124.48
CA CYS C 63 -1.84 84.21 123.96
C CYS C 63 -0.56 83.58 123.47
N VAL C 64 -0.26 82.46 124.08
CA VAL C 64 0.82 81.65 123.63
C VAL C 64 0.04 80.59 122.85
N GLY C 65 0.71 79.75 122.05
CA GLY C 65 -0.01 78.68 121.37
C GLY C 65 0.07 77.49 122.29
N ASP C 66 -0.48 76.33 121.91
CA ASP C 66 -0.28 75.14 122.74
C ASP C 66 1.00 74.34 122.33
N ASP C 67 1.83 74.93 121.47
CA ASP C 67 3.07 74.29 121.06
C ASP C 67 4.01 74.10 122.25
N SER C 68 5.17 73.47 121.99
CA SER C 68 6.20 73.27 123.01
C SER C 68 6.63 74.60 123.64
N PHE C 69 6.64 75.66 122.83
CA PHE C 69 6.92 77.02 123.29
C PHE C 69 5.87 77.41 124.30
N GLY C 70 4.69 77.71 123.79
CA GLY C 70 3.53 78.14 124.57
C GLY C 70 3.26 77.58 125.96
N ILE C 71 3.58 76.32 126.23
CA ILE C 71 3.32 75.76 127.57
C ILE C 71 4.44 76.14 128.51
N ASN C 72 5.64 75.96 127.97
CA ASN C 72 6.88 76.09 128.70
C ASN C 72 7.20 77.51 129.05
N ILE C 73 6.80 78.44 128.19
CA ILE C 73 7.20 79.80 128.43
C ILE C 73 6.38 80.39 129.56
N ARG C 74 5.10 80.04 129.64
CA ARG C 74 4.25 80.53 130.71
C ARG C 74 4.63 80.00 132.07
N GLU C 75 5.75 79.29 132.17
CA GLU C 75 6.24 78.86 133.48
C GLU C 75 7.59 79.54 133.70
N SER C 76 8.22 79.95 132.61
CA SER C 76 9.41 80.77 132.75
C SER C 76 8.89 82.03 133.39
N PHE C 77 7.70 82.40 132.93
CA PHE C 77 6.93 83.48 133.51
C PHE C 77 6.65 83.19 134.98
N LYS C 78 6.17 81.99 135.30
CA LYS C 78 5.89 81.69 136.70
C LYS C 78 7.18 81.78 137.56
N LEU C 79 8.29 81.28 137.03
CA LEU C 79 9.56 81.38 137.74
C LEU C 79 10.19 82.70 137.36
N ASP C 80 9.45 83.77 137.61
CA ASP C 80 9.93 85.10 137.34
C ASP C 80 8.81 85.99 137.79
N GLY C 81 7.87 85.35 138.49
CA GLY C 81 6.75 86.02 139.12
C GLY C 81 6.03 86.88 138.12
N ILE C 82 5.19 86.27 137.31
CA ILE C 82 4.49 87.03 136.30
C ILE C 82 3.07 86.52 136.23
N ASN C 83 2.40 86.50 137.39
CA ASN C 83 1.03 86.02 137.55
C ASN C 83 0.32 85.75 136.24
N THR C 84 0.31 84.47 135.85
CA THR C 84 -0.08 84.04 134.50
C THR C 84 -1.55 83.66 134.26
N ALA C 85 -2.40 83.79 135.28
CA ALA C 85 -3.82 83.51 135.14
C ALA C 85 -4.33 84.06 133.80
N GLY C 86 -3.83 85.23 133.43
CA GLY C 86 -4.21 85.85 132.18
C GLY C 86 -3.28 85.54 131.03
N VAL C 87 -2.37 84.60 131.21
CA VAL C 87 -1.64 84.15 130.04
C VAL C 87 -2.43 82.92 129.60
N LYS C 88 -2.98 83.02 128.40
CA LYS C 88 -3.89 82.00 127.87
C LYS C 88 -3.21 81.07 126.86
N LEU C 89 -3.52 79.78 126.97
CA LEU C 89 -2.94 78.77 126.10
C LEU C 89 -3.91 78.50 124.97
N GLN C 90 -3.44 78.63 123.73
CA GLN C 90 -4.25 78.42 122.52
C GLN C 90 -4.21 77.00 121.93
N PRO C 91 -5.41 76.37 121.71
CA PRO C 91 -5.44 75.00 121.22
C PRO C 91 -5.28 74.95 119.72
N ASN C 92 -4.63 73.89 119.24
CA ASN C 92 -4.26 73.68 117.82
C ASN C 92 -3.73 74.95 117.16
N CYS C 93 -3.05 75.76 117.96
CA CYS C 93 -2.47 77.02 117.51
C CYS C 93 -1.06 77.16 118.06
N PRO C 94 -0.12 77.64 117.23
CA PRO C 94 1.23 77.80 117.73
C PRO C 94 1.42 79.21 118.26
N THR C 95 2.55 79.42 118.94
CA THR C 95 2.90 80.72 119.47
C THR C 95 3.42 81.52 118.31
N GLY C 96 3.29 82.84 118.40
CA GLY C 96 3.70 83.73 117.33
C GLY C 96 5.21 83.68 117.10
N ILE C 97 5.64 84.13 115.94
CA ILE C 97 7.05 83.98 115.57
C ILE C 97 7.51 85.14 114.70
N ALA C 98 8.81 85.22 114.52
CA ALA C 98 9.40 86.15 113.58
C ALA C 98 10.58 85.40 113.00
N MET C 99 10.66 85.31 111.68
CA MET C 99 11.74 84.55 111.08
C MET C 99 12.72 85.46 110.40
N ILE C 100 13.84 85.66 111.08
CA ILE C 100 14.80 86.66 110.65
C ILE C 100 16.11 86.02 110.22
N GLN C 101 16.35 86.03 108.91
CA GLN C 101 17.63 85.62 108.42
C GLN C 101 18.40 86.93 108.35
N VAL C 102 19.42 87.08 109.19
CA VAL C 102 20.15 88.34 109.27
C VAL C 102 21.44 88.26 108.48
N SER C 103 21.56 89.12 107.48
CA SER C 103 22.72 89.10 106.62
C SER C 103 23.82 90.03 107.10
N ASP C 104 24.86 89.44 107.66
CA ASP C 104 26.16 90.06 107.73
C ASP C 104 26.77 90.04 106.32
N SER C 105 26.64 91.11 105.53
CA SER C 105 26.30 92.45 106.01
C SER C 105 25.31 93.14 105.07
N GLY C 106 24.11 93.40 105.56
CA GLY C 106 23.12 94.12 104.79
C GLY C 106 21.96 94.28 105.72
N GLU C 107 20.76 93.98 105.25
CA GLU C 107 19.60 94.09 106.13
C GLU C 107 18.94 92.74 106.38
N ASN C 108 17.95 92.77 107.27
CA ASN C 108 17.35 91.56 107.80
C ASN C 108 15.94 91.29 107.28
N SER C 109 15.79 90.19 106.54
CA SER C 109 14.50 89.79 105.99
C SER C 109 13.52 89.39 107.10
N ILE C 110 13.19 90.35 107.95
CA ILE C 110 12.25 90.09 109.04
C ILE C 110 10.88 89.68 108.50
N CYS C 111 10.41 88.56 109.01
CA CYS C 111 9.12 88.01 108.68
C CYS C 111 8.45 87.66 110.00
N ILE C 112 7.28 88.23 110.26
CA ILE C 112 6.62 87.92 111.52
C ILE C 112 5.29 87.34 111.12
N SER C 113 4.83 86.32 111.83
CA SER C 113 3.45 85.88 111.63
C SER C 113 2.77 85.80 112.97
N ALA C 114 1.81 86.66 113.19
CA ALA C 114 1.11 86.71 114.47
C ALA C 114 0.28 85.45 114.63
N GLU C 115 0.85 84.44 115.28
CA GLU C 115 0.17 83.16 115.40
C GLU C 115 -0.97 83.31 116.41
N ALA C 116 -0.76 82.79 117.61
CA ALA C 116 -1.77 82.87 118.67
C ALA C 116 -2.01 84.34 119.09
N ASN C 117 -1.08 85.23 118.74
CA ASN C 117 -1.18 86.62 119.17
C ASN C 117 -2.46 87.26 118.68
N ALA C 118 -2.97 86.78 117.57
CA ALA C 118 -4.17 87.36 117.01
C ALA C 118 -5.37 86.79 117.69
N LYS C 119 -5.16 85.80 118.55
CA LYS C 119 -6.29 85.18 119.25
C LYS C 119 -6.62 85.94 120.54
N LEU C 120 -5.87 87.02 120.80
CA LEU C 120 -6.19 87.91 121.91
C LEU C 120 -7.16 88.97 121.43
N THR C 121 -8.46 88.66 121.41
CA THR C 121 -9.43 89.61 120.91
C THR C 121 -10.19 90.25 122.04
N ALA C 122 -10.93 91.31 121.74
CA ALA C 122 -11.78 91.97 122.74
C ALA C 122 -12.65 90.98 123.50
N ALA C 123 -13.39 90.14 122.77
CA ALA C 123 -14.32 89.23 123.42
C ALA C 123 -13.55 88.11 124.15
N ALA C 124 -12.26 88.01 123.81
CA ALA C 124 -11.36 86.98 124.31
C ALA C 124 -10.70 87.35 125.64
N ILE C 125 -10.72 88.62 126.04
CA ILE C 125 -10.07 88.98 127.30
C ILE C 125 -11.10 89.25 128.36
N GLU C 126 -12.36 89.05 128.02
CA GLU C 126 -13.44 89.23 128.99
C GLU C 126 -13.19 88.66 130.40
N PRO C 127 -12.61 87.45 130.50
CA PRO C 127 -12.33 86.95 131.86
C PRO C 127 -11.21 87.65 132.60
N ASP C 128 -10.52 88.62 131.97
CA ASP C 128 -9.44 89.34 132.69
C ASP C 128 -9.98 90.60 133.31
N LEU C 129 -9.99 91.70 132.57
CA LEU C 129 -10.67 92.93 133.01
C LEU C 129 -10.55 93.33 134.47
N ALA C 130 -10.96 92.40 135.33
CA ALA C 130 -10.77 92.48 136.78
C ALA C 130 -9.36 92.95 137.02
N ALA C 131 -8.40 92.29 136.39
CA ALA C 131 -7.04 92.71 136.53
C ALA C 131 -6.89 94.12 136.00
N ILE C 132 -7.40 94.36 134.80
CA ILE C 132 -7.38 95.71 134.22
C ILE C 132 -7.96 96.80 135.07
N ARG C 133 -9.10 96.56 135.69
CA ARG C 133 -9.66 97.60 136.54
C ARG C 133 -8.88 97.72 137.82
N ASP C 134 -8.73 96.60 138.50
CA ASP C 134 -8.02 96.60 139.76
C ASP C 134 -6.49 96.79 139.63
N ALA C 135 -6.04 97.50 138.61
CA ALA C 135 -4.61 97.76 138.50
C ALA C 135 -4.31 99.27 138.21
N ARG C 136 -3.12 99.72 138.62
CA ARG C 136 -2.82 101.12 138.54
C ARG C 136 -2.29 101.41 137.18
N TYR C 137 -1.51 100.48 136.63
CA TYR C 137 -0.90 100.73 135.32
C TYR C 137 -1.12 99.57 134.27
N LEU C 138 -1.29 99.94 132.99
CA LEU C 138 -1.56 98.98 131.92
C LEU C 138 -0.79 99.35 130.66
N LEU C 139 0.12 98.46 130.29
CA LEU C 139 1.07 98.74 129.25
C LEU C 139 0.73 97.77 128.11
N MET C 140 0.72 98.24 126.85
CA MET C 140 0.29 97.45 125.68
C MET C 140 1.09 97.89 124.49
N GLN C 141 1.18 97.05 123.46
CA GLN C 141 1.78 97.49 122.19
C GLN C 141 0.90 97.03 121.02
N LEU C 142 1.38 97.08 119.80
CA LEU C 142 0.47 96.79 118.70
C LEU C 142 0.84 95.53 117.96
N GLU C 143 1.40 94.56 118.69
CA GLU C 143 1.75 93.28 118.08
C GLU C 143 0.64 92.31 118.41
N THR C 144 -0.47 92.83 118.91
CA THR C 144 -1.68 92.06 119.15
C THR C 144 -2.82 92.75 118.41
N PRO C 145 -4.00 92.12 118.33
CA PRO C 145 -5.11 92.76 117.60
C PRO C 145 -5.64 94.04 118.23
N LEU C 146 -6.02 94.97 117.36
CA LEU C 146 -6.55 96.27 117.73
C LEU C 146 -7.85 96.14 118.46
N ASP C 147 -8.76 95.35 117.91
CA ASP C 147 -10.06 95.11 118.52
C ASP C 147 -9.98 94.89 120.04
N GLY C 148 -8.93 94.21 120.50
CA GLY C 148 -8.75 93.90 121.90
C GLY C 148 -8.10 94.95 122.78
N ILE C 149 -7.06 95.59 122.24
CA ILE C 149 -6.40 96.76 122.82
C ILE C 149 -7.43 97.81 123.10
N LEU C 150 -8.23 98.09 122.08
CA LEU C 150 -9.32 99.03 122.17
C LEU C 150 -10.23 98.80 123.41
N LYS C 151 -10.26 97.59 123.95
CA LYS C 151 -11.08 97.31 125.14
C LYS C 151 -10.34 97.49 126.46
N ALA C 152 -9.05 97.12 126.48
CA ALA C 152 -8.17 97.27 127.64
C ALA C 152 -8.09 98.71 127.94
N ALA C 153 -7.81 99.47 126.90
CA ALA C 153 -7.75 100.90 127.03
C ALA C 153 -9.05 101.42 127.63
N GLN C 154 -10.21 101.16 127.05
CA GLN C 154 -11.44 101.68 127.67
C GLN C 154 -11.80 101.14 129.04
N GLU C 155 -11.62 99.85 129.27
CA GLU C 155 -12.08 99.27 130.53
C GLU C 155 -11.20 99.88 131.63
N ALA C 156 -9.97 100.23 131.27
CA ALA C 156 -9.06 100.90 132.20
C ALA C 156 -9.46 102.37 132.29
N LYS C 157 -9.56 103.00 131.12
CA LYS C 157 -9.99 104.38 130.96
C LYS C 157 -11.15 104.69 131.87
N THR C 158 -12.13 103.79 131.98
CA THR C 158 -13.26 104.14 132.81
C THR C 158 -13.14 103.41 134.14
N ALA C 159 -11.93 103.03 134.51
CA ALA C 159 -11.70 102.38 135.80
C ALA C 159 -10.56 103.04 136.53
N LYS C 160 -10.43 104.35 136.32
CA LYS C 160 -9.37 105.17 136.89
C LYS C 160 -8.01 104.49 136.86
N THR C 161 -7.62 103.90 135.75
CA THR C 161 -6.34 103.24 135.67
C THR C 161 -5.54 103.80 134.54
N ASN C 162 -4.30 104.18 134.86
CA ASN C 162 -3.36 104.78 133.90
C ASN C 162 -2.90 103.93 132.71
N VAL C 163 -3.35 104.30 131.51
CA VAL C 163 -3.09 103.56 130.28
C VAL C 163 -1.84 104.02 129.55
N ILE C 164 -0.80 103.19 129.47
CA ILE C 164 0.40 103.56 128.74
C ILE C 164 0.58 102.69 127.49
N LEU C 165 0.81 103.32 126.33
CA LEU C 165 0.79 102.58 125.08
C LEU C 165 1.97 102.86 124.19
N ASN C 166 2.83 101.88 124.05
CA ASN C 166 3.88 101.94 123.05
C ASN C 166 3.27 101.56 121.71
N PRO C 167 3.17 102.53 120.77
CA PRO C 167 2.44 102.36 119.51
C PRO C 167 3.24 101.51 118.55
N ALA C 168 3.93 100.49 119.08
CA ALA C 168 4.78 99.62 118.29
C ALA C 168 4.03 98.33 117.99
N PRO C 169 4.17 97.84 116.74
CA PRO C 169 5.02 98.42 115.70
C PRO C 169 4.29 99.56 115.03
N ALA C 170 4.99 100.47 114.38
CA ALA C 170 4.35 101.62 113.78
C ALA C 170 3.18 101.16 112.93
N ARG C 171 1.98 101.61 113.27
CA ARG C 171 0.80 101.26 112.50
C ARG C 171 -0.13 102.39 112.71
N GLU C 172 -1.23 102.44 111.99
CA GLU C 172 -2.12 103.57 112.21
C GLU C 172 -3.10 103.23 113.31
N LEU C 173 -3.11 104.08 114.34
CA LEU C 173 -4.01 103.90 115.46
C LEU C 173 -5.21 104.78 115.23
N PRO C 174 -6.37 104.31 115.67
CA PRO C 174 -7.69 104.92 115.44
C PRO C 174 -8.14 105.95 116.46
N ASP C 175 -7.43 107.07 116.57
CA ASP C 175 -7.86 108.24 117.32
C ASP C 175 -8.68 108.03 118.62
N GLU C 176 -9.84 107.41 118.50
CA GLU C 176 -10.71 107.13 119.66
C GLU C 176 -10.05 106.20 120.67
N LEU C 177 -8.89 105.69 120.30
CA LEU C 177 -8.11 104.83 121.14
C LEU C 177 -7.17 105.84 121.73
N LEU C 178 -6.61 106.66 120.83
CA LEU C 178 -5.73 107.74 121.24
C LEU C 178 -6.37 108.75 122.23
N LYS C 179 -7.70 108.74 122.33
CA LYS C 179 -8.42 109.54 123.31
C LYS C 179 -8.37 108.92 124.73
N CYS C 180 -7.86 107.70 124.84
CA CYS C 180 -7.85 106.99 126.12
C CYS C 180 -6.50 107.01 126.79
N VAL C 181 -5.53 106.49 126.07
CA VAL C 181 -4.16 106.36 126.54
C VAL C 181 -3.70 107.56 127.38
N ASP C 182 -3.06 107.31 128.51
CA ASP C 182 -2.68 108.39 129.38
C ASP C 182 -1.19 108.66 129.30
N LEU C 183 -0.53 107.91 128.44
CA LEU C 183 0.84 108.19 128.11
C LEU C 183 1.15 107.36 126.88
N ILE C 184 1.90 107.91 125.96
CA ILE C 184 2.29 107.18 124.74
C ILE C 184 3.80 107.40 124.55
N THR C 185 4.51 106.37 124.11
CA THR C 185 5.95 106.46 124.06
C THR C 185 6.60 106.03 122.74
N PRO C 186 6.17 106.61 121.61
CA PRO C 186 6.67 106.18 120.30
C PRO C 186 8.15 106.50 120.04
N ASN C 187 8.55 106.28 118.80
CA ASN C 187 9.88 106.66 118.35
C ASN C 187 9.77 107.64 117.18
N GLU C 188 10.92 108.15 116.75
CA GLU C 188 11.02 109.07 115.63
C GLU C 188 10.20 108.56 114.46
N THR C 189 10.39 107.27 114.17
CA THR C 189 9.78 106.63 113.03
C THR C 189 8.28 106.41 113.28
N GLU C 190 7.93 106.19 114.55
CA GLU C 190 6.54 106.00 114.95
C GLU C 190 5.74 107.30 115.07
N ALA C 191 6.34 108.44 114.77
CA ALA C 191 5.63 109.71 114.94
C ALA C 191 5.12 110.40 113.67
N GLU C 192 5.95 110.60 112.66
CA GLU C 192 5.44 111.22 111.44
C GLU C 192 4.41 110.31 110.82
N VAL C 193 4.67 109.01 110.97
CA VAL C 193 3.79 107.95 110.53
C VAL C 193 2.48 107.78 111.34
N LEU C 194 2.21 108.68 112.28
CA LEU C 194 1.03 108.57 113.14
C LEU C 194 0.50 109.97 113.44
N THR C 195 1.34 110.97 113.20
CA THR C 195 0.96 112.34 113.50
C THR C 195 0.82 113.10 112.20
N GLY C 196 1.66 112.76 111.25
CA GLY C 196 1.61 113.40 109.95
C GLY C 196 2.72 114.42 109.79
N ILE C 197 3.58 114.53 110.80
CA ILE C 197 4.61 115.56 110.78
C ILE C 197 5.93 115.02 110.20
N THR C 198 7.04 115.27 110.88
CA THR C 198 8.39 114.89 110.42
C THR C 198 9.41 115.15 111.54
N VAL C 199 9.48 114.27 112.52
CA VAL C 199 10.45 114.46 113.61
C VAL C 199 11.86 114.34 113.05
N TYR C 200 12.56 115.48 113.01
CA TYR C 200 13.92 115.56 112.48
C TYR C 200 14.86 116.17 113.51
N ASP C 201 14.32 116.95 114.45
CA ASP C 201 15.16 117.52 115.48
C ASP C 201 14.42 117.60 116.82
N ASP C 202 14.52 118.77 117.43
CA ASP C 202 13.92 119.03 118.70
C ASP C 202 12.92 120.16 118.55
N SER C 203 12.41 120.36 117.33
CA SER C 203 11.47 121.45 117.10
C SER C 203 10.17 120.93 116.48
N SER C 204 10.30 120.07 115.48
CA SER C 204 9.14 119.40 114.88
C SER C 204 8.69 118.34 115.85
N ALA C 205 9.59 118.05 116.79
CA ALA C 205 9.35 117.06 117.83
C ALA C 205 8.22 117.56 118.69
N GLN C 206 8.14 118.87 118.86
CA GLN C 206 6.98 119.44 119.53
C GLN C 206 5.79 119.43 118.60
N GLN C 207 6.02 119.68 117.31
CA GLN C 207 4.92 119.79 116.37
C GLN C 207 4.21 118.45 116.26
N ALA C 208 5.01 117.38 116.22
CA ALA C 208 4.48 116.01 116.20
C ALA C 208 3.73 115.71 117.49
N ALA C 209 4.42 115.93 118.61
CA ALA C 209 3.80 115.81 119.92
C ALA C 209 2.51 116.64 119.92
N ASP C 210 2.64 117.96 119.75
CA ASP C 210 1.49 118.85 119.57
C ASP C 210 0.38 118.32 118.64
N ALA C 211 0.76 117.74 117.50
CA ALA C 211 -0.22 117.14 116.58
C ALA C 211 -1.02 116.11 117.35
N LEU C 212 -0.32 115.31 118.16
CA LEU C 212 -0.95 114.43 119.15
C LEU C 212 -1.67 115.31 120.16
N HIS C 213 -1.61 114.94 121.44
CA HIS C 213 -2.22 115.73 122.55
C HIS C 213 -3.68 116.11 122.24
N CYS C 214 -3.88 116.66 121.05
CA CYS C 214 -5.18 117.08 120.56
C CYS C 214 -6.04 115.83 120.35
N LYS C 215 -5.41 114.66 120.40
CA LYS C 215 -6.10 113.39 120.24
C LYS C 215 -6.39 112.80 121.60
N GLY C 216 -6.20 113.62 122.64
CA GLY C 216 -6.57 113.28 124.01
C GLY C 216 -5.44 112.80 124.90
N ILE C 217 -4.21 112.87 124.42
CA ILE C 217 -3.09 112.35 125.18
C ILE C 217 -2.28 113.40 125.92
N GLU C 218 -2.13 113.20 127.22
CA GLU C 218 -1.44 114.14 128.08
C GLU C 218 0.07 114.18 127.84
N ILE C 219 0.72 113.06 128.13
CA ILE C 219 2.18 112.98 128.10
C ILE C 219 2.70 112.22 126.85
N VAL C 220 3.69 112.77 126.15
CA VAL C 220 4.15 112.16 124.92
C VAL C 220 5.66 112.03 124.86
N ILE C 221 6.19 110.82 124.80
CA ILE C 221 7.65 110.64 124.81
C ILE C 221 8.24 110.06 123.52
N ILE C 222 8.65 110.91 122.59
CA ILE C 222 9.26 110.43 121.37
C ILE C 222 10.72 110.12 121.58
N THR C 223 11.05 108.84 121.65
CA THR C 223 12.43 108.43 121.80
C THR C 223 13.21 108.68 120.51
N LEU C 224 14.39 109.29 120.63
CA LEU C 224 15.20 109.65 119.47
C LEU C 224 16.57 109.00 119.38
N GLY C 225 16.75 107.80 119.91
CA GLY C 225 18.04 107.14 119.83
C GLY C 225 19.17 107.85 120.53
N SER C 226 20.21 108.25 119.77
CA SER C 226 21.39 108.89 120.36
C SER C 226 21.06 110.23 121.06
N LYS C 227 20.03 110.91 120.57
CA LYS C 227 19.65 112.20 121.13
C LYS C 227 18.90 111.79 122.38
N GLY C 228 18.17 110.69 122.25
CA GLY C 228 17.51 110.05 123.37
C GLY C 228 16.00 109.96 123.35
N VAL C 229 15.40 110.95 124.00
CA VAL C 229 13.98 110.96 124.24
C VAL C 229 13.50 112.39 124.26
N TRP C 230 12.38 112.65 123.59
CA TRP C 230 11.81 113.98 123.64
C TRP C 230 10.48 114.00 124.35
N LEU C 231 10.46 114.50 125.59
CA LEU C 231 9.24 114.57 126.42
C LEU C 231 8.41 115.84 126.20
N SER C 232 7.09 115.73 126.33
CA SER C 232 6.22 116.90 126.17
C SER C 232 4.92 116.87 126.98
N GLN C 233 4.90 117.60 128.10
CA GLN C 233 3.69 117.72 128.92
C GLN C 233 2.72 118.75 128.35
N ASN C 234 1.45 118.63 128.73
CA ASN C 234 0.28 119.37 128.20
C ASN C 234 0.49 120.33 127.00
N GLY C 235 1.52 120.09 126.20
CA GLY C 235 1.88 120.95 125.09
C GLY C 235 3.16 121.72 125.40
N ARG C 236 3.89 121.30 126.43
CA ARG C 236 5.17 121.92 126.79
C ARG C 236 6.26 120.88 126.60
N GLY C 237 7.11 121.09 125.61
CA GLY C 237 8.13 120.12 125.25
C GLY C 237 9.43 120.31 126.01
N GLN C 238 10.38 119.41 125.76
CA GLN C 238 11.70 119.50 126.38
C GLN C 238 12.64 118.58 125.62
N ARG C 239 13.94 118.70 125.84
CA ARG C 239 14.86 117.69 125.32
C ARG C 239 15.61 117.05 126.48
N ILE C 240 15.71 115.72 126.46
CA ILE C 240 16.47 114.98 127.44
C ILE C 240 17.49 114.08 126.76
N PRO C 241 18.78 114.37 126.98
CA PRO C 241 19.81 113.54 126.34
C PRO C 241 19.82 112.17 126.95
N GLY C 242 20.07 111.15 126.13
CA GLY C 242 20.08 109.79 126.60
C GLY C 242 21.26 109.42 127.47
N PHE C 243 21.86 108.28 127.17
CA PHE C 243 22.97 107.83 127.97
C PHE C 243 24.15 107.44 127.10
N VAL C 244 25.31 107.33 127.74
CA VAL C 244 26.53 106.92 127.05
C VAL C 244 26.26 105.50 126.56
N VAL C 245 26.64 105.22 125.33
CA VAL C 245 26.27 103.97 124.68
C VAL C 245 27.39 103.32 123.90
N LYS C 246 27.24 102.03 123.62
CA LYS C 246 28.09 101.34 122.65
C LYS C 246 27.04 100.77 121.70
N ALA C 247 26.74 101.53 120.65
CA ALA C 247 25.53 101.26 119.86
C ALA C 247 25.63 99.90 119.19
N THR C 248 24.87 98.93 119.70
CA THR C 248 24.93 97.61 119.11
C THR C 248 23.55 96.99 118.83
N ASP C 249 22.89 96.52 119.89
CA ASP C 249 21.62 95.81 119.72
C ASP C 249 20.37 96.65 120.01
N THR C 250 19.72 97.04 118.92
CA THR C 250 18.75 98.11 118.80
C THR C 250 17.48 98.11 119.66
N THR C 251 16.33 98.24 119.00
CA THR C 251 15.04 98.56 119.64
C THR C 251 14.60 97.63 120.78
N ALA C 252 15.27 96.50 120.91
CA ALA C 252 14.85 95.49 121.88
C ALA C 252 15.27 95.99 123.25
N ALA C 253 16.21 96.93 123.23
CA ALA C 253 16.73 97.61 124.40
C ALA C 253 16.04 98.97 124.44
N GLY C 254 14.86 99.00 123.84
CA GLY C 254 13.93 100.08 123.98
C GLY C 254 12.71 99.53 124.70
N ASP C 255 12.72 98.22 124.97
CA ASP C 255 11.62 97.64 125.72
C ASP C 255 11.90 97.60 127.19
N THR C 256 13.16 97.51 127.59
CA THR C 256 13.44 97.60 129.00
C THR C 256 13.10 99.03 129.34
N PHE C 257 13.43 99.98 128.45
CA PHE C 257 12.96 101.37 128.56
C PHE C 257 11.46 101.44 128.87
N ASN C 258 10.60 101.00 127.96
CA ASN C 258 9.18 101.06 128.28
C ASN C 258 8.83 100.26 129.53
N GLY C 259 9.46 99.11 129.72
CA GLY C 259 9.12 98.25 130.82
C GLY C 259 9.53 98.84 132.15
N ALA C 260 10.72 99.40 132.18
CA ALA C 260 11.28 99.96 133.40
C ALA C 260 10.68 101.33 133.70
N LEU C 261 10.54 102.17 132.67
CA LEU C 261 9.98 103.52 132.82
C LEU C 261 8.69 103.53 133.60
N VAL C 262 7.86 102.52 133.31
CA VAL C 262 6.59 102.33 134.00
C VAL C 262 6.83 101.69 135.39
N THR C 263 7.89 100.90 135.50
CA THR C 263 8.29 100.37 136.80
C THR C 263 8.71 101.58 137.63
N GLY C 264 9.25 102.58 136.92
CA GLY C 264 9.55 103.89 137.49
C GLY C 264 8.27 104.52 138.01
N LEU C 265 7.38 104.86 137.08
CA LEU C 265 6.10 105.47 137.41
C LEU C 265 5.30 104.71 138.50
N LEU C 266 5.45 103.38 138.55
CA LEU C 266 4.70 102.59 139.53
C LEU C 266 5.13 102.99 140.94
N GLN C 267 6.42 103.24 141.09
CA GLN C 267 7.01 103.55 142.38
C GLN C 267 7.01 105.04 142.64
N GLU C 268 6.15 105.76 141.91
CA GLU C 268 5.83 107.19 142.11
C GLU C 268 6.95 108.22 141.79
N MET C 269 8.07 107.77 141.23
CA MET C 269 9.14 108.68 140.77
C MET C 269 8.55 109.75 139.87
N PRO C 270 9.13 110.95 139.89
CA PRO C 270 8.59 111.99 139.00
C PRO C 270 9.03 111.76 137.57
N LEU C 271 8.19 112.13 136.62
CA LEU C 271 8.44 111.86 135.21
C LEU C 271 9.87 112.06 134.73
N GLU C 272 10.43 113.26 134.90
CA GLU C 272 11.81 113.53 134.47
C GLU C 272 12.78 112.53 135.10
N SER C 273 12.44 112.00 136.27
CA SER C 273 13.31 111.06 136.95
C SER C 273 13.17 109.75 136.24
N ALA C 274 12.03 109.10 136.43
CA ALA C 274 11.72 107.81 135.81
C ALA C 274 12.33 107.60 134.41
N ILE C 275 12.30 108.63 133.56
CA ILE C 275 12.99 108.60 132.25
C ILE C 275 14.50 108.35 132.37
N LYS C 276 15.12 108.84 133.43
CA LYS C 276 16.54 108.59 133.60
C LYS C 276 16.72 107.11 133.99
N PHE C 277 15.86 106.62 134.89
CA PHE C 277 15.77 105.19 135.22
C PHE C 277 15.60 104.36 133.96
N ALA C 278 14.59 104.73 133.15
CA ALA C 278 14.36 104.17 131.82
C ALA C 278 15.61 104.16 130.93
N HIS C 279 16.23 105.32 130.82
CA HIS C 279 17.47 105.45 130.07
C HIS C 279 18.53 104.45 130.52
N ALA C 280 18.55 104.10 131.81
CA ALA C 280 19.56 103.19 132.33
C ALA C 280 19.30 101.78 131.90
N ALA C 281 18.15 101.27 132.33
CA ALA C 281 17.70 99.92 132.01
C ALA C 281 17.92 99.66 130.54
N ALA C 282 17.56 100.63 129.70
CA ALA C 282 17.77 100.51 128.27
C ALA C 282 19.25 100.49 127.92
N ALA C 283 19.97 101.51 128.38
CA ALA C 283 21.38 101.64 128.08
C ALA C 283 22.19 100.53 128.73
N ILE C 284 21.75 100.05 129.89
CA ILE C 284 22.44 98.94 130.53
C ILE C 284 22.06 97.61 129.89
N SER C 285 21.18 97.65 128.89
CA SER C 285 20.79 96.41 128.21
C SER C 285 21.42 96.27 126.82
N VAL C 286 21.53 97.39 126.07
CA VAL C 286 22.14 97.36 124.72
C VAL C 286 23.41 96.52 124.74
N THR C 287 24.50 97.09 125.26
CA THR C 287 25.78 96.41 125.49
C THR C 287 25.95 95.01 124.92
N ARG C 288 25.11 94.10 125.42
CA ARG C 288 25.07 92.69 124.99
C ARG C 288 23.74 92.31 124.32
N PHE C 289 23.80 91.70 123.13
CA PHE C 289 22.60 91.36 122.36
C PHE C 289 21.60 90.50 123.17
N GLY C 290 20.36 90.45 122.72
CA GLY C 290 19.31 89.69 123.38
C GLY C 290 18.30 90.63 124.02
N ALA C 291 17.06 90.18 124.12
CA ALA C 291 15.98 91.04 124.64
C ALA C 291 15.26 90.49 125.85
N GLN C 292 15.63 89.30 126.32
CA GLN C 292 14.92 88.71 127.45
C GLN C 292 15.79 88.15 128.60
N THR C 293 17.10 88.36 128.51
CA THR C 293 18.01 88.09 129.62
C THR C 293 19.35 88.73 129.25
N SER C 294 19.29 89.69 128.32
CA SER C 294 20.26 90.76 128.29
C SER C 294 19.76 91.59 129.46
N ILE C 295 18.42 91.73 129.50
CA ILE C 295 17.65 92.43 130.53
C ILE C 295 18.17 92.29 131.96
N PRO C 296 18.55 93.42 132.60
CA PRO C 296 19.23 93.38 133.89
C PRO C 296 18.23 93.42 135.07
N THR C 297 18.66 93.10 136.29
CA THR C 297 17.76 93.14 137.43
C THR C 297 17.82 94.51 138.09
N ARG C 298 17.03 94.74 139.14
CA ARG C 298 17.00 96.06 139.76
C ARG C 298 18.31 96.66 140.20
N ALA C 299 18.97 96.04 141.16
CA ALA C 299 20.22 96.56 141.69
C ALA C 299 21.19 96.94 140.56
N GLU C 300 21.33 96.02 139.61
CA GLU C 300 22.22 96.20 138.48
C GLU C 300 21.74 97.41 137.67
N VAL C 301 20.41 97.56 137.54
CA VAL C 301 19.88 98.80 136.93
C VAL C 301 20.15 99.95 137.88
N GLU C 302 19.98 99.74 139.18
CA GLU C 302 20.19 100.82 140.14
C GLU C 302 21.64 101.28 140.21
N ALA C 303 22.50 100.44 140.79
CA ALA C 303 23.89 100.78 141.02
C ALA C 303 24.42 101.66 139.91
N PHE C 304 24.10 101.29 138.68
CA PHE C 304 24.51 102.01 137.47
C PHE C 304 24.17 103.49 137.47
N LEU C 305 22.93 103.83 137.78
CA LEU C 305 22.49 105.22 137.84
C LEU C 305 23.41 106.06 138.72
N ALA C 306 23.78 105.48 139.86
CA ALA C 306 24.72 106.11 140.79
C ALA C 306 26.08 106.37 140.15
N GLU C 307 26.65 105.33 139.54
CA GLU C 307 28.00 105.35 139.00
C GLU C 307 28.19 106.42 137.95
N HIS C 308 27.09 107.00 137.49
CA HIS C 308 27.16 108.00 136.45
C HIS C 308 26.78 109.36 136.99
N SER C 309 27.04 110.37 136.16
CA SER C 309 26.75 111.79 136.44
C SER C 309 27.43 112.69 135.39
N MET D 4 19.86 43.49 114.33
CA MET D 4 20.58 43.86 113.10
C MET D 4 19.67 43.89 111.87
N ASN D 5 19.22 45.08 111.50
CA ASN D 5 18.22 45.19 110.44
C ASN D 5 18.85 45.13 109.07
N LYS D 6 18.06 44.64 108.12
CA LYS D 6 18.54 44.36 106.79
C LYS D 6 18.87 45.63 106.06
N LEU D 7 18.09 46.69 106.28
CA LEU D 7 18.36 47.96 105.59
C LEU D 7 18.75 49.12 106.52
N VAL D 8 19.70 49.95 106.08
CA VAL D 8 20.20 51.08 106.86
C VAL D 8 20.24 52.36 106.02
N VAL D 9 19.63 53.41 106.56
CA VAL D 9 19.69 54.73 105.95
C VAL D 9 20.57 55.61 106.80
N LEU D 10 21.32 56.49 106.14
CA LEU D 10 22.23 57.43 106.80
C LEU D 10 21.92 58.80 106.23
N GLY D 11 21.41 59.69 107.05
CA GLY D 11 21.16 61.02 106.52
C GLY D 11 20.70 62.12 107.44
N SER D 12 20.18 63.15 106.82
CA SER D 12 19.83 64.33 107.54
C SER D 12 18.44 64.15 108.08
N VAL D 13 18.18 64.67 109.27
CA VAL D 13 16.81 64.95 109.70
C VAL D 13 16.72 66.50 109.82
N ASN D 14 15.59 67.09 109.44
CA ASN D 14 15.45 68.56 109.45
C ASN D 14 14.10 68.94 110.06
N ALA D 15 13.91 70.23 110.36
CA ALA D 15 12.56 70.69 110.62
C ALA D 15 12.36 71.72 109.54
N ASP D 16 11.25 71.59 108.81
CA ASP D 16 10.93 72.51 107.73
C ASP D 16 9.97 73.55 108.27
N HIS D 17 10.51 74.75 108.47
CA HIS D 17 9.77 75.85 109.05
C HIS D 17 9.11 76.60 107.92
N VAL D 18 7.83 76.32 107.73
CA VAL D 18 7.09 76.84 106.58
C VAL D 18 6.08 77.92 106.97
N LEU D 19 6.13 78.98 106.17
CA LEU D 19 5.33 80.17 106.33
C LEU D 19 5.07 80.81 104.98
N GLN D 20 3.82 81.15 104.68
CA GLN D 20 3.51 81.85 103.43
C GLN D 20 3.38 83.34 103.59
N VAL D 21 4.13 84.07 102.77
CA VAL D 21 4.17 85.53 102.85
C VAL D 21 3.52 86.13 101.59
N PRO D 22 3.04 87.38 101.67
CA PRO D 22 2.34 87.87 100.47
C PRO D 22 3.29 88.22 99.35
N SER D 23 4.37 88.92 99.66
CA SER D 23 5.31 89.30 98.62
C SER D 23 6.63 88.55 98.82
N PHE D 24 7.75 89.25 98.83
CA PHE D 24 9.05 88.61 98.97
C PHE D 24 10.01 89.65 99.51
N PRO D 25 10.72 89.34 100.62
CA PRO D 25 11.53 90.42 101.19
C PRO D 25 12.82 90.76 100.43
N ARG D 26 12.93 92.04 100.04
CA ARG D 26 14.14 92.58 99.45
C ARG D 26 14.69 93.28 100.69
N PRO D 27 15.94 93.79 100.66
CA PRO D 27 16.46 94.22 101.97
C PRO D 27 15.62 95.30 102.68
N GLY D 28 16.10 95.67 103.86
CA GLY D 28 15.41 96.66 104.67
C GLY D 28 14.18 96.14 105.41
N GLU D 29 13.00 96.51 104.92
CA GLU D 29 11.77 96.35 105.71
C GLU D 29 11.00 95.04 105.53
N THR D 30 9.99 94.84 106.39
CA THR D 30 9.32 93.55 106.63
C THR D 30 7.95 93.25 106.02
N LEU D 31 7.65 91.95 105.97
CA LEU D 31 6.39 91.42 105.43
C LEU D 31 5.74 90.46 106.43
N HIS D 32 4.42 90.54 106.55
CA HIS D 32 3.74 89.66 107.49
C HIS D 32 3.22 88.42 106.79
N GLY D 33 3.63 87.26 107.31
CA GLY D 33 3.33 86.00 106.68
C GLY D 33 2.37 85.23 107.55
N ARG D 34 1.96 84.04 107.12
CA ARG D 34 0.89 83.34 107.82
C ARG D 34 1.02 81.84 107.88
N ASN D 35 0.13 81.24 108.66
CA ASN D 35 0.04 79.80 108.82
C ASN D 35 1.39 79.12 108.98
N TYR D 36 2.13 79.51 109.99
CA TYR D 36 3.40 78.88 110.30
C TYR D 36 3.17 77.48 110.81
N GLN D 37 3.87 76.52 110.21
CA GLN D 37 3.81 75.12 110.65
C GLN D 37 5.22 74.52 110.59
N VAL D 38 5.47 73.57 111.48
CA VAL D 38 6.76 72.88 111.53
C VAL D 38 6.52 71.50 110.95
N ILE D 39 7.18 71.24 109.83
CA ILE D 39 7.00 70.02 109.06
C ILE D 39 8.26 69.24 109.24
N PRO D 40 8.16 67.99 109.77
CA PRO D 40 9.33 67.13 109.93
C PRO D 40 9.88 66.77 108.55
N GLY D 41 11.19 66.76 108.34
CA GLY D 41 11.70 66.62 106.98
C GLY D 41 13.12 66.13 106.88
N GLY D 42 13.78 66.50 105.78
CA GLY D 42 15.18 66.15 105.57
C GLY D 42 15.39 64.85 104.83
N LYS D 43 16.31 64.81 103.85
CA LYS D 43 16.52 63.63 102.99
C LYS D 43 16.50 62.32 103.74
N GLY D 44 17.54 62.07 104.53
CA GLY D 44 17.62 60.88 105.36
C GLY D 44 16.41 60.40 106.15
N ALA D 45 15.52 61.28 106.59
CA ALA D 45 14.39 60.84 107.41
C ALA D 45 13.19 60.49 106.55
N ASN D 46 12.94 61.31 105.55
CA ASN D 46 11.94 61.03 104.55
C ASN D 46 12.15 59.67 103.93
N GLN D 47 13.38 59.42 103.52
CA GLN D 47 13.75 58.17 102.89
C GLN D 47 13.69 56.97 103.82
N ALA D 48 14.06 57.15 105.08
CA ALA D 48 14.05 56.05 106.01
C ALA D 48 12.67 55.77 106.53
N VAL D 49 11.82 56.79 106.56
CA VAL D 49 10.45 56.56 107.01
C VAL D 49 9.64 55.81 105.96
N ALA D 50 9.84 56.15 104.69
CA ALA D 50 9.20 55.43 103.58
C ALA D 50 9.65 53.98 103.59
N ALA D 51 10.96 53.76 103.73
CA ALA D 51 11.47 52.39 103.82
C ALA D 51 10.65 51.58 104.80
N ALA D 52 10.44 52.14 105.98
CA ALA D 52 9.66 51.50 107.02
C ALA D 52 8.17 51.31 106.66
N ARG D 53 7.60 52.27 105.93
CA ARG D 53 6.20 52.23 105.56
C ARG D 53 6.04 51.14 104.52
N MET D 54 7.13 50.82 103.84
CA MET D 54 7.19 49.66 102.93
C MET D 54 7.68 48.43 103.67
N GLN D 55 7.45 48.43 104.97
CA GLN D 55 7.75 47.28 105.81
C GLN D 55 9.12 46.63 105.68
N ALA D 56 10.21 47.37 105.65
CA ALA D 56 11.49 46.70 105.72
C ALA D 56 12.01 46.82 107.15
N ASP D 57 13.00 46.01 107.50
CA ASP D 57 13.70 46.10 108.78
C ASP D 57 14.76 47.12 108.57
N VAL D 58 14.44 48.37 108.91
CA VAL D 58 15.28 49.53 108.63
C VAL D 58 15.84 50.16 109.90
N GLY D 59 17.11 50.58 109.85
CA GLY D 59 17.72 51.28 110.97
C GLY D 59 18.19 52.67 110.60
N PHE D 60 18.16 53.58 111.56
CA PHE D 60 18.47 54.96 111.22
C PHE D 60 19.79 55.41 111.82
N ILE D 61 20.58 56.08 111.01
CA ILE D 61 21.85 56.62 111.40
C ILE D 61 21.69 58.09 111.03
N ALA D 62 21.52 58.92 112.04
CA ALA D 62 21.31 60.35 111.87
C ALA D 62 21.70 61.10 113.15
N CYS D 63 21.74 62.42 113.04
CA CYS D 63 22.03 63.24 114.19
C CYS D 63 20.88 64.17 114.47
N VAL D 64 20.38 64.11 115.68
CA VAL D 64 19.43 65.12 116.11
C VAL D 64 20.09 65.89 117.24
N GLY D 65 19.51 67.04 117.57
CA GLY D 65 19.96 67.83 118.70
C GLY D 65 18.98 67.49 119.80
N ASP D 66 19.21 67.95 121.02
CA ASP D 66 18.27 67.66 122.09
C ASP D 66 17.15 68.70 122.21
N ASP D 67 16.93 69.49 121.16
CA ASP D 67 15.87 70.49 121.23
C ASP D 67 14.53 69.83 121.50
N SER D 68 13.58 70.62 122.01
CA SER D 68 12.26 70.13 122.38
C SER D 68 11.74 69.41 121.15
N PHE D 69 12.19 69.88 119.98
CA PHE D 69 12.00 69.17 118.73
C PHE D 69 12.67 67.77 118.70
N GLY D 70 13.93 67.73 118.29
CA GLY D 70 14.70 66.52 118.10
C GLY D 70 14.54 65.29 118.99
N ILE D 71 14.30 65.49 120.28
CA ILE D 71 14.24 64.35 121.21
C ILE D 71 13.04 63.56 120.73
N ASN D 72 12.02 64.33 120.39
CA ASN D 72 10.74 63.81 120.00
C ASN D 72 10.78 63.09 118.67
N ILE D 73 11.16 63.80 117.61
CA ILE D 73 11.13 63.24 116.25
C ILE D 73 11.73 61.83 116.14
N ARG D 74 12.82 61.57 116.86
CA ARG D 74 13.42 60.24 116.89
C ARG D 74 12.50 59.22 117.58
N GLU D 75 11.55 59.70 118.37
CA GLU D 75 10.65 58.79 119.06
C GLU D 75 9.45 58.44 118.20
N SER D 76 9.13 59.33 117.27
CA SER D 76 8.06 59.10 116.31
C SER D 76 8.46 57.94 115.43
N PHE D 77 9.75 57.87 115.17
CA PHE D 77 10.40 56.84 114.37
C PHE D 77 10.12 55.41 114.85
N LYS D 78 10.16 55.21 116.16
CA LYS D 78 9.85 53.92 116.75
C LYS D 78 8.46 53.47 116.37
N LEU D 79 7.58 54.43 116.08
CA LEU D 79 6.23 54.11 115.66
C LEU D 79 6.09 53.84 114.16
N ASP D 80 7.19 53.86 113.43
CA ASP D 80 7.15 53.42 112.04
C ASP D 80 8.01 52.17 111.85
N GLY D 81 8.55 51.65 112.95
CA GLY D 81 9.33 50.42 112.91
C GLY D 81 10.81 50.63 112.67
N ILE D 82 11.24 51.89 112.77
CA ILE D 82 12.65 52.29 112.59
C ILE D 82 13.52 52.14 113.84
N ASN D 83 14.67 51.51 113.70
CA ASN D 83 15.58 51.35 114.82
C ASN D 83 16.42 52.60 115.09
N THR D 84 16.09 53.31 116.18
CA THR D 84 16.76 54.59 116.50
C THR D 84 18.04 54.42 117.32
N ALA D 85 18.40 53.17 117.59
CA ALA D 85 19.65 52.85 118.24
C ALA D 85 20.75 53.68 117.64
N GLY D 86 20.72 53.83 116.32
CA GLY D 86 21.73 54.60 115.65
C GLY D 86 21.35 56.05 115.45
N VAL D 87 20.26 56.49 116.06
CA VAL D 87 19.97 57.93 116.06
C VAL D 87 20.51 58.62 117.30
N LYS D 88 21.50 59.48 117.09
CA LYS D 88 22.16 60.18 118.20
C LYS D 88 21.62 61.62 118.40
N LEU D 89 21.45 62.02 119.67
CA LEU D 89 21.04 63.39 120.04
C LEU D 89 22.34 64.10 120.29
N GLN D 90 22.63 65.17 119.55
CA GLN D 90 23.88 65.82 119.82
C GLN D 90 23.60 66.94 120.81
N PRO D 91 24.34 66.92 121.95
CA PRO D 91 24.11 67.88 123.05
C PRO D 91 24.68 69.22 122.70
N ASN D 92 24.08 70.31 123.20
CA ASN D 92 24.49 71.68 122.93
C ASN D 92 24.05 72.23 121.58
N CYS D 93 23.32 71.46 120.80
CA CYS D 93 23.18 71.77 119.37
C CYS D 93 21.72 71.71 118.94
N PRO D 94 21.25 72.66 118.12
CA PRO D 94 19.85 72.41 117.81
C PRO D 94 19.78 71.50 116.58
N THR D 95 18.62 70.97 116.23
CA THR D 95 18.54 70.01 115.12
C THR D 95 18.60 70.71 113.79
N GLY D 96 18.51 69.93 112.71
CA GLY D 96 18.62 70.49 111.37
C GLY D 96 17.44 71.42 111.21
N ILE D 97 17.47 72.27 110.19
CA ILE D 97 16.44 73.31 110.06
C ILE D 97 16.12 73.66 108.59
N ALA D 98 15.00 74.35 108.36
CA ALA D 98 14.64 74.88 107.05
C ALA D 98 13.78 76.14 107.18
N MET D 99 14.15 77.23 106.56
CA MET D 99 13.26 78.36 106.66
C MET D 99 12.62 78.70 105.34
N ILE D 100 11.39 78.22 105.13
CA ILE D 100 10.76 78.29 103.81
C ILE D 100 9.59 79.26 103.83
N GLN D 101 9.84 80.43 103.26
CA GLN D 101 8.81 81.44 103.10
C GLN D 101 8.22 81.36 101.70
N VAL D 102 6.94 81.08 101.64
CA VAL D 102 6.26 80.86 100.38
C VAL D 102 5.60 82.09 99.82
N SER D 103 6.12 82.50 98.68
CA SER D 103 5.57 83.55 97.87
C SER D 103 5.22 82.81 96.58
N ASP D 104 3.97 82.38 96.33
CA ASP D 104 2.72 82.93 96.88
C ASP D 104 2.72 84.40 96.44
N SER D 105 2.38 84.56 95.15
CA SER D 105 2.60 85.74 94.30
C SER D 105 3.92 85.57 93.57
N GLY D 106 4.27 84.33 93.28
CA GLY D 106 5.48 84.02 92.54
C GLY D 106 6.16 82.78 93.09
N GLU D 107 7.47 82.83 93.29
CA GLU D 107 8.20 81.70 93.83
C GLU D 107 8.88 82.05 95.15
N ASN D 108 9.52 81.08 95.78
CA ASN D 108 10.05 81.22 97.14
C ASN D 108 11.55 81.29 97.33
N SER D 109 11.93 81.63 98.55
CA SER D 109 13.33 81.71 98.98
C SER D 109 13.58 80.78 100.16
N ILE D 110 14.47 79.81 99.93
CA ILE D 110 14.78 78.75 100.88
C ILE D 110 16.11 78.93 101.59
N CYS D 111 16.08 78.76 102.90
CA CYS D 111 17.28 78.85 103.71
C CYS D 111 17.33 77.68 104.67
N ILE D 112 18.37 76.87 104.57
CA ILE D 112 18.51 75.68 105.42
C ILE D 112 19.79 75.85 106.22
N SER D 113 19.82 75.38 107.47
CA SER D 113 21.11 75.31 108.13
C SER D 113 21.31 73.88 108.55
N ALA D 114 22.54 73.41 108.39
CA ALA D 114 22.84 72.03 108.69
C ALA D 114 22.84 71.71 110.18
N GLU D 115 22.72 72.74 111.03
CA GLU D 115 22.84 72.64 112.52
C GLU D 115 23.40 71.34 113.15
N ALA D 116 22.54 70.49 113.71
CA ALA D 116 23.03 69.25 114.33
C ALA D 116 23.51 68.26 113.29
N ASN D 117 23.03 68.41 112.06
CA ASN D 117 23.39 67.47 110.99
C ASN D 117 24.87 67.52 110.64
N ALA D 118 25.55 68.60 111.04
CA ALA D 118 26.96 68.72 110.74
C ALA D 118 27.77 67.90 111.70
N LYS D 119 27.15 67.30 112.72
CA LYS D 119 27.89 66.50 113.69
C LYS D 119 28.04 65.01 113.33
N LEU D 120 27.53 64.61 112.18
CA LEU D 120 27.72 63.24 111.75
C LEU D 120 29.05 63.09 111.01
N THR D 121 30.13 63.21 111.77
CA THR D 121 31.49 63.15 111.22
C THR D 121 31.89 61.69 110.93
N ALA D 122 33.10 61.51 110.38
CA ALA D 122 33.67 60.20 110.14
C ALA D 122 33.54 59.31 111.37
N ALA D 123 34.39 59.54 112.36
CA ALA D 123 34.44 58.66 113.53
C ALA D 123 33.27 58.93 114.46
N ALA D 124 32.24 59.59 113.95
CA ALA D 124 31.06 59.86 114.74
C ALA D 124 30.17 58.65 114.69
N ILE D 125 30.43 57.79 113.71
CA ILE D 125 29.57 56.64 113.48
C ILE D 125 30.19 55.30 113.82
N GLU D 126 31.38 55.32 114.42
CA GLU D 126 32.08 54.10 114.86
C GLU D 126 31.25 53.04 115.56
N PRO D 127 30.32 53.43 116.46
CA PRO D 127 29.51 52.35 117.04
C PRO D 127 28.45 51.87 116.05
N ASP D 128 28.24 52.61 114.97
CA ASP D 128 27.19 52.31 114.01
C ASP D 128 27.72 51.50 112.82
N LEU D 129 29.03 51.53 112.60
CA LEU D 129 29.64 50.66 111.60
C LEU D 129 29.15 49.23 111.70
N ALA D 130 29.57 48.47 112.72
CA ALA D 130 29.06 47.11 112.98
C ALA D 130 27.54 46.99 112.92
N ALA D 131 26.93 47.65 111.94
CA ALA D 131 25.52 47.60 111.62
C ALA D 131 25.55 47.71 110.12
N ILE D 132 26.42 48.58 109.63
CA ILE D 132 26.68 48.66 108.21
C ILE D 132 27.03 47.29 107.72
N ARG D 133 27.82 46.57 108.50
CA ARG D 133 28.28 45.26 108.05
C ARG D 133 27.49 44.11 108.62
N ASP D 134 26.42 44.40 109.35
CA ASP D 134 25.50 43.37 109.78
C ASP D 134 24.24 43.59 108.99
N ALA D 135 24.37 44.38 107.93
CA ALA D 135 23.25 44.76 107.09
C ALA D 135 23.58 44.65 105.60
N ARG D 136 22.52 44.50 104.81
CA ARG D 136 22.62 44.30 103.38
C ARG D 136 22.55 45.60 102.55
N TYR D 137 21.83 46.61 102.99
CA TYR D 137 21.85 47.82 102.18
C TYR D 137 22.10 49.09 103.00
N LEU D 138 22.66 50.10 102.36
CA LEU D 138 23.01 51.35 103.03
C LEU D 138 22.66 52.53 102.16
N LEU D 139 21.69 53.30 102.63
CA LEU D 139 21.14 54.31 101.77
C LEU D 139 21.48 55.72 102.29
N MET D 140 21.98 56.59 101.42
CA MET D 140 22.52 57.87 101.84
C MET D 140 22.30 58.90 100.79
N GLN D 141 22.32 60.15 101.21
CA GLN D 141 22.11 61.27 100.31
C GLN D 141 23.24 62.22 100.59
N LEU D 142 23.10 63.46 100.16
CA LEU D 142 24.22 64.35 100.36
C LEU D 142 23.87 65.47 101.32
N GLU D 143 23.07 65.14 102.33
CA GLU D 143 22.70 66.12 103.31
C GLU D 143 23.42 65.96 104.66
N THR D 144 24.42 65.09 104.72
CA THR D 144 25.30 65.07 105.87
C THR D 144 26.68 65.12 105.22
N PRO D 145 27.74 65.42 106.00
CA PRO D 145 29.09 65.60 105.44
C PRO D 145 29.64 64.34 104.85
N LEU D 146 30.68 64.41 104.01
CA LEU D 146 31.36 63.19 103.58
C LEU D 146 31.94 62.60 104.85
N ASP D 147 33.26 62.61 105.00
CA ASP D 147 33.87 62.19 106.26
C ASP D 147 33.33 60.83 106.66
N GLY D 148 32.09 60.83 107.15
CA GLY D 148 31.37 59.65 107.57
C GLY D 148 30.62 58.88 106.50
N ILE D 149 30.00 59.62 105.58
CA ILE D 149 29.36 59.07 104.39
C ILE D 149 30.39 58.18 103.77
N LEU D 150 31.55 58.79 103.50
CA LEU D 150 32.69 58.08 103.01
C LEU D 150 33.07 56.97 103.98
N LYS D 151 33.04 57.21 105.30
CA LYS D 151 33.42 56.10 106.18
C LYS D 151 32.35 55.01 106.11
N ALA D 152 31.09 55.39 105.98
CA ALA D 152 30.03 54.41 105.90
C ALA D 152 30.30 53.56 104.71
N ALA D 153 30.52 54.22 103.59
CA ALA D 153 30.73 53.53 102.33
C ALA D 153 31.88 52.53 102.35
N GLN D 154 33.03 53.00 102.77
CA GLN D 154 34.21 52.18 102.83
C GLN D 154 34.05 50.95 103.73
N GLU D 155 33.37 51.13 104.86
CA GLU D 155 33.14 50.06 105.83
C GLU D 155 32.11 49.11 105.31
N ALA D 156 31.26 49.64 104.45
CA ALA D 156 30.18 48.89 103.85
C ALA D 156 30.75 48.01 102.78
N LYS D 157 31.21 48.67 101.73
CA LYS D 157 31.79 48.04 100.55
C LYS D 157 32.73 46.90 100.95
N THR D 158 33.56 47.17 101.95
CA THR D 158 34.51 46.20 102.48
C THR D 158 33.77 45.05 103.16
N ALA D 159 32.47 45.17 103.32
CA ALA D 159 31.71 44.14 104.03
C ALA D 159 30.49 43.68 103.24
N LYS D 160 30.67 43.56 101.93
CA LYS D 160 29.65 43.09 100.99
C LYS D 160 28.23 43.57 101.31
N THR D 161 28.12 44.86 101.56
CA THR D 161 26.82 45.43 101.84
C THR D 161 26.57 46.41 100.73
N ASN D 162 25.45 46.25 100.02
CA ASN D 162 25.16 47.08 98.86
C ASN D 162 25.11 48.53 99.31
N VAL D 163 25.62 49.45 98.49
CA VAL D 163 25.66 50.86 98.89
C VAL D 163 25.06 51.74 97.81
N ILE D 164 23.93 52.36 98.15
CA ILE D 164 23.21 53.20 97.23
C ILE D 164 23.32 54.65 97.67
N LEU D 165 23.62 55.56 96.74
CA LEU D 165 23.93 56.96 97.01
C LEU D 165 23.13 57.96 96.15
N ASN D 166 22.36 58.84 96.82
CA ASN D 166 21.65 59.95 96.19
C ASN D 166 22.69 61.02 95.94
N PRO D 167 22.48 61.89 94.95
CA PRO D 167 23.48 62.95 94.91
C PRO D 167 22.88 64.27 95.37
N ALA D 168 21.67 64.24 95.89
CA ALA D 168 21.02 65.44 96.32
C ALA D 168 21.33 65.51 97.81
N PRO D 169 21.59 66.74 98.30
CA PRO D 169 21.55 67.95 97.46
C PRO D 169 22.80 68.20 96.62
N ALA D 170 22.51 68.71 95.43
CA ALA D 170 23.37 68.70 94.26
C ALA D 170 24.81 69.22 94.41
N ARG D 171 25.63 68.56 95.22
CA ARG D 171 27.03 68.99 95.32
C ARG D 171 27.85 68.27 94.26
N GLU D 172 29.16 68.29 94.42
CA GLU D 172 30.10 67.58 93.56
C GLU D 172 30.79 66.63 94.50
N LEU D 173 31.14 65.41 94.06
CA LEU D 173 31.80 64.48 94.97
C LEU D 173 33.18 64.05 94.48
N PRO D 174 34.03 63.61 95.40
CA PRO D 174 35.33 63.23 94.85
C PRO D 174 35.25 61.79 94.37
N ASP D 175 36.02 61.46 93.34
CA ASP D 175 36.00 60.10 92.78
C ASP D 175 36.34 59.07 93.87
N GLU D 176 37.30 59.40 94.71
CA GLU D 176 37.55 58.68 95.94
C GLU D 176 36.27 58.08 96.59
N LEU D 177 35.10 58.62 96.25
CA LEU D 177 33.84 58.13 96.79
C LEU D 177 33.09 57.34 95.75
N LEU D 178 32.93 57.95 94.58
CA LEU D 178 32.16 57.35 93.50
C LEU D 178 32.49 55.88 93.14
N LYS D 179 33.69 55.43 93.43
CA LYS D 179 34.06 54.04 93.16
C LYS D 179 33.48 53.10 94.23
N CYS D 180 32.92 53.67 95.27
CA CYS D 180 32.47 52.84 96.36
C CYS D 180 30.98 52.67 96.25
N VAL D 181 30.43 53.26 95.20
CA VAL D 181 28.98 53.25 94.97
C VAL D 181 28.47 52.07 94.11
N ASP D 182 27.36 51.50 94.54
CA ASP D 182 26.72 50.34 93.87
C ASP D 182 25.42 50.71 93.18
N LEU D 183 25.11 52.01 93.15
CA LEU D 183 23.93 52.56 92.46
C LEU D 183 23.89 54.07 92.65
N ILE D 184 23.51 54.85 91.64
CA ILE D 184 23.43 56.31 91.78
C ILE D 184 22.11 56.82 91.27
N THR D 185 21.50 57.76 91.96
CA THR D 185 20.18 58.18 91.54
C THR D 185 20.09 59.66 91.25
N PRO D 186 20.99 60.20 90.40
CA PRO D 186 21.04 61.65 90.25
C PRO D 186 19.84 62.16 89.51
N ASN D 187 19.74 63.46 89.34
CA ASN D 187 18.66 63.96 88.58
C ASN D 187 19.19 64.53 87.28
N GLU D 188 18.28 64.88 86.38
CA GLU D 188 18.58 65.48 85.08
C GLU D 188 19.64 66.60 85.13
N THR D 189 20.01 67.04 86.33
CA THR D 189 20.97 68.13 86.56
C THR D 189 22.11 67.72 87.45
N GLU D 190 21.87 66.75 88.31
CA GLU D 190 22.83 66.40 89.34
C GLU D 190 23.96 65.72 88.60
N ALA D 191 23.59 65.08 87.50
CA ALA D 191 24.55 64.62 86.53
C ALA D 191 25.38 65.78 85.95
N GLU D 192 24.83 66.99 85.81
CA GLU D 192 25.65 68.07 85.24
C GLU D 192 26.86 68.29 86.13
N VAL D 193 26.64 68.34 87.44
CA VAL D 193 27.74 68.51 88.41
C VAL D 193 28.68 67.32 88.54
N LEU D 194 28.23 66.13 88.16
CA LEU D 194 29.06 64.96 88.36
C LEU D 194 29.76 64.62 87.06
N THR D 195 29.22 65.14 85.96
CA THR D 195 29.73 64.80 84.64
C THR D 195 29.97 66.02 83.76
N GLY D 196 29.06 66.98 83.76
CA GLY D 196 29.25 68.13 82.90
C GLY D 196 28.40 67.93 81.67
N ILE D 197 27.73 66.79 81.64
CA ILE D 197 26.92 66.43 80.49
C ILE D 197 25.48 66.81 80.72
N THR D 198 25.08 67.89 80.07
CA THR D 198 23.72 68.35 80.15
C THR D 198 22.80 67.27 79.63
N VAL D 199 21.95 66.75 80.51
CA VAL D 199 21.02 65.69 80.15
C VAL D 199 19.66 66.15 79.61
N TYR D 200 19.54 66.39 78.31
CA TYR D 200 18.28 66.86 77.76
C TYR D 200 17.37 65.77 77.15
N ASP D 201 17.96 64.69 76.65
CA ASP D 201 17.15 63.60 76.07
C ASP D 201 17.81 62.26 76.37
N ASP D 202 17.28 61.20 75.76
CA ASP D 202 17.82 59.85 75.95
C ASP D 202 19.26 59.75 75.47
N SER D 203 19.61 60.57 74.49
CA SER D 203 20.94 60.56 73.90
C SER D 203 21.99 61.18 74.82
N SER D 204 21.61 62.26 75.51
CA SER D 204 22.54 62.88 76.45
C SER D 204 22.67 62.16 77.80
N ALA D 205 21.61 61.48 78.25
CA ALA D 205 21.63 60.76 79.53
C ALA D 205 22.48 59.51 79.40
N GLN D 206 22.72 59.12 78.16
CA GLN D 206 23.52 57.98 77.87
C GLN D 206 24.94 58.25 78.28
N GLN D 207 25.45 59.42 77.91
CA GLN D 207 26.82 59.81 78.28
C GLN D 207 26.89 60.22 79.76
N ALA D 208 25.82 60.84 80.21
CA ALA D 208 25.69 61.20 81.60
C ALA D 208 25.89 59.91 82.35
N ALA D 209 25.20 58.87 81.90
CA ALA D 209 25.42 57.53 82.39
C ALA D 209 26.91 57.18 82.33
N ASP D 210 27.50 57.22 81.14
CA ASP D 210 28.95 56.99 80.90
C ASP D 210 29.95 57.51 81.93
N ALA D 211 29.93 58.81 82.15
CA ALA D 211 30.84 59.45 83.09
C ALA D 211 30.63 58.95 84.53
N LEU D 212 29.57 58.18 84.75
CA LEU D 212 29.29 57.60 86.05
C LEU D 212 29.95 56.23 86.05
N HIS D 213 29.49 55.40 85.12
CA HIS D 213 30.08 54.10 84.82
C HIS D 213 31.60 54.13 84.89
N CYS D 214 32.21 55.16 84.29
CA CYS D 214 33.66 55.20 84.25
C CYS D 214 34.22 55.33 85.65
N LYS D 215 33.36 55.68 86.60
CA LYS D 215 33.77 55.91 87.98
C LYS D 215 33.43 54.79 88.95
N GLY D 216 33.12 53.60 88.43
CA GLY D 216 33.02 52.43 89.28
C GLY D 216 31.64 52.02 89.76
N ILE D 217 30.61 52.65 89.21
CA ILE D 217 29.25 52.32 89.61
C ILE D 217 28.49 51.44 88.60
N GLU D 218 27.94 50.33 89.08
CA GLU D 218 27.21 49.39 88.21
C GLU D 218 25.86 49.90 87.72
N ILE D 219 24.92 50.15 88.63
CA ILE D 219 23.59 50.55 88.20
C ILE D 219 23.48 52.08 88.34
N VAL D 220 22.99 52.75 87.30
CA VAL D 220 22.93 54.21 87.30
C VAL D 220 21.54 54.63 86.87
N ILE D 221 20.79 55.24 87.79
CA ILE D 221 19.37 55.57 87.53
C ILE D 221 19.02 57.07 87.58
N ILE D 222 19.11 57.74 86.45
CA ILE D 222 18.88 59.21 86.37
C ILE D 222 17.42 59.62 86.28
N THR D 223 16.90 60.31 87.29
CA THR D 223 15.52 60.78 87.22
C THR D 223 15.38 61.95 86.25
N LEU D 224 14.36 61.88 85.39
CA LEU D 224 14.12 62.90 84.36
C LEU D 224 12.74 63.66 84.45
N GLY D 225 12.18 63.80 85.66
CA GLY D 225 10.87 64.43 85.84
C GLY D 225 9.69 63.73 85.20
N SER D 226 8.98 64.44 84.32
CA SER D 226 7.78 63.91 83.69
C SER D 226 8.06 62.75 82.73
N LYS D 227 9.22 62.82 82.07
CA LYS D 227 9.62 61.90 81.00
C LYS D 227 10.19 60.60 81.54
N GLY D 228 10.37 60.54 82.86
CA GLY D 228 10.72 59.30 83.50
C GLY D 228 12.08 59.27 84.15
N VAL D 229 12.74 58.11 84.04
CA VAL D 229 14.04 57.84 84.65
C VAL D 229 14.88 57.12 83.62
N TRP D 230 16.13 57.54 83.49
CA TRP D 230 17.08 56.85 82.64
C TRP D 230 17.93 55.83 83.38
N LEU D 231 17.62 54.55 83.14
CA LEU D 231 18.34 53.41 83.72
C LEU D 231 19.50 52.97 82.85
N SER D 232 20.63 52.62 83.46
CA SER D 232 21.78 52.20 82.68
C SER D 232 22.60 51.19 83.50
N GLN D 233 22.22 49.92 83.34
CA GLN D 233 22.86 48.77 83.97
C GLN D 233 24.08 48.34 83.19
N ASN D 234 25.25 48.80 83.61
CA ASN D 234 26.51 48.48 82.96
C ASN D 234 26.50 48.92 81.53
N GLY D 235 25.64 49.90 81.26
CA GLY D 235 25.46 50.46 79.95
C GLY D 235 24.10 50.17 79.32
N ARG D 236 23.35 49.22 79.85
CA ARG D 236 22.04 48.97 79.24
C ARG D 236 21.21 50.27 79.30
N GLY D 237 21.44 51.10 78.28
CA GLY D 237 20.85 52.42 78.24
C GLY D 237 19.46 52.39 77.66
N GLN D 238 18.49 52.63 78.52
CA GLN D 238 17.10 52.53 78.14
C GLN D 238 16.32 53.57 78.93
N ARG D 239 15.08 53.86 78.55
CA ARG D 239 14.27 54.85 79.26
C ARG D 239 13.09 54.21 79.95
N ILE D 240 12.80 54.67 81.16
CA ILE D 240 11.65 54.18 81.89
C ILE D 240 10.68 55.30 82.18
N PRO D 241 9.56 55.27 81.45
CA PRO D 241 8.57 56.29 81.71
C PRO D 241 7.88 56.06 83.05
N GLY D 242 7.72 57.17 83.76
CA GLY D 242 7.01 57.19 85.02
C GLY D 242 5.53 57.12 84.76
N PHE D 243 4.73 57.42 85.77
CA PHE D 243 3.28 57.44 85.60
C PHE D 243 2.89 58.87 85.22
N VAL D 244 1.67 59.10 84.73
CA VAL D 244 1.28 60.45 84.32
C VAL D 244 1.25 61.46 85.48
N VAL D 245 0.55 61.12 86.57
CA VAL D 245 0.35 61.92 87.82
C VAL D 245 -0.53 63.20 87.78
N LYS D 246 -0.81 63.73 88.98
CA LYS D 246 -1.57 64.97 89.21
C LYS D 246 -0.74 65.96 90.04
N ALA D 247 -0.64 67.21 89.58
CA ALA D 247 0.38 68.11 90.12
C ALA D 247 0.16 68.42 91.61
N THR D 248 1.13 68.04 92.45
CA THR D 248 1.00 68.28 93.88
C THR D 248 2.30 68.70 94.62
N ASP D 249 2.59 68.01 95.73
CA ASP D 249 3.74 68.23 96.62
C ASP D 249 5.12 68.35 95.94
N THR D 250 5.81 69.48 96.15
CA THR D 250 7.12 69.75 95.54
C THR D 250 8.18 68.72 95.97
N THR D 251 9.34 68.74 95.32
CA THR D 251 10.50 67.82 95.50
C THR D 251 10.45 66.35 94.94
N ALA D 252 9.91 65.35 95.64
CA ALA D 252 9.45 65.38 97.03
C ALA D 252 10.32 64.52 97.99
N ALA D 253 10.48 63.18 97.88
CA ALA D 253 9.92 62.18 96.95
C ALA D 253 9.94 62.54 95.49
N GLY D 254 11.07 62.42 94.78
CA GLY D 254 12.25 61.62 95.10
C GLY D 254 12.89 61.69 96.45
N ASP D 255 12.44 60.80 97.30
CA ASP D 255 12.84 60.60 98.67
C ASP D 255 12.04 59.36 99.04
N THR D 256 10.77 59.29 98.60
CA THR D 256 10.04 58.00 98.71
C THR D 256 10.50 57.10 97.59
N PHE D 257 10.59 57.66 96.38
CA PHE D 257 11.20 56.94 95.28
C PHE D 257 12.43 56.21 95.79
N ASN D 258 13.42 56.97 96.25
CA ASN D 258 14.62 56.35 96.82
C ASN D 258 14.30 55.42 97.98
N GLY D 259 13.27 55.77 98.72
CA GLY D 259 12.86 54.94 99.84
C GLY D 259 12.23 53.61 99.42
N ALA D 260 11.40 53.67 98.39
CA ALA D 260 10.68 52.48 97.98
C ALA D 260 11.60 51.56 97.25
N LEU D 261 12.30 52.11 96.27
CA LEU D 261 13.16 51.31 95.42
C LEU D 261 14.08 50.35 96.16
N VAL D 262 14.66 50.81 97.26
CA VAL D 262 15.59 49.95 97.98
C VAL D 262 14.85 48.98 98.85
N THR D 263 13.70 49.41 99.32
CA THR D 263 12.84 48.54 100.11
C THR D 263 12.35 47.39 99.20
N GLY D 264 12.19 47.71 97.91
CA GLY D 264 11.95 46.74 96.87
C GLY D 264 13.11 45.75 96.69
N LEU D 265 14.24 46.23 96.17
CA LEU D 265 15.43 45.39 95.91
C LEU D 265 15.80 44.52 97.08
N LEU D 266 15.53 45.06 98.25
CA LEU D 266 15.85 44.44 99.52
C LEU D 266 15.11 43.14 99.60
N GLN D 267 13.91 43.18 99.02
CA GLN D 267 12.95 42.08 99.01
C GLN D 267 13.02 41.16 97.80
N GLU D 268 14.17 41.14 97.13
CA GLU D 268 14.40 40.22 95.99
C GLU D 268 13.65 40.61 94.70
N MET D 269 13.01 41.77 94.71
CA MET D 269 12.40 42.28 93.49
C MET D 269 13.44 42.38 92.41
N PRO D 270 13.02 42.15 91.14
CA PRO D 270 13.93 42.36 90.01
C PRO D 270 14.08 43.86 89.76
N LEU D 271 15.29 44.23 89.35
CA LEU D 271 15.66 45.64 89.19
C LEU D 271 14.67 46.54 88.48
N GLU D 272 14.34 46.23 87.23
CA GLU D 272 13.37 46.99 86.47
C GLU D 272 11.98 47.03 87.13
N SER D 273 11.72 46.06 88.00
CA SER D 273 10.40 45.92 88.63
C SER D 273 10.24 46.91 89.74
N ALA D 274 11.32 47.07 90.52
CA ALA D 274 11.39 48.04 91.64
C ALA D 274 11.35 49.49 91.15
N ILE D 275 12.01 49.74 90.03
CA ILE D 275 11.86 51.00 89.32
C ILE D 275 10.37 51.25 89.02
N LYS D 276 9.57 50.20 88.84
CA LYS D 276 8.13 50.42 88.67
C LYS D 276 7.49 50.73 90.00
N PHE D 277 7.82 49.93 91.00
CA PHE D 277 7.38 50.17 92.37
C PHE D 277 7.59 51.59 92.82
N ALA D 278 8.85 52.00 92.84
CA ALA D 278 9.21 53.31 93.35
C ALA D 278 8.36 54.37 92.68
N HIS D 279 8.38 54.38 91.37
CA HIS D 279 7.52 55.23 90.54
C HIS D 279 6.02 55.28 90.89
N ALA D 280 5.52 54.29 91.64
CA ALA D 280 4.20 54.36 92.27
C ALA D 280 4.26 55.16 93.58
N ALA D 281 5.05 54.65 94.51
CA ALA D 281 5.29 55.29 95.81
C ALA D 281 5.52 56.77 95.63
N ALA D 282 6.28 57.09 94.60
CA ALA D 282 6.58 58.45 94.28
C ALA D 282 5.32 59.19 93.93
N ALA D 283 4.55 58.57 93.04
CA ALA D 283 3.33 59.17 92.51
C ALA D 283 2.26 59.34 93.58
N ILE D 284 2.21 58.45 94.56
CA ILE D 284 1.21 58.64 95.61
C ILE D 284 1.63 59.80 96.48
N SER D 285 2.93 59.95 96.70
CA SER D 285 3.43 61.05 97.49
C SER D 285 3.05 62.38 96.82
N VAL D 286 3.01 62.37 95.48
CA VAL D 286 2.55 63.54 94.73
C VAL D 286 1.01 63.68 94.72
N THR D 287 0.40 63.26 95.83
CA THR D 287 -1.01 63.51 96.11
C THR D 287 -1.10 63.55 97.62
N ARG D 288 0.01 63.14 98.23
CA ARG D 288 0.20 63.11 99.66
C ARG D 288 1.00 64.37 100.10
N PHE D 289 0.30 65.52 100.15
CA PHE D 289 0.87 66.82 100.52
C PHE D 289 1.58 66.89 101.88
N GLY D 290 2.77 67.46 101.88
CA GLY D 290 3.54 67.53 103.10
C GLY D 290 4.48 66.37 102.91
N ALA D 291 5.75 66.64 102.62
CA ALA D 291 6.69 65.59 102.27
C ALA D 291 7.03 64.55 103.35
N GLN D 292 6.15 64.37 104.35
CA GLN D 292 6.36 63.28 105.32
C GLN D 292 5.13 62.84 106.16
N THR D 293 3.93 63.37 105.85
CA THR D 293 2.70 62.90 106.51
C THR D 293 2.20 61.76 105.64
N SER D 294 1.18 62.06 104.86
CA SER D 294 1.25 61.78 103.43
C SER D 294 1.79 60.40 103.00
N ILE D 295 3.12 60.31 102.85
CA ILE D 295 3.89 59.11 102.44
C ILE D 295 3.09 57.83 102.50
N PRO D 296 2.94 57.13 101.36
CA PRO D 296 1.94 56.08 101.47
C PRO D 296 2.50 54.82 102.13
N THR D 297 1.63 53.99 102.69
CA THR D 297 2.05 52.75 103.35
C THR D 297 2.07 51.65 102.33
N ARG D 298 2.63 50.51 102.69
CA ARG D 298 2.71 49.39 101.76
C ARG D 298 1.38 49.08 101.10
N ALA D 299 0.36 48.89 101.93
CA ALA D 299 -0.95 48.57 101.44
C ALA D 299 -1.33 49.47 100.27
N GLU D 300 -1.13 50.75 100.47
CA GLU D 300 -1.49 51.76 99.49
C GLU D 300 -0.69 51.76 98.19
N VAL D 301 0.60 51.46 98.24
CA VAL D 301 1.39 51.44 97.00
C VAL D 301 0.95 50.32 96.09
N GLU D 302 0.79 49.16 96.69
CA GLU D 302 0.39 48.02 95.94
C GLU D 302 -0.98 48.31 95.35
N ALA D 303 -1.84 48.91 96.14
CA ALA D 303 -3.15 49.28 95.65
C ALA D 303 -3.02 50.04 94.34
N PHE D 304 -2.14 51.03 94.32
CA PHE D 304 -1.98 51.90 93.17
C PHE D 304 -1.66 51.06 91.98
N LEU D 305 -0.68 50.22 92.22
CA LEU D 305 -0.11 49.33 91.21
C LEU D 305 -1.13 48.45 90.48
N ALA D 306 -2.04 47.84 91.21
CA ALA D 306 -3.07 47.03 90.57
C ALA D 306 -3.92 47.88 89.64
N GLU D 307 -4.39 49.02 90.14
CA GLU D 307 -5.34 49.88 89.42
C GLU D 307 -4.76 50.39 88.11
N HIS D 308 -3.43 50.30 88.01
CA HIS D 308 -2.66 50.84 86.89
C HIS D 308 -1.95 49.78 86.08
N SER D 309 -2.65 49.23 85.09
CA SER D 309 -2.11 48.13 84.30
C SER D 309 -2.78 47.97 82.94
N MET E 4 54.01 24.05 79.29
CA MET E 4 52.55 24.15 79.46
C MET E 4 51.97 25.48 79.02
N ASN E 5 52.03 25.75 77.72
CA ASN E 5 51.74 27.05 77.12
C ASN E 5 50.89 28.06 77.87
N LYS E 6 51.35 29.31 77.87
CA LYS E 6 50.71 30.38 78.59
C LYS E 6 49.42 30.78 77.88
N LEU E 7 49.48 30.80 76.54
CA LEU E 7 48.36 31.10 75.64
C LEU E 7 48.04 29.93 74.75
N VAL E 8 46.76 29.66 74.57
CA VAL E 8 46.32 28.50 73.79
C VAL E 8 45.21 28.78 72.79
N VAL E 9 45.42 28.46 71.50
CA VAL E 9 44.38 28.69 70.48
C VAL E 9 43.69 27.44 69.88
N LEU E 10 42.36 27.51 69.75
CA LEU E 10 41.53 26.42 69.28
C LEU E 10 40.65 26.95 68.17
N GLY E 11 41.00 26.61 66.94
CA GLY E 11 40.23 27.10 65.81
C GLY E 11 40.75 26.51 64.53
N SER E 12 40.27 27.06 63.42
CA SER E 12 40.35 26.42 62.11
C SER E 12 41.66 26.63 61.37
N VAL E 13 42.09 25.61 60.62
CA VAL E 13 43.09 25.77 59.56
C VAL E 13 42.40 25.54 58.25
N ASN E 14 42.78 26.29 57.22
CA ASN E 14 42.18 26.20 55.89
C ASN E 14 43.19 26.35 54.79
N ALA E 15 42.76 26.18 53.57
CA ALA E 15 43.61 26.55 52.46
C ALA E 15 42.80 27.45 51.52
N ASP E 16 43.36 28.59 51.12
CA ASP E 16 42.62 29.47 50.22
C ASP E 16 43.09 29.28 48.77
N HIS E 17 42.22 28.72 47.95
CA HIS E 17 42.51 28.52 46.55
C HIS E 17 41.93 29.72 45.85
N VAL E 18 42.78 30.66 45.46
CA VAL E 18 42.31 31.92 44.88
C VAL E 18 42.59 31.96 43.36
N LEU E 19 41.60 32.42 42.61
CA LEU E 19 41.68 32.51 41.14
C LEU E 19 40.88 33.68 40.58
N GLN E 20 41.51 34.47 39.71
CA GLN E 20 40.84 35.64 39.13
C GLN E 20 40.02 35.34 37.87
N VAL E 21 38.77 35.77 37.88
CA VAL E 21 37.86 35.52 36.78
C VAL E 21 37.59 36.79 36.03
N PRO E 22 37.30 36.68 34.73
CA PRO E 22 36.97 37.91 34.04
C PRO E 22 35.51 38.29 34.36
N SER E 23 34.64 37.30 34.36
CA SER E 23 33.22 37.48 34.68
C SER E 23 32.86 36.71 35.93
N PHE E 24 31.62 36.85 36.37
CA PHE E 24 31.13 36.05 37.48
C PHE E 24 30.58 34.76 36.86
N PRO E 25 30.79 33.62 37.53
CA PRO E 25 30.37 32.40 36.86
C PRO E 25 28.85 32.30 36.73
N ARG E 26 28.42 32.11 35.49
CA ARG E 26 27.02 31.83 35.17
C ARG E 26 26.98 30.34 34.75
N PRO E 27 25.80 29.69 34.88
CA PRO E 27 25.80 28.24 34.63
C PRO E 27 26.04 27.86 33.18
N GLY E 28 25.28 28.47 32.27
CA GLY E 28 25.35 28.24 30.83
C GLY E 28 26.64 27.72 30.21
N GLU E 29 27.77 28.11 30.79
CA GLU E 29 29.09 27.86 30.21
C GLU E 29 30.21 28.13 31.20
N THR E 30 31.42 27.74 30.81
CA THR E 30 32.57 27.75 31.69
C THR E 30 33.41 28.97 31.35
N LEU E 31 34.11 29.50 32.34
CA LEU E 31 34.87 30.72 32.12
C LEU E 31 36.29 30.51 32.60
N HIS E 32 37.22 30.76 31.69
CA HIS E 32 38.62 30.56 31.99
C HIS E 32 39.06 31.59 32.99
N GLY E 33 40.11 31.30 33.75
CA GLY E 33 40.65 32.28 34.67
C GLY E 33 42.16 32.16 34.64
N ARG E 34 42.84 32.97 35.43
CA ARG E 34 44.27 32.78 35.55
C ARG E 34 44.77 33.18 36.95
N ASN E 35 46.08 33.04 37.14
CA ASN E 35 46.74 33.31 38.41
C ASN E 35 46.16 32.55 39.60
N TYR E 36 46.17 31.24 39.50
CA TYR E 36 45.70 30.37 40.57
C TYR E 36 46.74 30.40 41.69
N GLN E 37 46.27 30.52 42.93
CA GLN E 37 47.19 30.46 44.08
C GLN E 37 46.61 29.72 45.28
N VAL E 38 47.47 29.08 46.05
CA VAL E 38 47.02 28.51 47.31
C VAL E 38 47.56 29.34 48.48
N ILE E 39 46.67 30.01 49.20
CA ILE E 39 47.08 30.94 50.26
C ILE E 39 46.68 30.41 51.62
N PRO E 40 47.67 30.19 52.51
CA PRO E 40 47.51 29.64 53.88
C PRO E 40 46.53 30.50 54.59
N GLY E 41 45.61 29.93 55.34
CA GLY E 41 44.48 30.72 55.76
C GLY E 41 43.77 30.08 56.90
N GLY E 42 42.48 30.38 56.98
CA GLY E 42 41.62 29.83 58.01
C GLY E 42 41.76 30.72 59.21
N LYS E 43 40.64 31.16 59.78
CA LYS E 43 40.70 32.13 60.86
C LYS E 43 41.71 31.78 61.98
N GLY E 44 41.39 30.87 62.88
CA GLY E 44 42.30 30.52 63.95
C GLY E 44 43.79 30.42 63.72
N ALA E 45 44.20 29.99 62.53
CA ALA E 45 45.61 29.73 62.32
C ALA E 45 46.27 31.02 62.04
N ASN E 46 45.56 31.85 61.32
CA ASN E 46 46.00 33.21 61.14
C ASN E 46 46.22 33.87 62.50
N GLN E 47 45.26 33.73 63.42
CA GLN E 47 45.43 34.41 64.69
C GLN E 47 46.62 33.83 65.44
N ALA E 48 46.79 32.53 65.35
CA ALA E 48 47.84 31.86 66.10
C ALA E 48 49.19 32.18 65.48
N VAL E 49 49.20 32.49 64.21
CA VAL E 49 50.41 32.89 63.53
C VAL E 49 50.80 34.33 63.90
N ALA E 50 49.81 35.16 64.15
CA ALA E 50 50.16 36.47 64.64
C ALA E 50 50.84 36.22 65.98
N ALA E 51 50.08 35.68 66.94
CA ALA E 51 50.57 35.45 68.31
C ALA E 51 51.97 34.86 68.34
N ALA E 52 52.22 33.84 67.55
CA ALA E 52 53.53 33.23 67.56
C ALA E 52 54.59 34.19 67.11
N ARG E 53 54.22 35.01 66.14
CA ARG E 53 55.12 35.99 65.57
C ARG E 53 55.30 37.27 66.45
N MET E 54 54.36 37.51 67.37
CA MET E 54 54.49 38.57 68.37
C MET E 54 55.14 38.04 69.66
N GLN E 55 56.12 37.17 69.47
CA GLN E 55 56.88 36.60 70.55
C GLN E 55 56.05 36.05 71.73
N ALA E 56 55.01 35.24 71.46
CA ALA E 56 54.20 34.63 72.54
C ALA E 56 54.49 33.15 72.86
N ASP E 57 53.96 32.70 73.98
CA ASP E 57 53.95 31.31 74.34
C ASP E 57 52.69 30.68 73.80
N VAL E 58 52.66 30.30 72.54
CA VAL E 58 51.37 29.90 71.97
C VAL E 58 51.29 28.40 71.65
N GLY E 59 50.11 27.87 71.89
CA GLY E 59 49.81 26.53 71.47
C GLY E 59 48.59 26.65 70.60
N PHE E 60 48.53 25.75 69.61
CA PHE E 60 47.44 25.66 68.65
C PHE E 60 46.73 24.34 68.93
N ILE E 61 45.42 24.41 68.86
CA ILE E 61 44.55 23.29 69.06
C ILE E 61 43.73 23.32 67.79
N ALA E 62 43.94 22.34 66.92
CA ALA E 62 43.24 22.39 65.66
C ALA E 62 43.07 21.04 64.99
N CYS E 63 42.18 21.00 64.00
CA CYS E 63 42.04 19.84 63.15
C CYS E 63 42.26 20.27 61.73
N VAL E 64 43.28 19.67 61.10
CA VAL E 64 43.60 19.82 59.68
C VAL E 64 43.56 18.40 59.07
N GLY E 65 43.51 18.24 57.75
CA GLY E 65 43.45 16.89 57.21
C GLY E 65 44.81 16.33 56.86
N ASP E 66 44.89 15.03 56.52
CA ASP E 66 46.19 14.48 56.17
C ASP E 66 46.51 14.61 54.68
N ASP E 67 45.72 15.40 53.96
CA ASP E 67 46.09 15.77 52.61
C ASP E 67 47.40 16.56 52.68
N SER E 68 48.10 16.67 51.56
CA SER E 68 49.47 17.22 51.53
C SER E 68 49.67 18.59 52.18
N PHE E 69 48.67 19.47 52.08
CA PHE E 69 48.69 20.77 52.76
C PHE E 69 48.88 20.41 54.21
N GLY E 70 47.85 19.78 54.73
CA GLY E 70 47.78 19.39 56.10
C GLY E 70 48.97 18.95 56.91
N ILE E 71 49.89 18.18 56.32
CA ILE E 71 51.07 17.76 57.08
C ILE E 71 52.09 18.86 57.03
N ASN E 72 52.18 19.53 55.88
CA ASN E 72 53.12 20.62 55.75
C ASN E 72 52.73 21.76 56.68
N ILE E 73 51.44 21.88 56.98
CA ILE E 73 51.01 23.01 57.76
C ILE E 73 51.31 22.82 59.24
N ARG E 74 51.18 21.59 59.73
CA ARG E 74 51.47 21.29 61.13
C ARG E 74 52.98 21.44 61.37
N GLU E 75 53.77 21.42 60.31
CA GLU E 75 55.20 21.61 60.47
C GLU E 75 55.62 23.07 60.35
N SER E 76 54.93 23.82 59.50
CA SER E 76 55.30 25.20 59.36
C SER E 76 55.00 25.88 60.67
N PHE E 77 53.89 25.50 61.27
CA PHE E 77 53.53 26.01 62.57
C PHE E 77 54.64 25.74 63.60
N LYS E 78 55.30 24.59 63.44
CA LYS E 78 56.34 24.21 64.40
C LYS E 78 57.53 25.14 64.54
N LEU E 79 58.22 25.49 63.46
CA LEU E 79 59.30 26.47 63.63
C LEU E 79 58.87 27.91 63.26
N ASP E 80 57.61 28.21 63.58
CA ASP E 80 57.05 29.56 63.70
C ASP E 80 56.74 29.72 65.18
N GLY E 81 57.27 28.79 65.98
CA GLY E 81 57.14 28.80 67.42
C GLY E 81 56.02 27.93 67.95
N ILE E 82 54.82 28.08 67.39
CA ILE E 82 53.62 27.33 67.82
C ILE E 82 53.79 25.88 68.25
N ASN E 83 53.24 25.55 69.41
CA ASN E 83 53.14 24.15 69.85
C ASN E 83 52.00 23.44 69.14
N THR E 84 52.36 22.52 68.25
CA THR E 84 51.39 21.82 67.42
C THR E 84 50.86 20.49 67.97
N ALA E 85 51.39 20.07 69.12
CA ALA E 85 50.94 18.85 69.81
C ALA E 85 49.45 18.70 69.86
N GLY E 86 48.74 19.81 69.95
CA GLY E 86 47.29 19.78 69.99
C GLY E 86 46.60 19.93 68.64
N VAL E 87 47.38 19.92 67.55
CA VAL E 87 46.82 19.91 66.18
C VAL E 87 46.65 18.48 65.64
N LYS E 88 45.40 18.05 65.40
CA LYS E 88 45.15 16.65 65.03
C LYS E 88 45.03 16.45 63.53
N LEU E 89 45.62 15.35 63.05
CA LEU E 89 45.56 15.00 61.62
C LEU E 89 44.39 14.08 61.54
N GLN E 90 43.35 14.55 60.87
CA GLN E 90 42.18 13.75 60.78
C GLN E 90 42.40 12.97 59.52
N PRO E 91 42.31 11.63 59.62
CA PRO E 91 42.74 10.72 58.55
C PRO E 91 41.75 10.60 57.41
N ASN E 92 42.31 10.51 56.21
CA ASN E 92 41.52 10.53 54.97
C ASN E 92 40.37 11.54 55.01
N CYS E 93 40.68 12.72 55.59
CA CYS E 93 39.81 13.91 55.60
C CYS E 93 40.77 15.01 55.18
N PRO E 94 40.33 15.90 54.31
CA PRO E 94 41.24 16.90 53.74
C PRO E 94 41.30 18.13 54.61
N THR E 95 42.14 19.08 54.25
CA THR E 95 42.23 20.27 55.06
C THR E 95 41.00 21.11 54.72
N GLY E 96 40.84 22.29 55.34
CA GLY E 96 39.70 23.12 55.05
C GLY E 96 39.82 23.69 53.65
N ILE E 97 39.06 24.72 53.33
CA ILE E 97 39.12 25.30 51.99
C ILE E 97 38.60 26.74 51.91
N ALA E 98 38.97 27.45 50.85
CA ALA E 98 38.23 28.65 50.50
C ALA E 98 38.44 28.83 49.00
N MET E 99 37.38 28.78 48.23
CA MET E 99 37.55 28.85 46.79
C MET E 99 36.90 30.10 46.31
N ILE E 100 37.72 31.14 46.13
CA ILE E 100 37.23 32.50 45.97
C ILE E 100 37.45 33.01 44.56
N GLN E 101 36.36 33.19 43.81
CA GLN E 101 36.48 33.71 42.45
C GLN E 101 36.29 35.20 42.34
N VAL E 102 37.38 35.85 41.91
CA VAL E 102 37.56 37.30 41.95
C VAL E 102 37.27 38.08 40.67
N SER E 103 36.00 38.37 40.40
CA SER E 103 35.65 39.29 39.34
C SER E 103 35.39 40.62 40.05
N ASP E 104 36.12 41.72 39.80
CA ASP E 104 37.11 41.98 38.74
C ASP E 104 36.63 41.86 37.29
N SER E 105 35.57 42.57 36.93
CA SER E 105 34.99 43.64 37.75
C SER E 105 33.67 43.20 38.37
N GLY E 106 33.48 43.49 39.66
CA GLY E 106 32.21 43.20 40.30
C GLY E 106 32.28 42.68 41.73
N GLU E 107 31.56 41.58 41.96
CA GLU E 107 31.48 40.97 43.28
C GLU E 107 32.26 39.65 43.23
N ASN E 108 32.49 39.02 44.38
CA ASN E 108 33.34 37.83 44.43
C ASN E 108 32.52 36.58 44.63
N SER E 109 33.16 35.42 44.49
CA SER E 109 32.46 34.16 44.70
C SER E 109 33.13 33.34 45.81
N ILE E 110 33.24 33.92 46.99
CA ILE E 110 33.80 33.22 48.14
C ILE E 110 33.00 31.96 48.47
N CYS E 111 33.69 30.83 48.55
CA CYS E 111 33.10 29.54 48.92
C CYS E 111 34.02 28.82 49.92
N ILE E 112 33.47 27.89 50.69
CA ILE E 112 34.20 27.20 51.78
C ILE E 112 33.69 25.77 52.05
N SER E 113 34.59 24.88 52.37
CA SER E 113 34.17 23.59 52.88
C SER E 113 34.91 23.40 54.20
N ALA E 114 34.16 22.95 55.19
CA ALA E 114 34.71 22.81 56.52
C ALA E 114 35.86 21.79 56.51
N GLU E 115 35.49 20.51 56.35
CA GLU E 115 36.36 19.32 56.42
C GLU E 115 36.89 19.08 57.83
N ALA E 116 38.20 18.96 58.00
CA ALA E 116 38.71 18.52 59.31
C ALA E 116 38.32 19.46 60.44
N ASN E 117 38.04 20.73 60.12
CA ASN E 117 37.62 21.67 61.14
C ASN E 117 36.37 21.21 61.85
N ALA E 118 35.51 20.44 61.17
CA ALA E 118 34.28 20.03 61.86
C ALA E 118 34.57 18.81 62.70
N LYS E 119 35.80 18.33 62.66
CA LYS E 119 36.19 17.17 63.47
C LYS E 119 36.64 17.64 64.87
N LEU E 120 36.63 18.95 65.05
CA LEU E 120 37.00 19.51 66.30
C LEU E 120 35.73 19.62 67.12
N THR E 121 35.31 18.53 67.73
CA THR E 121 34.11 18.54 68.56
C THR E 121 34.50 18.38 70.04
N ALA E 122 33.52 18.51 70.94
CA ALA E 122 33.75 18.32 72.40
C ALA E 122 34.56 17.09 72.78
N ALA E 123 34.18 15.95 72.23
CA ALA E 123 34.82 14.72 72.64
C ALA E 123 36.23 14.61 72.05
N ALA E 124 36.52 15.48 71.10
CA ALA E 124 37.77 15.39 70.37
C ALA E 124 38.90 16.13 71.06
N ILE E 125 38.54 17.04 71.96
CA ILE E 125 39.56 17.86 72.64
C ILE E 125 39.74 17.36 74.06
N GLU E 126 39.08 16.25 74.36
CA GLU E 126 39.29 15.61 75.63
C GLU E 126 40.79 15.50 75.87
N PRO E 127 41.60 15.17 74.84
CA PRO E 127 43.01 15.16 75.21
C PRO E 127 43.59 16.58 75.43
N ASP E 128 42.84 17.61 75.08
CA ASP E 128 43.35 18.98 75.16
C ASP E 128 42.91 19.78 76.40
N LEU E 129 41.77 19.45 76.99
CA LEU E 129 41.25 20.15 78.17
C LEU E 129 42.34 20.44 79.20
N ALA E 130 43.20 19.46 79.44
CA ALA E 130 44.37 19.64 80.30
C ALA E 130 45.16 20.91 79.96
N ALA E 131 45.61 21.01 78.72
CA ALA E 131 46.37 22.19 78.31
C ALA E 131 45.51 23.45 78.41
N ILE E 132 44.26 23.35 77.95
CA ILE E 132 43.34 24.47 78.10
C ILE E 132 43.21 24.95 79.54
N ARG E 133 43.08 24.05 80.50
CA ARG E 133 42.90 24.54 81.86
C ARG E 133 44.21 24.82 82.60
N ASP E 134 45.31 24.95 81.85
CA ASP E 134 46.61 25.35 82.40
C ASP E 134 47.15 26.62 81.73
N ALA E 135 46.41 27.18 80.82
CA ALA E 135 46.87 28.34 80.10
C ALA E 135 46.35 29.64 80.73
N ARG E 136 47.04 30.76 80.50
CA ARG E 136 46.58 32.03 81.06
C ARG E 136 45.50 32.59 80.21
N TYR E 137 45.58 32.33 78.91
CA TYR E 137 44.57 32.81 77.96
C TYR E 137 44.11 31.71 77.00
N LEU E 138 42.88 31.86 76.52
CA LEU E 138 42.37 30.94 75.55
C LEU E 138 41.58 31.73 74.58
N LEU E 139 42.03 31.67 73.34
CA LEU E 139 41.44 32.39 72.24
C LEU E 139 40.79 31.44 71.25
N MET E 140 39.56 31.75 70.82
CA MET E 140 38.84 30.87 69.91
C MET E 140 38.03 31.73 68.97
N GLN E 141 37.73 31.20 67.79
CA GLN E 141 36.92 31.95 66.84
C GLN E 141 35.76 31.09 66.43
N LEU E 142 34.99 31.51 65.44
CA LEU E 142 33.78 30.77 65.17
C LEU E 142 33.86 30.13 63.84
N GLU E 143 35.05 29.63 63.51
CA GLU E 143 35.22 28.91 62.26
C GLU E 143 35.29 27.39 62.50
N THR E 144 35.07 26.93 63.73
CA THR E 144 34.90 25.50 63.99
C THR E 144 33.64 25.32 64.87
N PRO E 145 33.13 24.07 65.04
CA PRO E 145 31.79 23.89 65.65
C PRO E 145 31.73 24.34 67.08
N LEU E 146 30.53 24.56 67.60
CA LEU E 146 30.35 24.83 69.03
C LEU E 146 30.81 23.60 69.80
N ASP E 147 29.88 22.96 70.51
CA ASP E 147 30.14 21.64 71.09
C ASP E 147 31.45 21.56 71.88
N GLY E 148 32.55 21.74 71.14
CA GLY E 148 33.90 21.81 71.67
C GLY E 148 34.36 23.22 72.03
N ILE E 149 34.05 24.19 71.17
CA ILE E 149 34.34 25.60 71.48
C ILE E 149 33.71 25.82 72.82
N LEU E 150 32.40 25.54 72.86
CA LEU E 150 31.59 25.66 74.05
C LEU E 150 32.16 24.92 75.24
N LYS E 151 32.63 23.69 75.07
CA LYS E 151 33.16 22.92 76.18
C LYS E 151 34.48 23.51 76.62
N ALA E 152 35.32 23.89 75.65
CA ALA E 152 36.66 24.41 75.92
C ALA E 152 36.52 25.60 76.85
N ALA E 153 35.52 26.42 76.55
CA ALA E 153 35.16 27.58 77.33
C ALA E 153 34.82 27.20 78.78
N GLN E 154 33.91 26.25 78.96
CA GLN E 154 33.55 25.77 80.30
C GLN E 154 34.76 25.22 81.05
N GLU E 155 35.66 24.60 80.32
CA GLU E 155 36.80 23.96 80.97
C GLU E 155 37.80 25.01 81.43
N ALA E 156 37.83 26.12 80.70
CA ALA E 156 38.63 27.30 81.01
C ALA E 156 38.03 28.12 82.19
N LYS E 157 36.75 28.49 82.04
CA LYS E 157 36.06 29.15 83.14
C LYS E 157 36.27 28.47 84.48
N THR E 158 36.10 27.15 84.55
CA THR E 158 36.28 26.47 85.84
C THR E 158 37.73 26.54 86.30
N ALA E 159 38.63 26.90 85.41
CA ALA E 159 40.03 26.78 85.76
C ALA E 159 40.76 28.08 85.54
N LYS E 160 40.00 29.14 85.81
CA LYS E 160 40.49 30.50 85.88
C LYS E 160 41.50 30.87 84.80
N THR E 161 41.09 30.54 83.57
CA THR E 161 41.83 30.79 82.34
C THR E 161 41.00 31.83 81.56
N ASN E 162 41.58 32.94 81.12
CA ASN E 162 40.77 33.87 80.32
C ASN E 162 40.25 33.36 78.95
N VAL E 163 39.08 33.83 78.57
CA VAL E 163 38.51 33.39 77.31
C VAL E 163 38.20 34.58 76.43
N ILE E 164 38.90 34.65 75.30
CA ILE E 164 38.71 35.74 74.34
C ILE E 164 38.02 35.14 73.15
N LEU E 165 37.01 35.82 72.64
CA LEU E 165 36.31 35.26 71.52
C LEU E 165 36.06 36.27 70.39
N ASN E 166 36.75 36.04 69.28
CA ASN E 166 36.54 36.79 68.05
C ASN E 166 35.27 36.26 67.38
N PRO E 167 34.14 36.98 67.46
CA PRO E 167 32.86 36.40 67.05
C PRO E 167 32.69 36.45 65.55
N ALA E 168 33.80 36.28 64.84
CA ALA E 168 33.85 36.13 63.41
C ALA E 168 34.11 34.67 63.16
N PRO E 169 33.47 34.11 62.13
CA PRO E 169 32.51 34.82 61.27
C PRO E 169 31.08 34.83 61.82
N ALA E 170 30.35 35.82 61.35
CA ALA E 170 29.06 36.17 61.88
C ALA E 170 28.16 34.98 62.03
N ARG E 171 27.74 34.73 63.26
CA ARG E 171 26.76 33.70 63.56
C ARG E 171 26.10 34.04 64.91
N GLU E 172 25.03 33.37 65.29
CA GLU E 172 24.37 33.64 66.57
C GLU E 172 24.99 32.71 67.58
N LEU E 173 25.20 33.15 68.81
CA LEU E 173 25.76 32.23 69.80
C LEU E 173 24.83 31.97 70.99
N PRO E 174 25.00 30.81 71.64
CA PRO E 174 24.07 30.56 72.74
C PRO E 174 24.59 31.23 73.99
N ASP E 175 23.62 31.68 74.76
CA ASP E 175 23.80 32.46 75.96
C ASP E 175 24.67 31.74 76.96
N GLU E 176 24.58 30.42 77.01
CA GLU E 176 25.44 29.66 77.91
C GLU E 176 26.93 29.73 77.52
N LEU E 177 27.24 30.27 76.35
CA LEU E 177 28.63 30.35 75.90
C LEU E 177 29.20 31.74 76.21
N LEU E 178 28.46 32.77 75.81
CA LEU E 178 28.86 34.13 76.10
C LEU E 178 29.11 34.35 77.59
N LYS E 179 28.38 33.63 78.43
CA LYS E 179 28.55 33.77 79.86
C LYS E 179 29.81 33.04 80.32
N CYS E 180 30.54 32.44 79.38
CA CYS E 180 31.80 31.80 79.72
C CYS E 180 32.95 32.65 79.21
N VAL E 181 32.62 33.76 78.53
CA VAL E 181 33.62 34.69 77.93
C VAL E 181 34.00 35.93 78.73
N ASP E 182 35.28 36.32 78.67
CA ASP E 182 35.83 37.52 79.38
C ASP E 182 36.15 38.74 78.49
N LEU E 183 36.19 38.52 77.18
CA LEU E 183 36.52 39.57 76.22
C LEU E 183 36.02 39.18 74.84
N ILE E 184 35.53 40.17 74.08
CA ILE E 184 34.99 39.93 72.75
C ILE E 184 35.49 41.00 71.77
N THR E 185 35.73 40.63 70.52
CA THR E 185 36.31 41.59 69.61
C THR E 185 35.47 41.81 68.37
N PRO E 186 34.19 42.15 68.56
CA PRO E 186 33.31 42.23 67.40
C PRO E 186 33.59 43.38 66.48
N ASN E 187 32.88 43.37 65.38
CA ASN E 187 32.91 44.47 64.49
C ASN E 187 31.49 44.88 64.40
N GLU E 188 31.26 45.95 63.65
CA GLU E 188 29.94 46.50 63.46
C GLU E 188 28.94 45.39 63.15
N THR E 189 29.33 44.50 62.24
CA THR E 189 28.49 43.40 61.74
C THR E 189 28.29 42.22 62.71
N GLU E 190 29.29 41.93 63.51
CA GLU E 190 29.22 40.83 64.45
C GLU E 190 28.39 41.31 65.64
N ALA E 191 28.57 42.59 65.96
CA ALA E 191 27.84 43.24 67.05
C ALA E 191 26.33 43.19 66.81
N GLU E 192 25.92 43.36 65.56
CA GLU E 192 24.50 43.27 65.22
C GLU E 192 23.92 41.87 65.39
N VAL E 193 24.64 40.85 64.96
CA VAL E 193 24.08 39.51 65.04
C VAL E 193 23.87 39.09 66.46
N LEU E 194 24.64 39.67 67.37
CA LEU E 194 24.69 39.15 68.72
C LEU E 194 23.87 39.97 69.72
N THR E 195 23.53 41.20 69.33
CA THR E 195 22.87 42.21 70.20
C THR E 195 21.65 42.82 69.57
N GLY E 196 21.75 43.05 68.27
CA GLY E 196 20.67 43.62 67.55
C GLY E 196 20.97 45.07 67.25
N ILE E 197 21.70 45.72 68.12
CA ILE E 197 21.95 47.15 67.91
C ILE E 197 22.63 47.35 66.59
N THR E 198 22.20 48.36 65.85
CA THR E 198 22.91 48.67 64.61
C THR E 198 23.99 49.69 64.95
N VAL E 199 25.23 49.23 64.88
CA VAL E 199 26.40 49.99 65.22
C VAL E 199 26.92 50.88 64.10
N TYR E 200 26.77 52.19 64.34
CA TYR E 200 27.25 53.26 63.48
C TYR E 200 28.10 54.27 64.26
N ASP E 201 27.47 55.10 65.09
CA ASP E 201 28.23 56.11 65.84
C ASP E 201 28.66 55.62 67.22
N ASP E 202 29.22 56.52 68.03
CA ASP E 202 29.64 56.19 69.39
C ASP E 202 28.48 55.84 70.33
N SER E 203 27.31 56.46 70.16
CA SER E 203 26.20 56.19 71.05
C SER E 203 25.74 54.77 70.77
N SER E 204 25.70 54.42 69.50
CA SER E 204 25.36 53.06 69.15
C SER E 204 26.51 52.14 69.49
N ALA E 205 27.71 52.69 69.55
CA ALA E 205 28.85 51.85 69.91
C ALA E 205 28.87 51.60 71.43
N GLN E 206 28.38 52.58 72.18
CA GLN E 206 28.34 52.45 73.62
C GLN E 206 27.35 51.39 73.97
N GLN E 207 26.19 51.49 73.33
CA GLN E 207 25.03 50.64 73.59
C GLN E 207 25.22 49.17 73.15
N ALA E 208 25.95 48.96 72.07
CA ALA E 208 26.20 47.62 71.61
C ALA E 208 26.94 46.86 72.68
N ALA E 209 28.06 47.41 73.14
CA ALA E 209 28.85 46.80 74.21
C ALA E 209 28.03 46.39 75.41
N ASP E 210 27.12 47.27 75.79
CA ASP E 210 26.16 47.07 76.89
C ASP E 210 25.36 45.74 76.89
N ALA E 211 24.77 45.38 75.75
CA ALA E 211 24.00 44.13 75.65
C ALA E 211 24.89 42.99 76.02
N LEU E 212 26.06 43.00 75.40
CA LEU E 212 27.09 42.02 75.63
C LEU E 212 27.43 41.95 77.12
N HIS E 213 27.71 43.11 77.71
CA HIS E 213 27.93 43.21 79.15
C HIS E 213 26.79 42.55 79.91
N CYS E 214 25.56 42.84 79.50
CA CYS E 214 24.42 42.18 80.15
C CYS E 214 24.32 40.70 79.79
N LYS E 215 25.10 40.25 78.80
CA LYS E 215 25.14 38.83 78.45
C LYS E 215 26.37 38.16 79.06
N GLY E 216 27.01 38.84 80.01
CA GLY E 216 28.02 38.22 80.83
C GLY E 216 29.48 38.42 80.51
N ILE E 217 29.74 39.33 79.58
CA ILE E 217 31.09 39.59 79.14
C ILE E 217 31.67 40.88 79.73
N GLU E 218 32.83 40.80 80.36
CA GLU E 218 33.43 42.01 80.95
C GLU E 218 33.92 43.06 79.98
N ILE E 219 34.88 42.70 79.13
CA ILE E 219 35.57 43.66 78.29
C ILE E 219 35.00 43.59 76.88
N VAL E 220 34.72 44.73 76.25
CA VAL E 220 34.12 44.71 74.91
C VAL E 220 34.84 45.63 73.91
N ILE E 221 35.45 45.06 72.88
CA ILE E 221 36.26 45.84 71.93
C ILE E 221 35.69 45.85 70.49
N ILE E 222 34.54 46.50 70.32
CA ILE E 222 33.86 46.59 69.03
C ILE E 222 34.74 47.24 67.95
N THR E 223 35.27 46.50 67.00
CA THR E 223 35.99 47.14 65.91
C THR E 223 35.06 47.84 64.92
N LEU E 224 35.29 49.12 64.67
CA LEU E 224 34.44 49.86 63.74
C LEU E 224 35.21 50.27 62.49
N GLY E 225 36.19 49.45 62.12
CA GLY E 225 37.00 49.70 60.93
C GLY E 225 37.88 50.94 60.88
N SER E 226 37.67 51.80 59.87
CA SER E 226 38.57 52.93 59.68
C SER E 226 38.51 53.84 60.89
N LYS E 227 37.33 53.89 61.50
CA LYS E 227 37.07 54.77 62.61
C LYS E 227 37.49 54.13 63.92
N GLY E 228 38.51 53.27 63.87
CA GLY E 228 39.08 52.72 65.10
C GLY E 228 38.30 51.63 65.83
N VAL E 229 38.25 51.74 67.16
CA VAL E 229 37.63 50.73 68.02
C VAL E 229 36.83 51.33 69.19
N TRP E 230 35.68 50.75 69.50
CA TRP E 230 34.99 51.17 70.69
C TRP E 230 35.26 50.23 71.84
N LEU E 231 36.14 50.61 72.76
CA LEU E 231 36.43 49.76 73.93
C LEU E 231 35.52 50.06 75.13
N SER E 232 35.07 49.06 75.88
CA SER E 232 34.12 49.33 76.96
C SER E 232 34.11 48.34 78.13
N GLN E 233 34.92 48.54 79.18
CA GLN E 233 34.87 47.57 80.29
C GLN E 233 33.75 47.80 81.29
N ASN E 234 32.63 47.15 81.00
CA ASN E 234 31.47 47.14 81.86
C ASN E 234 30.86 48.50 82.00
N GLY E 235 30.99 49.31 80.96
CA GLY E 235 30.41 50.65 80.98
C GLY E 235 31.38 51.81 80.96
N ARG E 236 32.65 51.50 81.23
CA ARG E 236 33.73 52.46 81.10
C ARG E 236 34.09 52.46 79.63
N GLY E 237 33.23 53.04 78.82
CA GLY E 237 33.41 52.99 77.39
C GLY E 237 34.18 54.17 76.86
N GLN E 238 34.88 54.00 75.74
CA GLN E 238 35.69 55.06 75.14
C GLN E 238 35.93 54.77 73.65
N ARG E 239 36.51 55.70 72.92
CA ARG E 239 36.93 55.29 71.58
C ARG E 239 38.46 55.37 71.55
N ILE E 240 39.02 54.91 70.44
CA ILE E 240 40.43 54.90 70.13
C ILE E 240 40.52 54.73 68.62
N PRO E 241 40.89 55.76 67.86
CA PRO E 241 41.00 55.40 66.46
C PRO E 241 42.27 54.59 66.30
N GLY E 242 42.31 53.73 65.30
CA GLY E 242 43.56 53.06 64.99
C GLY E 242 44.45 54.04 64.25
N PHE E 243 45.27 53.52 63.35
CA PHE E 243 46.16 54.36 62.58
C PHE E 243 45.59 54.72 61.17
N VAL E 244 46.21 55.68 60.49
CA VAL E 244 45.89 56.02 59.08
C VAL E 244 46.32 54.89 58.14
N VAL E 245 45.41 53.94 57.94
CA VAL E 245 45.79 52.74 57.23
C VAL E 245 44.66 52.22 56.32
N LYS E 246 45.02 51.40 55.33
CA LYS E 246 44.05 50.86 54.38
C LYS E 246 43.20 49.75 55.02
N ALA E 247 42.03 49.52 54.42
CA ALA E 247 40.96 48.71 55.00
C ALA E 247 40.35 47.74 53.97
N THR E 248 41.21 47.21 53.11
CA THR E 248 40.86 46.24 52.07
C THR E 248 41.01 44.82 52.64
N ASP E 249 42.18 44.57 53.23
CA ASP E 249 42.49 43.31 53.89
C ASP E 249 42.05 43.35 55.38
N THR E 250 41.33 44.40 55.77
CA THR E 250 40.91 44.58 57.16
C THR E 250 39.95 43.48 57.56
N THR E 251 39.33 42.87 56.55
CA THR E 251 38.43 41.74 56.74
C THR E 251 39.16 40.49 57.25
N ALA E 252 40.30 40.73 57.88
CA ALA E 252 41.25 39.71 58.30
C ALA E 252 42.31 40.37 59.16
N ALA E 253 42.41 41.69 59.07
CA ALA E 253 43.44 42.44 59.79
C ALA E 253 43.25 42.18 61.28
N GLY E 254 41.98 41.98 61.64
CA GLY E 254 41.58 41.60 62.98
C GLY E 254 42.03 40.22 63.38
N ASP E 255 42.72 39.56 62.47
CA ASP E 255 43.27 38.29 62.83
C ASP E 255 44.64 38.70 63.36
N THR E 256 45.28 39.68 62.71
CA THR E 256 46.59 40.11 63.19
C THR E 256 46.34 40.85 64.45
N PHE E 257 45.34 41.73 64.39
CA PHE E 257 44.83 42.44 65.57
C PHE E 257 44.60 41.57 66.80
N ASN E 258 43.69 40.62 66.66
CA ASN E 258 43.39 39.73 67.76
C ASN E 258 44.63 38.94 68.12
N GLY E 259 45.50 38.73 67.16
CA GLY E 259 46.73 38.02 67.44
C GLY E 259 47.66 38.85 68.31
N ALA E 260 47.75 40.15 67.99
CA ALA E 260 48.58 41.13 68.67
C ALA E 260 47.96 41.53 70.04
N LEU E 261 46.64 41.74 70.04
CA LEU E 261 45.90 42.06 71.26
C LEU E 261 46.07 41.07 72.43
N VAL E 262 45.93 39.77 72.17
CA VAL E 262 46.02 38.83 73.27
C VAL E 262 47.46 38.63 73.59
N THR E 263 48.34 38.83 72.62
CA THR E 263 49.78 38.74 72.89
C THR E 263 50.20 39.91 73.77
N GLY E 264 49.52 41.03 73.59
CA GLY E 264 49.71 42.14 74.51
C GLY E 264 49.34 41.69 75.91
N LEU E 265 48.06 41.48 76.15
CA LEU E 265 47.56 41.04 77.45
C LEU E 265 48.38 39.87 78.04
N LEU E 266 48.91 39.01 77.18
CA LEU E 266 49.68 37.89 77.69
C LEU E 266 50.94 38.45 78.31
N GLN E 267 51.53 39.45 77.67
CA GLN E 267 52.79 40.00 78.16
C GLN E 267 52.57 41.15 79.17
N GLU E 268 51.44 41.11 79.86
CA GLU E 268 51.13 42.03 80.96
C GLU E 268 50.83 43.47 80.54
N MET E 269 50.82 43.77 79.25
CA MET E 269 50.37 45.09 78.80
C MET E 269 48.99 45.43 79.31
N PRO E 270 48.81 46.71 79.69
CA PRO E 270 47.52 47.25 80.15
C PRO E 270 46.58 47.48 78.96
N LEU E 271 45.28 47.32 79.16
CA LEU E 271 44.29 47.25 78.06
C LEU E 271 44.43 48.11 76.82
N GLU E 272 44.27 49.41 76.98
CA GLU E 272 44.38 50.35 75.89
C GLU E 272 45.78 50.35 75.26
N SER E 273 46.79 49.92 76.01
CA SER E 273 48.13 49.99 75.51
C SER E 273 48.30 48.84 74.55
N ALA E 274 47.74 47.69 74.90
CA ALA E 274 47.77 46.52 74.03
C ALA E 274 46.89 46.66 72.75
N ILE E 275 45.70 47.26 72.86
CA ILE E 275 44.91 47.58 71.67
C ILE E 275 45.76 48.40 70.68
N LYS E 276 46.61 49.31 71.19
CA LYS E 276 47.44 50.12 70.31
C LYS E 276 48.49 49.23 69.68
N PHE E 277 49.02 48.29 70.45
CA PHE E 277 49.96 47.31 69.93
C PHE E 277 49.40 46.75 68.66
N ALA E 278 48.20 46.18 68.85
CA ALA E 278 47.35 45.55 67.83
C ALA E 278 47.13 46.33 66.56
N HIS E 279 46.69 47.57 66.76
CA HIS E 279 46.43 48.51 65.70
C HIS E 279 47.61 48.76 64.81
N ALA E 280 48.80 48.61 65.38
CA ALA E 280 50.00 48.77 64.60
C ALA E 280 50.12 47.55 63.74
N ALA E 281 50.22 46.42 64.43
CA ALA E 281 50.30 45.10 63.79
C ALA E 281 49.28 44.91 62.67
N ALA E 282 48.04 45.33 62.93
CA ALA E 282 47.00 45.27 61.91
C ALA E 282 47.34 46.20 60.77
N ALA E 283 47.89 47.35 61.12
CA ALA E 283 48.13 48.38 60.14
C ALA E 283 49.16 47.97 59.11
N ILE E 284 50.22 47.31 59.55
CA ILE E 284 51.21 46.85 58.60
C ILE E 284 50.78 45.56 57.89
N SER E 285 49.87 44.80 58.49
CA SER E 285 49.41 43.55 57.87
C SER E 285 48.73 43.78 56.52
N VAL E 286 47.76 44.68 56.53
CA VAL E 286 46.93 45.06 55.38
C VAL E 286 47.68 45.66 54.17
N THR E 287 49.01 45.62 54.17
CA THR E 287 49.77 46.12 53.02
C THR E 287 50.58 45.04 52.27
N ARG E 288 50.18 43.77 52.43
CA ARG E 288 50.88 42.67 51.74
C ARG E 288 49.95 41.56 51.19
N PHE E 289 50.14 41.22 49.91
CA PHE E 289 49.35 40.18 49.21
C PHE E 289 49.39 38.78 49.84
N GLY E 290 48.39 38.48 50.66
CA GLY E 290 48.31 37.19 51.30
C GLY E 290 47.50 37.17 52.59
N ALA E 291 47.88 36.26 53.48
CA ALA E 291 47.18 36.05 54.74
C ALA E 291 48.16 35.83 55.89
N GLN E 292 49.13 34.92 55.67
CA GLN E 292 50.20 34.64 56.65
C GLN E 292 51.61 35.20 56.25
N THR E 293 51.65 36.04 55.21
CA THR E 293 52.88 36.75 54.78
C THR E 293 52.77 38.15 55.30
N SER E 294 51.51 38.57 55.39
CA SER E 294 51.14 39.84 55.96
C SER E 294 51.63 39.92 57.41
N ILE E 295 51.32 38.88 58.17
CA ILE E 295 51.67 38.77 59.58
C ILE E 295 53.11 39.23 59.84
N PRO E 296 53.27 40.34 60.58
CA PRO E 296 54.57 41.00 60.74
C PRO E 296 55.36 40.49 61.94
N THR E 297 56.65 40.85 62.04
CA THR E 297 57.47 40.40 63.17
C THR E 297 57.28 41.36 64.33
N ARG E 298 57.60 40.92 65.55
CA ARG E 298 57.47 41.78 66.73
C ARG E 298 58.32 43.02 66.52
N ALA E 299 59.52 42.79 66.01
CA ALA E 299 60.43 43.87 65.67
C ALA E 299 59.78 44.94 64.80
N GLU E 300 59.22 44.55 63.65
CA GLU E 300 58.66 45.54 62.74
C GLU E 300 57.41 46.22 63.31
N VAL E 301 56.65 45.54 64.17
CA VAL E 301 55.48 46.19 64.75
C VAL E 301 55.95 47.30 65.65
N GLU E 302 56.93 47.04 66.49
CA GLU E 302 57.45 48.10 67.37
C GLU E 302 58.18 49.23 66.61
N ALA E 303 58.97 48.81 65.63
CA ALA E 303 59.61 49.75 64.72
C ALA E 303 58.55 50.67 64.13
N PHE E 304 57.37 50.15 63.84
CA PHE E 304 56.29 50.98 63.33
C PHE E 304 55.86 51.96 64.38
N LEU E 305 55.63 51.41 65.58
CA LEU E 305 55.21 52.19 66.74
C LEU E 305 56.13 53.38 67.09
N ALA E 306 57.44 53.17 67.04
CA ALA E 306 58.40 54.24 67.26
C ALA E 306 58.23 55.40 66.27
N GLU E 307 58.07 55.06 64.98
CA GLU E 307 57.87 56.06 63.92
C GLU E 307 56.55 56.77 64.06
N HIS E 308 55.51 55.99 64.26
CA HIS E 308 54.18 56.54 64.36
C HIS E 308 53.93 56.89 65.81
N SER E 309 54.46 58.04 66.24
CA SER E 309 54.36 58.46 67.64
C SER E 309 53.62 59.76 67.83
N MET F 4 61.79 4.72 21.26
CA MET F 4 60.83 5.58 20.57
C MET F 4 59.45 4.96 20.63
N ASN F 5 58.43 5.76 20.94
CA ASN F 5 57.08 5.23 21.11
C ASN F 5 56.23 5.10 19.87
N LYS F 6 55.40 4.07 19.92
CA LYS F 6 54.53 3.74 18.83
C LYS F 6 53.58 4.93 18.77
N LEU F 7 52.98 5.24 19.93
CA LEU F 7 52.06 6.36 20.03
C LEU F 7 52.61 7.38 20.98
N VAL F 8 52.46 8.66 20.59
CA VAL F 8 52.86 9.79 21.40
C VAL F 8 51.63 10.66 21.51
N VAL F 9 51.25 10.94 22.75
CA VAL F 9 50.14 11.85 23.06
C VAL F 9 50.60 13.20 23.62
N LEU F 10 49.94 14.25 23.15
CA LEU F 10 50.35 15.61 23.40
C LEU F 10 49.19 16.44 23.91
N GLY F 11 49.25 16.81 25.18
CA GLY F 11 48.16 17.58 25.72
C GLY F 11 48.33 17.95 27.16
N SER F 12 47.20 18.35 27.74
CA SER F 12 47.11 18.99 29.04
C SER F 12 47.06 18.00 30.18
N VAL F 13 47.67 18.37 31.30
CA VAL F 13 47.44 17.74 32.59
C VAL F 13 46.72 18.76 33.46
N ASN F 14 45.80 18.32 34.33
CA ASN F 14 45.14 19.29 35.21
C ASN F 14 44.98 18.82 36.64
N ALA F 15 43.84 19.12 37.22
CA ALA F 15 43.52 18.59 38.52
C ALA F 15 42.14 19.10 38.78
N ASP F 16 41.24 18.25 39.20
CA ASP F 16 39.92 18.75 39.40
C ASP F 16 39.59 18.91 40.87
N HIS F 17 39.58 20.18 41.31
CA HIS F 17 39.25 20.53 42.70
C HIS F 17 37.76 20.64 42.69
N VAL F 18 37.10 19.53 43.02
CA VAL F 18 35.67 19.51 42.88
C VAL F 18 35.08 19.45 44.28
N LEU F 19 34.07 20.25 44.51
CA LEU F 19 33.44 20.30 45.81
C LEU F 19 31.97 20.64 45.66
N GLN F 20 31.13 20.00 46.46
CA GLN F 20 29.66 20.15 46.42
C GLN F 20 29.11 21.33 47.22
N VAL F 21 28.08 21.98 46.67
CA VAL F 21 27.45 23.18 47.26
C VAL F 21 25.94 23.03 47.33
N PRO F 22 25.23 23.78 48.21
CA PRO F 22 23.78 23.66 48.11
C PRO F 22 23.32 24.47 46.91
N SER F 23 23.23 25.78 47.05
CA SER F 23 22.83 26.65 45.95
C SER F 23 23.99 26.95 45.01
N PHE F 24 23.66 27.55 43.87
CA PHE F 24 24.67 27.99 42.94
C PHE F 24 25.12 29.31 43.52
N PRO F 25 26.42 29.59 43.44
CA PRO F 25 26.92 30.75 44.16
C PRO F 25 26.47 32.07 43.59
N ARG F 26 25.32 32.57 44.05
CA ARG F 26 24.92 33.92 43.66
C ARG F 26 26.00 34.84 44.25
N PRO F 27 26.08 36.08 43.74
CA PRO F 27 27.13 36.97 44.24
C PRO F 27 26.94 37.35 45.70
N GLY F 28 27.77 38.26 46.21
CA GLY F 28 27.55 38.74 47.56
C GLY F 28 27.93 37.75 48.64
N GLU F 29 27.16 36.68 48.74
CA GLU F 29 27.24 35.77 49.88
C GLU F 29 28.27 34.65 49.72
N THR F 30 28.55 33.98 50.83
CA THR F 30 29.53 32.94 50.91
C THR F 30 28.81 31.63 50.77
N LEU F 31 29.53 30.63 50.28
CA LEU F 31 28.92 29.38 49.88
C LEU F 31 29.61 28.17 50.49
N HIS F 32 29.06 27.70 51.61
CA HIS F 32 29.56 26.51 52.30
C HIS F 32 29.19 25.26 51.51
N GLY F 33 30.03 24.23 51.58
CA GLY F 33 29.76 23.00 50.88
C GLY F 33 30.54 21.86 51.49
N ARG F 34 30.41 20.67 50.95
CA ARG F 34 31.04 19.49 51.56
C ARG F 34 31.70 18.72 50.49
N ASN F 35 32.49 17.77 50.94
CA ASN F 35 33.32 16.99 50.06
C ASN F 35 34.12 17.86 49.13
N TYR F 36 35.33 18.23 49.54
CA TYR F 36 36.25 18.79 48.56
C TYR F 36 37.18 17.63 48.21
N GLN F 37 37.41 17.42 46.92
CA GLN F 37 38.40 16.44 46.50
C GLN F 37 39.11 16.85 45.23
N VAL F 38 40.37 16.41 45.10
CA VAL F 38 41.15 16.63 43.89
C VAL F 38 41.31 15.36 43.09
N ILE F 39 40.74 15.36 41.89
CA ILE F 39 40.81 14.20 41.03
C ILE F 39 41.71 14.65 39.91
N PRO F 40 42.82 13.93 39.70
CA PRO F 40 43.76 14.28 38.63
C PRO F 40 42.96 14.27 37.36
N GLY F 41 43.26 15.11 36.40
CA GLY F 41 42.33 15.26 35.30
C GLY F 41 43.09 15.68 34.10
N GLY F 42 42.37 16.32 33.20
CA GLY F 42 42.92 16.81 31.94
C GLY F 42 42.88 15.83 30.78
N LYS F 43 42.29 16.27 29.67
CA LYS F 43 42.10 15.42 28.50
C LYS F 43 43.38 14.75 28.12
N GLY F 44 44.34 15.54 27.67
CA GLY F 44 45.65 15.03 27.30
C GLY F 44 46.25 13.96 28.19
N ALA F 45 46.03 14.02 29.48
CA ALA F 45 46.56 12.99 30.34
C ALA F 45 45.56 11.84 30.53
N ASN F 46 44.26 12.16 30.66
CA ASN F 46 43.22 11.13 30.76
C ASN F 46 43.41 10.11 29.69
N GLN F 47 43.48 10.60 28.45
CA GLN F 47 43.64 9.74 27.31
C GLN F 47 44.96 9.03 27.38
N ALA F 48 46.02 9.72 27.77
CA ALA F 48 47.31 9.09 27.66
C ALA F 48 47.39 7.95 28.65
N VAL F 49 46.65 8.07 29.75
CA VAL F 49 46.56 6.96 30.68
C VAL F 49 45.55 5.86 30.20
N ALA F 50 44.54 6.24 29.40
CA ALA F 50 43.65 5.21 28.81
C ALA F 50 44.53 4.31 27.98
N ALA F 51 45.14 4.92 26.96
CA ALA F 51 46.07 4.24 26.06
C ALA F 51 47.06 3.42 26.86
N ALA F 52 47.57 4.03 27.92
CA ALA F 52 48.53 3.38 28.79
C ALA F 52 47.98 2.11 29.44
N ARG F 53 46.69 2.14 29.77
CA ARG F 53 46.02 1.02 30.43
C ARG F 53 45.67 -0.13 29.44
N MET F 54 45.61 0.23 28.16
CA MET F 54 45.38 -0.70 27.04
C MET F 54 46.65 -1.27 26.45
N GLN F 55 47.67 -1.46 27.28
CA GLN F 55 48.94 -1.99 26.80
C GLN F 55 49.43 -1.35 25.49
N ALA F 56 49.80 -0.07 25.58
CA ALA F 56 50.33 0.66 24.45
C ALA F 56 51.83 0.90 24.58
N ASP F 57 52.30 1.85 23.78
CA ASP F 57 53.65 2.39 23.85
C ASP F 57 53.46 3.90 23.80
N VAL F 58 53.14 4.51 24.93
CA VAL F 58 52.69 5.89 24.88
C VAL F 58 53.61 6.91 25.55
N GLY F 59 54.31 7.68 24.73
CA GLY F 59 55.05 8.79 25.26
C GLY F 59 54.08 9.92 25.48
N PHE F 60 54.32 10.69 26.54
CA PHE F 60 53.50 11.82 26.90
C PHE F 60 54.37 13.04 26.85
N ILE F 61 53.84 14.09 26.25
CA ILE F 61 54.54 15.34 26.12
C ILE F 61 53.59 16.40 26.63
N ALA F 62 53.89 16.96 27.78
CA ALA F 62 52.99 17.91 28.42
C ALA F 62 53.73 18.92 29.28
N CYS F 63 53.02 19.95 29.70
CA CYS F 63 53.59 20.88 30.65
C CYS F 63 52.76 20.76 31.91
N VAL F 64 53.40 20.30 32.97
CA VAL F 64 52.74 20.14 34.27
C VAL F 64 53.23 21.27 35.15
N GLY F 65 52.58 21.47 36.28
CA GLY F 65 52.95 22.59 37.09
C GLY F 65 54.19 22.31 37.86
N ASP F 66 54.09 22.43 39.18
CA ASP F 66 55.21 22.19 40.05
C ASP F 66 54.74 22.17 41.50
N ASP F 67 53.42 22.31 41.70
CA ASP F 67 52.85 22.13 43.03
C ASP F 67 53.02 20.68 43.46
N SER F 68 52.78 20.41 44.74
CA SER F 68 52.89 19.04 45.26
C SER F 68 52.08 18.09 44.36
N PHE F 69 51.06 18.64 43.72
CA PHE F 69 50.35 17.94 42.66
C PHE F 69 51.32 17.65 41.52
N GLY F 70 51.33 18.52 40.50
CA GLY F 70 52.11 18.36 39.28
C GLY F 70 53.40 17.55 39.34
N ILE F 71 53.99 17.48 40.53
CA ILE F 71 55.20 16.70 40.77
C ILE F 71 54.88 15.20 40.93
N ASN F 72 53.88 14.91 41.78
CA ASN F 72 53.46 13.53 42.08
C ASN F 72 52.74 12.84 40.95
N ILE F 73 51.85 13.58 40.31
CA ILE F 73 51.06 13.08 39.22
C ILE F 73 51.85 13.02 37.94
N ARG F 74 53.17 13.09 38.06
CA ARG F 74 54.04 12.94 36.91
C ARG F 74 54.75 11.63 37.14
N GLU F 75 54.64 11.12 38.37
CA GLU F 75 55.22 9.83 38.74
C GLU F 75 54.28 8.66 38.40
N SER F 76 52.99 8.85 38.67
CA SER F 76 51.99 7.83 38.42
C SER F 76 51.92 7.58 36.94
N PHE F 77 52.14 8.64 36.17
CA PHE F 77 52.15 8.52 34.73
C PHE F 77 53.10 7.40 34.33
N LYS F 78 54.31 7.42 34.84
CA LYS F 78 55.19 6.30 34.54
C LYS F 78 54.77 5.01 35.25
N LEU F 79 53.72 5.05 36.08
CA LEU F 79 53.25 3.81 36.71
C LEU F 79 52.32 3.06 35.82
N ASP F 80 52.13 3.54 34.59
CA ASP F 80 51.44 2.75 33.58
C ASP F 80 52.25 2.67 32.31
N GLY F 81 53.57 2.74 32.38
CA GLY F 81 54.32 2.47 31.17
C GLY F 81 54.50 3.69 30.30
N ILE F 82 54.21 4.88 30.85
CA ILE F 82 54.28 6.16 30.09
C ILE F 82 55.70 6.77 29.94
N ASN F 83 56.11 7.04 28.70
CA ASN F 83 57.43 7.56 28.47
C ASN F 83 57.37 9.00 28.91
N THR F 84 57.91 9.24 30.09
CA THR F 84 57.72 10.50 30.76
C THR F 84 58.67 11.53 30.18
N ALA F 85 59.68 11.93 30.96
CA ALA F 85 60.78 12.83 30.52
C ALA F 85 60.44 13.95 29.52
N GLY F 86 59.59 13.68 28.54
CA GLY F 86 59.21 14.73 27.63
C GLY F 86 58.00 15.40 28.23
N VAL F 87 57.65 15.01 29.46
CA VAL F 87 56.59 15.71 30.21
C VAL F 87 57.24 16.78 31.10
N LYS F 88 57.04 18.04 30.76
CA LYS F 88 57.81 19.09 31.39
C LYS F 88 57.09 19.87 32.50
N LEU F 89 57.84 20.26 33.53
CA LEU F 89 57.31 21.09 34.63
C LEU F 89 57.81 22.53 34.57
N GLN F 90 56.88 23.48 34.49
CA GLN F 90 57.25 24.89 34.45
C GLN F 90 57.29 25.48 35.86
N PRO F 91 58.45 26.01 36.24
CA PRO F 91 58.72 26.46 37.61
C PRO F 91 58.05 27.79 37.94
N ASN F 92 57.73 27.96 39.22
CA ASN F 92 56.88 29.05 39.75
C ASN F 92 55.58 29.16 38.97
N CYS F 93 55.11 28.02 38.46
CA CYS F 93 53.84 27.88 37.77
C CYS F 93 53.24 26.63 38.34
N PRO F 94 51.94 26.64 38.61
CA PRO F 94 51.21 25.49 39.15
C PRO F 94 50.65 24.53 38.08
N THR F 95 50.07 23.41 38.49
CA THR F 95 49.40 22.60 37.50
C THR F 95 48.07 23.23 37.26
N GLY F 96 47.69 23.43 36.00
CA GLY F 96 46.45 24.11 35.70
C GLY F 96 45.32 23.35 36.38
N ILE F 97 44.17 23.98 36.56
CA ILE F 97 43.15 23.43 37.47
C ILE F 97 41.74 23.70 36.99
N ALA F 98 40.76 23.16 37.69
CA ALA F 98 39.36 23.48 37.40
C ALA F 98 38.61 23.47 38.70
N MET F 99 37.74 24.44 38.87
CA MET F 99 36.98 24.46 40.10
C MET F 99 35.54 24.11 39.76
N ILE F 100 35.19 22.87 40.05
CA ILE F 100 33.92 22.35 39.59
C ILE F 100 33.06 22.31 40.82
N GLN F 101 32.07 23.20 40.90
CA GLN F 101 31.11 23.10 41.99
C GLN F 101 29.79 22.50 41.57
N VAL F 102 29.43 21.40 42.23
CA VAL F 102 28.23 20.63 41.92
C VAL F 102 27.14 21.20 42.79
N SER F 103 26.13 21.79 42.19
CA SER F 103 25.11 22.37 43.00
C SER F 103 24.14 21.28 43.41
N ASP F 104 23.60 21.46 44.61
CA ASP F 104 22.71 20.50 45.23
C ASP F 104 21.38 21.16 45.57
N SER F 105 20.58 21.41 44.54
CA SER F 105 20.81 20.76 43.24
C SER F 105 20.51 21.65 42.06
N GLY F 106 20.91 21.18 40.87
CA GLY F 106 20.70 21.92 39.66
C GLY F 106 21.90 21.78 38.75
N GLU F 107 22.45 22.91 38.36
CA GLU F 107 23.56 22.93 37.43
C GLU F 107 24.88 23.25 38.10
N ASN F 108 25.94 23.20 37.31
CA ASN F 108 27.28 23.34 37.85
C ASN F 108 28.02 24.59 37.44
N SER F 109 29.14 24.78 38.12
CA SER F 109 30.08 25.84 37.83
C SER F 109 31.42 25.21 37.60
N ILE F 110 31.89 25.28 36.36
CA ILE F 110 33.24 24.86 36.01
C ILE F 110 34.00 26.15 35.82
N CYS F 111 35.16 26.26 36.46
CA CYS F 111 35.95 27.48 36.38
C CYS F 111 37.39 27.13 36.03
N ILE F 112 37.59 26.58 34.83
CA ILE F 112 38.90 26.11 34.43
C ILE F 112 39.97 27.19 34.51
N SER F 113 41.19 26.79 34.79
CA SER F 113 42.34 27.64 34.52
C SER F 113 43.33 26.77 33.75
N ALA F 114 44.52 27.28 33.47
CA ALA F 114 45.38 26.47 32.61
C ALA F 114 46.85 26.58 32.87
N GLU F 115 47.20 27.47 33.79
CA GLU F 115 48.61 27.72 34.17
C GLU F 115 49.71 27.06 33.31
N ALA F 116 50.28 25.96 33.80
CA ALA F 116 51.42 25.40 33.11
C ALA F 116 51.09 24.97 31.71
N ASN F 117 49.82 24.68 31.43
CA ASN F 117 49.45 24.16 30.12
C ASN F 117 49.76 25.19 29.02
N ALA F 118 49.66 26.48 29.36
CA ALA F 118 49.81 27.45 28.31
C ALA F 118 51.27 27.60 28.02
N LYS F 119 52.10 26.84 28.73
CA LYS F 119 53.52 26.88 28.48
C LYS F 119 54.01 25.89 27.44
N LEU F 120 53.13 25.02 26.94
CA LEU F 120 53.47 24.06 25.88
C LEU F 120 53.28 24.69 24.51
N THR F 121 54.30 25.42 24.07
CA THR F 121 54.29 26.15 22.83
C THR F 121 55.20 25.46 21.81
N ALA F 122 55.19 25.93 20.57
CA ALA F 122 56.06 25.42 19.51
C ALA F 122 57.49 25.20 19.95
N ALA F 123 58.09 26.21 20.55
CA ALA F 123 59.50 26.09 20.89
C ALA F 123 59.66 25.17 22.09
N ALA F 124 58.56 24.90 22.78
CA ALA F 124 58.61 24.17 24.03
C ALA F 124 58.71 22.67 23.78
N ILE F 125 58.49 22.27 22.54
CA ILE F 125 58.51 20.87 22.13
C ILE F 125 59.75 20.61 21.26
N GLU F 126 60.64 21.59 21.18
CA GLU F 126 61.87 21.43 20.43
C GLU F 126 62.62 20.14 20.73
N PRO F 127 62.82 19.82 22.01
CA PRO F 127 63.49 18.54 22.27
C PRO F 127 62.57 17.34 22.04
N ASP F 128 61.29 17.63 21.84
CA ASP F 128 60.25 16.63 21.70
C ASP F 128 59.77 16.43 20.25
N LEU F 129 60.03 17.42 19.39
CA LEU F 129 59.82 17.30 17.94
C LEU F 129 60.34 15.97 17.42
N ALA F 130 61.31 15.43 18.15
CA ALA F 130 61.80 14.07 17.98
C ALA F 130 60.67 13.06 17.82
N ALA F 131 60.29 12.38 18.90
CA ALA F 131 59.26 11.33 18.91
C ALA F 131 58.11 11.56 17.92
N ILE F 132 57.60 12.79 17.85
CA ILE F 132 56.54 13.14 16.89
C ILE F 132 56.92 12.73 15.48
N ARG F 133 58.20 12.86 15.17
CA ARG F 133 58.74 12.55 13.85
C ARG F 133 58.59 11.04 13.61
N ASP F 134 58.96 10.24 14.59
CA ASP F 134 58.89 8.77 14.49
C ASP F 134 57.49 8.16 14.41
N ALA F 135 56.82 8.10 15.57
CA ALA F 135 55.50 7.50 15.76
C ALA F 135 54.61 7.38 14.54
N ARG F 136 53.81 6.31 14.53
CA ARG F 136 52.93 6.01 13.40
C ARG F 136 51.67 6.81 13.66
N TYR F 137 51.37 7.00 14.93
CA TYR F 137 50.24 7.81 15.35
C TYR F 137 50.68 8.85 16.37
N LEU F 138 49.93 9.94 16.40
CA LEU F 138 50.15 11.05 17.31
C LEU F 138 48.78 11.49 17.75
N LEU F 139 48.63 11.64 19.05
CA LEU F 139 47.36 12.01 19.62
C LEU F 139 47.42 13.43 20.17
N MET F 140 46.38 14.20 19.94
CA MET F 140 46.36 15.60 20.37
C MET F 140 44.93 16.03 20.65
N GLN F 141 44.78 17.04 21.51
CA GLN F 141 43.49 17.72 21.64
C GLN F 141 43.76 19.17 21.68
N LEU F 142 42.76 19.90 22.14
CA LEU F 142 42.76 21.35 22.14
C LEU F 142 42.74 21.91 23.55
N GLU F 143 43.51 21.31 24.44
CA GLU F 143 43.56 21.78 25.81
C GLU F 143 44.88 22.51 26.17
N THR F 144 45.74 22.72 25.18
CA THR F 144 46.99 23.49 25.33
C THR F 144 47.04 24.50 24.18
N PRO F 145 48.06 25.39 24.14
CA PRO F 145 48.03 26.40 23.06
C PRO F 145 48.05 25.90 21.61
N LEU F 146 47.36 26.64 20.76
CA LEU F 146 47.28 26.35 19.34
C LEU F 146 48.54 26.50 18.49
N ASP F 147 49.67 26.73 19.14
CA ASP F 147 50.88 27.08 18.41
C ASP F 147 51.87 25.96 18.48
N GLY F 148 51.76 25.16 19.54
CA GLY F 148 52.58 23.96 19.75
C GLY F 148 52.00 22.75 19.00
N ILE F 149 50.68 22.73 19.00
CA ILE F 149 49.86 21.84 18.21
C ILE F 149 50.23 21.92 16.72
N LEU F 150 50.21 23.13 16.16
CA LEU F 150 50.60 23.34 14.77
C LEU F 150 51.99 22.81 14.50
N LYS F 151 52.89 23.05 15.45
CA LYS F 151 54.27 22.65 15.28
C LYS F 151 54.26 21.15 15.30
N ALA F 152 53.41 20.58 16.14
CA ALA F 152 53.31 19.13 16.14
C ALA F 152 52.82 18.61 14.80
N ALA F 153 51.72 19.18 14.33
CA ALA F 153 51.07 18.76 13.09
C ALA F 153 51.96 18.79 11.84
N GLN F 154 52.54 19.94 11.56
CA GLN F 154 53.43 20.05 10.41
C GLN F 154 54.63 19.15 10.60
N GLU F 155 55.17 19.13 11.81
CA GLU F 155 56.35 18.34 12.06
C GLU F 155 55.97 16.87 11.93
N ALA F 156 54.68 16.60 12.11
CA ALA F 156 54.17 15.23 12.01
C ALA F 156 54.06 14.73 10.56
N LYS F 157 52.99 15.15 9.86
CA LYS F 157 52.75 14.75 8.47
C LYS F 157 53.99 14.81 7.60
N THR F 158 54.69 15.93 7.67
CA THR F 158 55.93 16.12 6.93
C THR F 158 57.08 15.30 7.48
N ALA F 159 56.78 14.12 7.99
CA ALA F 159 57.79 13.25 8.59
C ALA F 159 57.21 11.88 8.98
N LYS F 160 56.34 11.33 8.14
CA LYS F 160 55.74 10.02 8.38
C LYS F 160 55.13 9.87 9.77
N THR F 161 53.87 10.28 9.89
CA THR F 161 53.19 10.23 11.19
C THR F 161 51.74 10.67 11.15
N ASN F 162 50.85 9.84 11.66
CA ASN F 162 49.45 10.20 11.74
C ASN F 162 49.18 11.17 12.87
N VAL F 163 48.12 11.93 12.70
CA VAL F 163 47.75 12.93 13.66
C VAL F 163 46.30 12.66 14.01
N ILE F 164 46.01 12.45 15.30
CA ILE F 164 44.64 12.29 15.75
C ILE F 164 44.18 13.52 16.48
N LEU F 165 42.98 14.01 16.24
CA LEU F 165 42.61 15.21 16.96
C LEU F 165 41.29 15.03 17.64
N ASN F 166 41.32 14.92 18.95
CA ASN F 166 40.09 15.07 19.71
C ASN F 166 39.90 16.58 19.83
N PRO F 167 39.02 17.17 19.00
CA PRO F 167 38.96 18.63 18.99
C PRO F 167 38.17 19.14 20.18
N ALA F 168 38.29 18.45 21.29
CA ALA F 168 37.65 18.86 22.51
C ALA F 168 38.76 19.50 23.30
N PRO F 169 38.48 20.61 23.99
CA PRO F 169 37.15 21.27 24.10
C PRO F 169 36.80 22.18 22.91
N ALA F 170 35.50 22.36 22.69
CA ALA F 170 34.95 23.06 21.51
C ALA F 170 35.52 24.45 21.21
N ARG F 171 36.05 24.65 20.01
CA ARG F 171 36.52 25.96 19.62
C ARG F 171 36.70 26.14 18.09
N GLU F 172 37.19 27.28 17.67
CA GLU F 172 37.38 27.52 16.24
C GLU F 172 38.77 27.10 15.78
N LEU F 173 38.82 26.41 14.63
CA LEU F 173 40.07 25.89 14.06
C LEU F 173 40.34 26.28 12.59
N PRO F 174 41.64 26.50 12.25
CA PRO F 174 42.11 26.97 10.94
C PRO F 174 42.44 25.84 9.99
N ASP F 175 42.25 26.07 8.69
CA ASP F 175 42.59 25.08 7.68
C ASP F 175 44.08 24.76 7.61
N GLU F 176 44.93 25.66 8.09
CA GLU F 176 46.36 25.40 8.06
C GLU F 176 46.72 24.20 8.94
N LEU F 177 45.80 23.80 9.81
CA LEU F 177 46.04 22.63 10.63
C LEU F 177 45.23 21.42 10.14
N LEU F 178 43.92 21.59 9.94
CA LEU F 178 43.07 20.48 9.54
C LEU F 178 43.65 19.74 8.35
N LYS F 179 44.47 20.40 7.56
CA LYS F 179 45.08 19.69 6.43
C LYS F 179 46.19 18.83 6.97
N CYS F 180 46.56 19.07 8.21
CA CYS F 180 47.63 18.30 8.79
C CYS F 180 47.00 17.30 9.73
N VAL F 181 45.68 17.37 9.87
CA VAL F 181 44.98 16.44 10.74
C VAL F 181 44.52 15.25 9.92
N ASP F 182 44.69 14.06 10.49
CA ASP F 182 44.49 12.83 9.73
C ASP F 182 43.16 12.23 10.07
N LEU F 183 43.00 11.90 11.34
CA LEU F 183 41.77 11.32 11.83
C LEU F 183 41.26 12.33 12.82
N ILE F 184 39.95 12.52 12.85
CA ILE F 184 39.40 13.47 13.79
C ILE F 184 38.22 12.82 14.51
N THR F 185 38.11 13.16 15.79
CA THR F 185 37.09 12.61 16.68
C THR F 185 36.25 13.69 17.41
N PRO F 186 35.61 14.61 16.66
CA PRO F 186 34.84 15.70 17.25
C PRO F 186 33.56 15.20 17.87
N ASN F 187 32.56 16.08 17.84
CA ASN F 187 31.22 15.71 18.23
C ASN F 187 30.24 16.77 17.77
N GLU F 188 28.96 16.50 18.00
CA GLU F 188 27.87 17.42 17.66
C GLU F 188 28.23 18.82 18.08
N THR F 189 28.62 18.94 19.33
CA THR F 189 28.92 20.22 19.94
C THR F 189 30.26 20.74 19.41
N GLU F 190 30.98 19.92 18.65
CA GLU F 190 32.23 20.41 18.08
C GLU F 190 32.21 20.45 16.54
N ALA F 191 31.65 19.42 15.89
CA ALA F 191 31.59 19.40 14.42
C ALA F 191 30.88 20.64 13.94
N GLU F 192 29.87 21.04 14.71
CA GLU F 192 29.12 22.25 14.47
C GLU F 192 30.00 23.47 14.56
N VAL F 193 30.87 23.52 15.57
CA VAL F 193 31.74 24.68 15.74
C VAL F 193 32.77 24.84 14.62
N LEU F 194 33.13 23.74 13.95
CA LEU F 194 34.18 23.84 12.94
C LEU F 194 33.65 23.85 11.51
N THR F 195 32.37 23.53 11.35
CA THR F 195 31.78 23.41 10.03
C THR F 195 30.58 24.31 9.95
N GLY F 196 29.90 24.47 11.09
CA GLY F 196 28.80 25.40 11.21
C GLY F 196 27.50 24.67 11.16
N ILE F 197 27.58 23.38 10.88
CA ILE F 197 26.41 22.55 10.71
C ILE F 197 26.14 21.86 12.04
N THR F 198 24.88 21.80 12.47
CA THR F 198 24.60 21.18 13.76
C THR F 198 24.35 19.68 13.54
N VAL F 199 24.25 18.90 14.62
CA VAL F 199 24.01 17.47 14.46
C VAL F 199 22.81 16.96 15.28
N TYR F 200 21.75 16.56 14.56
CA TYR F 200 20.59 15.97 15.21
C TYR F 200 20.21 14.60 14.59
N ASP F 201 20.70 14.33 13.38
CA ASP F 201 20.47 13.03 12.77
C ASP F 201 21.68 12.55 11.98
N ASP F 202 21.48 11.46 11.25
CA ASP F 202 22.51 10.86 10.41
C ASP F 202 22.81 11.74 9.20
N SER F 203 21.78 12.40 8.68
CA SER F 203 21.94 13.20 7.47
C SER F 203 22.72 14.47 7.77
N SER F 204 22.42 15.10 8.91
CA SER F 204 23.12 16.30 9.35
C SER F 204 24.55 15.90 9.73
N ALA F 205 24.73 14.61 9.99
CA ALA F 205 26.03 14.06 10.30
C ALA F 205 26.88 13.91 9.03
N GLN F 206 26.22 13.73 7.90
CA GLN F 206 26.96 13.60 6.66
C GLN F 206 27.60 14.94 6.27
N GLN F 207 26.86 16.03 6.49
CA GLN F 207 27.31 17.36 6.11
C GLN F 207 28.52 17.82 6.92
N ALA F 208 28.48 17.54 8.22
CA ALA F 208 29.61 17.86 9.09
C ALA F 208 30.83 17.04 8.65
N ALA F 209 30.61 15.74 8.50
CA ALA F 209 31.65 14.83 8.03
C ALA F 209 32.32 15.43 6.81
N ASP F 210 31.55 15.53 5.74
CA ASP F 210 31.93 16.18 4.49
C ASP F 210 32.76 17.49 4.63
N ALA F 211 32.29 18.44 5.44
CA ALA F 211 32.96 19.74 5.62
C ALA F 211 34.38 19.60 6.17
N LEU F 212 34.52 18.76 7.19
CA LEU F 212 35.83 18.39 7.71
C LEU F 212 36.66 17.71 6.62
N HIS F 213 36.09 16.68 5.98
CA HIS F 213 36.66 16.06 4.78
C HIS F 213 37.29 17.07 3.82
N CYS F 214 36.55 18.16 3.57
CA CYS F 214 36.98 19.22 2.66
C CYS F 214 38.21 20.00 3.10
N LYS F 215 38.52 19.93 4.40
CA LYS F 215 39.65 20.68 4.93
C LYS F 215 40.90 19.82 5.09
N GLY F 216 40.89 18.68 4.39
CA GLY F 216 42.04 17.81 4.21
C GLY F 216 42.11 16.59 5.11
N ILE F 217 41.05 16.34 5.85
CA ILE F 217 40.99 15.21 6.79
C ILE F 217 40.22 14.01 6.27
N GLU F 218 40.86 12.84 6.27
CA GLU F 218 40.29 11.61 5.69
C GLU F 218 39.13 11.01 6.47
N ILE F 219 39.42 10.68 7.72
CA ILE F 219 38.49 9.95 8.54
C ILE F 219 37.80 10.86 9.53
N VAL F 220 36.48 10.76 9.63
CA VAL F 220 35.74 11.61 10.55
C VAL F 220 34.80 10.79 11.43
N ILE F 221 35.04 10.85 12.75
CA ILE F 221 34.28 10.09 13.74
C ILE F 221 33.52 11.04 14.66
N ILE F 222 32.29 11.38 14.30
CA ILE F 222 31.48 12.33 15.07
C ILE F 222 30.72 11.67 16.22
N THR F 223 31.11 12.04 17.44
CA THR F 223 30.50 11.51 18.65
C THR F 223 29.08 11.97 19.00
N LEU F 224 28.08 11.28 18.46
CA LEU F 224 26.68 11.59 18.76
C LEU F 224 26.31 11.38 20.22
N GLY F 225 27.14 10.67 20.97
CA GLY F 225 26.87 10.43 22.37
C GLY F 225 26.27 9.08 22.72
N SER F 226 25.08 9.07 23.31
CA SER F 226 24.43 7.82 23.73
C SER F 226 24.01 7.05 22.51
N LYS F 227 23.63 7.80 21.49
CA LYS F 227 23.12 7.22 20.26
C LYS F 227 24.28 6.86 19.34
N GLY F 228 25.37 6.38 19.95
CA GLY F 228 26.53 5.90 19.22
C GLY F 228 27.47 6.94 18.61
N VAL F 229 27.93 6.65 17.40
CA VAL F 229 28.93 7.44 16.69
C VAL F 229 28.61 7.49 15.21
N TRP F 230 28.75 8.64 14.57
CA TRP F 230 28.68 8.69 13.10
C TRP F 230 30.07 8.68 12.45
N LEU F 231 30.45 7.57 11.86
CA LEU F 231 31.75 7.43 11.21
C LEU F 231 31.61 7.91 9.79
N SER F 232 32.71 8.31 9.13
CA SER F 232 32.60 8.73 7.74
C SER F 232 33.91 8.61 6.91
N GLN F 233 34.57 7.47 7.04
CA GLN F 233 35.83 7.09 6.38
C GLN F 233 36.30 7.85 5.13
N ASN F 234 35.34 8.28 4.29
CA ASN F 234 35.57 9.03 3.01
C ASN F 234 34.29 9.48 2.33
N GLY F 235 33.28 9.74 3.13
CA GLY F 235 31.97 10.13 2.64
C GLY F 235 31.16 8.88 2.93
N ARG F 236 31.88 7.77 3.09
CA ARG F 236 31.30 6.46 3.37
C ARG F 236 30.99 6.31 4.84
N GLY F 237 30.08 7.13 5.33
CA GLY F 237 29.79 7.17 6.75
C GLY F 237 28.76 6.14 7.17
N GLN F 238 28.78 5.73 8.43
CA GLN F 238 27.81 4.73 8.90
C GLN F 238 27.62 4.71 10.40
N ARG F 239 26.40 4.97 10.83
CA ARG F 239 26.11 4.91 12.25
C ARG F 239 26.55 3.60 12.85
N ILE F 240 27.24 3.67 13.98
CA ILE F 240 27.70 2.49 14.69
C ILE F 240 27.29 2.65 16.15
N PRO F 241 26.02 2.38 16.46
CA PRO F 241 25.62 2.60 17.86
C PRO F 241 26.33 1.66 18.81
N GLY F 242 26.70 2.20 19.96
CA GLY F 242 27.38 1.46 21.00
C GLY F 242 26.51 0.51 21.79
N PHE F 243 27.05 0.05 22.92
CA PHE F 243 26.40 -0.95 23.74
C PHE F 243 25.32 -0.24 24.53
N VAL F 244 24.46 -0.99 25.22
CA VAL F 244 23.43 -0.36 26.04
C VAL F 244 24.13 0.46 27.14
N VAL F 245 24.44 1.73 26.83
CA VAL F 245 25.31 2.55 27.68
C VAL F 245 25.43 4.01 27.16
N LYS F 246 25.95 4.89 28.02
CA LYS F 246 26.32 6.32 27.81
C LYS F 246 25.23 7.34 28.23
N ALA F 247 25.67 8.59 28.44
CA ALA F 247 24.97 9.73 29.08
C ALA F 247 25.06 9.86 30.62
N THR F 248 26.12 9.31 31.24
CA THR F 248 26.36 9.40 32.69
C THR F 248 27.86 9.15 32.98
N ASP F 249 28.43 9.83 34.00
CA ASP F 249 29.89 9.90 34.21
C ASP F 249 30.42 10.37 32.87
N THR F 250 29.89 11.52 32.46
CA THR F 250 29.90 12.02 31.08
C THR F 250 31.26 12.30 30.43
N THR F 251 32.12 13.06 31.12
CA THR F 251 33.46 13.39 30.61
C THR F 251 34.35 12.14 30.46
N ALA F 252 34.38 11.28 31.49
CA ALA F 252 35.30 10.13 31.56
C ALA F 252 34.81 8.99 30.69
N ALA F 253 34.21 9.38 29.57
CA ALA F 253 33.57 8.47 28.65
C ALA F 253 34.37 8.56 27.38
N GLY F 254 34.32 9.73 26.77
CA GLY F 254 34.98 9.95 25.50
C GLY F 254 36.49 10.13 25.48
N ASP F 255 37.12 10.16 26.63
CA ASP F 255 38.56 10.33 26.65
C ASP F 255 39.10 8.94 26.61
N THR F 256 38.39 8.04 27.25
CA THR F 256 38.83 6.67 27.31
C THR F 256 38.66 6.08 25.94
N PHE F 257 37.55 6.44 25.29
CA PHE F 257 37.33 6.16 23.86
C PHE F 257 38.60 6.45 23.02
N ASN F 258 39.00 7.72 23.01
CA ASN F 258 40.18 8.10 22.26
C ASN F 258 41.44 7.41 22.73
N GLY F 259 41.51 7.11 24.01
CA GLY F 259 42.71 6.47 24.51
C GLY F 259 42.83 5.09 23.94
N ALA F 260 41.71 4.37 23.93
CA ALA F 260 41.66 3.00 23.44
C ALA F 260 41.56 3.00 21.92
N LEU F 261 40.65 3.82 21.37
CA LEU F 261 40.44 3.86 19.92
C LEU F 261 41.73 3.97 19.12
N VAL F 262 42.70 4.70 19.64
CA VAL F 262 44.00 4.83 18.96
C VAL F 262 44.88 3.64 19.24
N THR F 263 44.69 3.01 20.40
CA THR F 263 45.43 1.82 20.77
C THR F 263 45.06 0.64 19.90
N GLY F 264 43.81 0.62 19.45
CA GLY F 264 43.37 -0.38 18.49
C GLY F 264 44.21 -0.28 17.24
N LEU F 265 44.10 0.85 16.56
CA LEU F 265 44.81 1.10 15.32
C LEU F 265 46.30 0.76 15.47
N LEU F 266 46.84 1.03 16.65
CA LEU F 266 48.24 0.75 16.93
C LEU F 266 48.46 -0.73 17.07
N GLN F 267 47.42 -1.42 17.52
CA GLN F 267 47.52 -2.84 17.80
C GLN F 267 47.31 -3.61 16.50
N GLU F 268 46.36 -3.10 15.70
CA GLU F 268 46.07 -3.46 14.29
C GLU F 268 44.59 -3.55 13.96
N MET F 269 43.72 -3.27 14.92
CA MET F 269 42.31 -3.25 14.62
C MET F 269 42.00 -2.30 13.51
N PRO F 270 41.18 -2.73 12.55
CA PRO F 270 40.76 -1.82 11.49
C PRO F 270 39.60 -0.95 11.96
N LEU F 271 39.83 0.37 11.97
CA LEU F 271 38.88 1.39 12.45
C LEU F 271 37.54 0.88 12.98
N GLU F 272 36.82 0.14 12.14
CA GLU F 272 35.56 -0.48 12.50
C GLU F 272 35.73 -1.43 13.67
N SER F 273 36.90 -2.05 13.81
CA SER F 273 37.10 -2.97 14.93
C SER F 273 37.36 -2.18 16.19
N ALA F 274 38.16 -1.14 16.03
CA ALA F 274 38.55 -0.27 17.13
C ALA F 274 37.39 0.53 17.76
N ILE F 275 36.49 1.07 16.94
CA ILE F 275 35.33 1.77 17.48
C ILE F 275 34.50 0.91 18.45
N LYS F 276 34.40 -0.40 18.21
CA LYS F 276 33.72 -1.25 19.18
C LYS F 276 34.61 -1.43 20.41
N PHE F 277 35.90 -1.66 20.20
CA PHE F 277 36.85 -1.73 21.29
C PHE F 277 36.63 -0.59 22.26
N ALA F 278 36.86 0.63 21.76
CA ALA F 278 36.61 1.84 22.53
C ALA F 278 35.21 1.91 23.13
N HIS F 279 34.17 1.69 22.32
CA HIS F 279 32.79 1.73 22.81
C HIS F 279 32.63 0.96 24.09
N ALA F 280 33.47 -0.06 24.25
CA ALA F 280 33.49 -0.84 25.45
C ALA F 280 34.20 -0.07 26.54
N ALA F 281 35.44 0.28 26.25
CA ALA F 281 36.33 0.95 27.18
C ALA F 281 35.66 2.07 27.93
N ALA F 282 34.87 2.87 27.22
CA ALA F 282 34.11 3.90 27.90
C ALA F 282 33.04 3.26 28.77
N ALA F 283 32.37 2.26 28.19
CA ALA F 283 31.18 1.64 28.78
C ALA F 283 31.42 0.99 30.14
N ILE F 284 32.63 0.49 30.36
CA ILE F 284 33.05 0.09 31.70
C ILE F 284 33.52 1.28 32.56
N SER F 285 34.20 2.26 31.95
CA SER F 285 34.64 3.49 32.66
C SER F 285 33.48 4.44 33.05
N VAL F 286 32.55 4.63 32.12
CA VAL F 286 31.37 5.47 32.37
C VAL F 286 30.56 5.04 33.60
N THR F 287 30.78 3.81 34.07
CA THR F 287 30.12 3.35 35.28
C THR F 287 31.11 2.91 36.38
N ARG F 288 31.80 3.92 36.94
CA ARG F 288 32.74 3.76 38.04
C ARG F 288 33.20 5.13 38.58
N PHE F 289 33.25 5.24 39.92
CA PHE F 289 33.61 6.46 40.69
C PHE F 289 34.91 7.17 40.25
N GLY F 290 34.83 8.48 40.03
CA GLY F 290 36.02 9.24 39.63
C GLY F 290 36.03 9.58 38.15
N ALA F 291 37.01 10.37 37.75
CA ALA F 291 37.15 10.82 36.37
C ALA F 291 38.43 10.20 35.78
N GLN F 292 39.56 10.46 36.44
CA GLN F 292 40.86 9.90 36.03
C GLN F 292 41.14 8.61 36.81
N THR F 293 40.14 8.12 37.55
CA THR F 293 40.28 6.89 38.31
C THR F 293 39.50 5.67 37.75
N SER F 294 38.33 5.93 37.18
CA SER F 294 37.58 4.89 36.49
C SER F 294 38.10 4.66 35.07
N ILE F 295 39.21 3.94 34.95
CA ILE F 295 39.80 3.67 33.64
C ILE F 295 40.30 2.22 33.68
N PRO F 296 39.72 1.34 32.85
CA PRO F 296 39.96 -0.09 33.00
C PRO F 296 41.22 -0.56 32.30
N THR F 297 41.63 -1.80 32.52
CA THR F 297 42.81 -2.37 31.87
C THR F 297 42.34 -3.00 30.58
N ARG F 298 43.26 -3.44 29.71
CA ARG F 298 42.84 -4.20 28.50
C ARG F 298 42.06 -5.42 28.93
N ALA F 299 42.63 -6.12 29.91
CA ALA F 299 42.04 -7.31 30.48
C ALA F 299 40.56 -7.17 30.77
N GLU F 300 40.19 -6.06 31.38
CA GLU F 300 38.80 -5.82 31.73
C GLU F 300 37.96 -5.60 30.49
N VAL F 301 38.52 -4.96 29.47
CA VAL F 301 37.78 -4.78 28.23
C VAL F 301 37.59 -6.10 27.54
N GLU F 302 38.67 -6.88 27.46
CA GLU F 302 38.59 -8.17 26.79
C GLU F 302 37.60 -9.02 27.53
N ALA F 303 37.56 -8.86 28.86
CA ALA F 303 36.51 -9.47 29.64
C ALA F 303 35.13 -9.00 29.21
N PHE F 304 34.97 -7.69 29.10
CA PHE F 304 33.69 -7.03 28.81
C PHE F 304 33.14 -7.41 27.47
N LEU F 305 34.05 -7.36 26.50
CA LEU F 305 33.85 -7.78 25.12
C LEU F 305 33.40 -9.26 24.99
N ALA F 306 34.02 -10.16 25.74
CA ALA F 306 33.61 -11.54 25.73
C ALA F 306 32.16 -11.60 26.17
N GLU F 307 31.94 -11.29 27.44
CA GLU F 307 30.63 -11.44 28.07
C GLU F 307 29.54 -10.63 27.39
N HIS F 308 29.92 -9.84 26.40
CA HIS F 308 28.94 -9.10 25.66
C HIS F 308 28.92 -9.64 24.27
N SER F 309 27.71 -9.83 23.80
CA SER F 309 27.46 -10.33 22.47
C SER F 309 25.99 -9.96 22.23
N MET G 4 49.96 13.38 -31.35
CA MET G 4 49.37 12.61 -30.25
C MET G 4 48.25 13.37 -29.55
N ASN G 5 47.10 12.73 -29.37
CA ASN G 5 45.93 13.44 -28.84
C ASN G 5 45.81 13.44 -27.33
N LYS G 6 45.43 14.57 -26.76
CA LYS G 6 45.36 14.68 -25.31
C LYS G 6 44.21 13.87 -24.73
N LEU G 7 43.07 13.88 -25.42
CA LEU G 7 41.91 13.12 -24.95
C LEU G 7 41.69 11.93 -25.86
N VAL G 8 41.41 10.77 -25.25
CA VAL G 8 41.21 9.51 -25.97
C VAL G 8 39.89 8.85 -25.47
N VAL G 9 38.97 8.58 -26.40
CA VAL G 9 37.71 7.92 -26.05
C VAL G 9 37.51 6.51 -26.63
N LEU G 10 36.90 5.65 -25.83
CA LEU G 10 36.66 4.26 -26.18
C LEU G 10 35.20 4.03 -25.92
N GLY G 11 34.43 3.85 -26.98
CA GLY G 11 33.02 3.59 -26.76
C GLY G 11 32.25 3.23 -28.00
N SER G 12 30.94 3.14 -27.85
CA SER G 12 30.11 2.48 -28.84
C SER G 12 29.75 3.40 -29.98
N VAL G 13 29.68 2.85 -31.20
CA VAL G 13 28.99 3.57 -32.26
C VAL G 13 27.73 2.80 -32.69
N ASN G 14 26.63 3.53 -32.83
CA ASN G 14 25.35 2.95 -33.22
C ASN G 14 24.74 3.75 -34.32
N ALA G 15 23.85 3.17 -35.06
CA ALA G 15 23.06 3.94 -35.97
C ALA G 15 21.64 3.59 -35.60
N ASP G 16 20.79 4.59 -35.42
CA ASP G 16 19.46 4.32 -34.97
C ASP G 16 18.47 4.27 -36.12
N HIS G 17 17.97 3.06 -36.36
CA HIS G 17 16.96 2.84 -37.34
C HIS G 17 15.65 3.02 -36.59
N VAL G 18 15.07 4.21 -36.73
CA VAL G 18 13.93 4.64 -35.94
C VAL G 18 12.66 4.70 -36.79
N LEU G 19 11.53 4.30 -36.21
CA LEU G 19 10.29 4.38 -36.98
C LEU G 19 9.04 4.59 -36.10
N GLN G 20 8.16 5.48 -36.52
CA GLN G 20 6.92 5.69 -35.77
C GLN G 20 5.86 4.67 -36.17
N VAL G 21 5.31 3.93 -35.20
CA VAL G 21 4.25 2.98 -35.52
C VAL G 21 2.99 3.44 -34.84
N PRO G 22 1.84 3.10 -35.41
CA PRO G 22 0.62 3.57 -34.75
C PRO G 22 0.24 2.70 -33.54
N SER G 23 0.35 1.38 -33.64
CA SER G 23 0.10 0.60 -32.45
C SER G 23 1.40 -0.05 -32.10
N PHE G 24 1.71 -0.02 -30.82
CA PHE G 24 2.89 -0.67 -30.37
C PHE G 24 2.80 -2.08 -30.92
N PRO G 25 3.83 -2.50 -31.66
CA PRO G 25 3.79 -3.81 -32.30
C PRO G 25 3.62 -4.90 -31.30
N ARG G 26 2.34 -5.11 -31.03
CA ARG G 26 1.86 -6.22 -30.26
C ARG G 26 1.99 -7.35 -31.28
N PRO G 27 1.76 -8.61 -30.86
CA PRO G 27 1.89 -9.75 -31.77
C PRO G 27 1.01 -9.71 -33.03
N GLY G 28 0.75 -10.90 -33.55
CA GLY G 28 -0.10 -11.08 -34.70
C GLY G 28 0.52 -10.74 -36.03
N GLU G 29 0.48 -9.48 -36.43
CA GLU G 29 0.88 -9.14 -37.80
C GLU G 29 1.70 -7.85 -38.01
N THR G 30 1.36 -7.17 -39.10
CA THR G 30 2.16 -6.05 -39.61
C THR G 30 1.55 -4.69 -39.33
N LEU G 31 2.44 -3.69 -39.26
CA LEU G 31 2.10 -2.33 -38.93
C LEU G 31 2.69 -1.44 -39.97
N HIS G 32 1.98 -0.41 -40.39
CA HIS G 32 2.60 0.52 -41.31
C HIS G 32 3.13 1.71 -40.55
N GLY G 33 4.42 1.98 -40.71
CA GLY G 33 5.01 3.08 -40.00
C GLY G 33 5.12 4.23 -40.99
N ARG G 34 5.60 5.36 -40.47
CA ARG G 34 5.67 6.58 -41.24
C ARG G 34 6.94 7.22 -40.78
N ASN G 35 7.46 8.14 -41.59
CA ASN G 35 8.68 8.86 -41.26
C ASN G 35 9.79 7.90 -40.86
N TYR G 36 10.74 7.67 -41.74
CA TYR G 36 11.81 6.75 -41.39
C TYR G 36 13.09 7.55 -41.26
N GLN G 37 13.83 7.31 -40.17
CA GLN G 37 15.13 7.96 -39.98
C GLN G 37 16.22 7.05 -39.40
N VAL G 38 17.42 7.23 -39.96
CA VAL G 38 18.64 6.65 -39.44
C VAL G 38 19.41 7.83 -38.85
N ILE G 39 19.55 7.85 -37.54
CA ILE G 39 20.23 8.93 -36.83
C ILE G 39 21.52 8.38 -36.33
N PRO G 40 22.63 8.76 -36.94
CA PRO G 40 23.89 8.24 -36.43
C PRO G 40 24.01 8.65 -35.00
N GLY G 41 24.55 7.78 -34.17
CA GLY G 41 24.49 7.97 -32.74
C GLY G 41 25.62 7.22 -32.12
N GLY G 42 25.33 6.66 -30.96
CA GLY G 42 26.26 5.88 -30.17
C GLY G 42 26.92 6.72 -29.11
N LYS G 43 26.82 6.29 -27.84
CA LYS G 43 27.45 6.96 -26.70
C LYS G 43 28.91 7.18 -26.92
N GLY G 44 29.67 6.11 -26.99
CA GLY G 44 31.06 6.28 -27.32
C GLY G 44 31.34 7.27 -28.43
N ALA G 45 30.48 7.36 -29.41
CA ALA G 45 30.75 8.27 -30.52
C ALA G 45 30.19 9.70 -30.29
N ASN G 46 29.00 9.79 -29.75
CA ASN G 46 28.46 11.06 -29.37
C ASN G 46 29.41 11.89 -28.55
N GLN G 47 29.89 11.34 -27.42
CA GLN G 47 30.72 12.14 -26.51
C GLN G 47 31.98 12.51 -27.24
N ALA G 48 32.54 11.58 -27.99
CA ALA G 48 33.78 11.85 -28.67
C ALA G 48 33.57 12.66 -29.94
N VAL G 49 32.33 13.00 -30.23
CA VAL G 49 32.06 13.94 -31.31
C VAL G 49 31.84 15.34 -30.74
N ALA G 50 31.32 15.38 -29.52
CA ALA G 50 31.18 16.60 -28.71
C ALA G 50 32.53 17.21 -28.38
N ALA G 51 33.37 16.42 -27.70
CA ALA G 51 34.71 16.83 -27.32
C ALA G 51 35.37 17.56 -28.47
N ALA G 52 35.28 16.97 -29.66
CA ALA G 52 35.91 17.52 -30.86
C ALA G 52 35.41 18.93 -31.26
N ARG G 53 34.11 19.18 -31.05
CA ARG G 53 33.49 20.46 -31.35
C ARG G 53 33.81 21.45 -30.25
N MET G 54 34.16 20.94 -29.09
CA MET G 54 34.67 21.77 -28.04
C MET G 54 36.16 21.83 -28.27
N GLN G 55 36.53 21.87 -29.53
CA GLN G 55 37.90 22.04 -29.98
C GLN G 55 38.91 21.23 -29.19
N ALA G 56 38.65 19.94 -29.00
CA ALA G 56 39.54 19.09 -28.20
C ALA G 56 40.60 18.37 -28.98
N ASP G 57 41.45 17.66 -28.26
CA ASP G 57 42.41 16.78 -28.88
C ASP G 57 41.95 15.31 -28.71
N VAL G 58 41.02 14.85 -29.56
CA VAL G 58 40.41 13.54 -29.36
C VAL G 58 40.80 12.60 -30.50
N GLY G 59 41.05 11.36 -30.12
CA GLY G 59 41.21 10.24 -31.02
C GLY G 59 40.16 9.27 -30.54
N PHE G 60 39.65 8.45 -31.45
CA PHE G 60 38.57 7.58 -31.07
C PHE G 60 39.04 6.13 -31.11
N ILE G 61 38.58 5.34 -30.15
CA ILE G 61 38.90 3.93 -30.13
C ILE G 61 37.58 3.20 -30.10
N ALA G 62 37.16 2.69 -31.24
CA ALA G 62 35.88 2.03 -31.26
C ALA G 62 35.82 1.14 -32.48
N CYS G 63 34.81 0.28 -32.56
CA CYS G 63 34.64 -0.55 -33.74
C CYS G 63 33.27 -0.35 -34.41
N VAL G 64 33.27 -0.17 -35.73
CA VAL G 64 32.03 -0.10 -36.51
C VAL G 64 32.02 -1.27 -37.46
N GLY G 65 30.94 -1.48 -38.19
CA GLY G 65 30.90 -2.59 -39.11
C GLY G 65 31.40 -2.23 -40.50
N ASP G 66 31.52 -3.20 -41.40
CA ASP G 66 31.97 -2.90 -42.76
C ASP G 66 30.78 -2.50 -43.61
N ASP G 67 29.61 -2.38 -43.00
CA ASP G 67 28.44 -1.87 -43.69
C ASP G 67 28.64 -0.43 -44.13
N SER G 68 27.77 0.01 -45.05
CA SER G 68 27.84 1.33 -45.66
C SER G 68 27.95 2.39 -44.60
N PHE G 69 27.34 2.12 -43.46
CA PHE G 69 27.42 3.06 -42.35
C PHE G 69 28.85 3.34 -41.87
N GLY G 70 29.42 2.39 -41.15
CA GLY G 70 30.79 2.49 -40.67
C GLY G 70 31.85 3.08 -41.59
N ILE G 71 31.73 2.88 -42.89
CA ILE G 71 32.75 3.40 -43.75
C ILE G 71 32.43 4.86 -43.84
N ASN G 72 31.14 5.16 -43.93
CA ASN G 72 30.66 6.55 -44.07
C ASN G 72 30.83 7.32 -42.77
N ILE G 73 30.72 6.62 -41.66
CA ILE G 73 30.84 7.25 -40.36
C ILE G 73 32.27 7.43 -39.92
N ARG G 74 33.13 6.52 -40.34
CA ARG G 74 34.52 6.63 -39.94
C ARG G 74 35.07 7.89 -40.57
N GLU G 75 34.43 8.37 -41.61
CA GLU G 75 34.95 9.57 -42.25
C GLU G 75 34.35 10.84 -41.66
N SER G 76 33.10 10.81 -41.21
CA SER G 76 32.50 11.96 -40.55
C SER G 76 33.15 12.20 -39.18
N PHE G 77 34.20 11.43 -38.92
CA PHE G 77 34.98 11.59 -37.71
C PHE G 77 36.33 12.25 -38.03
N LYS G 78 36.34 13.12 -39.03
CA LYS G 78 37.57 13.81 -39.33
C LYS G 78 37.10 15.18 -39.63
N LEU G 79 35.85 15.26 -40.05
CA LEU G 79 35.23 16.52 -40.38
C LEU G 79 34.86 17.14 -39.05
N ASP G 80 35.20 16.41 -38.00
CA ASP G 80 35.18 16.98 -36.70
C ASP G 80 36.50 16.74 -36.06
N GLY G 81 37.51 16.34 -36.81
CA GLY G 81 38.85 16.37 -36.24
C GLY G 81 39.22 15.20 -35.36
N ILE G 82 38.43 14.14 -35.42
CA ILE G 82 38.63 12.97 -34.60
C ILE G 82 39.74 12.13 -35.21
N ASN G 83 40.68 11.72 -34.36
CA ASN G 83 41.74 10.83 -34.78
C ASN G 83 41.30 9.38 -34.91
N THR G 84 40.67 9.06 -36.03
CA THR G 84 40.22 7.71 -36.19
C THR G 84 41.48 6.99 -36.54
N ALA G 85 41.99 6.26 -35.56
CA ALA G 85 43.12 5.38 -35.79
C ALA G 85 42.74 4.04 -35.18
N GLY G 86 42.16 4.12 -34.00
CA GLY G 86 41.69 2.97 -33.27
C GLY G 86 40.23 2.77 -33.62
N VAL G 87 39.76 3.50 -34.64
CA VAL G 87 38.42 3.20 -35.14
C VAL G 87 38.58 2.23 -36.26
N LYS G 88 38.29 0.97 -35.92
CA LYS G 88 38.52 -0.24 -36.71
C LYS G 88 37.22 -0.80 -37.26
N LEU G 89 37.21 -1.27 -38.49
CA LEU G 89 36.02 -1.92 -39.04
C LEU G 89 36.22 -3.44 -38.93
N GLN G 90 35.33 -4.10 -38.19
CA GLN G 90 35.46 -5.53 -37.93
C GLN G 90 34.73 -6.06 -39.15
N PRO G 91 35.32 -7.06 -39.83
CA PRO G 91 34.79 -7.48 -41.14
C PRO G 91 33.55 -8.38 -41.12
N ASN G 92 32.71 -8.21 -42.15
CA ASN G 92 31.42 -8.91 -42.29
C ASN G 92 30.66 -8.84 -40.99
N CYS G 93 30.68 -7.65 -40.43
CA CYS G 93 29.95 -7.32 -39.21
C CYS G 93 29.27 -6.00 -39.47
N PRO G 94 28.01 -5.85 -39.06
CA PRO G 94 27.46 -4.52 -39.35
C PRO G 94 27.81 -3.61 -38.16
N THR G 95 27.34 -2.37 -38.13
CA THR G 95 27.63 -1.58 -36.97
C THR G 95 26.59 -1.77 -35.87
N GLY G 96 26.74 -1.07 -34.75
CA GLY G 96 25.77 -1.19 -33.67
C GLY G 96 24.45 -0.57 -34.13
N ILE G 97 23.32 -1.04 -33.62
CA ILE G 97 22.04 -0.58 -34.14
C ILE G 97 21.05 -0.50 -33.00
N ALA G 98 19.96 0.19 -33.27
CA ALA G 98 18.86 0.21 -32.33
C ALA G 98 17.60 0.30 -33.16
N MET G 99 16.63 -0.55 -32.85
CA MET G 99 15.38 -0.49 -33.58
C MET G 99 14.40 0.19 -32.64
N ILE G 100 14.20 1.48 -32.89
CA ILE G 100 13.47 2.34 -31.99
C ILE G 100 12.16 2.66 -32.64
N GLN G 101 11.09 2.05 -32.14
CA GLN G 101 9.75 2.33 -32.61
C GLN G 101 8.93 3.28 -31.71
N VAL G 102 8.52 4.43 -32.24
CA VAL G 102 7.82 5.42 -31.44
C VAL G 102 6.32 5.49 -31.70
N SER G 103 5.53 5.15 -30.70
CA SER G 103 4.08 5.30 -30.77
C SER G 103 3.66 6.20 -29.62
N ASP G 104 3.40 7.50 -29.82
CA ASP G 104 2.70 8.10 -30.96
C ASP G 104 1.74 7.12 -31.63
N SER G 105 0.82 6.55 -30.84
CA SER G 105 0.43 7.08 -29.53
C SER G 105 0.52 6.01 -28.44
N GLY G 106 1.33 6.30 -27.41
CA GLY G 106 1.61 5.43 -26.27
C GLY G 106 3.08 5.62 -25.88
N GLU G 107 3.81 4.51 -25.74
CA GLU G 107 5.25 4.55 -25.43
C GLU G 107 6.09 3.92 -26.56
N ASN G 108 7.38 3.66 -26.28
CA ASN G 108 8.29 3.06 -27.27
C ASN G 108 8.76 1.61 -27.06
N SER G 109 9.37 1.04 -28.11
CA SER G 109 10.03 -0.26 -28.08
C SER G 109 11.46 -0.08 -28.51
N ILE G 110 12.39 -0.74 -27.82
CA ILE G 110 13.78 -0.67 -28.25
C ILE G 110 14.51 -2.02 -28.07
N CYS G 111 15.25 -2.43 -29.11
CA CYS G 111 16.07 -3.66 -29.12
C CYS G 111 17.42 -3.18 -29.62
N ILE G 112 18.53 -3.77 -29.16
CA ILE G 112 19.86 -3.28 -29.57
C ILE G 112 20.74 -4.29 -30.31
N SER G 113 21.54 -3.80 -31.25
CA SER G 113 22.47 -4.70 -31.90
C SER G 113 23.76 -4.83 -31.20
N ALA G 114 24.47 -3.71 -31.24
CA ALA G 114 25.78 -3.66 -30.69
C ALA G 114 26.54 -4.69 -31.44
N GLU G 115 26.32 -4.78 -32.74
CA GLU G 115 27.03 -5.82 -33.47
C GLU G 115 28.57 -5.78 -33.35
N ALA G 116 29.22 -4.94 -34.13
CA ALA G 116 30.66 -4.89 -34.10
C ALA G 116 31.15 -4.37 -32.75
N ASN G 117 30.25 -3.73 -32.02
CA ASN G 117 30.59 -3.13 -30.74
C ASN G 117 31.12 -4.16 -29.77
N ALA G 118 30.60 -5.37 -29.86
CA ALA G 118 30.98 -6.43 -28.96
C ALA G 118 32.35 -6.99 -29.37
N LYS G 119 33.04 -6.30 -30.27
CA LYS G 119 34.37 -6.73 -30.66
C LYS G 119 35.49 -5.90 -30.02
N LEU G 120 35.13 -5.01 -29.08
CA LEU G 120 36.11 -4.21 -28.30
C LEU G 120 36.51 -4.97 -27.04
N THR G 121 37.48 -5.85 -27.22
CA THR G 121 38.01 -6.63 -26.12
C THR G 121 39.41 -6.23 -25.74
N ALA G 122 39.89 -6.87 -24.68
CA ALA G 122 41.26 -6.75 -24.24
C ALA G 122 42.15 -6.83 -25.45
N ALA G 123 41.89 -7.86 -26.27
CA ALA G 123 42.77 -8.14 -27.38
C ALA G 123 42.62 -7.23 -28.57
N ALA G 124 41.48 -6.57 -28.68
CA ALA G 124 41.21 -5.72 -29.84
C ALA G 124 41.71 -4.30 -29.63
N ILE G 125 42.03 -3.94 -28.39
CA ILE G 125 42.42 -2.56 -28.16
C ILE G 125 43.91 -2.48 -27.92
N GLU G 126 44.59 -3.62 -28.04
CA GLU G 126 46.04 -3.66 -27.89
C GLU G 126 46.82 -2.60 -28.64
N PRO G 127 46.49 -2.38 -29.92
CA PRO G 127 47.35 -1.42 -30.62
C PRO G 127 47.08 -0.01 -30.13
N ASP G 128 46.03 0.11 -29.34
CA ASP G 128 45.57 1.41 -28.91
C ASP G 128 46.09 1.82 -27.54
N LEU G 129 46.51 0.84 -26.73
CA LEU G 129 47.12 1.07 -25.41
C LEU G 129 48.16 2.19 -25.48
N ALA G 130 48.92 2.23 -26.57
CA ALA G 130 49.82 3.34 -26.83
C ALA G 130 49.13 4.68 -26.51
N ALA G 131 48.04 4.99 -27.22
CA ALA G 131 47.35 6.27 -27.00
C ALA G 131 46.80 6.36 -25.60
N ILE G 132 46.24 5.28 -25.09
CA ILE G 132 45.74 5.25 -23.71
C ILE G 132 46.80 5.69 -22.68
N ARG G 133 48.05 5.31 -22.89
CA ARG G 133 49.07 5.77 -21.97
C ARG G 133 49.37 7.26 -22.26
N ASP G 134 49.71 7.55 -23.52
CA ASP G 134 49.91 8.93 -23.97
C ASP G 134 48.62 9.74 -24.08
N ALA G 135 47.75 9.64 -23.09
CA ALA G 135 46.54 10.44 -23.08
C ALA G 135 46.46 11.17 -21.76
N ARG G 136 45.91 12.39 -21.77
CA ARG G 136 45.85 13.15 -20.56
C ARG G 136 44.63 12.64 -19.84
N TYR G 137 43.60 12.32 -20.62
CA TYR G 137 42.38 11.82 -20.03
C TYR G 137 41.91 10.67 -20.86
N LEU G 138 41.10 9.82 -20.25
CA LEU G 138 40.51 8.66 -20.90
C LEU G 138 39.08 8.53 -20.44
N LEU G 139 38.19 8.53 -21.43
CA LEU G 139 36.76 8.55 -21.21
C LEU G 139 36.16 7.23 -21.67
N MET G 140 35.18 6.70 -20.91
CA MET G 140 34.57 5.42 -21.27
C MET G 140 33.14 5.35 -20.77
N GLN G 141 32.34 4.51 -21.42
CA GLN G 141 30.96 4.28 -21.03
C GLN G 141 30.76 2.82 -20.82
N LEU G 142 29.50 2.39 -20.83
CA LEU G 142 29.18 0.99 -20.62
C LEU G 142 28.43 0.35 -21.79
N GLU G 143 28.71 0.74 -23.02
CA GLU G 143 28.05 0.13 -24.16
C GLU G 143 28.93 -0.77 -25.04
N THR G 144 30.13 -1.08 -24.60
CA THR G 144 30.99 -2.00 -25.32
C THR G 144 31.45 -3.10 -24.35
N PRO G 145 32.14 -4.16 -24.81
CA PRO G 145 32.41 -5.17 -23.80
C PRO G 145 33.18 -4.71 -22.57
N LEU G 146 32.68 -5.25 -21.46
CA LEU G 146 33.17 -5.02 -20.12
C LEU G 146 34.62 -5.50 -20.04
N ASP G 147 35.07 -6.34 -20.96
CA ASP G 147 36.45 -6.82 -20.84
C ASP G 147 37.48 -5.86 -21.41
N GLY G 148 37.05 -5.05 -22.38
CA GLY G 148 37.88 -4.02 -23.00
C GLY G 148 37.92 -2.69 -22.21
N ILE G 149 36.78 -2.30 -21.67
CA ILE G 149 36.67 -1.19 -20.75
C ILE G 149 37.70 -1.37 -19.65
N LEU G 150 37.58 -2.50 -18.96
CA LEU G 150 38.50 -2.88 -17.93
C LEU G 150 39.95 -2.93 -18.36
N LYS G 151 40.20 -3.45 -19.54
CA LYS G 151 41.60 -3.64 -19.91
C LYS G 151 42.21 -2.29 -20.17
N ALA G 152 41.37 -1.43 -20.74
CA ALA G 152 41.74 -0.03 -20.94
C ALA G 152 41.95 0.64 -19.60
N ALA G 153 41.01 0.39 -18.68
CA ALA G 153 41.04 1.02 -17.37
C ALA G 153 42.35 0.76 -16.64
N GLN G 154 42.72 -0.51 -16.49
CA GLN G 154 43.96 -0.81 -15.82
C GLN G 154 45.10 -0.18 -16.58
N GLU G 155 45.02 -0.18 -17.91
CA GLU G 155 46.10 0.36 -18.73
C GLU G 155 46.09 1.88 -18.68
N ALA G 156 45.45 2.44 -17.67
CA ALA G 156 45.42 3.88 -17.54
C ALA G 156 46.13 4.37 -16.28
N LYS G 157 45.52 4.18 -15.10
CA LYS G 157 46.16 4.56 -13.83
C LYS G 157 47.57 3.99 -13.74
N THR G 158 47.81 2.98 -14.57
CA THR G 158 49.12 2.39 -14.68
C THR G 158 50.10 3.34 -15.36
N ALA G 159 49.63 4.40 -16.01
CA ALA G 159 50.56 5.27 -16.75
C ALA G 159 50.33 6.81 -16.77
N LYS G 160 50.00 7.38 -15.61
CA LYS G 160 49.72 8.80 -15.48
C LYS G 160 48.65 9.10 -16.50
N THR G 161 47.43 8.74 -16.12
CA THR G 161 46.25 8.95 -16.95
C THR G 161 45.03 8.80 -16.06
N ASN G 162 44.10 9.73 -16.21
CA ASN G 162 42.85 9.70 -15.48
C ASN G 162 41.75 9.03 -16.30
N VAL G 163 40.84 8.40 -15.58
CA VAL G 163 39.79 7.61 -16.17
C VAL G 163 38.48 8.26 -15.78
N ILE G 164 37.70 8.66 -16.80
CA ILE G 164 36.33 9.11 -16.57
C ILE G 164 35.46 7.99 -17.09
N LEU G 165 34.45 7.60 -16.36
CA LEU G 165 33.68 6.46 -16.79
C LEU G 165 32.22 6.79 -16.66
N ASN G 166 31.59 6.99 -17.81
CA ASN G 166 30.18 7.27 -17.88
C ASN G 166 29.43 6.00 -17.73
N PRO G 167 28.81 5.79 -16.59
CA PRO G 167 28.30 4.43 -16.61
C PRO G 167 26.97 4.25 -17.34
N ALA G 168 26.74 4.87 -18.50
CA ALA G 168 25.53 4.50 -19.25
C ALA G 168 25.92 3.43 -20.29
N PRO G 169 25.03 2.40 -20.48
CA PRO G 169 23.70 2.24 -19.84
C PRO G 169 23.71 1.54 -18.50
N ALA G 170 22.70 1.82 -17.68
CA ALA G 170 22.67 1.39 -16.30
C ALA G 170 23.03 -0.10 -16.09
N ARG G 171 24.08 -0.40 -15.33
CA ARG G 171 24.46 -1.82 -15.02
C ARG G 171 25.34 -1.98 -13.78
N GLU G 172 25.58 -3.25 -13.43
CA GLU G 172 26.43 -3.70 -12.33
C GLU G 172 27.87 -3.88 -12.84
N LEU G 173 28.86 -3.62 -11.98
CA LEU G 173 30.28 -3.73 -12.34
C LEU G 173 31.18 -3.86 -11.08
N PRO G 174 32.43 -4.33 -11.25
CA PRO G 174 33.26 -4.75 -10.12
C PRO G 174 34.17 -3.78 -9.34
N ASP G 175 34.27 -3.97 -8.02
CA ASP G 175 35.24 -3.21 -7.19
C ASP G 175 36.67 -3.54 -7.61
N GLU G 176 36.93 -3.54 -8.91
CA GLU G 176 38.24 -3.84 -9.42
C GLU G 176 38.43 -2.91 -10.59
N LEU G 177 37.31 -2.36 -11.03
CA LEU G 177 37.28 -1.32 -12.04
C LEU G 177 37.01 -0.09 -11.23
N LEU G 178 35.88 -0.10 -10.52
CA LEU G 178 35.63 0.91 -9.50
C LEU G 178 36.84 0.82 -8.59
N LYS G 179 37.98 1.34 -9.05
CA LYS G 179 39.23 1.32 -8.30
C LYS G 179 40.30 1.99 -9.14
N CYS G 180 40.02 2.13 -10.44
CA CYS G 180 40.95 2.83 -11.32
C CYS G 180 40.32 4.11 -11.84
N VAL G 181 39.04 4.28 -11.54
CA VAL G 181 38.28 5.35 -12.14
C VAL G 181 38.61 6.56 -11.30
N ASP G 182 38.86 7.68 -11.99
CA ASP G 182 39.33 8.95 -11.40
C ASP G 182 38.18 9.91 -11.25
N LEU G 183 37.10 9.61 -11.95
CA LEU G 183 35.93 10.47 -11.94
C LEU G 183 34.80 9.61 -12.46
N ILE G 184 33.61 9.77 -11.91
CA ILE G 184 32.46 9.01 -12.33
C ILE G 184 31.30 9.98 -12.50
N THR G 185 30.49 9.78 -13.53
CA THR G 185 29.39 10.69 -13.83
C THR G 185 28.03 10.01 -13.96
N PRO G 186 27.61 9.24 -12.95
CA PRO G 186 26.37 8.47 -13.09
C PRO G 186 25.11 9.32 -13.08
N ASN G 187 23.99 8.61 -13.18
CA ASN G 187 22.67 9.19 -13.10
C ASN G 187 21.88 8.51 -11.99
N GLU G 188 20.70 9.03 -11.66
CA GLU G 188 19.83 8.44 -10.63
C GLU G 188 19.78 6.91 -10.78
N THR G 189 19.51 6.46 -12.01
CA THR G 189 19.27 5.04 -12.28
C THR G 189 20.56 4.25 -12.24
N GLU G 190 21.67 4.91 -12.57
CA GLU G 190 22.99 4.27 -12.52
C GLU G 190 23.43 4.11 -11.08
N ALA G 191 23.16 5.12 -10.27
CA ALA G 191 23.50 5.09 -8.84
C ALA G 191 22.76 4.01 -8.07
N GLU G 192 21.46 3.82 -8.28
CA GLU G 192 20.79 2.72 -7.58
C GLU G 192 21.35 1.39 -8.05
N VAL G 193 21.47 1.24 -9.37
CA VAL G 193 21.94 0.01 -9.99
C VAL G 193 23.40 -0.32 -9.62
N LEU G 194 24.14 0.72 -9.21
CA LEU G 194 25.56 0.57 -8.87
C LEU G 194 25.77 0.47 -7.35
N THR G 195 24.74 0.87 -6.57
CA THR G 195 24.81 0.78 -5.11
C THR G 195 23.45 0.72 -4.39
N GLY G 196 22.38 0.37 -5.09
CA GLY G 196 21.12 0.07 -4.42
C GLY G 196 20.41 1.21 -3.73
N ILE G 197 21.01 2.40 -3.75
CA ILE G 197 20.40 3.57 -3.13
C ILE G 197 19.65 4.43 -4.15
N THR G 198 18.51 4.99 -3.77
CA THR G 198 17.81 5.89 -4.68
C THR G 198 18.43 7.26 -4.42
N VAL G 199 18.15 8.25 -5.27
CA VAL G 199 18.62 9.62 -4.98
C VAL G 199 17.40 10.54 -4.77
N TYR G 200 16.74 10.27 -3.64
CA TYR G 200 15.56 10.97 -3.17
C TYR G 200 15.83 12.45 -3.12
N ASP G 201 16.96 12.79 -2.49
CA ASP G 201 17.26 14.16 -2.15
C ASP G 201 18.72 14.50 -2.32
N ASP G 202 19.22 15.26 -1.35
CA ASP G 202 20.58 15.74 -1.31
C ASP G 202 21.35 15.00 -0.21
N SER G 203 20.76 13.94 0.32
CA SER G 203 21.41 13.19 1.38
C SER G 203 21.55 11.76 0.90
N SER G 204 20.54 11.30 0.18
CA SER G 204 20.59 9.99 -0.41
C SER G 204 21.60 10.07 -1.53
N ALA G 205 21.85 11.28 -2.02
CA ALA G 205 22.84 11.49 -3.07
C ALA G 205 24.22 11.43 -2.47
N GLN G 206 24.36 11.99 -1.30
CA GLN G 206 25.63 11.91 -0.61
C GLN G 206 25.82 10.44 -0.24
N GLN G 207 24.72 9.71 -0.08
CA GLN G 207 24.74 8.28 0.26
C GLN G 207 25.24 7.41 -0.92
N ALA G 208 24.86 7.81 -2.13
CA ALA G 208 25.36 7.13 -3.31
C ALA G 208 26.87 7.34 -3.44
N ALA G 209 27.30 8.60 -3.39
CA ALA G 209 28.70 9.00 -3.58
C ALA G 209 29.71 8.15 -2.84
N ASP G 210 29.61 8.21 -1.53
CA ASP G 210 30.40 7.42 -0.65
C ASP G 210 30.72 6.01 -1.11
N ALA G 211 29.71 5.15 -1.30
CA ALA G 211 30.00 3.75 -1.66
C ALA G 211 30.89 3.76 -2.88
N LEU G 212 30.54 4.59 -3.86
CA LEU G 212 31.36 4.77 -5.07
C LEU G 212 32.76 5.24 -4.66
N HIS G 213 32.83 6.41 -4.04
CA HIS G 213 34.02 6.88 -3.35
C HIS G 213 34.74 5.78 -2.56
N CYS G 214 33.94 5.03 -1.81
CA CYS G 214 34.42 3.94 -0.96
C CYS G 214 34.97 2.80 -1.78
N LYS G 215 34.62 2.81 -3.06
CA LYS G 215 35.10 1.81 -3.95
C LYS G 215 36.28 2.40 -4.75
N GLY G 216 36.85 3.49 -4.26
CA GLY G 216 38.13 3.95 -4.78
C GLY G 216 38.10 5.04 -5.83
N ILE G 217 36.94 5.62 -6.03
CA ILE G 217 36.88 6.61 -7.05
C ILE G 217 36.88 7.97 -6.37
N GLU G 218 37.81 8.82 -6.78
CA GLU G 218 38.02 10.12 -6.13
C GLU G 218 36.83 11.08 -6.29
N ILE G 219 36.56 11.52 -7.52
CA ILE G 219 35.52 12.51 -7.80
C ILE G 219 34.34 11.75 -8.34
N VAL G 220 33.13 12.09 -7.89
CA VAL G 220 31.91 11.37 -8.28
C VAL G 220 30.78 12.33 -8.56
N ILE G 221 30.23 12.39 -9.78
CA ILE G 221 29.19 13.41 -10.04
C ILE G 221 27.79 12.90 -10.39
N ILE G 222 26.94 12.64 -9.42
CA ILE G 222 25.62 12.08 -9.73
C ILE G 222 24.72 13.18 -10.23
N THR G 223 23.92 12.87 -11.24
CA THR G 223 23.01 13.84 -11.85
C THR G 223 21.55 13.39 -11.74
N LEU G 224 20.64 14.35 -11.91
CA LEU G 224 19.20 14.10 -11.79
C LEU G 224 18.40 14.96 -12.78
N GLY G 225 18.95 15.18 -13.97
CA GLY G 225 18.29 15.95 -15.02
C GLY G 225 18.00 17.41 -14.72
N SER G 226 16.72 17.76 -14.76
CA SER G 226 16.30 19.14 -14.60
C SER G 226 16.64 19.67 -13.19
N LYS G 227 16.74 18.76 -12.24
CA LYS G 227 16.95 19.13 -10.85
C LYS G 227 18.41 19.47 -10.54
N GLY G 228 19.32 19.27 -11.49
CA GLY G 228 20.70 19.69 -11.27
C GLY G 228 21.79 18.65 -11.37
N VAL G 229 22.74 18.69 -10.44
CA VAL G 229 23.91 17.81 -10.47
C VAL G 229 24.19 17.31 -9.07
N TRP G 230 25.46 17.03 -8.82
CA TRP G 230 25.97 16.74 -7.48
C TRP G 230 27.44 16.42 -7.57
N LEU G 231 28.30 17.34 -7.17
CA LEU G 231 29.73 17.07 -7.24
C LEU G 231 30.21 16.54 -5.92
N SER G 232 31.22 15.67 -5.91
CA SER G 232 31.77 15.23 -4.64
C SER G 232 33.25 14.79 -4.69
N GLN G 233 34.19 15.72 -4.49
CA GLN G 233 35.62 15.40 -4.50
C GLN G 233 36.19 14.84 -3.17
N ASN G 234 36.35 13.52 -3.05
CA ASN G 234 36.88 12.91 -1.84
C ASN G 234 35.92 13.09 -0.69
N GLY G 235 34.64 13.20 -1.02
CA GLY G 235 33.62 13.26 0.00
C GLY G 235 32.93 14.58 0.16
N ARG G 236 33.52 15.65 -0.36
CA ARG G 236 32.99 17.02 -0.23
C ARG G 236 31.85 17.25 -1.19
N GLY G 237 30.61 17.01 -0.76
CA GLY G 237 29.46 17.04 -1.67
C GLY G 237 29.11 18.35 -2.39
N GLN G 238 27.81 18.70 -2.41
CA GLN G 238 27.27 19.92 -3.04
C GLN G 238 26.03 19.65 -3.83
N ARG G 239 25.41 20.74 -4.27
CA ARG G 239 24.46 20.73 -5.37
C ARG G 239 25.11 21.65 -6.38
N ILE G 240 24.71 21.48 -7.62
CA ILE G 240 25.06 22.36 -8.70
C ILE G 240 23.89 22.18 -9.64
N PRO G 241 23.04 23.20 -9.80
CA PRO G 241 21.90 23.11 -10.71
C PRO G 241 22.25 23.34 -12.16
N GLY G 242 21.57 22.66 -13.07
CA GLY G 242 21.76 22.89 -14.49
C GLY G 242 21.05 24.17 -14.83
N PHE G 243 21.00 24.50 -16.12
CA PHE G 243 20.32 25.72 -16.54
C PHE G 243 18.84 25.43 -16.73
N VAL G 244 18.04 26.48 -16.74
CA VAL G 244 16.60 26.32 -16.97
C VAL G 244 16.34 25.90 -18.44
N VAL G 245 16.26 24.60 -18.71
CA VAL G 245 16.10 24.13 -20.10
C VAL G 245 14.96 23.11 -20.21
N LYS G 246 14.80 22.53 -21.41
CA LYS G 246 13.60 21.75 -21.76
C LYS G 246 13.81 20.25 -22.01
N ALA G 247 12.70 19.51 -21.98
CA ALA G 247 12.71 18.05 -21.91
C ALA G 247 11.81 17.41 -22.96
N THR G 248 12.32 17.27 -24.17
CA THR G 248 11.54 16.72 -25.28
C THR G 248 12.30 15.60 -26.00
N ASP G 249 13.58 15.42 -25.64
CA ASP G 249 14.40 14.36 -26.19
C ASP G 249 15.36 13.65 -25.23
N THR G 250 14.93 12.53 -24.69
CA THR G 250 15.79 11.73 -23.83
C THR G 250 16.84 10.99 -24.67
N THR G 251 18.05 11.54 -24.81
CA THR G 251 19.12 10.89 -25.58
C THR G 251 20.51 11.41 -25.27
N ALA G 252 20.93 12.38 -26.08
CA ALA G 252 22.32 12.85 -26.06
C ALA G 252 22.49 13.71 -24.83
N ALA G 253 21.44 13.73 -24.01
CA ALA G 253 21.36 14.53 -22.80
C ALA G 253 22.71 14.60 -22.11
N GLY G 254 23.05 13.56 -21.36
CA GLY G 254 24.36 13.48 -20.76
C GLY G 254 25.41 13.15 -21.78
N ASP G 255 25.06 12.97 -23.03
CA ASP G 255 26.10 12.61 -23.98
C ASP G 255 26.95 13.77 -24.27
N THR G 256 26.33 14.93 -24.39
CA THR G 256 27.10 16.15 -24.63
C THR G 256 27.73 16.62 -23.32
N PHE G 257 26.97 16.54 -22.22
CA PHE G 257 27.51 16.90 -20.91
C PHE G 257 28.95 16.39 -20.74
N ASN G 258 29.19 15.10 -20.73
CA ASN G 258 30.56 14.60 -20.66
C ASN G 258 31.41 14.99 -21.84
N GLY G 259 30.76 15.29 -22.95
CA GLY G 259 31.51 15.58 -24.16
C GLY G 259 32.33 16.80 -23.88
N ALA G 260 31.70 17.77 -23.23
CA ALA G 260 32.35 19.01 -22.84
C ALA G 260 33.13 18.81 -21.53
N LEU G 261 32.48 18.26 -20.51
CA LEU G 261 33.05 18.11 -19.17
C LEU G 261 34.44 17.49 -19.01
N VAL G 262 35.15 17.30 -20.09
CA VAL G 262 36.53 16.82 -19.95
C VAL G 262 37.37 17.71 -20.85
N THR G 263 36.74 18.27 -21.86
CA THR G 263 37.33 19.32 -22.69
C THR G 263 37.55 20.59 -21.88
N GLY G 264 36.65 20.81 -20.94
CA GLY G 264 36.85 21.80 -19.91
C GLY G 264 38.04 21.28 -19.13
N LEU G 265 37.81 20.25 -18.33
CA LEU G 265 38.88 19.69 -17.51
C LEU G 265 40.18 19.39 -18.25
N LEU G 266 40.23 19.71 -19.53
CA LEU G 266 41.46 19.51 -20.27
C LEU G 266 42.07 20.84 -20.48
N GLN G 267 41.22 21.84 -20.72
CA GLN G 267 41.68 23.20 -21.00
C GLN G 267 41.88 23.90 -19.67
N GLU G 268 41.73 23.09 -18.62
CA GLU G 268 42.06 23.38 -17.25
C GLU G 268 41.04 24.15 -16.39
N MET G 269 39.78 24.11 -16.80
CA MET G 269 38.69 24.59 -15.98
C MET G 269 38.78 24.03 -14.54
N PRO G 270 38.37 24.81 -13.54
CA PRO G 270 38.27 24.06 -12.29
C PRO G 270 37.00 23.24 -12.34
N LEU G 271 37.02 22.11 -11.66
CA LEU G 271 35.87 21.22 -11.65
C LEU G 271 34.54 21.97 -11.55
N GLU G 272 34.34 22.79 -10.52
CA GLU G 272 33.07 23.46 -10.41
C GLU G 272 32.76 24.23 -11.66
N SER G 273 33.79 24.69 -12.35
CA SER G 273 33.60 25.52 -13.55
C SER G 273 33.28 24.70 -14.83
N ALA G 274 33.96 23.56 -14.99
CA ALA G 274 33.68 22.66 -16.13
C ALA G 274 32.26 22.10 -16.06
N ILE G 275 31.85 21.68 -14.87
CA ILE G 275 30.49 21.23 -14.68
C ILE G 275 29.52 22.35 -15.13
N LYS G 276 29.90 23.62 -14.99
CA LYS G 276 29.06 24.66 -15.56
C LYS G 276 29.20 24.66 -17.08
N PHE G 277 30.45 24.64 -17.57
CA PHE G 277 30.70 24.54 -19.01
C PHE G 277 29.87 23.48 -19.63
N ALA G 278 30.10 22.24 -19.20
CA ALA G 278 29.32 21.08 -19.64
C ALA G 278 27.81 21.31 -19.57
N HIS G 279 27.34 21.77 -18.41
CA HIS G 279 25.96 22.22 -18.25
C HIS G 279 25.52 23.30 -19.20
N ALA G 280 26.46 23.98 -19.84
CA ALA G 280 26.09 24.90 -20.89
C ALA G 280 25.83 24.12 -22.16
N ALA G 281 26.84 23.36 -22.57
CA ALA G 281 26.82 22.50 -23.73
C ALA G 281 25.57 21.64 -23.83
N ALA G 282 25.16 21.08 -22.70
CA ALA G 282 23.98 20.24 -22.66
C ALA G 282 22.76 21.03 -23.03
N ALA G 283 22.62 22.19 -22.42
CA ALA G 283 21.46 23.06 -22.59
C ALA G 283 21.25 23.60 -24.03
N ILE G 284 22.32 23.81 -24.77
CA ILE G 284 22.19 24.23 -26.16
C ILE G 284 21.81 23.02 -26.95
N SER G 285 22.42 21.91 -26.56
CA SER G 285 22.20 20.61 -27.17
C SER G 285 20.80 20.00 -26.97
N VAL G 286 20.25 20.03 -25.75
CA VAL G 286 18.90 19.49 -25.57
C VAL G 286 17.85 20.22 -26.41
N THR G 287 18.09 21.49 -26.71
CA THR G 287 17.15 22.25 -27.55
C THR G 287 17.40 22.05 -29.05
N ARG G 288 17.94 20.89 -29.40
CA ARG G 288 18.22 20.51 -30.78
C ARG G 288 17.11 19.65 -31.41
N PHE G 289 17.51 18.77 -32.32
CA PHE G 289 16.61 17.85 -33.02
C PHE G 289 17.41 16.58 -33.31
N GLY G 290 16.87 15.39 -33.03
CA GLY G 290 17.59 14.17 -33.33
C GLY G 290 18.29 13.51 -32.14
N ALA G 291 19.62 13.62 -32.13
CA ALA G 291 20.49 12.99 -31.12
C ALA G 291 21.95 13.41 -31.34
N GLN G 292 22.53 13.00 -32.47
CA GLN G 292 23.85 13.52 -32.86
C GLN G 292 23.63 14.53 -33.98
N THR G 293 22.85 15.55 -33.62
CA THR G 293 22.53 16.71 -34.44
C THR G 293 22.64 17.84 -33.42
N SER G 294 22.71 17.38 -32.17
CA SER G 294 23.05 18.19 -31.03
C SER G 294 24.53 18.50 -31.15
N ILE G 295 25.22 18.54 -30.02
CA ILE G 295 26.65 18.81 -30.00
C ILE G 295 26.90 20.07 -30.83
N PRO G 296 26.73 21.24 -30.21
CA PRO G 296 26.64 22.54 -30.90
C PRO G 296 27.99 23.17 -31.19
N THR G 297 28.01 24.27 -31.96
CA THR G 297 29.24 24.98 -32.33
C THR G 297 30.07 25.23 -31.06
N ARG G 298 31.39 25.35 -31.21
CA ARG G 298 32.21 25.66 -30.04
C ARG G 298 31.86 27.04 -29.55
N ALA G 299 32.07 28.03 -30.41
CA ALA G 299 31.73 29.38 -30.11
C ALA G 299 30.34 29.46 -29.51
N GLU G 300 29.42 28.67 -30.05
CA GLU G 300 28.04 28.74 -29.61
C GLU G 300 27.89 28.49 -28.12
N VAL G 301 28.73 27.60 -27.58
CA VAL G 301 28.70 27.25 -26.16
C VAL G 301 29.18 28.39 -25.31
N GLU G 302 30.26 29.04 -25.73
CA GLU G 302 30.85 30.17 -25.00
C GLU G 302 29.92 31.35 -25.08
N ALA G 303 29.49 31.65 -26.31
CA ALA G 303 28.53 32.69 -26.60
C ALA G 303 27.35 32.62 -25.65
N PHE G 304 26.93 31.41 -25.33
CA PHE G 304 25.85 31.13 -24.38
C PHE G 304 26.21 31.52 -22.98
N LEU G 305 27.40 31.08 -22.59
CA LEU G 305 27.95 31.33 -21.26
C LEU G 305 27.88 32.82 -21.00
N ALA G 306 28.22 33.60 -22.02
CA ALA G 306 28.12 35.03 -21.94
C ALA G 306 26.69 35.55 -21.69
N GLU G 307 25.73 35.14 -22.54
CA GLU G 307 24.36 35.67 -22.43
C GLU G 307 23.69 35.32 -21.13
N HIS G 308 24.21 34.32 -20.44
CA HIS G 308 23.63 33.91 -19.17
C HIS G 308 24.66 34.19 -18.10
N SER G 309 24.31 34.94 -17.05
CA SER G 309 25.33 35.30 -16.04
C SER G 309 24.71 35.79 -14.72
N MET H 4 13.63 -0.84 -76.56
CA MET H 4 13.01 -0.92 -75.22
C MET H 4 12.98 -2.34 -74.68
N ASN H 5 11.92 -2.69 -73.97
CA ASN H 5 11.90 -4.00 -73.31
C ASN H 5 10.57 -4.76 -73.52
N LYS H 6 10.69 -6.09 -73.60
CA LYS H 6 9.57 -7.00 -73.84
C LYS H 6 8.73 -7.19 -72.57
N LEU H 7 9.42 -7.27 -71.45
CA LEU H 7 8.76 -7.40 -70.17
C LEU H 7 9.11 -6.22 -69.30
N VAL H 8 8.09 -5.68 -68.64
CA VAL H 8 8.27 -4.52 -67.80
C VAL H 8 7.63 -4.81 -66.45
N VAL H 9 8.40 -4.66 -65.37
CA VAL H 9 7.81 -4.74 -64.03
C VAL H 9 7.83 -3.38 -63.31
N LEU H 10 6.71 -3.14 -62.63
CA LEU H 10 6.42 -1.91 -61.91
C LEU H 10 6.04 -2.34 -60.52
N GLY H 11 6.86 -2.03 -59.54
CA GLY H 11 6.57 -2.42 -58.18
C GLY H 11 7.51 -1.86 -57.17
N SER H 12 7.45 -2.41 -55.97
CA SER H 12 8.05 -1.87 -54.76
C SER H 12 9.49 -2.30 -54.62
N VAL H 13 10.34 -1.44 -54.09
CA VAL H 13 11.63 -1.89 -53.54
C VAL H 13 11.60 -1.63 -52.05
N ASN H 14 12.20 -2.51 -51.28
CA ASN H 14 12.24 -2.30 -49.84
C ASN H 14 13.65 -2.60 -49.43
N ALA H 15 13.88 -2.53 -48.13
CA ALA H 15 15.09 -3.10 -47.59
C ALA H 15 14.63 -3.76 -46.31
N ASP H 16 14.93 -5.04 -46.13
CA ASP H 16 14.41 -5.74 -44.98
C ASP H 16 15.42 -5.90 -43.82
N HIS H 17 15.12 -5.19 -42.74
CA HIS H 17 15.92 -5.21 -41.51
C HIS H 17 15.48 -6.33 -40.58
N VAL H 18 16.27 -7.39 -40.45
CA VAL H 18 15.84 -8.49 -39.59
C VAL H 18 16.72 -8.41 -38.37
N LEU H 19 16.17 -8.51 -37.17
CA LEU H 19 17.00 -8.60 -35.99
C LEU H 19 16.31 -9.56 -35.07
N GLN H 20 17.10 -10.50 -34.58
CA GLN H 20 16.61 -11.50 -33.67
C GLN H 20 16.50 -11.00 -32.25
N VAL H 21 15.33 -11.21 -31.67
CA VAL H 21 15.09 -10.77 -30.33
C VAL H 21 14.89 -12.01 -29.46
N PRO H 22 15.25 -11.91 -28.18
CA PRO H 22 15.06 -13.01 -27.24
C PRO H 22 13.62 -13.05 -26.77
N SER H 23 13.05 -11.88 -26.50
CA SER H 23 11.64 -11.79 -26.16
C SER H 23 10.95 -10.92 -27.21
N PHE H 24 9.63 -10.83 -27.13
CA PHE H 24 8.88 -10.01 -28.06
C PHE H 24 8.91 -8.60 -27.49
N PRO H 25 9.07 -7.58 -28.34
CA PRO H 25 9.31 -6.24 -27.79
C PRO H 25 8.09 -5.70 -27.05
N ARG H 26 7.87 -6.16 -25.82
CA ARG H 26 6.82 -5.63 -24.98
C ARG H 26 7.22 -4.19 -24.62
N PRO H 27 6.26 -3.37 -24.15
CA PRO H 27 6.62 -1.97 -23.91
C PRO H 27 7.60 -1.76 -22.78
N GLY H 28 7.89 -0.51 -22.52
CA GLY H 28 8.76 -0.15 -21.43
C GLY H 28 10.22 -0.43 -21.71
N GLU H 29 10.61 -1.70 -21.62
CA GLU H 29 12.04 -2.01 -21.58
C GLU H 29 12.77 -1.79 -22.89
N THR H 30 14.08 -1.78 -22.78
CA THR H 30 14.94 -1.78 -23.92
C THR H 30 15.42 -3.21 -23.97
N LEU H 31 15.96 -3.63 -25.10
CA LEU H 31 16.31 -5.04 -25.24
C LEU H 31 17.70 -5.36 -25.77
N HIS H 32 17.82 -6.53 -26.38
CA HIS H 32 19.09 -6.97 -26.91
C HIS H 32 18.92 -7.91 -28.11
N GLY H 33 19.53 -7.55 -29.23
CA GLY H 33 19.40 -8.33 -30.44
C GLY H 33 20.69 -8.98 -30.88
N ARG H 34 20.64 -9.61 -32.04
CA ARG H 34 21.80 -10.32 -32.55
C ARG H 34 21.56 -10.69 -34.00
N ASN H 35 22.55 -11.33 -34.59
CA ASN H 35 22.53 -11.68 -35.99
C ASN H 35 22.39 -10.38 -36.76
N TYR H 36 21.15 -9.94 -36.96
CA TYR H 36 20.79 -8.71 -37.68
C TYR H 36 21.36 -8.70 -39.08
N GLN H 37 20.48 -8.57 -40.07
CA GLN H 37 20.91 -8.54 -41.46
C GLN H 37 20.10 -7.52 -42.18
N VAL H 38 20.66 -7.00 -43.25
CA VAL H 38 19.86 -6.20 -44.13
C VAL H 38 19.65 -7.12 -45.34
N ILE H 39 18.41 -7.46 -45.63
CA ILE H 39 18.13 -8.26 -46.80
C ILE H 39 17.36 -7.36 -47.77
N PRO H 40 17.93 -7.14 -48.95
CA PRO H 40 17.37 -6.30 -50.00
C PRO H 40 16.01 -6.71 -50.55
N GLY H 41 15.03 -6.86 -49.67
CA GLY H 41 13.71 -7.36 -50.01
C GLY H 41 12.85 -6.51 -50.93
N GLY H 42 11.54 -6.65 -50.77
CA GLY H 42 10.61 -5.87 -51.56
C GLY H 42 10.18 -6.53 -52.83
N LYS H 43 8.86 -6.54 -53.04
CA LYS H 43 8.19 -7.25 -54.12
C LYS H 43 8.80 -7.08 -55.51
N GLY H 44 8.17 -6.31 -56.39
CA GLY H 44 8.64 -6.13 -57.76
C GLY H 44 10.13 -6.19 -57.99
N ALA H 45 10.87 -5.93 -56.94
CA ALA H 45 12.29 -5.98 -57.04
C ALA H 45 12.60 -7.47 -57.10
N ASN H 46 11.97 -8.21 -56.20
CA ASN H 46 12.04 -9.66 -56.19
C ASN H 46 11.61 -10.30 -57.50
N GLN H 47 10.44 -9.93 -57.99
CA GLN H 47 9.98 -10.51 -59.21
C GLN H 47 10.90 -10.14 -60.36
N ALA H 48 11.44 -8.94 -60.37
CA ALA H 48 12.29 -8.54 -61.49
C ALA H 48 13.69 -9.21 -61.43
N VAL H 49 14.18 -9.54 -60.26
CA VAL H 49 15.41 -10.31 -60.26
C VAL H 49 15.09 -11.76 -60.70
N ALA H 50 13.90 -12.27 -60.39
CA ALA H 50 13.51 -13.56 -60.97
C ALA H 50 13.42 -13.48 -62.51
N ALA H 51 12.53 -12.62 -63.01
CA ALA H 51 12.32 -12.42 -64.44
C ALA H 51 13.60 -12.40 -65.23
N ALA H 52 14.43 -11.41 -64.98
CA ALA H 52 15.67 -11.32 -65.71
C ALA H 52 16.53 -12.54 -65.50
N ARG H 53 16.52 -13.13 -64.31
CA ARG H 53 17.42 -14.25 -64.08
C ARG H 53 16.98 -15.51 -64.83
N MET H 54 15.71 -15.56 -65.25
CA MET H 54 15.27 -16.60 -66.20
C MET H 54 15.42 -16.01 -67.61
N GLN H 55 16.45 -15.18 -67.77
CA GLN H 55 16.76 -14.42 -68.98
C GLN H 55 15.49 -13.80 -69.52
N ALA H 56 15.13 -12.61 -69.05
CA ALA H 56 13.87 -12.08 -69.53
C ALA H 56 13.79 -10.65 -70.00
N ASP H 57 14.50 -10.31 -71.06
CA ASP H 57 14.19 -9.11 -71.85
C ASP H 57 13.64 -7.84 -71.07
N VAL H 58 14.01 -7.65 -69.80
CA VAL H 58 13.28 -6.75 -68.85
C VAL H 58 13.91 -5.40 -68.36
N GLY H 59 13.06 -4.42 -68.09
CA GLY H 59 13.38 -3.18 -67.38
C GLY H 59 12.50 -2.94 -66.14
N PHE H 60 13.01 -2.18 -65.16
CA PHE H 60 12.30 -1.89 -63.89
C PHE H 60 11.85 -0.41 -63.79
N ILE H 61 10.65 -0.22 -63.25
CA ILE H 61 10.05 1.10 -63.04
C ILE H 61 9.83 1.21 -61.54
N ALA H 62 10.59 2.08 -60.87
CA ALA H 62 10.49 2.17 -59.42
C ALA H 62 10.85 3.53 -58.82
N CYS H 63 10.58 3.60 -57.51
CA CYS H 63 10.98 4.73 -56.71
C CYS H 63 11.85 4.15 -55.59
N VAL H 64 13.12 4.56 -55.57
CA VAL H 64 14.03 4.15 -54.51
C VAL H 64 14.49 5.43 -53.83
N GLY H 65 15.17 5.33 -52.69
CA GLY H 65 15.67 6.52 -52.02
C GLY H 65 17.11 6.87 -52.35
N ASP H 66 17.57 8.04 -51.91
CA ASP H 66 18.97 8.45 -52.11
C ASP H 66 19.86 7.97 -50.97
N ASP H 67 19.28 7.14 -50.10
CA ASP H 67 19.99 6.46 -49.01
C ASP H 67 21.01 5.53 -49.64
N SER H 68 22.06 5.14 -48.91
CA SER H 68 23.14 4.31 -49.48
C SER H 68 22.64 3.04 -50.17
N PHE H 69 21.53 2.51 -49.65
CA PHE H 69 20.87 1.38 -50.24
C PHE H 69 20.45 1.80 -51.62
N GLY H 70 19.36 2.57 -51.66
CA GLY H 70 18.78 3.07 -52.90
C GLY H 70 19.73 3.43 -54.04
N ILE H 71 20.92 3.89 -53.69
CA ILE H 71 21.89 4.23 -54.72
C ILE H 71 22.54 2.93 -55.16
N ASN H 72 22.94 2.10 -54.20
CA ASN H 72 23.65 0.84 -54.46
C ASN H 72 22.83 -0.35 -55.02
N ILE H 73 21.57 -0.40 -54.59
CA ILE H 73 20.64 -1.43 -54.93
C ILE H 73 20.10 -1.12 -56.31
N ARG H 74 20.12 0.17 -56.68
CA ARG H 74 19.70 0.53 -58.02
C ARG H 74 20.69 0.04 -59.06
N GLU H 75 21.97 0.06 -58.74
CA GLU H 75 22.95 -0.38 -59.73
C GLU H 75 23.10 -1.87 -59.56
N SER H 76 22.29 -2.43 -58.65
CA SER H 76 22.26 -3.87 -58.43
C SER H 76 21.71 -4.48 -59.67
N PHE H 77 20.50 -4.06 -59.93
CA PHE H 77 19.68 -4.54 -61.03
C PHE H 77 20.53 -4.59 -62.31
N LYS H 78 21.33 -3.57 -62.52
CA LYS H 78 22.20 -3.52 -63.67
C LYS H 78 23.12 -4.75 -63.78
N LEU H 79 23.46 -5.36 -62.66
CA LEU H 79 24.34 -6.53 -62.74
C LEU H 79 23.58 -7.81 -63.03
N ASP H 80 22.26 -7.73 -62.94
CA ASP H 80 21.38 -8.87 -63.18
C ASP H 80 20.56 -8.67 -64.44
N GLY H 81 20.93 -7.68 -65.24
CA GLY H 81 20.33 -7.50 -66.54
C GLY H 81 19.11 -6.64 -66.58
N ILE H 82 18.76 -5.99 -65.47
CA ILE H 82 17.62 -5.08 -65.48
C ILE H 82 17.98 -3.69 -65.98
N ASN H 83 17.20 -3.26 -66.95
CA ASN H 83 17.29 -1.94 -67.51
C ASN H 83 16.71 -1.01 -66.46
N THR H 84 17.52 -0.17 -65.83
CA THR H 84 17.03 0.62 -64.69
C THR H 84 16.17 1.78 -65.14
N ALA H 85 16.77 2.73 -65.84
CA ALA H 85 16.04 3.85 -66.43
C ALA H 85 14.87 4.32 -65.56
N GLY H 86 13.78 3.58 -65.58
CA GLY H 86 12.58 3.97 -64.87
C GLY H 86 12.58 3.73 -63.37
N VAL H 87 13.74 3.38 -62.79
CA VAL H 87 13.85 3.33 -61.33
C VAL H 87 14.28 4.71 -60.89
N LYS H 88 13.41 5.39 -60.16
CA LYS H 88 13.61 6.81 -59.91
C LYS H 88 14.27 7.10 -58.57
N LEU H 89 15.10 8.14 -58.54
CA LEU H 89 15.73 8.56 -57.30
C LEU H 89 14.89 9.64 -56.66
N GLN H 90 14.36 9.36 -55.49
CA GLN H 90 13.58 10.34 -54.76
C GLN H 90 14.63 10.97 -53.89
N PRO H 91 14.77 12.30 -53.97
CA PRO H 91 15.82 12.87 -53.14
C PRO H 91 15.35 13.17 -51.70
N ASN H 92 16.28 12.98 -50.77
CA ASN H 92 16.03 13.13 -49.35
C ASN H 92 14.81 12.37 -48.85
N CYS H 93 14.65 11.16 -49.40
CA CYS H 93 13.66 10.18 -48.96
C CYS H 93 14.43 8.90 -48.98
N PRO H 94 14.21 8.04 -47.98
CA PRO H 94 14.92 6.75 -47.89
C PRO H 94 14.19 5.65 -48.67
N THR H 95 14.80 4.48 -48.79
CA THR H 95 14.12 3.48 -49.58
C THR H 95 13.03 2.84 -48.74
N GLY H 96 12.33 1.89 -49.32
CA GLY H 96 11.34 1.18 -48.54
C GLY H 96 12.06 0.34 -47.49
N ILE H 97 11.34 -0.02 -46.44
CA ILE H 97 11.94 -0.73 -45.31
C ILE H 97 10.89 -1.62 -44.64
N ALA H 98 11.35 -2.64 -43.92
CA ALA H 98 10.47 -3.39 -43.07
C ALA H 98 11.33 -3.89 -41.91
N MET H 99 11.02 -3.48 -40.68
CA MET H 99 11.85 -3.82 -39.54
C MET H 99 11.22 -4.77 -38.58
N ILE H 100 11.67 -6.03 -38.67
CA ILE H 100 11.03 -7.17 -38.05
C ILE H 100 11.89 -7.92 -37.03
N GLN H 101 11.45 -7.84 -35.79
CA GLN H 101 12.09 -8.54 -34.68
C GLN H 101 11.43 -9.88 -34.48
N VAL H 102 12.15 -10.97 -34.76
CA VAL H 102 11.60 -12.35 -34.72
C VAL H 102 11.90 -13.07 -33.40
N SER H 103 10.84 -13.35 -32.65
CA SER H 103 11.00 -13.74 -31.25
C SER H 103 11.81 -14.99 -30.99
N ASP H 104 12.40 -15.02 -29.79
CA ASP H 104 13.16 -16.15 -29.25
C ASP H 104 12.62 -16.70 -27.93
N SER H 105 11.46 -17.35 -27.99
CA SER H 105 10.96 -17.83 -29.24
C SER H 105 9.47 -17.63 -29.28
N GLY H 106 8.91 -17.80 -30.48
CA GLY H 106 7.49 -17.69 -30.70
C GLY H 106 7.19 -17.05 -32.02
N GLU H 107 6.31 -16.05 -32.01
CA GLU H 107 5.88 -15.46 -33.27
C GLU H 107 6.71 -14.21 -33.53
N ASN H 108 6.50 -13.60 -34.69
CA ASN H 108 7.33 -12.49 -35.12
C ASN H 108 6.60 -11.15 -35.05
N SER H 109 7.35 -10.07 -35.27
CA SER H 109 6.81 -8.71 -35.26
C SER H 109 7.08 -7.97 -36.55
N ILE H 110 6.04 -7.64 -37.30
CA ILE H 110 6.26 -6.91 -38.55
C ILE H 110 5.85 -5.45 -38.58
N CYS H 111 6.79 -4.59 -38.94
CA CYS H 111 6.56 -3.16 -39.07
C CYS H 111 7.24 -2.73 -40.36
N ILE H 112 6.45 -2.22 -41.28
CA ILE H 112 6.93 -1.86 -42.61
C ILE H 112 6.79 -0.36 -42.71
N SER H 113 7.73 0.34 -43.35
CA SER H 113 7.41 1.71 -43.69
C SER H 113 7.63 1.82 -45.18
N ALA H 114 6.70 2.46 -45.87
CA ALA H 114 6.75 2.47 -47.32
C ALA H 114 7.93 3.29 -47.83
N GLU H 115 8.00 4.53 -47.37
CA GLU H 115 8.94 5.53 -47.89
C GLU H 115 8.91 5.66 -49.43
N ALA H 116 10.07 5.93 -50.03
CA ALA H 116 10.19 6.25 -51.46
C ALA H 116 9.15 5.60 -52.35
N ASN H 117 8.66 4.42 -51.96
CA ASN H 117 7.75 3.68 -52.80
C ASN H 117 6.41 4.36 -52.96
N ALA H 118 6.04 5.17 -51.99
CA ALA H 118 4.75 5.83 -52.08
C ALA H 118 4.89 7.01 -53.04
N LYS H 119 6.08 7.21 -53.58
CA LYS H 119 6.32 8.32 -54.49
C LYS H 119 5.96 7.94 -55.92
N LEU H 120 5.44 6.74 -56.09
CA LEU H 120 5.06 6.30 -57.41
C LEU H 120 3.66 6.84 -57.75
N THR H 121 3.58 8.10 -58.18
CA THR H 121 2.26 8.69 -58.43
C THR H 121 1.92 8.63 -59.92
N ALA H 122 0.68 8.93 -60.25
CA ALA H 122 0.20 8.98 -61.63
C ALA H 122 1.21 9.69 -62.51
N ALA H 123 1.53 10.91 -62.11
CA ALA H 123 2.40 11.76 -62.91
C ALA H 123 3.85 11.31 -62.83
N ALA H 124 4.15 10.40 -61.90
CA ALA H 124 5.55 10.01 -61.67
C ALA H 124 5.99 9.04 -62.73
N ILE H 125 5.00 8.41 -63.36
CA ILE H 125 5.30 7.42 -64.38
C ILE H 125 4.96 8.01 -65.75
N GLU H 126 4.63 9.30 -65.79
CA GLU H 126 4.49 9.93 -67.09
C GLU H 126 5.67 9.68 -68.01
N PRO H 127 6.92 9.77 -67.50
CA PRO H 127 7.97 9.61 -68.51
C PRO H 127 8.12 8.16 -68.98
N ASP H 128 7.45 7.25 -68.27
CA ASP H 128 7.57 5.81 -68.45
C ASP H 128 6.44 5.18 -69.29
N LEU H 129 5.31 5.88 -69.40
CA LEU H 129 4.18 5.44 -70.22
C LEU H 129 4.58 4.81 -71.55
N ALA H 130 5.61 5.32 -72.23
CA ALA H 130 6.15 4.67 -73.43
C ALA H 130 6.40 3.15 -73.30
N ALA H 131 7.46 2.79 -72.59
CA ALA H 131 7.86 1.38 -72.51
C ALA H 131 6.79 0.49 -71.90
N ILE H 132 5.95 1.05 -71.03
CA ILE H 132 4.76 0.31 -70.60
C ILE H 132 3.95 -0.16 -71.80
N ARG H 133 3.86 0.69 -72.81
CA ARG H 133 3.09 0.37 -74.00
C ARG H 133 3.79 -0.59 -74.97
N ASP H 134 5.05 -0.34 -75.32
CA ASP H 134 5.79 -1.25 -76.22
C ASP H 134 6.00 -2.62 -75.64
N ALA H 135 6.07 -2.68 -74.32
CA ALA H 135 6.25 -3.94 -73.65
C ALA H 135 5.16 -4.93 -74.08
N ARG H 136 5.47 -6.23 -73.99
CA ARG H 136 4.49 -7.25 -74.30
C ARG H 136 3.73 -7.54 -73.03
N TYR H 137 4.46 -7.56 -71.92
CA TYR H 137 3.81 -7.86 -70.65
C TYR H 137 4.19 -6.88 -69.58
N LEU H 138 3.26 -6.64 -68.65
CA LEU H 138 3.50 -5.69 -67.56
C LEU H 138 3.05 -6.26 -66.25
N LEU H 139 4.02 -6.37 -65.34
CA LEU H 139 3.83 -6.98 -64.03
C LEU H 139 3.90 -5.96 -62.89
N MET H 140 2.89 -6.01 -62.02
CA MET H 140 2.75 -5.07 -60.93
C MET H 140 2.04 -5.73 -59.74
N GLN H 141 2.72 -5.80 -58.59
CA GLN H 141 2.10 -6.28 -57.37
C GLN H 141 1.21 -5.20 -56.82
N LEU H 142 1.21 -5.04 -55.49
CA LEU H 142 0.42 -4.02 -54.81
C LEU H 142 1.11 -3.44 -53.59
N GLU H 143 2.43 -3.29 -53.62
CA GLU H 143 3.08 -2.63 -52.49
C GLU H 143 3.54 -1.22 -52.88
N THR H 144 2.95 -0.67 -53.93
CA THR H 144 3.17 0.73 -54.28
C THR H 144 1.78 1.40 -54.43
N PRO H 145 1.72 2.75 -54.62
CA PRO H 145 0.42 3.45 -54.65
C PRO H 145 -0.59 2.99 -55.71
N LEU H 146 -1.87 3.08 -55.39
CA LEU H 146 -2.90 2.66 -56.35
C LEU H 146 -2.98 3.48 -57.62
N ASP H 147 -3.18 4.79 -57.50
CA ASP H 147 -3.39 5.59 -58.70
C ASP H 147 -2.32 5.35 -59.77
N GLY H 148 -1.09 5.10 -59.37
CA GLY H 148 -0.02 4.98 -60.33
C GLY H 148 -0.12 3.67 -61.06
N ILE H 149 -0.41 2.61 -60.32
CA ILE H 149 -0.67 1.27 -60.87
C ILE H 149 -1.77 1.36 -61.91
N LEU H 150 -2.93 1.82 -61.43
CA LEU H 150 -4.14 2.02 -62.22
C LEU H 150 -3.84 2.77 -63.48
N LYS H 151 -2.92 3.71 -63.38
CA LYS H 151 -2.52 4.42 -64.57
C LYS H 151 -1.68 3.58 -65.53
N ALA H 152 -0.76 2.79 -64.99
CA ALA H 152 0.09 1.95 -65.82
C ALA H 152 -0.81 1.00 -66.55
N ALA H 153 -1.83 0.57 -65.79
CA ALA H 153 -2.83 -0.39 -66.24
C ALA H 153 -3.58 0.06 -67.46
N GLN H 154 -4.17 1.26 -67.36
CA GLN H 154 -4.89 1.88 -68.47
C GLN H 154 -3.99 2.21 -69.68
N GLU H 155 -2.78 2.68 -69.44
CA GLU H 155 -1.90 3.03 -70.55
C GLU H 155 -1.44 1.73 -71.20
N ALA H 156 -1.50 0.63 -70.43
CA ALA H 156 -1.12 -0.70 -70.93
C ALA H 156 -2.20 -1.28 -71.86
N LYS H 157 -3.39 -1.49 -71.32
CA LYS H 157 -4.56 -1.91 -72.07
C LYS H 157 -4.76 -1.18 -73.40
N THR H 158 -4.61 0.15 -73.39
CA THR H 158 -4.87 0.96 -74.58
C THR H 158 -3.94 0.62 -75.73
N ALA H 159 -2.89 -0.14 -75.45
CA ALA H 159 -1.93 -0.54 -76.45
C ALA H 159 -1.52 -2.01 -76.32
N LYS H 160 -2.47 -2.87 -75.95
CA LYS H 160 -2.32 -4.34 -75.80
C LYS H 160 -0.94 -4.84 -75.39
N THR H 161 -0.68 -4.67 -74.10
CA THR H 161 0.50 -5.17 -73.44
C THR H 161 -0.11 -6.06 -72.35
N ASN H 162 0.28 -7.33 -72.22
CA ASN H 162 -0.37 -8.15 -71.17
C ASN H 162 -0.16 -7.60 -69.76
N VAL H 163 -1.18 -7.67 -68.91
CA VAL H 163 -0.99 -7.07 -67.61
C VAL H 163 -1.36 -8.08 -66.55
N ILE H 164 -0.37 -8.47 -65.76
CA ILE H 164 -0.59 -9.39 -64.66
C ILE H 164 -0.41 -8.64 -63.35
N LEU H 165 -1.29 -8.95 -62.41
CA LEU H 165 -1.32 -8.29 -61.12
C LEU H 165 -1.24 -9.33 -60.04
N ASN H 166 -0.11 -9.31 -59.36
CA ASN H 166 0.06 -10.05 -58.12
C ASN H 166 -0.56 -9.23 -56.98
N PRO H 167 -1.82 -9.51 -56.62
CA PRO H 167 -2.48 -8.58 -55.71
C PRO H 167 -2.00 -8.73 -54.26
N ALA H 168 -0.70 -8.97 -54.09
CA ALA H 168 -0.12 -9.07 -52.78
C ALA H 168 0.54 -7.74 -52.45
N PRO H 169 0.40 -7.30 -51.19
CA PRO H 169 -0.35 -7.93 -50.10
C PRO H 169 -1.83 -7.51 -50.12
N ALA H 170 -2.69 -8.37 -49.58
CA ALA H 170 -4.13 -8.25 -49.67
C ALA H 170 -4.72 -6.92 -49.29
N ARG H 171 -5.48 -6.36 -50.22
CA ARG H 171 -6.20 -5.13 -49.99
C ARG H 171 -7.37 -5.11 -50.95
N GLU H 172 -8.34 -4.22 -50.74
CA GLU H 172 -9.50 -4.23 -51.62
C GLU H 172 -9.10 -3.38 -52.79
N LEU H 173 -9.46 -3.82 -53.99
CA LEU H 173 -9.08 -3.10 -55.18
C LEU H 173 -10.29 -2.66 -55.92
N PRO H 174 -10.13 -1.63 -56.74
CA PRO H 174 -11.30 -1.11 -57.44
C PRO H 174 -11.56 -1.80 -58.79
N ASP H 175 -12.85 -1.87 -59.08
CA ASP H 175 -13.40 -2.47 -60.28
C ASP H 175 -12.94 -1.74 -61.52
N GLU H 176 -12.50 -0.51 -61.32
CA GLU H 176 -12.00 0.33 -62.41
C GLU H 176 -10.62 -0.13 -62.82
N LEU H 177 -10.02 -0.96 -61.96
CA LEU H 177 -8.70 -1.52 -62.20
C LEU H 177 -8.74 -2.98 -62.68
N LEU H 178 -9.45 -3.86 -61.96
CA LEU H 178 -9.60 -5.27 -62.38
C LEU H 178 -10.05 -5.44 -63.84
N LYS H 179 -10.67 -4.40 -64.39
CA LYS H 179 -11.11 -4.41 -65.77
C LYS H 179 -9.94 -4.23 -66.71
N CYS H 180 -8.76 -3.91 -66.18
CA CYS H 180 -7.61 -3.69 -67.04
C CYS H 180 -6.59 -4.84 -66.97
N VAL H 181 -6.86 -5.85 -66.14
CA VAL H 181 -5.93 -6.99 -65.94
C VAL H 181 -6.16 -8.17 -66.85
N ASP H 182 -5.08 -8.87 -67.19
CA ASP H 182 -5.21 -10.08 -68.01
C ASP H 182 -4.99 -11.38 -67.21
N LEU H 183 -4.44 -11.30 -66.01
CA LEU H 183 -4.19 -12.49 -65.23
C LEU H 183 -3.92 -12.08 -63.79
N ILE H 184 -4.41 -12.85 -62.84
CA ILE H 184 -4.26 -12.45 -61.46
C ILE H 184 -3.72 -13.60 -60.62
N THR H 185 -2.84 -13.30 -59.68
CA THR H 185 -2.14 -14.33 -58.92
C THR H 185 -2.25 -14.30 -57.41
N PRO H 186 -3.49 -14.21 -56.88
CA PRO H 186 -3.66 -14.15 -55.45
C PRO H 186 -3.37 -15.51 -54.81
N ASN H 187 -3.49 -15.56 -53.50
CA ASN H 187 -3.41 -16.80 -52.77
C ASN H 187 -4.69 -17.00 -51.98
N GLU H 188 -4.79 -18.16 -51.33
CA GLU H 188 -5.93 -18.50 -50.52
C GLU H 188 -6.39 -17.28 -49.70
N THR H 189 -5.43 -16.62 -49.05
CA THR H 189 -5.67 -15.49 -48.15
C THR H 189 -6.00 -14.19 -48.89
N GLU H 190 -5.45 -14.06 -50.10
CA GLU H 190 -5.68 -12.90 -50.94
C GLU H 190 -7.01 -13.01 -51.58
N ALA H 191 -7.21 -14.18 -52.17
CA ALA H 191 -8.38 -14.47 -52.97
C ALA H 191 -9.59 -14.24 -52.11
N GLU H 192 -9.49 -14.58 -50.85
CA GLU H 192 -10.60 -14.36 -49.95
C GLU H 192 -11.02 -12.87 -49.81
N VAL H 193 -10.06 -11.95 -49.89
CA VAL H 193 -10.29 -10.48 -49.80
C VAL H 193 -11.04 -9.74 -50.93
N LEU H 194 -10.86 -10.16 -52.18
CA LEU H 194 -11.38 -9.37 -53.30
C LEU H 194 -12.72 -9.94 -53.74
N THR H 195 -13.21 -10.83 -52.89
CA THR H 195 -14.49 -11.50 -53.06
C THR H 195 -15.24 -11.56 -51.76
N GLY H 196 -14.98 -12.67 -51.09
CA GLY H 196 -15.55 -13.06 -49.82
C GLY H 196 -15.47 -14.57 -49.69
N ILE H 197 -14.94 -15.23 -50.71
CA ILE H 197 -14.95 -16.68 -50.69
C ILE H 197 -13.67 -17.15 -50.03
N THR H 198 -13.80 -18.18 -49.20
CA THR H 198 -12.67 -18.73 -48.47
C THR H 198 -12.05 -19.80 -49.28
N VAL H 199 -10.78 -19.71 -49.57
CA VAL H 199 -10.17 -20.81 -50.32
C VAL H 199 -9.68 -21.89 -49.37
N TYR H 200 -10.33 -23.06 -49.40
CA TYR H 200 -9.87 -24.20 -48.63
C TYR H 200 -9.78 -25.45 -49.51
N ASP H 201 -10.92 -26.06 -49.86
CA ASP H 201 -10.89 -27.25 -50.74
C ASP H 201 -10.99 -26.83 -52.20
N ASP H 202 -11.18 -27.80 -53.07
CA ASP H 202 -11.30 -27.57 -54.51
C ASP H 202 -12.51 -26.78 -55.03
N SER H 203 -13.66 -26.91 -54.39
CA SER H 203 -14.86 -26.29 -54.93
C SER H 203 -14.85 -24.79 -54.74
N SER H 204 -14.46 -24.33 -53.56
CA SER H 204 -14.36 -22.88 -53.27
C SER H 204 -13.15 -22.29 -53.96
N ALA H 205 -12.18 -23.12 -54.30
CA ALA H 205 -10.98 -22.64 -54.97
C ALA H 205 -11.38 -22.26 -56.39
N GLN H 206 -12.42 -22.92 -56.88
CA GLN H 206 -13.06 -22.46 -58.10
C GLN H 206 -13.99 -21.31 -57.84
N GLN H 207 -14.74 -21.37 -56.75
CA GLN H 207 -15.79 -20.41 -56.46
C GLN H 207 -15.22 -18.97 -56.31
N ALA H 208 -13.96 -18.87 -55.86
CA ALA H 208 -13.20 -17.61 -55.87
C ALA H 208 -13.01 -17.18 -57.31
N ALA H 209 -11.91 -17.66 -57.90
CA ALA H 209 -11.58 -17.49 -59.32
C ALA H 209 -12.75 -16.97 -60.11
N ASP H 210 -13.84 -17.73 -60.02
CA ASP H 210 -15.15 -17.38 -60.55
C ASP H 210 -15.41 -15.91 -60.62
N ALA H 211 -15.50 -15.40 -59.40
CA ALA H 211 -15.85 -14.01 -59.15
C ALA H 211 -14.83 -13.10 -59.73
N LEU H 212 -13.57 -13.47 -59.58
CA LEU H 212 -12.50 -12.75 -60.22
C LEU H 212 -12.68 -12.74 -61.73
N HIS H 213 -13.24 -13.82 -62.27
CA HIS H 213 -13.53 -13.84 -63.70
C HIS H 213 -14.55 -12.78 -63.94
N CYS H 214 -15.64 -12.83 -63.16
CA CYS H 214 -16.80 -11.96 -63.37
C CYS H 214 -16.47 -10.48 -63.26
N LYS H 215 -15.26 -10.15 -62.81
CA LYS H 215 -14.84 -8.76 -62.67
C LYS H 215 -13.92 -8.28 -63.83
N GLY H 216 -13.85 -9.07 -64.90
CA GLY H 216 -13.14 -8.72 -66.13
C GLY H 216 -11.75 -9.31 -66.40
N ILE H 217 -11.34 -10.27 -65.58
CA ILE H 217 -10.04 -10.98 -65.74
C ILE H 217 -10.20 -12.42 -66.28
N GLU H 218 -9.51 -12.76 -67.37
CA GLU H 218 -9.66 -14.10 -67.95
C GLU H 218 -8.98 -15.13 -67.07
N ILE H 219 -7.67 -15.15 -67.13
CA ILE H 219 -6.91 -16.19 -66.50
C ILE H 219 -6.80 -15.97 -65.03
N VAL H 220 -7.04 -16.99 -64.22
CA VAL H 220 -6.94 -16.81 -62.78
C VAL H 220 -6.06 -17.86 -62.16
N ILE H 221 -4.93 -17.49 -61.60
CA ILE H 221 -4.04 -18.50 -61.01
C ILE H 221 -3.95 -18.27 -59.52
N ILE H 222 -4.86 -18.85 -58.76
CA ILE H 222 -4.90 -18.67 -57.33
C ILE H 222 -3.91 -19.58 -56.62
N THR H 223 -2.84 -19.03 -56.09
CA THR H 223 -1.89 -19.87 -55.38
C THR H 223 -2.54 -20.43 -54.12
N LEU H 224 -2.19 -21.68 -53.85
CA LEU H 224 -2.71 -22.46 -52.74
C LEU H 224 -1.69 -23.06 -51.77
N GLY H 225 -0.56 -22.38 -51.58
CA GLY H 225 0.53 -22.88 -50.75
C GLY H 225 1.15 -24.20 -51.23
N SER H 226 1.49 -25.07 -50.28
CA SER H 226 2.19 -26.30 -50.59
C SER H 226 1.36 -27.27 -51.40
N LYS H 227 0.05 -27.14 -51.32
CA LYS H 227 -0.80 -28.13 -51.95
C LYS H 227 -0.81 -27.99 -53.48
N GLY H 228 -1.22 -26.84 -54.00
CA GLY H 228 -1.19 -26.62 -55.44
C GLY H 228 -1.32 -25.18 -55.94
N VAL H 229 -2.09 -25.02 -57.01
CA VAL H 229 -2.21 -23.74 -57.67
C VAL H 229 -3.35 -23.79 -58.67
N TRP H 230 -4.57 -23.80 -58.15
CA TRP H 230 -5.79 -23.79 -58.96
C TRP H 230 -5.79 -22.79 -60.12
N LEU H 231 -5.68 -23.28 -61.35
CA LEU H 231 -5.77 -22.46 -62.57
C LEU H 231 -7.19 -22.41 -63.19
N SER H 232 -7.57 -21.27 -63.76
CA SER H 232 -8.87 -21.18 -64.35
C SER H 232 -8.93 -20.15 -65.47
N GLN H 233 -8.83 -20.62 -66.72
CA GLN H 233 -8.95 -19.74 -67.88
C GLN H 233 -10.38 -19.53 -68.29
N ASN H 234 -11.05 -18.52 -67.75
CA ASN H 234 -12.46 -18.22 -68.00
C ASN H 234 -13.44 -19.23 -67.43
N GLY H 235 -13.06 -19.96 -66.40
CA GLY H 235 -14.03 -20.87 -65.83
C GLY H 235 -13.68 -22.30 -66.17
N ARG H 236 -12.75 -22.44 -67.11
CA ARG H 236 -12.26 -23.76 -67.43
C ARG H 236 -11.15 -24.01 -66.44
N GLY H 237 -11.52 -24.37 -65.20
CA GLY H 237 -10.55 -24.49 -64.13
C GLY H 237 -9.93 -25.83 -63.77
N GLN H 238 -8.70 -25.82 -63.29
CA GLN H 238 -8.05 -27.06 -62.87
C GLN H 238 -6.90 -26.84 -61.88
N ARG H 239 -6.72 -27.78 -60.98
CA ARG H 239 -5.63 -27.70 -60.03
C ARG H 239 -4.35 -28.32 -60.57
N ILE H 240 -3.25 -27.64 -60.26
CA ILE H 240 -1.93 -28.12 -60.61
C ILE H 240 -1.15 -28.20 -59.31
N PRO H 241 -0.76 -29.41 -58.88
CA PRO H 241 0.00 -29.46 -57.62
C PRO H 241 1.37 -28.85 -57.83
N GLY H 242 2.20 -28.94 -56.82
CA GLY H 242 3.53 -28.40 -56.98
C GLY H 242 4.50 -29.51 -56.88
N PHE H 243 5.78 -29.19 -56.76
CA PHE H 243 6.77 -30.23 -56.61
C PHE H 243 6.86 -30.50 -55.11
N VAL H 244 7.43 -31.64 -54.70
CA VAL H 244 7.48 -32.00 -53.26
C VAL H 244 8.40 -31.10 -52.36
N VAL H 245 7.77 -30.07 -51.79
CA VAL H 245 8.49 -29.08 -50.97
C VAL H 245 7.69 -28.86 -49.71
N LYS H 246 8.42 -28.69 -48.62
CA LYS H 246 7.82 -28.48 -47.31
C LYS H 246 7.57 -27.01 -47.00
N ALA H 247 8.60 -26.39 -46.45
CA ALA H 247 8.47 -25.13 -45.74
C ALA H 247 9.88 -24.68 -45.43
N THR H 248 10.19 -23.55 -46.02
CA THR H 248 11.45 -22.87 -45.91
C THR H 248 10.95 -21.62 -46.57
N ASP H 249 11.81 -20.63 -46.77
CA ASP H 249 11.43 -19.38 -47.42
C ASP H 249 9.94 -19.14 -47.77
N THR H 250 9.15 -18.92 -46.72
CA THR H 250 7.71 -18.68 -46.82
C THR H 250 7.46 -17.37 -47.58
N THR H 251 8.22 -16.36 -47.17
CA THR H 251 8.12 -14.96 -47.62
C THR H 251 7.89 -14.83 -49.12
N ALA H 252 9.00 -14.81 -49.86
CA ALA H 252 8.94 -14.57 -51.29
C ALA H 252 8.47 -15.89 -51.86
N ALA H 253 9.40 -16.62 -52.46
CA ALA H 253 9.08 -17.82 -53.20
C ALA H 253 8.03 -17.46 -54.24
N GLY H 254 6.80 -17.26 -53.78
CA GLY H 254 5.74 -16.75 -54.62
C GLY H 254 6.13 -15.56 -55.45
N ASP H 255 7.34 -15.07 -55.24
CA ASP H 255 7.81 -13.99 -56.06
C ASP H 255 8.50 -14.67 -57.21
N THR H 256 9.19 -15.74 -56.90
CA THR H 256 9.90 -16.46 -57.92
C THR H 256 8.87 -17.20 -58.78
N PHE H 257 7.80 -17.65 -58.14
CA PHE H 257 6.68 -18.12 -58.95
C PHE H 257 6.29 -17.09 -60.00
N ASN H 258 5.76 -15.97 -59.51
CA ASN H 258 5.33 -14.83 -60.32
C ASN H 258 6.40 -14.17 -61.15
N GLY H 259 7.61 -14.18 -60.65
CA GLY H 259 8.71 -13.60 -61.40
C GLY H 259 9.08 -14.44 -62.59
N ALA H 260 9.11 -15.76 -62.36
CA ALA H 260 9.49 -16.76 -63.35
C ALA H 260 8.32 -17.06 -64.32
N LEU H 261 7.11 -17.14 -63.75
CA LEU H 261 5.91 -17.42 -64.53
C LEU H 261 5.71 -16.52 -65.76
N VAL H 262 5.94 -15.23 -65.63
CA VAL H 262 5.74 -14.34 -66.76
C VAL H 262 6.93 -14.33 -67.68
N THR H 263 8.08 -14.64 -67.13
CA THR H 263 9.23 -14.89 -67.99
C THR H 263 8.97 -16.13 -68.83
N GLY H 264 8.18 -17.05 -68.28
CA GLY H 264 7.73 -18.12 -69.11
C GLY H 264 6.94 -17.54 -70.24
N LEU H 265 5.74 -17.06 -69.93
CA LEU H 265 4.79 -16.67 -70.96
C LEU H 265 5.43 -15.80 -72.01
N LEU H 266 6.42 -15.02 -71.66
CA LEU H 266 7.01 -14.22 -72.71
C LEU H 266 7.71 -15.17 -73.67
N GLN H 267 8.30 -16.21 -73.11
CA GLN H 267 9.11 -17.10 -73.92
C GLN H 267 8.23 -18.18 -74.53
N GLU H 268 6.96 -17.81 -74.65
CA GLU H 268 5.98 -18.58 -75.40
C GLU H 268 5.52 -19.86 -74.75
N MET H 269 6.05 -20.19 -73.58
CA MET H 269 5.55 -21.37 -72.93
C MET H 269 4.06 -21.24 -72.81
N PRO H 270 3.35 -22.37 -72.92
CA PRO H 270 1.93 -22.34 -72.63
C PRO H 270 1.70 -22.29 -71.14
N LEU H 271 0.64 -21.59 -70.73
CA LEU H 271 0.28 -21.36 -69.34
C LEU H 271 0.45 -22.56 -68.35
N GLU H 272 -0.25 -23.67 -68.59
CA GLU H 272 -0.11 -24.86 -67.77
C GLU H 272 1.31 -25.34 -67.80
N SER H 273 1.99 -25.08 -68.90
CA SER H 273 3.36 -25.55 -69.06
C SER H 273 4.29 -24.65 -68.29
N ALA H 274 4.03 -23.35 -68.41
CA ALA H 274 4.72 -22.26 -67.73
C ALA H 274 4.51 -22.25 -66.19
N ILE H 275 3.30 -22.59 -65.76
CA ILE H 275 3.05 -22.76 -64.34
C ILE H 275 4.04 -23.76 -63.73
N LYS H 276 4.44 -24.76 -64.49
CA LYS H 276 5.42 -25.73 -63.99
C LYS H 276 6.81 -25.10 -63.90
N PHE H 277 7.16 -24.25 -64.86
CA PHE H 277 8.41 -23.49 -64.78
C PHE H 277 8.51 -22.83 -63.43
N ALA H 278 7.53 -21.96 -63.15
CA ALA H 278 7.43 -21.26 -61.89
C ALA H 278 7.64 -22.19 -60.73
N HIS H 279 6.81 -23.21 -60.64
CA HIS H 279 6.89 -24.19 -59.55
C HIS H 279 8.23 -24.79 -59.41
N ALA H 280 8.95 -24.89 -60.50
CA ALA H 280 10.29 -25.42 -60.44
C ALA H 280 11.06 -24.31 -59.82
N ALA H 281 11.03 -23.21 -60.55
CA ALA H 281 11.71 -21.97 -60.18
C ALA H 281 11.45 -21.53 -58.73
N ALA H 282 10.19 -21.61 -58.32
CA ALA H 282 9.82 -21.25 -56.96
C ALA H 282 10.38 -22.26 -56.00
N ALA H 283 10.24 -23.55 -56.32
CA ALA H 283 10.64 -24.56 -55.36
C ALA H 283 12.13 -24.57 -55.07
N ILE H 284 13.00 -24.33 -56.06
CA ILE H 284 14.43 -24.22 -55.75
C ILE H 284 14.77 -22.86 -55.17
N SER H 285 13.79 -22.20 -54.57
CA SER H 285 13.97 -20.86 -54.05
C SER H 285 13.02 -20.82 -52.88
N VAL H 286 11.92 -21.58 -52.97
CA VAL H 286 11.02 -21.75 -51.83
C VAL H 286 11.87 -22.29 -50.72
N THR H 287 12.94 -22.99 -51.09
CA THR H 287 13.92 -23.46 -50.10
C THR H 287 14.89 -22.33 -49.79
N ARG H 288 15.79 -22.06 -50.74
CA ARG H 288 16.85 -21.05 -50.67
C ARG H 288 16.57 -19.86 -49.74
N PHE H 289 16.89 -20.06 -48.46
CA PHE H 289 16.68 -19.07 -47.38
C PHE H 289 17.30 -17.65 -47.54
N GLY H 290 17.36 -16.89 -46.44
CA GLY H 290 17.83 -15.52 -46.51
C GLY H 290 16.89 -14.75 -47.44
N ALA H 291 15.62 -14.70 -47.04
CA ALA H 291 14.49 -14.12 -47.80
C ALA H 291 14.79 -13.69 -49.25
N GLN H 292 14.86 -12.39 -49.51
CA GLN H 292 15.15 -11.85 -50.85
C GLN H 292 16.16 -12.55 -51.74
N THR H 293 17.45 -12.46 -51.39
CA THR H 293 18.44 -13.03 -52.28
C THR H 293 18.77 -14.46 -51.89
N SER H 294 18.99 -15.24 -52.96
CA SER H 294 18.80 -16.69 -53.07
C SER H 294 17.70 -16.84 -54.10
N ILE H 295 18.01 -16.49 -55.33
CA ILE H 295 17.08 -16.55 -56.44
C ILE H 295 17.82 -17.10 -57.65
N PRO H 296 17.36 -18.24 -58.19
CA PRO H 296 18.29 -19.08 -58.98
C PRO H 296 18.44 -18.56 -60.39
N THR H 297 19.41 -19.06 -61.15
CA THR H 297 19.58 -18.62 -62.51
C THR H 297 18.62 -19.48 -63.31
N ARG H 298 18.38 -19.14 -64.56
CA ARG H 298 17.51 -20.00 -65.32
C ARG H 298 18.00 -21.44 -65.34
N ALA H 299 19.24 -21.65 -65.76
CA ALA H 299 19.79 -23.01 -65.87
C ALA H 299 19.44 -23.87 -64.67
N GLU H 300 19.54 -23.28 -63.48
CA GLU H 300 19.31 -24.00 -62.24
C GLU H 300 17.89 -24.51 -62.17
N VAL H 301 16.94 -23.68 -62.59
CA VAL H 301 15.53 -24.06 -62.58
C VAL H 301 15.34 -25.16 -63.55
N GLU H 302 15.89 -24.96 -64.74
CA GLU H 302 15.76 -25.93 -65.80
C GLU H 302 16.45 -27.25 -65.43
N ALA H 303 17.52 -27.16 -64.64
CA ALA H 303 18.14 -28.36 -64.07
C ALA H 303 17.13 -29.18 -63.34
N PHE H 304 16.45 -28.52 -62.43
CA PHE H 304 15.53 -29.13 -61.51
C PHE H 304 14.48 -29.82 -62.32
N LEU H 305 14.04 -29.11 -63.34
CA LEU H 305 13.03 -29.65 -64.24
C LEU H 305 13.43 -31.00 -64.82
N ALA H 306 14.61 -31.07 -65.42
CA ALA H 306 15.12 -32.34 -65.94
C ALA H 306 15.28 -33.40 -64.84
N GLU H 307 15.83 -33.01 -63.71
CA GLU H 307 16.07 -33.94 -62.61
C GLU H 307 14.78 -34.49 -62.03
N HIS H 308 13.65 -33.89 -62.38
CA HIS H 308 12.37 -34.39 -61.92
C HIS H 308 11.58 -34.85 -63.13
N SER H 309 10.91 -35.99 -63.00
CA SER H 309 10.21 -36.58 -64.15
C SER H 309 8.71 -36.82 -63.96
N MET I 4 8.43 -6.34 77.13
CA MET I 4 7.57 -5.84 76.06
C MET I 4 8.29 -4.95 75.05
N ASN I 5 7.64 -3.86 74.65
CA ASN I 5 8.23 -2.90 73.69
C ASN I 5 7.79 -1.42 73.96
N LYS I 6 8.77 -0.50 73.86
CA LYS I 6 8.59 0.94 74.10
C LYS I 6 7.87 1.53 72.90
N LEU I 7 8.35 1.15 71.72
CA LEU I 7 7.81 1.62 70.44
C LEU I 7 7.34 0.47 69.59
N VAL I 8 6.23 0.67 68.90
CA VAL I 8 5.68 -0.35 68.02
C VAL I 8 5.39 0.25 66.66
N VAL I 9 5.95 -0.34 65.62
CA VAL I 9 5.71 0.15 64.27
C VAL I 9 4.77 -0.74 63.50
N LEU I 10 3.89 -0.14 62.72
CA LEU I 10 2.91 -0.94 62.01
C LEU I 10 3.00 -0.51 60.58
N GLY I 11 3.44 -1.43 59.73
CA GLY I 11 3.58 -1.12 58.32
C GLY I 11 4.08 -2.24 57.42
N SER I 12 4.51 -1.85 56.23
CA SER I 12 4.81 -2.71 55.10
C SER I 12 6.26 -3.22 55.00
N VAL I 13 6.43 -4.41 54.41
CA VAL I 13 7.72 -4.90 53.90
C VAL I 13 7.69 -5.02 52.38
N ASN I 14 8.82 -4.75 51.72
CA ASN I 14 9.00 -4.89 50.27
C ASN I 14 10.37 -5.43 49.91
N ALA I 15 10.52 -5.80 48.65
CA ALA I 15 11.85 -6.01 48.10
C ALA I 15 11.89 -5.14 46.86
N ASP I 16 12.92 -4.32 46.72
CA ASP I 16 12.94 -3.46 45.55
C ASP I 16 13.71 -4.08 44.40
N HIS I 17 12.96 -4.54 43.40
CA HIS I 17 13.64 -5.09 42.25
C HIS I 17 13.80 -3.90 41.29
N VAL I 18 15.03 -3.37 41.21
CA VAL I 18 15.27 -2.25 40.32
C VAL I 18 16.34 -2.69 39.31
N LEU I 19 16.13 -2.31 38.05
CA LEU I 19 17.00 -2.70 36.93
C LEU I 19 17.13 -1.56 35.95
N GLN I 20 18.35 -1.26 35.54
CA GLN I 20 18.55 -0.18 34.59
C GLN I 20 18.40 -0.61 33.16
N VAL I 21 17.61 0.16 32.45
CA VAL I 21 17.25 -0.10 31.09
C VAL I 21 17.91 0.97 30.23
N PRO I 22 18.12 0.72 28.93
CA PRO I 22 18.69 1.85 28.18
C PRO I 22 17.61 2.88 27.87
N SER I 23 16.48 2.40 27.37
CA SER I 23 15.34 3.27 27.10
C SER I 23 14.16 2.85 27.96
N PHE I 24 13.14 3.68 27.99
CA PHE I 24 11.95 3.39 28.75
C PHE I 24 11.10 2.44 27.90
N PRO I 25 10.48 1.41 28.54
CA PRO I 25 9.88 0.31 27.78
C PRO I 25 8.82 0.76 26.80
N ARG I 26 8.89 0.25 25.57
CA ARG I 26 7.80 0.48 24.65
C ARG I 26 7.09 -0.86 24.68
N PRO I 27 5.78 -0.87 24.36
CA PRO I 27 5.11 -2.16 24.55
C PRO I 27 5.61 -3.20 23.58
N GLY I 28 5.06 -4.41 23.68
CA GLY I 28 5.42 -5.44 22.73
C GLY I 28 6.82 -5.95 22.93
N GLU I 29 7.78 -5.11 22.54
CA GLU I 29 9.17 -5.53 22.41
C GLU I 29 9.85 -5.88 23.74
N THR I 30 10.98 -6.59 23.64
CA THR I 30 11.70 -7.05 24.79
C THR I 30 12.85 -6.08 24.97
N LEU I 31 13.37 -6.03 26.17
CA LEU I 31 14.34 -5.03 26.50
C LEU I 31 15.56 -5.71 27.10
N HIS I 32 16.61 -4.91 27.31
CA HIS I 32 17.83 -5.44 27.92
C HIS I 32 18.22 -4.62 29.14
N GLY I 33 18.31 -5.27 30.30
CA GLY I 33 18.62 -4.57 31.51
C GLY I 33 19.96 -4.91 32.13
N ARG I 34 20.30 -4.14 33.14
CA ARG I 34 21.60 -4.26 33.80
C ARG I 34 21.54 -3.74 35.23
N ASN I 35 22.67 -3.92 35.93
CA ASN I 35 22.81 -3.45 37.28
C ASN I 35 21.60 -3.96 38.03
N TYR I 36 21.45 -5.27 38.08
CA TYR I 36 20.31 -5.78 38.80
C TYR I 36 20.63 -5.85 40.29
N GLN I 37 19.78 -5.26 41.12
CA GLN I 37 19.81 -5.45 42.59
C GLN I 37 18.41 -5.42 43.21
N VAL I 38 18.24 -6.22 44.25
CA VAL I 38 17.04 -6.26 45.07
C VAL I 38 17.32 -5.56 46.40
N ILE I 39 16.65 -4.44 46.69
CA ILE I 39 16.95 -3.66 47.91
C ILE I 39 15.79 -3.78 48.87
N PRO I 40 16.07 -4.19 50.11
CA PRO I 40 15.02 -4.26 51.13
C PRO I 40 14.38 -2.89 51.35
N GLY I 41 13.06 -2.90 51.47
CA GLY I 41 12.37 -1.64 51.45
C GLY I 41 11.15 -1.80 52.29
N GLY I 42 10.14 -0.99 52.02
CA GLY I 42 8.94 -0.98 52.81
C GLY I 42 9.07 0.10 53.88
N LYS I 43 8.08 0.99 53.93
CA LYS I 43 8.06 2.09 54.87
C LYS I 43 8.24 1.60 56.30
N GLY I 44 7.17 1.05 56.87
CA GLY I 44 7.22 0.51 58.21
C GLY I 44 8.52 -0.19 58.53
N ALA I 45 9.14 -0.77 57.52
CA ALA I 45 10.37 -1.50 57.74
C ALA I 45 11.53 -0.54 57.70
N ASN I 46 11.50 0.35 56.74
CA ASN I 46 12.46 1.42 56.71
C ASN I 46 12.52 2.24 58.02
N GLN I 47 11.37 2.76 58.42
CA GLN I 47 11.25 3.63 59.58
C GLN I 47 11.62 2.92 60.89
N ALA I 48 11.21 1.67 61.02
CA ALA I 48 11.45 0.91 62.25
C ALA I 48 12.89 0.43 62.37
N VAL I 49 13.56 0.25 61.24
CA VAL I 49 14.97 -0.14 61.27
C VAL I 49 15.79 1.07 61.72
N ALA I 50 15.33 2.25 61.30
CA ALA I 50 15.89 3.51 61.72
C ALA I 50 15.75 3.62 63.23
N ALA I 51 14.50 3.60 63.70
CA ALA I 51 14.25 3.64 65.13
C ALA I 51 15.17 2.66 65.83
N ALA I 52 15.21 1.43 65.34
CA ALA I 52 16.04 0.44 66.01
C ALA I 52 17.52 0.79 65.98
N ARG I 53 18.01 1.33 64.85
CA ARG I 53 19.44 1.70 64.69
C ARG I 53 19.77 3.02 65.46
N MET I 54 18.73 3.80 65.84
CA MET I 54 18.87 4.94 66.77
C MET I 54 18.67 4.48 68.21
N GLN I 55 19.10 3.26 68.50
CA GLN I 55 18.95 2.64 69.82
C GLN I 55 17.53 2.74 70.40
N ALA I 56 16.50 2.38 69.63
CA ALA I 56 15.16 2.45 70.18
C ALA I 56 14.82 1.10 70.70
N ASP I 57 13.80 1.05 71.55
CA ASP I 57 13.22 -0.21 72.00
C ASP I 57 11.99 -0.47 71.17
N VAL I 58 12.16 -1.10 70.03
CA VAL I 58 11.07 -1.28 69.09
C VAL I 58 10.72 -2.76 68.85
N GLY I 59 9.43 -2.99 68.62
CA GLY I 59 8.93 -4.25 68.12
C GLY I 59 8.27 -3.99 66.77
N PHE I 60 8.25 -5.00 65.89
CA PHE I 60 7.67 -4.85 64.56
C PHE I 60 6.38 -5.66 64.41
N ILE I 61 5.42 -5.05 63.75
CA ILE I 61 4.16 -5.67 63.40
C ILE I 61 4.02 -5.49 61.90
N ALA I 62 4.10 -6.59 61.14
CA ALA I 62 4.01 -6.56 59.66
C ALA I 62 3.58 -7.89 59.03
N CYS I 63 3.35 -7.86 57.73
CA CYS I 63 3.04 -9.06 56.95
C CYS I 63 4.09 -9.33 55.86
N VAL I 64 4.73 -10.49 55.91
CA VAL I 64 5.64 -10.91 54.85
C VAL I 64 5.19 -12.24 54.24
N GLY I 65 5.76 -12.63 53.10
CA GLY I 65 5.44 -13.93 52.51
C GLY I 65 6.49 -14.94 52.93
N ASP I 66 6.28 -16.25 52.68
CA ASP I 66 7.26 -17.23 53.16
C ASP I 66 8.43 -17.47 52.20
N ASP I 67 8.49 -16.66 51.14
CA ASP I 67 9.57 -16.74 50.16
C ASP I 67 10.90 -16.51 50.84
N SER I 68 11.97 -16.88 50.16
CA SER I 68 13.31 -16.82 50.75
C SER I 68 13.56 -15.43 51.30
N PHE I 69 13.03 -14.42 50.61
CA PHE I 69 13.10 -13.05 51.10
C PHE I 69 12.37 -12.97 52.42
N GLY I 70 11.05 -13.03 52.38
CA GLY I 70 10.21 -12.92 53.58
C GLY I 70 10.70 -13.51 54.90
N ILE I 71 11.37 -14.64 54.84
CA ILE I 71 11.92 -15.24 56.03
C ILE I 71 13.24 -14.56 56.35
N ASN I 72 14.02 -14.26 55.31
CA ASN I 72 15.34 -13.63 55.52
C ASN I 72 15.19 -12.25 56.14
N ILE I 73 14.16 -11.52 55.71
CA ILE I 73 14.06 -10.13 56.04
C ILE I 73 13.62 -10.05 57.49
N ARG I 74 12.88 -11.05 57.91
CA ARG I 74 12.48 -11.10 59.29
C ARG I 74 13.70 -11.40 60.16
N GLU I 75 14.74 -12.00 59.60
CA GLU I 75 15.89 -12.29 60.45
C GLU I 75 16.83 -11.08 60.50
N SER I 76 16.85 -10.30 59.44
CA SER I 76 17.66 -9.11 59.42
C SER I 76 17.14 -8.12 60.44
N PHE I 77 15.83 -8.10 60.60
CA PHE I 77 15.20 -7.26 61.60
C PHE I 77 15.73 -7.63 62.99
N LYS I 78 15.78 -8.93 63.26
CA LYS I 78 16.36 -9.42 64.49
C LYS I 78 17.81 -9.05 64.72
N LEU I 79 18.58 -8.87 63.65
CA LEU I 79 19.99 -8.52 63.84
C LEU I 79 20.24 -7.04 64.05
N ASP I 80 19.19 -6.25 64.16
CA ASP I 80 19.41 -4.86 64.49
C ASP I 80 18.90 -4.66 65.90
N GLY I 81 17.70 -5.13 66.17
CA GLY I 81 17.23 -5.16 67.52
C GLY I 81 15.74 -5.13 67.46
N ILE I 82 15.22 -5.23 66.26
CA ILE I 82 13.79 -5.19 66.10
C ILE I 82 13.22 -6.45 66.62
N ASN I 83 12.21 -6.30 67.45
CA ASN I 83 11.52 -7.45 67.95
C ASN I 83 10.47 -8.00 66.97
N THR I 84 10.81 -9.14 66.35
CA THR I 84 9.94 -9.87 65.40
C THR I 84 9.04 -10.87 66.13
N ALA I 85 7.74 -10.72 65.96
CA ALA I 85 6.76 -11.59 66.58
C ALA I 85 5.45 -11.17 65.98
N GLY I 86 5.33 -9.87 65.76
CA GLY I 86 4.16 -9.34 65.10
C GLY I 86 4.53 -9.36 63.64
N VAL I 87 5.67 -9.95 63.34
CA VAL I 87 6.06 -10.19 61.99
C VAL I 87 5.40 -11.49 61.66
N LYS I 88 4.39 -11.46 60.80
CA LYS I 88 3.66 -12.70 60.51
C LYS I 88 4.08 -13.32 59.19
N LEU I 89 4.18 -14.64 59.15
CA LEU I 89 4.49 -15.29 57.90
C LEU I 89 3.19 -15.68 57.29
N GLN I 90 2.90 -15.12 56.14
CA GLN I 90 1.70 -15.47 55.44
C GLN I 90 2.19 -16.53 54.43
N PRO I 91 1.58 -17.74 54.43
CA PRO I 91 2.12 -18.87 53.68
C PRO I 91 1.74 -18.82 52.24
N ASN I 92 2.61 -19.34 51.38
CA ASN I 92 2.39 -19.38 49.94
C ASN I 92 1.85 -18.07 49.37
N CYS I 93 2.38 -16.99 49.91
CA CYS I 93 2.15 -15.63 49.45
C CYS I 93 3.56 -15.15 49.41
N PRO I 94 3.87 -14.30 48.44
CA PRO I 94 5.23 -13.73 48.45
C PRO I 94 5.29 -12.43 49.23
N THR I 95 6.51 -11.97 49.50
CA THR I 95 6.72 -10.71 50.19
C THR I 95 6.52 -9.65 49.14
N GLY I 96 5.82 -8.56 49.45
CA GLY I 96 5.45 -7.61 48.41
C GLY I 96 6.65 -6.99 47.77
N ILE I 97 6.53 -6.48 46.53
CA ILE I 97 7.72 -6.06 45.78
C ILE I 97 7.47 -4.81 44.96
N ALA I 98 8.53 -4.29 44.39
CA ALA I 98 8.43 -3.15 43.52
C ALA I 98 9.30 -3.40 42.31
N MET I 99 8.73 -3.26 41.12
CA MET I 99 9.53 -3.48 39.94
C MET I 99 9.82 -2.21 39.28
N ILE I 100 11.06 -1.76 39.43
CA ILE I 100 11.41 -0.44 38.98
C ILE I 100 12.40 -0.44 37.80
N GLN I 101 11.92 -0.01 36.63
CA GLN I 101 12.82 0.23 35.51
C GLN I 101 13.21 1.70 35.45
N VAL I 102 14.45 1.99 35.80
CA VAL I 102 14.96 3.36 35.83
C VAL I 102 15.76 3.58 34.55
N SER I 103 15.16 4.28 33.60
CA SER I 103 15.84 4.46 32.34
C SER I 103 16.96 5.43 32.55
N ASP I 104 18.15 4.91 32.77
CA ASP I 104 19.32 5.74 32.57
C ASP I 104 19.55 5.69 31.06
N SER I 105 19.25 6.82 30.43
CA SER I 105 19.14 8.07 31.16
C SER I 105 17.79 8.73 30.79
N GLY I 106 17.09 9.19 31.83
CA GLY I 106 15.77 9.79 31.67
C GLY I 106 14.87 9.49 32.85
N GLU I 107 13.64 9.04 32.61
CA GLU I 107 12.73 8.88 33.74
C GLU I 107 12.53 7.40 34.09
N ASN I 108 11.87 7.16 35.22
CA ASN I 108 11.77 5.82 35.79
C ASN I 108 10.36 5.23 35.71
N SER I 109 10.29 3.92 35.92
CA SER I 109 9.03 3.20 35.99
C SER I 109 8.94 2.52 37.33
N ILE I 110 7.91 2.84 38.10
CA ILE I 110 7.68 2.08 39.31
C ILE I 110 6.36 1.31 39.31
N CYS I 111 6.47 0.02 39.61
CA CYS I 111 5.31 -0.87 39.77
C CYS I 111 5.52 -1.67 41.04
N ILE I 112 4.56 -1.52 41.95
CA ILE I 112 4.62 -2.08 43.28
C ILE I 112 3.47 -3.05 43.40
N SER I 113 3.70 -4.20 44.04
CA SER I 113 2.57 -5.04 44.38
C SER I 113 2.69 -5.31 45.87
N ALA I 114 1.54 -5.26 46.55
CA ALA I 114 1.54 -5.41 47.99
C ALA I 114 1.89 -6.83 48.36
N GLU I 115 1.32 -7.77 47.60
CA GLU I 115 1.34 -9.22 47.91
C GLU I 115 0.96 -9.55 49.36
N ALA I 116 1.91 -9.98 50.16
CA ALA I 116 1.59 -10.34 51.53
C ALA I 116 1.22 -9.13 52.41
N ASN I 117 1.68 -7.93 52.05
CA ASN I 117 1.39 -6.77 52.90
C ASN I 117 -0.09 -6.48 52.99
N ALA I 118 -0.82 -6.79 51.93
CA ALA I 118 -2.21 -6.39 51.94
C ALA I 118 -2.99 -7.26 52.88
N LYS I 119 -2.31 -8.25 53.48
CA LYS I 119 -2.93 -9.17 54.43
C LYS I 119 -2.79 -8.78 55.91
N LEU I 120 -2.43 -7.53 56.17
CA LEU I 120 -2.42 -7.04 57.54
C LEU I 120 -3.80 -6.50 57.92
N THR I 121 -4.70 -7.38 58.33
CA THR I 121 -6.10 -7.02 58.57
C THR I 121 -6.47 -6.87 60.04
N ALA I 122 -7.68 -6.35 60.27
CA ALA I 122 -8.26 -6.21 61.61
C ALA I 122 -8.12 -7.47 62.46
N ALA I 123 -8.54 -8.62 61.91
CA ALA I 123 -8.53 -9.84 62.71
C ALA I 123 -7.13 -10.38 62.86
N ALA I 124 -6.23 -9.95 61.98
CA ALA I 124 -4.89 -10.52 61.98
C ALA I 124 -4.04 -9.90 63.06
N ILE I 125 -4.49 -8.77 63.59
CA ILE I 125 -3.71 -8.05 64.57
C ILE I 125 -4.24 -8.35 65.98
N GLU I 126 -5.38 -9.05 66.06
CA GLU I 126 -5.92 -9.46 67.36
C GLU I 126 -4.90 -10.05 68.32
N PRO I 127 -4.00 -10.89 67.82
CA PRO I 127 -3.05 -11.38 68.81
C PRO I 127 -2.01 -10.32 69.20
N ASP I 128 -1.92 -9.24 68.43
CA ASP I 128 -0.90 -8.21 68.63
C ASP I 128 -1.41 -6.92 69.31
N LEU I 129 -2.73 -6.73 69.35
CA LEU I 129 -3.36 -5.63 70.08
C LEU I 129 -2.75 -5.34 71.44
N ALA I 130 -2.45 -6.40 72.19
CA ALA I 130 -1.78 -6.27 73.48
C ALA I 130 -0.61 -5.32 73.42
N ALA I 131 0.34 -5.62 72.57
CA ALA I 131 1.53 -4.80 72.50
C ALA I 131 1.16 -3.39 72.15
N ILE I 132 0.21 -3.24 71.24
CA ILE I 132 -0.23 -1.90 70.85
C ILE I 132 -0.52 -1.06 72.10
N ARG I 133 -1.18 -1.64 73.09
CA ARG I 133 -1.49 -0.90 74.31
C ARG I 133 -0.31 -0.75 75.28
N ASP I 134 0.36 -1.85 75.58
CA ASP I 134 1.46 -1.79 76.52
C ASP I 134 2.62 -0.93 76.00
N ALA I 135 2.50 -0.44 74.78
CA ALA I 135 3.54 0.37 74.17
C ALA I 135 3.26 1.85 74.43
N ARG I 136 4.29 2.70 74.31
CA ARG I 136 4.11 4.13 74.52
C ARG I 136 3.82 4.89 73.22
N TYR I 137 4.41 4.41 72.13
CA TYR I 137 4.19 5.04 70.83
C TYR I 137 3.86 3.98 69.78
N LEU I 138 3.13 4.39 68.75
CA LEU I 138 2.83 3.51 67.63
C LEU I 138 2.91 4.32 66.36
N LEU I 139 3.80 3.87 65.48
CA LEU I 139 4.14 4.56 64.23
C LEU I 139 3.62 3.77 63.02
N MET I 140 2.95 4.44 62.08
CA MET I 140 2.36 3.67 60.99
C MET I 140 2.27 4.54 59.73
N GLN I 141 2.30 3.92 58.56
CA GLN I 141 2.15 4.63 57.29
C GLN I 141 1.09 3.91 56.41
N LEU I 142 1.04 4.25 55.13
CA LEU I 142 -0.09 3.85 54.32
C LEU I 142 0.18 2.87 53.21
N GLU I 143 1.10 1.94 53.41
CA GLU I 143 1.36 0.93 52.40
C GLU I 143 0.75 -0.43 52.82
N THR I 144 -0.11 -0.43 53.82
CA THR I 144 -0.78 -1.66 54.23
C THR I 144 -2.30 -1.36 54.27
N PRO I 145 -3.17 -2.37 54.49
CA PRO I 145 -4.63 -2.13 54.45
C PRO I 145 -5.12 -1.15 55.49
N LEU I 146 -6.16 -0.36 55.20
CA LEU I 146 -6.70 0.56 56.20
C LEU I 146 -7.31 -0.14 57.40
N ASP I 147 -8.18 -1.12 57.13
CA ASP I 147 -8.91 -1.85 58.17
C ASP I 147 -8.04 -2.26 59.36
N GLY I 148 -6.80 -2.65 59.09
CA GLY I 148 -5.90 -3.06 60.14
C GLY I 148 -5.30 -1.85 60.81
N ILE I 149 -5.04 -0.81 60.01
CA ILE I 149 -4.52 0.44 60.53
C ILE I 149 -5.42 0.97 61.63
N LEU I 150 -6.67 1.23 61.28
CA LEU I 150 -7.68 1.74 62.22
C LEU I 150 -7.88 0.81 63.42
N LYS I 151 -7.85 -0.50 63.21
CA LYS I 151 -8.04 -1.41 64.35
C LYS I 151 -6.93 -1.21 65.36
N ALA I 152 -5.71 -1.01 64.87
CA ALA I 152 -4.55 -0.69 65.72
C ALA I 152 -4.69 0.71 66.33
N ALA I 153 -4.91 1.67 65.44
CA ALA I 153 -5.01 3.08 65.74
C ALA I 153 -6.10 3.38 66.74
N GLN I 154 -7.31 2.90 66.46
CA GLN I 154 -8.43 3.06 67.38
C GLN I 154 -8.23 2.28 68.69
N GLU I 155 -7.53 1.16 68.62
CA GLU I 155 -7.22 0.36 69.82
C GLU I 155 -6.19 1.02 70.70
N ALA I 156 -5.33 1.84 70.08
CA ALA I 156 -4.26 2.57 70.75
C ALA I 156 -4.71 3.82 71.56
N LYS I 157 -5.33 4.79 70.90
CA LYS I 157 -5.85 5.99 71.56
C LYS I 157 -6.64 5.67 72.83
N THR I 158 -7.55 4.71 72.75
CA THR I 158 -8.38 4.33 73.90
C THR I 158 -7.61 3.61 75.00
N ALA I 159 -6.35 3.33 74.74
CA ALA I 159 -5.57 2.54 75.68
C ALA I 159 -4.23 3.20 76.03
N LYS I 160 -4.25 4.52 76.16
CA LYS I 160 -3.07 5.28 76.53
C LYS I 160 -1.80 4.82 75.84
N THR I 161 -1.63 5.30 74.61
CA THR I 161 -0.47 5.00 73.79
C THR I 161 -0.52 5.74 72.45
N ASN I 162 0.52 6.50 72.17
CA ASN I 162 0.59 7.37 70.99
C ASN I 162 0.44 6.75 69.63
N VAL I 163 -0.14 7.52 68.72
CA VAL I 163 -0.30 7.06 67.37
C VAL I 163 0.32 8.14 66.49
N ILE I 164 1.40 7.78 65.81
CA ILE I 164 2.03 8.69 64.88
C ILE I 164 1.90 8.14 63.46
N LEU I 165 1.47 8.98 62.52
CA LEU I 165 1.20 8.49 61.18
C LEU I 165 1.79 9.28 60.04
N ASN I 166 2.80 8.70 59.40
CA ASN I 166 3.37 9.21 58.15
C ASN I 166 2.44 8.85 57.00
N PRO I 167 1.69 9.83 56.48
CA PRO I 167 0.61 9.51 55.55
C PRO I 167 1.06 9.19 54.12
N ALA I 168 2.22 8.58 53.95
CA ALA I 168 2.71 8.20 52.65
C ALA I 168 2.47 6.69 52.45
N PRO I 169 2.12 6.29 51.21
CA PRO I 169 1.97 7.16 50.04
C PRO I 169 0.62 7.84 50.02
N ALA I 170 0.53 9.00 49.39
CA ALA I 170 -0.67 9.84 49.43
C ALA I 170 -1.99 9.16 49.07
N ARG I 171 -2.89 9.09 50.04
CA ARG I 171 -4.17 8.49 49.82
C ARG I 171 -5.13 9.03 50.85
N GLU I 172 -6.26 9.56 50.39
CA GLU I 172 -7.25 10.16 51.29
C GLU I 172 -7.59 9.24 52.45
N LEU I 173 -7.67 9.83 53.64
CA LEU I 173 -7.96 9.04 54.82
C LEU I 173 -9.23 9.59 55.46
N PRO I 174 -9.98 8.69 56.12
CA PRO I 174 -11.30 9.07 56.65
C PRO I 174 -11.18 9.68 58.05
N ASP I 175 -12.09 10.60 58.38
CA ASP I 175 -12.02 11.34 59.65
C ASP I 175 -12.08 10.48 60.90
N GLU I 176 -12.71 9.32 60.84
CA GLU I 176 -12.78 8.45 62.00
C GLU I 176 -11.41 7.83 62.32
N LEU I 177 -10.42 8.09 61.46
CA LEU I 177 -9.04 7.64 61.69
C LEU I 177 -8.16 8.79 62.21
N LEU I 178 -8.22 9.93 61.50
CA LEU I 178 -7.51 11.16 61.88
C LEU I 178 -7.74 11.59 63.31
N LYS I 179 -8.83 11.12 63.89
CA LYS I 179 -9.19 11.40 65.27
C LYS I 179 -8.38 10.52 66.20
N CYS I 180 -7.70 9.54 65.64
CA CYS I 180 -6.93 8.66 66.49
C CYS I 180 -5.44 8.94 66.36
N VAL I 181 -5.05 9.94 65.58
CA VAL I 181 -3.64 10.33 65.47
C VAL I 181 -3.27 11.48 66.38
N ASP I 182 -2.08 11.41 66.98
CA ASP I 182 -1.60 12.50 67.82
C ASP I 182 -0.49 13.30 67.12
N LEU I 183 0.09 12.72 66.06
CA LEU I 183 1.17 13.37 65.32
C LEU I 183 1.23 12.77 63.92
N ILE I 184 1.36 13.66 62.92
CA ILE I 184 1.26 13.35 61.50
C ILE I 184 2.39 14.00 60.67
N THR I 185 2.89 13.34 59.63
CA THR I 185 4.05 13.86 58.89
C THR I 185 3.96 13.98 57.36
N PRO I 186 2.94 14.67 56.86
CA PRO I 186 2.73 14.68 55.41
C PRO I 186 3.82 15.40 54.70
N ASN I 187 4.02 15.16 53.41
CA ASN I 187 4.91 16.02 52.67
C ASN I 187 3.97 16.80 51.75
N GLU I 188 4.48 17.82 51.07
CA GLU I 188 3.67 18.69 50.23
C GLU I 188 2.66 17.97 49.34
N THR I 189 3.09 16.87 48.71
CA THR I 189 2.23 16.17 47.76
C THR I 189 1.15 15.36 48.52
N GLU I 190 1.55 14.75 49.65
CA GLU I 190 0.63 14.04 50.54
C GLU I 190 -0.06 15.00 51.52
N ALA I 191 0.17 16.30 51.31
CA ALA I 191 -0.46 17.36 52.10
C ALA I 191 -1.55 18.01 51.28
N GLU I 192 -1.32 18.14 49.98
CA GLU I 192 -2.33 18.68 49.08
C GLU I 192 -3.54 17.73 49.00
N VAL I 193 -3.32 16.44 49.27
CA VAL I 193 -4.41 15.44 49.27
C VAL I 193 -5.52 15.70 50.27
N LEU I 194 -5.29 15.18 51.47
CA LEU I 194 -6.27 15.21 52.56
C LEU I 194 -6.79 16.59 53.00
N THR I 195 -6.30 17.68 52.41
CA THR I 195 -6.74 19.00 52.84
C THR I 195 -7.27 19.83 51.65
N GLY I 196 -6.58 19.71 50.53
CA GLY I 196 -6.96 20.38 49.32
C GLY I 196 -6.11 21.61 49.11
N ILE I 197 -5.27 21.92 50.09
CA ILE I 197 -4.43 23.11 50.00
C ILE I 197 -3.05 22.73 49.49
N THR I 198 -2.52 23.53 48.59
CA THR I 198 -1.25 23.24 47.97
C THR I 198 -0.21 23.79 48.88
N VAL I 199 1.05 23.37 48.76
CA VAL I 199 2.08 23.96 49.61
C VAL I 199 3.21 24.52 48.79
N TYR I 200 3.30 25.86 48.80
CA TYR I 200 4.38 26.52 48.12
C TYR I 200 5.15 27.39 49.12
N ASP I 201 4.51 27.85 50.19
CA ASP I 201 5.26 28.61 51.20
C ASP I 201 4.69 28.56 52.60
N ASP I 202 5.21 29.44 53.45
CA ASP I 202 4.82 29.54 54.86
C ASP I 202 3.34 29.83 55.07
N SER I 203 2.74 30.61 54.17
CA SER I 203 1.34 30.97 54.35
C SER I 203 0.49 29.78 54.01
N SER I 204 0.81 29.15 52.88
CA SER I 204 0.13 27.94 52.41
C SER I 204 0.58 26.70 53.20
N ALA I 205 1.76 26.75 53.82
CA ALA I 205 2.26 25.63 54.62
C ALA I 205 1.41 25.63 55.84
N GLN I 206 0.90 26.80 56.17
CA GLN I 206 0.04 26.91 57.31
C GLN I 206 -1.30 26.24 57.11
N GLN I 207 -2.20 26.93 56.41
CA GLN I 207 -3.56 26.44 56.23
C GLN I 207 -3.73 24.94 56.06
N ALA I 208 -2.80 24.31 55.35
CA ALA I 208 -2.82 22.86 55.20
C ALA I 208 -2.68 22.17 56.56
N ALA I 209 -1.63 22.51 57.30
CA ALA I 209 -1.43 22.00 58.65
C ALA I 209 -2.70 22.17 59.42
N ASP I 210 -3.00 23.44 59.67
CA ASP I 210 -4.24 23.94 60.25
C ASP I 210 -5.49 23.15 59.86
N ALA I 211 -5.63 22.93 58.55
CA ALA I 211 -6.75 22.16 58.04
C ALA I 211 -6.73 20.77 58.65
N LEU I 212 -5.55 20.19 58.74
CA LEU I 212 -5.40 18.89 59.39
C LEU I 212 -5.84 18.96 60.84
N HIS I 213 -5.31 19.91 61.60
CA HIS I 213 -5.77 20.15 62.98
C HIS I 213 -7.26 19.89 63.21
N CYS I 214 -8.12 20.33 62.30
CA CYS I 214 -9.57 20.17 62.44
C CYS I 214 -10.06 18.71 62.43
N LYS I 215 -9.22 17.78 61.98
CA LYS I 215 -9.63 16.37 61.92
C LYS I 215 -9.15 15.64 63.16
N GLY I 216 -8.77 16.45 64.14
CA GLY I 216 -8.49 16.01 65.49
C GLY I 216 -7.02 15.82 65.78
N ILE I 217 -6.17 16.25 64.85
CA ILE I 217 -4.75 15.96 64.98
C ILE I 217 -3.97 17.14 65.56
N GLU I 218 -3.29 16.84 66.65
CA GLU I 218 -2.60 17.85 67.44
C GLU I 218 -1.34 18.39 66.76
N ILE I 219 -0.33 17.56 66.58
CA ILE I 219 0.96 18.02 66.08
C ILE I 219 1.08 17.70 64.60
N VAL I 220 1.51 18.68 63.82
CA VAL I 220 1.52 18.54 62.37
C VAL I 220 2.88 18.86 61.79
N ILE I 221 3.48 17.90 61.08
CA ILE I 221 4.78 18.14 60.51
C ILE I 221 4.83 18.05 58.98
N ILE I 222 4.51 19.13 58.26
CA ILE I 222 4.54 19.10 56.79
C ILE I 222 5.94 19.33 56.27
N THR I 223 6.63 18.26 55.93
CA THR I 223 7.98 18.38 55.42
C THR I 223 7.98 19.06 54.06
N LEU I 224 8.95 19.94 53.83
CA LEU I 224 9.06 20.64 52.55
C LEU I 224 10.34 20.35 51.76
N GLY I 225 10.86 19.13 51.85
CA GLY I 225 12.08 18.76 51.17
C GLY I 225 13.26 19.59 51.64
N SER I 226 13.89 20.30 50.70
CA SER I 226 15.09 21.08 51.00
C SER I 226 14.87 22.34 51.87
N LYS I 227 13.67 22.88 51.83
CA LYS I 227 13.38 24.16 52.48
C LYS I 227 13.18 24.00 53.99
N GLY I 228 13.14 22.76 54.44
CA GLY I 228 13.07 22.45 55.86
C GLY I 228 11.78 21.73 56.17
N VAL I 229 11.22 21.99 57.33
CA VAL I 229 10.02 21.31 57.78
C VAL I 229 9.11 22.30 58.47
N TRP I 230 7.85 22.29 58.12
CA TRP I 230 6.95 23.19 58.81
C TRP I 230 6.29 22.52 59.99
N LEU I 231 6.67 22.90 61.21
CA LEU I 231 6.03 22.36 62.42
C LEU I 231 4.82 23.17 62.87
N SER I 232 3.78 22.50 63.35
CA SER I 232 2.62 23.18 63.86
C SER I 232 2.09 22.45 65.08
N GLN I 233 2.69 22.84 66.19
CA GLN I 233 2.48 22.27 67.51
C GLN I 233 1.21 22.79 68.13
N ASN I 234 0.09 22.11 67.93
CA ASN I 234 -1.20 22.51 68.49
C ASN I 234 -1.82 23.80 67.91
N GLY I 235 -1.47 24.17 66.69
CA GLY I 235 -2.02 25.36 66.06
C GLY I 235 -0.95 26.43 65.96
N ARG I 236 0.09 26.19 66.73
CA ARG I 236 1.23 27.08 66.82
C ARG I 236 2.31 26.77 65.75
N GLY I 237 2.21 27.38 64.57
CA GLY I 237 3.16 27.04 63.51
C GLY I 237 4.46 27.84 63.38
N GLN I 238 5.50 27.17 62.88
CA GLN I 238 6.82 27.78 62.67
C GLN I 238 7.56 26.97 61.60
N ARG I 239 8.68 27.48 61.08
CA ARG I 239 9.46 26.71 60.11
C ARG I 239 10.81 26.35 60.70
N ILE I 240 11.21 25.09 60.57
CA ILE I 240 12.47 24.65 61.13
C ILE I 240 13.33 24.16 59.99
N PRO I 241 14.29 24.97 59.58
CA PRO I 241 15.11 24.52 58.46
C PRO I 241 16.05 23.42 58.86
N GLY I 242 16.21 22.47 57.95
CA GLY I 242 17.12 21.36 58.11
C GLY I 242 18.58 21.71 57.88
N PHE I 243 19.41 20.68 57.78
CA PHE I 243 20.83 20.88 57.62
C PHE I 243 21.12 21.18 56.16
N VAL I 244 22.27 21.79 55.89
CA VAL I 244 22.67 22.09 54.51
C VAL I 244 23.00 20.76 53.80
N VAL I 245 21.98 20.13 53.19
CA VAL I 245 22.09 18.75 52.68
C VAL I 245 21.70 18.54 51.22
N LYS I 246 22.15 17.40 50.69
CA LYS I 246 21.98 16.99 49.30
C LYS I 246 20.65 16.34 48.91
N ALA I 247 20.20 16.68 47.69
CA ALA I 247 19.02 16.06 47.08
C ALA I 247 19.50 14.88 46.26
N THR I 248 19.60 13.73 46.91
CA THR I 248 20.14 12.53 46.27
C THR I 248 19.28 11.27 46.36
N ASP I 249 19.57 10.41 47.35
CA ASP I 249 18.85 9.14 47.41
C ASP I 249 17.59 9.21 48.27
N THR I 250 16.67 9.98 47.68
CA THR I 250 15.38 10.40 48.19
C THR I 250 14.47 9.38 48.92
N THR I 251 14.78 8.09 48.77
CA THR I 251 13.92 6.97 49.25
C THR I 251 13.62 6.96 50.76
N ALA I 252 14.50 6.34 51.54
CA ALA I 252 14.29 6.11 52.96
C ALA I 252 14.51 7.45 53.67
N ALA I 253 14.93 8.44 52.88
CA ALA I 253 15.14 9.80 53.33
C ALA I 253 14.07 10.18 54.33
N GLY I 254 12.82 10.18 53.89
CA GLY I 254 11.71 10.51 54.76
C GLY I 254 11.38 9.42 55.76
N ASP I 255 12.11 8.32 55.68
CA ASP I 255 11.86 7.23 56.59
C ASP I 255 12.83 7.35 57.75
N THR I 256 14.05 7.76 57.44
CA THR I 256 15.07 7.84 58.45
C THR I 256 14.62 8.96 59.37
N PHE I 257 14.15 10.05 58.78
CA PHE I 257 13.50 11.13 59.51
C PHE I 257 12.49 10.61 60.54
N ASN I 258 11.41 10.00 60.07
CA ASN I 258 10.35 9.49 60.92
C ASN I 258 10.74 8.46 61.95
N GLY I 259 11.73 7.63 61.64
CA GLY I 259 12.20 6.62 62.59
C GLY I 259 12.96 7.26 63.73
N ALA I 260 13.81 8.22 63.40
CA ALA I 260 14.63 8.89 64.37
C ALA I 260 13.78 9.88 65.14
N LEU I 261 12.91 10.58 64.40
CA LEU I 261 11.95 11.51 64.99
C LEU I 261 11.16 10.87 66.10
N VAL I 262 10.79 9.61 65.91
CA VAL I 262 10.02 8.92 66.92
C VAL I 262 10.88 8.42 68.06
N THR I 263 12.12 8.08 67.75
CA THR I 263 13.05 7.69 68.80
C THR I 263 13.42 8.86 69.71
N GLY I 264 13.40 10.07 69.15
CA GLY I 264 13.55 11.28 69.94
C GLY I 264 12.40 11.37 70.94
N LEU I 265 11.20 11.61 70.43
CA LEU I 265 10.02 11.77 71.25
C LEU I 265 9.92 10.63 72.23
N LEU I 266 10.31 9.45 71.80
CA LEU I 266 10.27 8.32 72.70
C LEU I 266 11.34 8.49 73.75
N GLN I 267 12.48 9.05 73.36
CA GLN I 267 13.60 9.13 74.29
C GLN I 267 13.53 10.39 75.13
N GLU I 268 12.34 10.98 75.17
CA GLU I 268 12.03 12.11 76.03
C GLU I 268 12.65 13.44 75.53
N MET I 269 13.36 13.41 74.40
CA MET I 269 13.81 14.64 73.74
C MET I 269 12.63 15.57 73.47
N PRO I 270 12.86 16.86 73.55
CA PRO I 270 11.77 17.76 73.15
C PRO I 270 11.66 17.83 71.62
N LEU I 271 10.42 18.00 71.16
CA LEU I 271 10.06 18.00 69.74
C LEU I 271 10.95 18.74 68.75
N GLU I 272 11.06 20.06 68.90
CA GLU I 272 11.85 20.88 68.01
C GLU I 272 13.30 20.44 67.90
N SER I 273 13.80 19.83 68.97
CA SER I 273 15.16 19.32 68.95
C SER I 273 15.13 17.97 68.27
N ALA I 274 14.05 17.23 68.52
CA ALA I 274 13.90 15.93 67.91
C ALA I 274 13.80 16.05 66.40
N ILE I 275 13.00 16.98 65.88
CA ILE I 275 13.01 17.26 64.45
C ILE I 275 14.41 17.66 63.95
N LYS I 276 15.19 18.31 64.80
CA LYS I 276 16.56 18.71 64.49
C LYS I 276 17.49 17.51 64.56
N PHE I 277 17.30 16.67 65.58
CA PHE I 277 17.84 15.31 65.60
C PHE I 277 17.49 14.49 64.33
N ALA I 278 16.19 14.35 64.05
CA ALA I 278 15.70 13.67 62.85
C ALA I 278 16.43 14.17 61.61
N HIS I 279 16.46 15.48 61.43
CA HIS I 279 17.12 16.10 60.31
C HIS I 279 18.55 15.58 60.13
N ALA I 280 19.15 15.11 61.21
CA ALA I 280 20.48 14.57 61.10
C ALA I 280 20.33 13.24 60.40
N ALA I 281 19.53 12.35 60.97
CA ALA I 281 19.31 11.02 60.42
C ALA I 281 19.06 11.06 58.93
N ALA I 282 18.21 11.97 58.48
CA ALA I 282 17.95 12.07 57.06
C ALA I 282 19.24 12.47 56.33
N ALA I 283 20.00 13.40 56.86
CA ALA I 283 21.20 13.89 56.16
C ALA I 283 22.29 12.82 55.89
N ILE I 284 22.43 11.85 56.78
CA ILE I 284 23.37 10.75 56.57
C ILE I 284 22.81 9.71 55.59
N SER I 285 21.52 9.45 55.69
CA SER I 285 20.81 8.60 54.76
C SER I 285 20.77 9.19 53.36
N VAL I 286 20.31 10.44 53.25
CA VAL I 286 20.16 11.16 51.96
C VAL I 286 21.41 11.46 51.14
N THR I 287 22.55 11.69 51.78
CA THR I 287 23.78 11.90 51.01
C THR I 287 24.31 10.50 50.65
N ARG I 288 23.64 9.49 51.21
CA ARG I 288 23.96 8.08 51.01
C ARG I 288 23.02 7.28 50.06
N PHE I 289 23.64 6.61 49.09
CA PHE I 289 23.01 5.75 48.06
C PHE I 289 22.13 4.54 48.52
N GLY I 290 21.61 3.80 47.54
CA GLY I 290 20.83 2.59 47.76
C GLY I 290 19.67 2.70 48.72
N ALA I 291 18.49 3.02 48.16
CA ALA I 291 17.22 3.20 48.88
C ALA I 291 17.26 2.97 50.39
N GLN I 292 17.48 1.72 50.82
CA GLN I 292 17.71 1.38 52.22
C GLN I 292 18.98 0.52 52.34
N THR I 293 20.09 1.09 51.89
CA THR I 293 21.42 0.51 52.09
C THR I 293 22.23 1.44 53.02
N SER I 294 21.76 2.68 53.15
CA SER I 294 22.36 3.70 54.03
C SER I 294 22.12 3.54 55.52
N ILE I 295 20.91 3.91 55.94
CA ILE I 295 20.43 4.07 57.33
C ILE I 295 21.49 3.90 58.43
N PRO I 296 21.84 5.02 59.12
CA PRO I 296 23.02 5.22 59.97
C PRO I 296 22.82 4.93 61.45
N THR I 297 23.89 4.85 62.24
CA THR I 297 23.78 4.44 63.65
C THR I 297 23.31 5.56 64.54
N ARG I 298 22.88 5.26 65.77
CA ARG I 298 22.55 6.38 66.64
C ARG I 298 23.84 7.09 66.87
N ALA I 299 24.82 6.34 67.34
CA ALA I 299 26.14 6.86 67.57
C ALA I 299 26.64 7.66 66.36
N GLU I 300 26.44 7.16 65.14
CA GLU I 300 26.92 7.89 63.97
C GLU I 300 26.18 9.22 63.73
N VAL I 301 24.85 9.25 63.90
CA VAL I 301 24.07 10.49 63.70
C VAL I 301 24.54 11.56 64.65
N GLU I 302 24.84 11.13 65.87
CA GLU I 302 25.31 12.05 66.88
C GLU I 302 26.60 12.76 66.47
N ALA I 303 27.54 12.02 65.89
CA ALA I 303 28.73 12.66 65.36
C ALA I 303 28.36 13.82 64.42
N PHE I 304 27.39 13.59 63.54
CA PHE I 304 26.99 14.61 62.58
C PHE I 304 26.56 15.84 63.35
N LEU I 305 25.57 15.65 64.22
CA LEU I 305 25.07 16.76 65.03
C LEU I 305 26.21 17.40 65.77
N ALA I 306 27.05 16.59 66.38
CA ALA I 306 28.18 17.14 67.12
C ALA I 306 29.09 18.03 66.26
N GLU I 307 29.45 17.51 65.08
CA GLU I 307 30.34 18.20 64.14
C GLU I 307 29.80 19.46 63.53
N HIS I 308 28.49 19.63 63.67
CA HIS I 308 27.78 20.77 63.12
C HIS I 308 27.21 21.65 64.22
N SER I 309 27.44 22.95 64.11
CA SER I 309 26.97 23.90 65.11
C SER I 309 27.01 25.32 64.56
N MET J 4 30.01 -40.12 33.34
CA MET J 4 30.06 -39.19 32.20
C MET J 4 28.72 -39.09 31.50
N ASN J 5 28.30 -37.86 31.20
CA ASN J 5 26.98 -37.67 30.64
C ASN J 5 26.96 -37.75 29.13
N LYS J 6 25.97 -38.43 28.58
CA LYS J 6 25.91 -38.55 27.14
C LYS J 6 25.45 -37.25 26.52
N LEU J 7 24.47 -36.63 27.16
CA LEU J 7 23.97 -35.37 26.65
C LEU J 7 24.43 -34.24 27.56
N VAL J 8 24.87 -33.16 26.93
CA VAL J 8 25.39 -32.03 27.66
C VAL J 8 24.65 -30.80 27.17
N VAL J 9 24.04 -30.07 28.09
CA VAL J 9 23.34 -28.84 27.75
C VAL J 9 24.07 -27.64 28.31
N LEU J 10 24.12 -26.58 27.51
CA LEU J 10 24.83 -25.34 27.84
C LEU J 10 23.89 -24.17 27.61
N GLY J 11 23.45 -23.52 28.68
CA GLY J 11 22.58 -22.39 28.51
C GLY J 11 22.18 -21.64 29.75
N SER J 12 21.20 -20.79 29.58
CA SER J 12 20.88 -19.79 30.58
C SER J 12 19.98 -20.34 31.66
N VAL J 13 20.19 -19.90 32.90
CA VAL J 13 19.19 -20.05 33.94
C VAL J 13 18.65 -18.67 34.18
N ASN J 14 17.34 -18.58 34.32
CA ASN J 14 16.66 -17.34 34.56
C ASN J 14 15.58 -17.64 35.51
N ALA J 15 15.03 -16.59 36.07
CA ALA J 15 13.77 -16.67 36.74
C ALA J 15 12.97 -15.55 36.07
N ASP J 16 11.74 -15.83 35.67
CA ASP J 16 10.95 -14.75 35.08
C ASP J 16 9.93 -14.24 36.10
N HIS J 17 10.10 -12.95 36.43
CA HIS J 17 9.30 -12.21 37.39
C HIS J 17 8.03 -11.67 36.75
N VAL J 18 6.92 -12.30 37.14
CA VAL J 18 5.61 -12.03 36.55
C VAL J 18 4.81 -11.06 37.40
N LEU J 19 4.29 -10.02 36.76
CA LEU J 19 3.44 -9.08 37.49
C LEU J 19 2.45 -8.58 36.47
N GLN J 20 1.18 -8.69 36.81
CA GLN J 20 0.15 -8.19 35.94
C GLN J 20 -0.21 -6.74 36.34
N VAL J 21 -0.12 -5.82 35.39
CA VAL J 21 -0.30 -4.41 35.68
C VAL J 21 -1.57 -3.97 34.98
N PRO J 22 -2.20 -2.89 35.48
CA PRO J 22 -3.43 -2.37 34.87
C PRO J 22 -3.18 -1.78 33.49
N SER J 23 -2.07 -1.08 33.34
CA SER J 23 -1.72 -0.53 32.06
C SER J 23 -0.21 -0.54 31.91
N PHE J 24 0.25 -0.22 30.71
CA PHE J 24 1.67 -0.10 30.45
C PHE J 24 2.28 1.05 31.25
N PRO J 25 3.48 0.83 31.83
CA PRO J 25 4.01 1.94 32.62
C PRO J 25 4.44 3.04 31.66
N ARG J 26 3.96 4.25 31.89
CA ARG J 26 4.44 5.36 31.10
C ARG J 26 5.42 6.02 32.07
N PRO J 27 6.31 6.92 31.58
CA PRO J 27 7.34 7.40 32.50
C PRO J 27 6.81 8.18 33.70
N GLY J 28 7.72 8.65 34.55
CA GLY J 28 7.27 9.47 35.66
C GLY J 28 6.58 8.62 36.70
N GLU J 29 5.36 8.19 36.36
CA GLU J 29 4.42 7.66 37.33
C GLU J 29 4.55 6.18 37.74
N THR J 30 3.92 5.89 38.86
CA THR J 30 3.92 4.57 39.45
C THR J 30 2.52 4.01 39.32
N LEU J 31 2.46 2.69 39.32
CA LEU J 31 1.23 1.96 39.15
C LEU J 31 1.19 1.01 40.31
N HIS J 32 0.14 0.20 40.34
CA HIS J 32 0.02 -0.83 41.35
C HIS J 32 -0.41 -2.08 40.63
N GLY J 33 0.30 -3.16 40.83
CA GLY J 33 -0.06 -4.37 40.13
C GLY J 33 -0.55 -5.48 41.03
N ARG J 34 -1.41 -6.33 40.47
CA ARG J 34 -2.00 -7.47 41.16
C ARG J 34 -1.00 -8.60 41.17
N ASN J 35 -1.51 -9.81 41.37
CA ASN J 35 -0.75 -11.07 41.41
C ASN J 35 0.70 -11.03 40.96
N TYR J 36 1.57 -11.51 41.84
CA TYR J 36 2.99 -11.57 41.57
C TYR J 36 3.45 -13.00 41.74
N GLN J 37 4.13 -13.53 40.73
CA GLN J 37 4.73 -14.86 40.84
C GLN J 37 6.10 -14.93 40.15
N VAL J 38 7.03 -15.68 40.76
CA VAL J 38 8.36 -15.95 40.18
C VAL J 38 8.55 -17.41 39.72
N ILE J 39 8.70 -17.57 38.40
CA ILE J 39 8.82 -18.90 37.81
C ILE J 39 10.21 -19.03 37.23
N PRO J 40 10.91 -20.10 37.59
CA PRO J 40 12.28 -20.31 37.12
C PRO J 40 12.31 -20.41 35.63
N GLY J 41 13.47 -20.70 35.07
CA GLY J 41 13.53 -20.65 33.63
C GLY J 41 14.90 -20.53 33.05
N GLY J 42 14.94 -19.97 31.85
CA GLY J 42 16.15 -19.92 31.07
C GLY J 42 16.11 -21.09 30.11
N LYS J 43 16.41 -20.79 28.84
CA LYS J 43 16.39 -21.79 27.76
C LYS J 43 17.14 -23.00 28.28
N GLY J 44 18.44 -22.87 28.41
CA GLY J 44 19.27 -23.95 28.92
C GLY J 44 18.72 -24.80 30.07
N ALA J 45 17.95 -24.21 30.98
CA ALA J 45 17.45 -24.97 32.11
C ALA J 45 16.14 -25.66 31.77
N ASN J 46 15.28 -24.99 31.01
CA ASN J 46 14.13 -25.72 30.53
C ASN J 46 14.58 -27.00 29.84
N GLN J 47 15.46 -26.88 28.84
CA GLN J 47 15.81 -28.00 27.98
C GLN J 47 16.46 -29.13 28.71
N ALA J 48 17.30 -28.82 29.70
CA ALA J 48 17.96 -29.88 30.44
C ALA J 48 17.01 -30.52 31.45
N VAL J 49 16.04 -29.74 31.94
CA VAL J 49 15.00 -30.30 32.80
C VAL J 49 14.04 -31.11 31.95
N ALA J 50 13.80 -30.66 30.73
CA ALA J 50 13.04 -31.43 29.77
C ALA J 50 13.72 -32.81 29.48
N ALA J 51 14.93 -32.74 28.93
CA ALA J 51 15.76 -33.90 28.65
C ALA J 51 15.83 -34.83 29.83
N ALA J 52 16.02 -34.26 31.01
CA ALA J 52 16.14 -35.08 32.22
C ALA J 52 14.88 -35.95 32.51
N ARG J 53 13.70 -35.41 32.22
CA ARG J 53 12.44 -36.10 32.48
C ARG J 53 12.21 -37.18 31.46
N MET J 54 12.86 -37.03 30.31
CA MET J 54 12.86 -38.05 29.28
C MET J 54 14.01 -39.03 29.51
N GLN J 55 14.32 -39.23 30.78
CA GLN J 55 15.36 -40.16 31.24
C GLN J 55 16.70 -40.10 30.49
N ALA J 56 17.24 -38.88 30.29
CA ALA J 56 18.53 -38.70 29.62
C ALA J 56 19.70 -38.56 30.60
N ASP J 57 20.92 -38.78 30.12
CA ASP J 57 22.14 -38.57 30.91
C ASP J 57 22.71 -37.18 30.76
N VAL J 58 22.17 -36.21 31.48
CA VAL J 58 22.52 -34.82 31.22
C VAL J 58 23.35 -34.15 32.34
N GLY J 59 24.34 -33.39 31.89
CA GLY J 59 25.10 -32.55 32.76
C GLY J 59 24.82 -31.18 32.22
N PHE J 60 24.86 -30.21 33.12
CA PHE J 60 24.51 -28.86 32.77
C PHE J 60 25.74 -27.99 32.89
N ILE J 61 25.90 -27.07 31.96
CA ILE J 61 26.96 -26.07 32.04
C ILE J 61 26.23 -24.76 32.06
N ALA J 62 26.27 -24.08 33.19
CA ALA J 62 25.59 -22.83 33.26
C ALA J 62 26.25 -21.93 34.33
N CYS J 63 25.90 -20.67 34.32
CA CYS J 63 26.36 -19.80 35.37
C CYS J 63 25.12 -19.24 36.03
N VAL J 64 25.04 -19.37 37.35
CA VAL J 64 23.97 -18.73 38.11
C VAL J 64 24.57 -17.72 39.10
N GLY J 65 23.73 -16.92 39.75
CA GLY J 65 24.24 -15.93 40.68
C GLY J 65 24.44 -16.58 42.03
N ASP J 66 24.94 -15.83 43.00
CA ASP J 66 25.08 -16.36 44.35
C ASP J 66 23.87 -16.06 45.22
N ASP J 67 22.91 -15.31 44.66
CA ASP J 67 21.64 -15.04 45.33
C ASP J 67 20.85 -16.35 45.55
N SER J 68 19.88 -16.30 46.46
CA SER J 68 19.16 -17.49 46.89
C SER J 68 18.62 -18.33 45.77
N PHE J 69 18.25 -17.68 44.66
CA PHE J 69 17.77 -18.41 43.50
C PHE J 69 18.86 -19.33 43.02
N GLY J 70 19.92 -18.75 42.45
CA GLY J 70 21.13 -19.46 42.08
C GLY J 70 21.59 -20.52 43.09
N ILE J 71 21.34 -20.25 44.35
CA ILE J 71 21.80 -21.18 45.35
C ILE J 71 20.85 -22.36 45.32
N ASN J 72 19.53 -22.09 45.35
CA ASN J 72 18.52 -23.17 45.41
C ASN J 72 18.20 -23.88 44.11
N ILE J 73 18.23 -23.16 42.99
CA ILE J 73 17.83 -23.77 41.75
C ILE J 73 18.90 -24.71 41.28
N ARG J 74 20.15 -24.39 41.50
CA ARG J 74 21.17 -25.33 41.17
C ARG J 74 20.99 -26.54 42.09
N GLU J 75 20.34 -26.30 43.23
CA GLU J 75 20.16 -27.38 44.20
C GLU J 75 18.96 -28.20 43.80
N SER J 76 18.00 -27.54 43.16
CA SER J 76 16.83 -28.24 42.65
C SER J 76 17.30 -29.16 41.53
N PHE J 77 17.55 -28.59 40.34
CA PHE J 77 18.09 -29.31 39.16
C PHE J 77 18.56 -30.76 39.35
N LYS J 78 19.45 -30.96 40.32
CA LYS J 78 19.96 -32.26 40.70
C LYS J 78 18.85 -33.17 41.17
N LEU J 79 17.77 -32.58 41.67
CA LEU J 79 16.60 -33.37 42.09
C LEU J 79 15.72 -33.67 40.88
N ASP J 80 16.19 -33.27 39.71
CA ASP J 80 15.51 -33.62 38.47
C ASP J 80 16.42 -34.63 37.80
N GLY J 81 17.44 -35.03 38.53
CA GLY J 81 18.38 -36.03 38.09
C GLY J 81 19.52 -35.44 37.28
N ILE J 82 19.59 -34.11 37.22
CA ILE J 82 20.60 -33.37 36.45
C ILE J 82 21.99 -33.25 37.12
N ASN J 83 23.03 -33.60 36.35
CA ASN J 83 24.43 -33.50 36.77
C ASN J 83 24.86 -32.05 36.82
N THR J 84 25.63 -31.66 37.84
CA THR J 84 25.93 -30.24 38.07
C THR J 84 27.41 -29.83 38.07
N ALA J 85 28.32 -30.73 37.78
CA ALA J 85 29.76 -30.42 37.75
C ALA J 85 30.12 -29.06 37.12
N GLY J 86 29.48 -28.76 35.99
CA GLY J 86 29.69 -27.51 35.28
C GLY J 86 28.70 -26.41 35.53
N VAL J 87 27.82 -26.54 36.52
CA VAL J 87 26.92 -25.43 36.81
C VAL J 87 27.62 -24.55 37.79
N LYS J 88 27.97 -23.34 37.33
CA LYS J 88 28.79 -22.44 38.10
C LYS J 88 28.02 -21.34 38.81
N LEU J 89 28.38 -21.12 40.07
CA LEU J 89 27.82 -20.07 40.92
C LEU J 89 28.74 -18.85 40.94
N GLN J 90 28.29 -17.77 40.30
CA GLN J 90 29.14 -16.62 40.12
C GLN J 90 28.93 -15.65 41.31
N PRO J 91 30.02 -15.15 41.91
CA PRO J 91 29.92 -14.38 43.15
C PRO J 91 29.54 -12.90 42.94
N ASN J 92 28.84 -12.35 43.94
CA ASN J 92 28.32 -10.96 43.96
C ASN J 92 27.72 -10.52 42.64
N CYS J 93 27.07 -11.48 41.99
CA CYS J 93 26.40 -11.29 40.72
C CYS J 93 25.09 -11.98 40.98
N PRO J 94 23.97 -11.42 40.53
CA PRO J 94 22.73 -12.16 40.80
C PRO J 94 22.52 -13.19 39.69
N THR J 95 21.51 -14.06 39.75
CA THR J 95 21.33 -15.04 38.66
C THR J 95 20.61 -14.33 37.49
N GLY J 96 20.42 -15.02 36.37
CA GLY J 96 19.80 -14.37 35.23
C GLY J 96 18.35 -14.03 35.53
N ILE J 97 17.81 -13.07 34.79
CA ILE J 97 16.52 -12.52 35.15
C ILE J 97 15.72 -11.94 33.95
N ALA J 98 14.41 -11.88 34.10
CA ALA J 98 13.56 -11.21 33.12
C ALA J 98 12.40 -10.58 33.89
N MET J 99 12.08 -9.33 33.56
CA MET J 99 10.98 -8.64 34.24
C MET J 99 9.76 -8.53 33.36
N ILE J 100 8.69 -9.17 33.82
CA ILE J 100 7.53 -9.41 32.98
C ILE J 100 6.26 -8.68 33.42
N GLN J 101 5.90 -7.64 32.66
CA GLN J 101 4.63 -6.91 32.90
C GLN J 101 3.46 -7.23 31.93
N VAL J 102 2.39 -7.80 32.50
CA VAL J 102 1.20 -8.15 31.72
C VAL J 102 0.02 -7.20 31.93
N SER J 103 -0.32 -6.46 30.88
CA SER J 103 -1.60 -5.77 30.81
C SER J 103 -2.46 -6.70 29.97
N ASP J 104 -3.40 -7.48 30.54
CA ASP J 104 -4.31 -7.15 31.65
C ASP J 104 -4.57 -5.66 31.92
N SER J 105 -4.92 -4.90 30.88
CA SER J 105 -5.38 -5.45 29.62
C SER J 105 -4.69 -4.75 28.45
N GLY J 106 -4.28 -5.56 27.47
CA GLY J 106 -3.65 -5.10 26.25
C GLY J 106 -2.53 -6.05 25.86
N GLU J 107 -1.37 -5.49 25.57
CA GLU J 107 -0.20 -6.30 25.26
C GLU J 107 0.79 -6.05 26.39
N ASN J 108 1.94 -6.72 26.33
CA ASN J 108 2.89 -6.68 27.43
C ASN J 108 4.18 -5.88 27.17
N SER J 109 5.22 -6.19 27.98
CA SER J 109 6.54 -5.56 27.90
C SER J 109 7.55 -6.33 28.73
N ILE J 110 8.55 -6.90 28.06
CA ILE J 110 9.57 -7.64 28.78
C ILE J 110 10.92 -6.93 28.81
N CYS J 111 11.59 -7.06 29.96
CA CYS J 111 12.90 -6.47 30.26
C CYS J 111 13.82 -7.56 30.80
N ILE J 112 14.93 -7.81 30.11
CA ILE J 112 15.85 -8.92 30.45
C ILE J 112 17.25 -8.47 30.83
N SER J 113 17.85 -9.13 31.81
CA SER J 113 19.27 -8.91 32.04
C SER J 113 19.97 -10.23 32.04
N ALA J 114 21.17 -10.27 31.51
CA ALA J 114 21.85 -11.53 31.55
C ALA J 114 22.17 -11.84 33.01
N GLU J 115 22.72 -10.83 33.69
CA GLU J 115 23.35 -10.98 35.01
C GLU J 115 24.53 -11.97 35.04
N ALA J 116 24.37 -13.10 35.71
CA ALA J 116 25.46 -14.09 35.81
C ALA J 116 25.73 -14.77 34.49
N ASN J 117 24.75 -14.69 33.59
CA ASN J 117 24.83 -15.38 32.33
C ASN J 117 25.93 -14.87 31.44
N ALA J 118 26.27 -13.61 31.53
CA ALA J 118 27.30 -13.15 30.64
C ALA J 118 28.62 -13.68 31.13
N LYS J 119 28.62 -14.32 32.30
CA LYS J 119 29.86 -14.83 32.82
C LYS J 119 30.01 -16.26 32.32
N LEU J 120 29.61 -16.50 31.06
CA LEU J 120 29.83 -17.78 30.39
C LEU J 120 30.58 -17.53 29.11
N THR J 121 31.87 -17.27 29.24
CA THR J 121 32.68 -17.02 28.08
C THR J 121 33.81 -18.04 28.02
N ALA J 122 34.57 -18.00 26.93
CA ALA J 122 35.77 -18.80 26.72
C ALA J 122 36.34 -19.52 27.95
N ALA J 123 37.12 -18.80 28.75
CA ALA J 123 37.87 -19.43 29.82
C ALA J 123 36.96 -19.83 30.96
N ALA J 124 35.71 -19.41 30.88
CA ALA J 124 34.82 -19.71 31.97
C ALA J 124 34.48 -21.19 31.87
N ILE J 125 34.54 -21.74 30.66
CA ILE J 125 34.12 -23.12 30.49
C ILE J 125 35.34 -24.00 30.31
N GLU J 126 36.51 -23.40 30.48
CA GLU J 126 37.76 -24.14 30.38
C GLU J 126 37.75 -25.53 31.07
N PRO J 127 37.32 -25.62 32.35
CA PRO J 127 37.37 -26.95 32.99
C PRO J 127 36.31 -27.92 32.53
N ASP J 128 35.33 -27.44 31.78
CA ASP J 128 34.16 -28.25 31.45
C ASP J 128 34.31 -28.96 30.10
N LEU J 129 35.19 -28.42 29.26
CA LEU J 129 35.61 -29.01 27.99
C LEU J 129 35.96 -30.50 28.15
N ALA J 130 36.39 -30.88 29.35
CA ALA J 130 36.53 -32.29 29.72
C ALA J 130 35.29 -32.98 29.22
N ALA J 131 34.12 -32.49 29.65
CA ALA J 131 32.85 -32.95 29.11
C ALA J 131 32.80 -32.51 27.64
N ILE J 132 31.65 -32.08 27.14
CA ILE J 132 31.58 -31.59 25.75
C ILE J 132 32.21 -32.53 24.73
N ARG J 133 33.50 -32.83 24.90
CA ARG J 133 34.21 -33.74 24.01
C ARG J 133 33.81 -35.18 24.33
N ASP J 134 34.07 -35.57 25.56
CA ASP J 134 33.69 -36.88 26.07
C ASP J 134 32.18 -36.97 26.31
N ALA J 135 31.38 -36.37 25.43
CA ALA J 135 29.92 -36.41 25.59
C ALA J 135 29.32 -36.81 24.28
N ARG J 136 28.16 -37.46 24.33
CA ARG J 136 27.61 -37.97 23.08
C ARG J 136 26.81 -36.88 22.38
N TYR J 137 26.15 -36.02 23.13
CA TYR J 137 25.41 -34.92 22.51
C TYR J 137 25.67 -33.62 23.20
N LEU J 138 25.50 -32.52 22.47
CA LEU J 138 25.74 -31.23 23.07
C LEU J 138 24.71 -30.20 22.61
N LEU J 139 23.99 -29.66 23.57
CA LEU J 139 22.85 -28.78 23.32
C LEU J 139 23.13 -27.33 23.77
N MET J 140 22.78 -26.31 22.97
CA MET J 140 23.06 -24.91 23.32
C MET J 140 22.02 -24.01 22.69
N GLN J 141 21.83 -22.81 23.22
CA GLN J 141 20.90 -21.84 22.64
C GLN J 141 21.62 -20.53 22.44
N LEU J 142 20.91 -19.42 22.35
CA LEU J 142 21.60 -18.18 22.13
C LEU J 142 21.40 -17.22 23.29
N GLU J 143 21.33 -17.75 24.52
CA GLU J 143 21.13 -16.88 25.67
C GLU J 143 22.36 -16.69 26.58
N THR J 144 23.53 -17.13 26.12
CA THR J 144 24.78 -16.82 26.83
C THR J 144 25.66 -16.24 25.74
N PRO J 145 26.81 -15.63 26.12
CA PRO J 145 27.62 -14.98 25.07
C PRO J 145 28.04 -15.89 23.95
N LEU J 146 28.10 -15.28 22.79
CA LEU J 146 28.45 -15.90 21.54
C LEU J 146 29.84 -16.48 21.56
N ASP J 147 30.57 -16.24 22.64
CA ASP J 147 31.92 -16.79 22.77
C ASP J 147 31.87 -18.11 23.51
N GLY J 148 30.80 -18.33 24.27
CA GLY J 148 30.69 -19.59 24.99
C GLY J 148 30.18 -20.70 24.07
N ILE J 149 29.20 -20.35 23.27
CA ILE J 149 28.71 -21.21 22.22
C ILE J 149 29.85 -21.62 21.33
N LEU J 150 30.48 -20.60 20.74
CA LEU J 150 31.54 -20.81 19.79
C LEU J 150 32.60 -21.72 20.36
N LYS J 151 33.00 -21.53 21.61
CA LYS J 151 34.04 -22.41 22.14
C LYS J 151 33.56 -23.82 22.32
N ALA J 152 32.36 -24.02 22.86
CA ALA J 152 31.85 -25.37 23.02
C ALA J 152 31.72 -25.94 21.64
N ALA J 153 31.15 -25.17 20.71
CA ALA J 153 30.94 -25.66 19.35
C ALA J 153 32.24 -26.13 18.65
N GLN J 154 33.25 -25.30 18.50
CA GLN J 154 34.46 -25.78 17.86
C GLN J 154 35.10 -26.88 18.69
N GLU J 155 35.01 -26.78 20.02
CA GLU J 155 35.61 -27.80 20.90
C GLU J 155 34.85 -29.13 20.91
N ALA J 156 33.55 -29.09 20.66
CA ALA J 156 32.76 -30.33 20.67
C ALA J 156 33.01 -31.07 19.39
N LYS J 157 32.64 -30.44 18.29
CA LYS J 157 32.79 -30.99 16.93
C LYS J 157 34.09 -31.78 16.74
N THR J 158 35.18 -31.23 17.26
CA THR J 158 36.49 -31.84 17.15
C THR J 158 36.67 -33.16 17.89
N ALA J 159 35.67 -33.60 18.66
CA ALA J 159 35.85 -34.83 19.45
C ALA J 159 34.79 -35.87 19.12
N LYS J 160 34.45 -35.90 17.85
CA LYS J 160 33.44 -36.76 17.30
C LYS J 160 32.23 -36.65 18.20
N THR J 161 31.86 -35.40 18.46
CA THR J 161 30.67 -35.05 19.22
C THR J 161 29.76 -34.16 18.38
N ASN J 162 28.51 -34.59 18.22
CA ASN J 162 27.52 -33.82 17.46
C ASN J 162 26.97 -32.61 18.21
N VAL J 163 26.67 -31.56 17.45
CA VAL J 163 26.37 -30.27 18.03
C VAL J 163 24.97 -29.88 17.64
N ILE J 164 24.15 -29.62 18.65
CA ILE J 164 22.78 -29.18 18.39
C ILE J 164 22.59 -27.75 18.84
N LEU J 165 21.92 -26.95 18.03
CA LEU J 165 21.76 -25.53 18.28
C LEU J 165 20.33 -25.07 18.10
N ASN J 166 19.69 -24.69 19.19
CA ASN J 166 18.45 -23.94 19.12
C ASN J 166 18.87 -22.52 18.96
N PRO J 167 18.70 -21.95 17.78
CA PRO J 167 19.21 -20.59 17.65
C PRO J 167 18.29 -19.54 18.24
N ALA J 168 17.62 -19.83 19.34
CA ALA J 168 16.82 -18.83 20.02
C ALA J 168 17.64 -18.30 21.20
N PRO J 169 17.53 -16.99 21.50
CA PRO J 169 16.62 -15.98 20.90
C PRO J 169 17.09 -15.31 19.60
N ALA J 170 16.11 -14.81 18.84
CA ALA J 170 16.31 -14.39 17.47
C ALA J 170 17.49 -13.50 17.25
N ARG J 171 18.54 -14.00 16.59
CA ARG J 171 19.73 -13.17 16.32
C ARG J 171 20.53 -13.59 15.10
N GLU J 172 21.47 -12.74 14.71
CA GLU J 172 22.40 -13.04 13.64
C GLU J 172 23.65 -13.64 14.30
N LEU J 173 24.20 -14.67 13.69
CA LEU J 173 25.36 -15.41 14.19
C LEU J 173 26.48 -15.46 13.12
N PRO J 174 27.72 -15.81 13.51
CA PRO J 174 28.79 -15.77 12.52
C PRO J 174 28.89 -17.04 11.69
N ASP J 175 29.36 -16.94 10.46
CA ASP J 175 29.52 -18.14 9.64
C ASP J 175 30.43 -19.10 10.38
N GLU J 176 31.64 -18.64 10.70
CA GLU J 176 32.59 -19.40 11.51
C GLU J 176 31.96 -20.28 12.63
N LEU J 177 30.67 -20.07 12.93
CA LEU J 177 29.96 -20.86 13.93
C LEU J 177 29.07 -21.91 13.25
N LEU J 178 28.22 -21.47 12.31
CA LEU J 178 27.36 -22.38 11.55
C LEU J 178 28.08 -23.57 10.95
N LYS J 179 29.40 -23.48 10.82
CA LYS J 179 30.20 -24.57 10.27
C LYS J 179 30.39 -25.70 11.29
N CYS J 180 30.08 -25.43 12.55
CA CYS J 180 30.32 -26.43 13.56
C CYS J 180 29.03 -27.08 14.07
N VAL J 181 27.91 -26.63 13.54
CA VAL J 181 26.62 -27.15 14.00
C VAL J 181 26.18 -28.32 13.17
N ASP J 182 25.63 -29.31 13.86
CA ASP J 182 25.20 -30.55 13.22
C ASP J 182 23.69 -30.65 13.05
N LEU J 183 22.96 -29.77 13.72
CA LEU J 183 21.50 -29.78 13.62
C LEU J 183 21.07 -28.42 14.16
N ILE J 184 20.13 -27.78 13.49
CA ILE J 184 19.70 -26.46 13.88
C ILE J 184 18.19 -26.39 13.86
N THR J 185 17.64 -25.68 14.84
CA THR J 185 16.20 -25.64 14.99
C THR J 185 15.54 -24.26 15.10
N PRO J 186 15.81 -23.33 14.17
CA PRO J 186 15.20 -22.01 14.35
C PRO J 186 13.74 -22.09 14.08
N ASN J 187 13.11 -20.94 14.11
CA ASN J 187 11.74 -20.82 13.71
C ASN J 187 11.56 -19.70 12.68
N GLU J 188 10.35 -19.56 12.18
CA GLU J 188 10.02 -18.55 11.17
C GLU J 188 10.63 -17.19 11.49
N THR J 189 10.45 -16.74 12.73
CA THR J 189 10.89 -15.39 13.13
C THR J 189 12.39 -15.34 13.09
N GLU J 190 13.00 -16.49 13.31
CA GLU J 190 14.43 -16.63 13.28
C GLU J 190 14.83 -16.63 11.81
N ALA J 191 15.14 -17.80 11.25
CA ALA J 191 15.50 -18.03 9.82
C ALA J 191 15.56 -16.81 8.90
N GLU J 192 14.58 -15.93 8.99
CA GLU J 192 14.60 -14.68 8.27
C GLU J 192 15.86 -13.90 8.64
N VAL J 193 16.18 -13.94 9.93
CA VAL J 193 17.35 -13.31 10.53
C VAL J 193 18.71 -13.98 10.22
N LEU J 194 18.69 -15.28 9.94
CA LEU J 194 19.91 -16.05 9.73
C LEU J 194 20.20 -16.51 8.28
N THR J 195 19.21 -16.35 7.39
CA THR J 195 19.34 -16.76 5.99
C THR J 195 18.99 -15.57 5.13
N GLY J 196 17.97 -14.86 5.59
CA GLY J 196 17.45 -13.69 4.93
C GLY J 196 16.12 -14.00 4.27
N ILE J 197 15.75 -15.27 4.30
CA ILE J 197 14.52 -15.70 3.65
C ILE J 197 13.38 -15.76 4.65
N THR J 198 12.18 -15.33 4.24
CA THR J 198 11.01 -15.42 5.11
C THR J 198 10.23 -16.72 4.86
N VAL J 199 9.95 -17.44 5.94
CA VAL J 199 9.20 -18.69 5.88
C VAL J 199 7.70 -18.43 5.90
N TYR J 200 7.03 -18.63 4.78
CA TYR J 200 5.59 -18.42 4.76
C TYR J 200 4.89 -19.65 4.19
N ASP J 201 5.63 -20.43 3.39
CA ASP J 201 5.05 -21.61 2.77
C ASP J 201 6.05 -22.73 2.81
N ASP J 202 5.74 -23.81 2.11
CA ASP J 202 6.54 -25.03 2.12
C ASP J 202 7.93 -24.92 1.51
N SER J 203 8.02 -24.23 0.37
CA SER J 203 9.28 -24.12 -0.38
C SER J 203 10.23 -23.06 0.17
N SER J 204 9.70 -21.95 0.67
CA SER J 204 10.53 -20.84 1.16
C SER J 204 11.27 -21.27 2.39
N ALA J 205 10.71 -22.25 3.09
CA ALA J 205 11.38 -22.77 4.26
C ALA J 205 12.50 -23.63 3.77
N GLN J 206 12.28 -24.27 2.62
CA GLN J 206 13.27 -25.16 2.04
C GLN J 206 14.49 -24.44 1.46
N GLN J 207 14.32 -23.32 0.78
CA GLN J 207 15.52 -22.61 0.34
C GLN J 207 16.22 -22.10 1.57
N ALA J 208 15.40 -21.62 2.51
CA ALA J 208 15.92 -21.14 3.78
C ALA J 208 16.57 -22.29 4.49
N ALA J 209 15.85 -23.41 4.63
CA ALA J 209 16.41 -24.59 5.28
C ALA J 209 17.75 -24.92 4.67
N ASP J 210 17.70 -25.40 3.45
CA ASP J 210 18.87 -25.56 2.63
C ASP J 210 19.89 -24.41 2.76
N ALA J 211 19.45 -23.16 2.82
CA ALA J 211 20.38 -22.04 2.98
C ALA J 211 21.27 -22.17 4.23
N LEU J 212 20.71 -22.67 5.32
CA LEU J 212 21.53 -22.96 6.50
C LEU J 212 22.59 -24.00 6.16
N HIS J 213 22.15 -25.12 5.58
CA HIS J 213 23.04 -26.12 4.97
C HIS J 213 24.25 -25.50 4.23
N CYS J 214 24.13 -24.23 3.81
CA CYS J 214 25.20 -23.58 3.09
C CYS J 214 26.37 -23.68 4.00
N LYS J 215 26.16 -23.32 5.26
CA LYS J 215 27.24 -23.42 6.20
C LYS J 215 27.10 -24.69 7.04
N GLY J 216 27.78 -25.74 6.57
CA GLY J 216 27.99 -26.98 7.30
C GLY J 216 26.94 -27.70 8.14
N ILE J 217 25.66 -27.33 8.08
CA ILE J 217 24.68 -28.05 8.89
C ILE J 217 23.87 -29.08 8.13
N GLU J 218 23.89 -30.33 8.60
CA GLU J 218 23.18 -31.41 7.92
C GLU J 218 21.67 -31.30 8.10
N ILE J 219 21.22 -31.42 9.33
CA ILE J 219 19.80 -31.50 9.59
C ILE J 219 19.37 -30.10 10.04
N VAL J 220 18.23 -29.68 9.54
CA VAL J 220 17.71 -28.35 9.77
C VAL J 220 16.19 -28.45 10.01
N ILE J 221 15.69 -28.04 11.19
CA ILE J 221 14.24 -28.13 11.45
C ILE J 221 13.55 -26.78 11.72
N ILE J 222 13.04 -26.15 10.68
CA ILE J 222 12.42 -24.85 10.85
C ILE J 222 11.00 -25.02 11.32
N THR J 223 10.77 -24.75 12.60
CA THR J 223 9.44 -24.87 13.18
C THR J 223 8.48 -23.82 12.66
N LEU J 224 7.28 -24.26 12.32
CA LEU J 224 6.24 -23.32 11.87
C LEU J 224 5.05 -23.28 12.83
N GLY J 225 5.32 -23.44 14.12
CA GLY J 225 4.27 -23.44 15.14
C GLY J 225 3.24 -24.56 15.04
N SER J 226 1.97 -24.17 14.97
CA SER J 226 0.87 -25.12 14.98
C SER J 226 0.84 -26.05 13.77
N LYS J 227 1.38 -25.56 12.66
CA LYS J 227 1.27 -26.22 11.39
C LYS J 227 2.26 -27.37 11.32
N GLY J 228 3.14 -27.42 12.30
CA GLY J 228 4.08 -28.49 12.48
C GLY J 228 5.48 -27.94 12.32
N VAL J 229 6.42 -28.77 11.86
CA VAL J 229 7.80 -28.34 11.69
C VAL J 229 8.33 -28.98 10.42
N TRP J 230 9.09 -28.22 9.64
CA TRP J 230 9.71 -28.70 8.42
C TRP J 230 11.10 -29.26 8.61
N LEU J 231 11.25 -30.55 8.36
CA LEU J 231 12.51 -31.26 8.54
C LEU J 231 13.36 -31.22 7.26
N SER J 232 14.69 -31.25 7.39
CA SER J 232 15.55 -31.28 6.21
C SER J 232 16.90 -31.99 6.39
N GLN J 233 16.97 -33.28 6.06
CA GLN J 233 18.20 -34.06 6.22
C GLN J 233 19.21 -33.85 5.08
N ASN J 234 20.06 -32.83 5.18
CA ASN J 234 21.09 -32.56 4.15
C ASN J 234 20.59 -32.26 2.74
N GLY J 235 19.50 -31.51 2.68
CA GLY J 235 18.93 -31.06 1.44
C GLY J 235 17.61 -31.73 1.18
N ARG J 236 17.35 -32.89 1.79
CA ARG J 236 16.04 -33.54 1.60
C ARG J 236 15.07 -32.92 2.60
N GLY J 237 13.91 -32.46 2.14
CA GLY J 237 12.96 -31.77 2.99
C GLY J 237 11.93 -32.64 3.70
N GLN J 238 10.64 -32.27 3.61
CA GLN J 238 9.44 -32.95 4.16
C GLN J 238 8.85 -32.37 5.46
N ARG J 239 7.58 -31.96 5.38
CA ARG J 239 6.81 -31.43 6.52
C ARG J 239 6.30 -32.46 7.53
N ILE J 240 6.38 -32.12 8.81
CA ILE J 240 5.87 -32.95 9.89
C ILE J 240 4.86 -32.14 10.72
N PRO J 241 3.59 -32.57 10.74
CA PRO J 241 2.60 -31.82 11.52
C PRO J 241 2.78 -31.99 13.03
N GLY J 242 2.55 -30.93 13.79
CA GLY J 242 2.54 -31.04 15.23
C GLY J 242 1.20 -31.68 15.58
N PHE J 243 0.91 -31.93 16.86
CA PHE J 243 -0.32 -32.65 17.15
C PHE J 243 -1.46 -31.65 17.24
N VAL J 244 -2.68 -32.17 17.09
CA VAL J 244 -3.90 -31.36 17.17
C VAL J 244 -4.06 -30.85 18.61
N VAL J 245 -3.54 -29.65 18.85
CA VAL J 245 -3.41 -29.11 20.19
C VAL J 245 -3.91 -27.66 20.24
N LYS J 246 -4.22 -27.19 21.45
CA LYS J 246 -4.71 -25.83 21.67
C LYS J 246 -3.58 -24.79 21.71
N ALA J 247 -3.87 -23.63 22.29
CA ALA J 247 -2.88 -22.58 22.47
C ALA J 247 -2.92 -22.08 23.91
N THR J 248 -1.84 -22.29 24.64
CA THR J 248 -1.80 -21.91 26.06
C THR J 248 -0.51 -21.10 26.25
N ASP J 249 0.39 -21.57 27.12
CA ASP J 249 1.65 -20.86 27.30
C ASP J 249 2.77 -21.48 26.48
N THR J 250 2.97 -20.95 25.27
CA THR J 250 4.03 -21.41 24.36
C THR J 250 5.43 -21.03 24.89
N THR J 251 5.44 -20.14 25.89
CA THR J 251 6.65 -19.58 26.51
C THR J 251 7.85 -20.55 26.60
N ALA J 252 7.59 -21.80 26.98
CA ALA J 252 8.64 -22.82 27.19
C ALA J 252 8.45 -23.92 26.16
N ALA J 253 7.32 -23.89 25.48
CA ALA J 253 6.92 -24.94 24.56
C ALA J 253 8.10 -25.51 23.77
N GLY J 254 8.71 -24.68 22.93
CA GLY J 254 9.72 -25.15 22.02
C GLY J 254 11.00 -25.56 22.71
N ASP J 255 11.01 -25.41 24.02
CA ASP J 255 12.16 -25.80 24.84
C ASP J 255 11.97 -27.24 25.24
N THR J 256 10.72 -27.61 25.48
CA THR J 256 10.45 -29.01 25.76
C THR J 256 10.63 -29.78 24.45
N PHE J 257 10.15 -29.20 23.35
CA PHE J 257 10.45 -29.67 22.00
C PHE J 257 11.96 -29.94 21.86
N ASN J 258 12.80 -28.92 22.04
CA ASN J 258 14.25 -29.11 21.92
C ASN J 258 14.75 -30.10 22.94
N GLY J 259 14.11 -30.09 24.10
CA GLY J 259 14.52 -30.94 25.19
C GLY J 259 14.26 -32.40 24.88
N ALA J 260 13.13 -32.68 24.25
CA ALA J 260 12.78 -34.06 23.99
C ALA J 260 13.60 -34.60 22.84
N LEU J 261 13.58 -33.89 21.71
CA LEU J 261 14.28 -34.31 20.48
C LEU J 261 15.77 -34.72 20.56
N VAL J 262 16.54 -34.16 21.47
CA VAL J 262 17.93 -34.58 21.56
C VAL J 262 17.99 -35.91 22.28
N THR J 263 17.00 -36.12 23.15
CA THR J 263 16.81 -37.36 23.91
C THR J 263 16.37 -38.55 23.03
N GLY J 264 15.64 -38.23 21.96
CA GLY J 264 15.32 -39.19 20.94
C GLY J 264 16.61 -39.69 20.34
N LEU J 265 17.28 -38.81 19.62
CA LEU J 265 18.56 -39.14 19.01
C LEU J 265 19.59 -39.81 19.97
N LEU J 266 19.55 -39.49 21.27
CA LEU J 266 20.43 -40.15 22.25
C LEU J 266 19.95 -41.58 22.53
N GLN J 267 18.63 -41.74 22.60
CA GLN J 267 17.94 -43.00 22.93
C GLN J 267 17.66 -43.91 21.73
N GLU J 268 18.47 -43.74 20.70
CA GLU J 268 18.51 -44.60 19.51
C GLU J 268 17.38 -44.37 18.50
N MET J 269 16.42 -43.49 18.82
CA MET J 269 15.34 -43.17 17.88
C MET J 269 15.81 -42.66 16.55
N PRO J 270 15.04 -42.92 15.49
CA PRO J 270 15.30 -42.39 14.16
C PRO J 270 14.81 -40.98 14.06
N LEU J 271 15.46 -40.17 13.23
CA LEU J 271 15.20 -38.74 13.08
C LEU J 271 13.72 -38.35 13.10
N GLU J 272 12.94 -38.92 12.19
CA GLU J 272 11.50 -38.66 12.10
C GLU J 272 10.70 -39.08 13.33
N SER J 273 11.18 -40.09 14.03
CA SER J 273 10.43 -40.61 15.17
C SER J 273 10.61 -39.70 16.37
N ALA J 274 11.83 -39.17 16.55
CA ALA J 274 12.13 -38.20 17.63
C ALA J 274 11.38 -36.88 17.47
N ILE J 275 11.33 -36.36 16.25
CA ILE J 275 10.52 -35.21 15.94
C ILE J 275 9.04 -35.46 16.30
N LYS J 276 8.58 -36.70 16.19
CA LYS J 276 7.21 -37.01 16.59
C LYS J 276 7.13 -36.95 18.10
N PHE J 277 8.06 -37.67 18.72
CA PHE J 277 8.26 -37.72 20.16
C PHE J 277 8.18 -36.34 20.78
N ALA J 278 9.13 -35.49 20.44
CA ALA J 278 9.18 -34.09 20.89
C ALA J 278 7.87 -33.35 20.76
N HIS J 279 7.26 -33.42 19.58
CA HIS J 279 5.94 -32.83 19.38
C HIS J 279 4.96 -33.24 20.46
N ALA J 280 5.14 -34.44 21.00
CA ALA J 280 4.28 -34.92 22.07
C ALA J 280 4.63 -34.22 23.40
N ALA J 281 5.88 -34.35 23.84
CA ALA J 281 6.41 -33.65 24.99
C ALA J 281 6.08 -32.16 24.94
N ALA J 282 6.22 -31.56 23.77
CA ALA J 282 5.85 -30.14 23.58
C ALA J 282 4.34 -29.96 23.75
N ALA J 283 3.56 -30.93 23.25
CA ALA J 283 2.09 -30.92 23.32
C ALA J 283 1.47 -31.04 24.74
N ILE J 284 2.11 -31.77 25.65
CA ILE J 284 1.68 -31.84 27.06
C ILE J 284 2.12 -30.63 27.87
N SER J 285 3.35 -30.19 27.65
CA SER J 285 3.87 -29.04 28.34
C SER J 285 3.10 -27.80 27.90
N VAL J 286 2.88 -27.65 26.60
CA VAL J 286 2.12 -26.51 26.07
C VAL J 286 0.72 -26.40 26.67
N THR J 287 0.21 -27.52 27.16
CA THR J 287 -1.12 -27.57 27.75
C THR J 287 -1.16 -27.40 29.30
N ARG J 288 0.00 -27.49 29.94
CA ARG J 288 0.09 -27.39 31.39
C ARG J 288 0.52 -26.00 31.95
N PHE J 289 0.54 -25.87 33.28
CA PHE J 289 0.92 -24.64 34.00
C PHE J 289 2.30 -24.04 33.68
N GLY J 290 2.33 -22.72 33.50
CA GLY J 290 3.56 -21.96 33.26
C GLY J 290 4.50 -22.44 32.18
N ALA J 291 5.80 -22.29 32.43
CA ALA J 291 6.85 -22.60 31.46
C ALA J 291 7.74 -23.75 31.93
N GLN J 292 8.52 -23.51 32.99
CA GLN J 292 9.31 -24.56 33.64
C GLN J 292 8.50 -25.06 34.81
N THR J 293 7.32 -25.54 34.48
CA THR J 293 6.36 -26.07 35.44
C THR J 293 5.53 -27.17 34.77
N SER J 294 4.94 -26.80 33.64
CA SER J 294 4.22 -27.70 32.74
C SER J 294 4.85 -29.08 32.62
N ILE J 295 5.94 -29.15 31.84
CA ILE J 295 6.75 -30.34 31.53
C ILE J 295 6.28 -31.73 31.99
N PRO J 296 6.08 -32.63 31.02
CA PRO J 296 5.58 -33.97 31.35
C PRO J 296 6.74 -34.92 31.65
N THR J 297 6.44 -36.07 32.23
CA THR J 297 7.44 -37.10 32.47
C THR J 297 7.38 -38.09 31.30
N ARG J 298 8.35 -39.00 31.20
CA ARG J 298 8.37 -39.95 30.07
C ARG J 298 7.11 -40.80 29.95
N ALA J 299 6.69 -41.40 31.06
CA ALA J 299 5.49 -42.21 31.09
C ALA J 299 4.34 -41.51 30.38
N GLU J 300 4.20 -40.24 30.69
CA GLU J 300 3.16 -39.39 30.14
C GLU J 300 3.28 -39.11 28.64
N VAL J 301 4.51 -38.91 28.16
CA VAL J 301 4.74 -38.66 26.72
C VAL J 301 4.43 -39.92 25.99
N GLU J 302 4.92 -41.04 26.51
CA GLU J 302 4.64 -42.36 25.95
C GLU J 302 3.18 -42.78 26.11
N ALA J 303 2.61 -42.57 27.29
CA ALA J 303 1.17 -42.80 27.46
C ALA J 303 0.44 -42.03 26.37
N PHE J 304 0.86 -40.80 26.14
CA PHE J 304 0.25 -39.94 25.15
C PHE J 304 0.37 -40.50 23.76
N LEU J 305 1.60 -40.87 23.40
CA LEU J 305 1.93 -41.41 22.08
C LEU J 305 0.98 -42.55 21.77
N ALA J 306 0.80 -43.40 22.77
CA ALA J 306 -0.14 -44.48 22.66
C ALA J 306 -1.55 -43.99 22.39
N GLU J 307 -2.10 -43.11 23.23
CA GLU J 307 -3.50 -42.72 23.03
C GLU J 307 -3.69 -42.06 21.68
N HIS J 308 -2.60 -41.56 21.13
CA HIS J 308 -2.71 -40.84 19.88
C HIS J 308 -2.03 -41.64 18.80
N SER J 309 -2.81 -42.50 18.15
CA SER J 309 -2.25 -43.38 17.15
C SER J 309 -3.31 -43.98 16.25
N MET K 4 46.66 -42.27 -16.37
CA MET K 4 46.26 -41.72 -17.65
C MET K 4 44.90 -41.03 -17.56
N ASN K 5 44.58 -40.25 -18.60
CA ASN K 5 43.44 -39.32 -18.71
C ASN K 5 42.77 -38.80 -17.43
N LYS K 6 42.75 -37.47 -17.31
CA LYS K 6 42.19 -36.84 -16.13
C LYS K 6 40.69 -37.04 -16.21
N LEU K 7 40.17 -36.92 -17.43
CA LEU K 7 38.73 -37.07 -17.67
C LEU K 7 38.46 -38.34 -18.48
N VAL K 8 37.43 -39.06 -18.09
CA VAL K 8 37.01 -40.26 -18.80
C VAL K 8 35.50 -40.13 -19.07
N VAL K 9 35.10 -40.26 -20.33
CA VAL K 9 33.68 -40.30 -20.61
C VAL K 9 33.25 -41.66 -21.20
N LEU K 10 32.09 -42.16 -20.75
CA LEU K 10 31.66 -43.50 -21.13
C LEU K 10 30.24 -43.44 -21.67
N GLY K 11 30.12 -43.75 -22.97
CA GLY K 11 28.82 -43.74 -23.60
C GLY K 11 28.80 -43.65 -25.10
N SER K 12 27.60 -43.36 -25.60
CA SER K 12 27.18 -43.61 -26.97
C SER K 12 27.87 -42.98 -28.18
N VAL K 13 28.09 -43.80 -29.25
CA VAL K 13 28.35 -43.36 -30.64
C VAL K 13 27.24 -43.84 -31.56
N ASN K 14 26.64 -42.96 -32.38
CA ASN K 14 25.39 -43.26 -33.08
C ASN K 14 25.09 -42.63 -34.43
N ALA K 15 26.06 -42.53 -35.31
CA ALA K 15 25.88 -42.02 -36.68
C ALA K 15 24.48 -41.66 -37.22
N ASP K 16 23.96 -40.45 -36.99
CA ASP K 16 22.59 -40.00 -37.41
C ASP K 16 22.19 -39.97 -38.90
N HIS K 17 21.27 -40.82 -39.35
CA HIS K 17 20.78 -40.79 -40.76
C HIS K 17 19.54 -39.88 -40.97
N VAL K 18 19.79 -38.71 -41.54
CA VAL K 18 18.76 -37.71 -41.66
C VAL K 18 18.29 -37.54 -43.10
N LEU K 19 16.99 -37.46 -43.31
CA LEU K 19 16.42 -37.34 -44.65
C LEU K 19 15.18 -36.48 -44.57
N GLN K 20 15.03 -35.52 -45.48
CA GLN K 20 13.88 -34.63 -45.43
C GLN K 20 12.68 -35.20 -46.15
N VAL K 21 11.57 -35.35 -45.41
CA VAL K 21 10.32 -35.96 -45.91
C VAL K 21 9.14 -34.99 -45.88
N PRO K 22 8.67 -34.49 -47.02
CA PRO K 22 7.57 -33.52 -46.93
C PRO K 22 6.18 -34.08 -46.63
N SER K 23 6.13 -35.00 -45.66
CA SER K 23 4.92 -35.46 -44.95
C SER K 23 5.39 -36.50 -43.91
N PHE K 24 4.51 -36.84 -42.97
CA PHE K 24 4.90 -37.83 -41.98
C PHE K 24 4.51 -39.14 -42.61
N PRO K 25 5.34 -40.18 -42.43
CA PRO K 25 5.09 -41.39 -43.23
C PRO K 25 3.80 -42.12 -42.82
N ARG K 26 2.91 -42.31 -43.78
CA ARG K 26 1.69 -43.06 -43.54
C ARG K 26 2.04 -44.50 -43.87
N PRO K 27 1.26 -45.47 -43.37
CA PRO K 27 1.57 -46.84 -43.73
C PRO K 27 1.16 -47.01 -45.17
N GLY K 28 1.26 -48.20 -45.73
CA GLY K 28 0.77 -48.36 -47.08
C GLY K 28 1.70 -47.71 -48.07
N GLU K 29 1.75 -46.38 -48.05
CA GLU K 29 2.45 -45.59 -49.06
C GLU K 29 3.93 -45.29 -48.81
N THR K 30 4.64 -45.09 -49.92
CA THR K 30 6.07 -44.95 -49.90
C THR K 30 6.24 -43.48 -49.96
N LEU K 31 7.33 -42.97 -49.42
CA LEU K 31 7.49 -41.55 -49.25
C LEU K 31 8.77 -41.09 -49.88
N HIS K 32 8.66 -40.01 -50.65
CA HIS K 32 9.83 -39.47 -51.32
C HIS K 32 10.49 -38.35 -50.52
N GLY K 33 11.75 -38.58 -50.20
CA GLY K 33 12.50 -37.66 -49.39
C GLY K 33 13.60 -37.04 -50.16
N ARG K 34 14.29 -36.08 -49.55
CA ARG K 34 15.33 -35.33 -50.21
C ARG K 34 16.35 -35.05 -49.13
N ASN K 35 17.51 -34.56 -49.54
CA ASN K 35 18.54 -34.22 -48.58
C ASN K 35 18.78 -35.36 -47.62
N TYR K 36 19.73 -36.21 -47.91
CA TYR K 36 20.03 -37.31 -47.01
C TYR K 36 21.40 -37.11 -46.50
N GLN K 37 21.56 -37.18 -45.19
CA GLN K 37 22.89 -37.06 -44.64
C GLN K 37 23.09 -37.94 -43.41
N VAL K 38 24.32 -38.42 -43.26
CA VAL K 38 24.69 -39.10 -42.05
C VAL K 38 25.54 -38.13 -41.19
N ILE K 39 25.03 -37.75 -40.02
CA ILE K 39 25.78 -36.84 -39.19
C ILE K 39 26.27 -37.65 -38.04
N PRO K 40 27.58 -37.75 -37.90
CA PRO K 40 28.15 -38.50 -36.81
C PRO K 40 27.59 -37.89 -35.55
N GLY K 41 27.18 -38.73 -34.62
CA GLY K 41 26.42 -38.25 -33.50
C GLY K 41 26.57 -39.19 -32.35
N GLY K 42 25.56 -39.17 -31.48
CA GLY K 42 25.54 -39.98 -30.27
C GLY K 42 26.10 -39.31 -29.02
N LYS K 43 25.32 -39.32 -27.93
CA LYS K 43 25.62 -38.54 -26.72
C LYS K 43 27.08 -38.62 -26.31
N GLY K 44 27.51 -39.74 -25.76
CA GLY K 44 28.91 -39.93 -25.42
C GLY K 44 29.96 -39.42 -26.41
N ALA K 45 29.65 -39.41 -27.69
CA ALA K 45 30.66 -38.96 -28.63
C ALA K 45 30.58 -37.44 -28.70
N ASN K 46 29.35 -36.94 -28.77
CA ASN K 46 29.08 -35.51 -28.73
C ASN K 46 29.78 -34.91 -27.52
N GLN K 47 29.53 -35.49 -26.36
CA GLN K 47 30.11 -35.01 -25.10
C GLN K 47 31.61 -35.17 -25.04
N ALA K 48 32.13 -36.25 -25.60
CA ALA K 48 33.56 -36.49 -25.52
C ALA K 48 34.34 -35.61 -26.47
N VAL K 49 33.75 -35.35 -27.63
CA VAL K 49 34.40 -34.48 -28.59
C VAL K 49 34.24 -33.02 -28.14
N ALA K 50 33.12 -32.72 -27.49
CA ALA K 50 32.91 -31.41 -26.88
C ALA K 50 33.99 -31.19 -25.84
N ALA K 51 33.83 -31.85 -24.69
CA ALA K 51 34.79 -31.78 -23.57
C ALA K 51 36.24 -32.02 -23.96
N ALA K 52 36.59 -31.73 -25.19
CA ALA K 52 37.90 -31.98 -25.70
C ALA K 52 38.26 -30.77 -26.51
N ARG K 53 37.25 -30.16 -27.11
CA ARG K 53 37.48 -28.97 -27.91
C ARG K 53 37.75 -27.84 -26.92
N MET K 54 37.36 -28.08 -25.67
CA MET K 54 37.64 -27.22 -24.54
C MET K 54 38.95 -27.60 -23.90
N GLN K 55 39.91 -27.98 -24.73
CA GLN K 55 41.25 -28.34 -24.27
C GLN K 55 41.31 -29.26 -23.04
N ALA K 56 40.46 -30.27 -22.97
CA ALA K 56 40.57 -31.14 -21.82
C ALA K 56 41.29 -32.43 -22.20
N ASP K 57 41.74 -33.15 -21.18
CA ASP K 57 42.36 -34.46 -21.33
C ASP K 57 41.37 -35.62 -21.23
N VAL K 58 40.80 -36.06 -22.35
CA VAL K 58 39.75 -37.08 -22.29
C VAL K 58 40.08 -38.43 -22.94
N GLY K 59 39.52 -39.49 -22.35
CA GLY K 59 39.57 -40.80 -22.95
C GLY K 59 38.14 -41.24 -23.14
N PHE K 60 37.90 -42.02 -24.18
CA PHE K 60 36.56 -42.48 -24.53
C PHE K 60 36.35 -44.01 -24.42
N ILE K 61 35.22 -44.40 -23.84
CA ILE K 61 34.87 -45.80 -23.71
C ILE K 61 33.54 -45.95 -24.42
N ALA K 62 33.55 -46.67 -25.52
CA ALA K 62 32.33 -46.85 -26.27
C ALA K 62 32.42 -48.11 -27.09
N CYS K 63 31.30 -48.56 -27.63
CA CYS K 63 31.31 -49.71 -28.53
C CYS K 63 30.81 -49.33 -29.90
N VAL K 64 31.68 -49.40 -30.88
CA VAL K 64 31.24 -49.17 -32.24
C VAL K 64 31.50 -50.40 -33.09
N GLY K 65 30.49 -50.75 -33.88
CA GLY K 65 30.58 -51.87 -34.76
C GLY K 65 31.11 -51.33 -36.06
N ASP K 66 32.12 -52.01 -36.60
CA ASP K 66 32.78 -51.67 -37.87
C ASP K 66 31.87 -51.34 -39.06
N ASP K 67 30.93 -50.42 -38.84
CA ASP K 67 30.14 -49.84 -39.92
C ASP K 67 31.21 -49.10 -40.71
N SER K 68 30.98 -48.81 -41.99
CA SER K 68 32.00 -48.08 -42.75
C SER K 68 32.22 -46.78 -41.98
N PHE K 69 31.16 -46.36 -41.31
CA PHE K 69 31.18 -45.32 -40.29
C PHE K 69 32.08 -45.66 -39.11
N GLY K 70 31.58 -46.60 -38.31
CA GLY K 70 32.21 -47.09 -37.09
C GLY K 70 33.72 -47.19 -37.04
N ILE K 71 34.34 -47.50 -38.18
CA ILE K 71 35.79 -47.65 -38.21
C ILE K 71 36.50 -46.29 -38.36
N ASN K 72 36.01 -45.47 -39.28
CA ASN K 72 36.54 -44.12 -39.53
C ASN K 72 36.11 -43.03 -38.52
N ILE K 73 34.96 -43.21 -37.88
CA ILE K 73 34.53 -42.22 -36.92
C ILE K 73 35.43 -42.34 -35.72
N ARG K 74 35.87 -43.57 -35.47
CA ARG K 74 36.82 -43.81 -34.40
C ARG K 74 38.13 -43.16 -34.76
N GLU K 75 38.32 -42.85 -36.04
CA GLU K 75 39.55 -42.25 -36.43
C GLU K 75 39.56 -40.77 -36.13
N SER K 76 38.39 -40.15 -36.22
CA SER K 76 38.25 -38.72 -35.97
C SER K 76 38.54 -38.39 -34.52
N PHE K 77 38.08 -39.27 -33.63
CA PHE K 77 38.36 -39.15 -32.22
C PHE K 77 39.86 -39.05 -32.00
N LYS K 78 40.65 -39.87 -32.69
CA LYS K 78 42.11 -39.78 -32.58
C LYS K 78 42.65 -38.44 -33.05
N LEU K 79 42.00 -37.89 -34.07
CA LEU K 79 42.38 -36.59 -34.64
C LEU K 79 41.75 -35.38 -33.95
N ASP K 80 41.11 -35.64 -32.81
CA ASP K 80 40.57 -34.60 -31.95
C ASP K 80 41.16 -34.63 -30.53
N GLY K 81 42.19 -35.45 -30.34
CA GLY K 81 42.93 -35.51 -29.09
C GLY K 81 42.36 -36.49 -28.08
N ILE K 82 41.35 -37.24 -28.51
CA ILE K 82 40.69 -38.25 -27.67
C ILE K 82 41.42 -39.59 -27.61
N ASN K 83 41.56 -40.10 -26.39
CA ASN K 83 42.11 -41.44 -26.19
C ASN K 83 41.14 -42.50 -26.61
N THR K 84 41.41 -43.13 -27.74
CA THR K 84 40.51 -44.14 -28.28
C THR K 84 40.82 -45.56 -27.73
N ALA K 85 41.82 -45.63 -26.84
CA ALA K 85 42.14 -46.86 -26.15
C ALA K 85 40.92 -47.57 -25.61
N GLY K 86 39.96 -46.82 -25.09
CA GLY K 86 38.80 -47.45 -24.53
C GLY K 86 37.61 -47.62 -25.46
N VAL K 87 37.76 -47.32 -26.75
CA VAL K 87 36.66 -47.57 -27.69
C VAL K 87 36.81 -48.91 -28.39
N LYS K 88 35.87 -49.81 -28.15
CA LYS K 88 35.99 -51.18 -28.65
C LYS K 88 35.16 -51.43 -29.91
N LEU K 89 35.74 -52.20 -30.84
CA LEU K 89 35.05 -52.57 -32.07
C LEU K 89 34.41 -53.95 -31.91
N GLN K 90 33.09 -53.95 -32.06
CA GLN K 90 32.27 -55.13 -31.93
C GLN K 90 32.15 -55.76 -33.33
N PRO K 91 32.50 -57.06 -33.46
CA PRO K 91 32.57 -57.71 -34.78
C PRO K 91 31.21 -58.17 -35.30
N ASN K 92 31.02 -58.12 -36.62
CA ASN K 92 29.73 -58.42 -37.24
C ASN K 92 28.59 -57.71 -36.53
N CYS K 93 28.85 -56.45 -36.20
CA CYS K 93 27.85 -55.56 -35.59
C CYS K 93 27.97 -54.23 -36.30
N PRO K 94 26.88 -53.48 -36.43
CA PRO K 94 26.98 -52.11 -36.98
C PRO K 94 27.14 -50.98 -35.88
N THR K 95 27.39 -49.74 -36.27
CA THR K 95 27.41 -48.62 -35.30
C THR K 95 26.03 -48.05 -35.09
N GLY K 96 25.64 -47.79 -33.84
CA GLY K 96 24.29 -47.40 -33.47
C GLY K 96 23.67 -46.29 -34.30
N ILE K 97 22.35 -46.09 -34.20
CA ILE K 97 21.67 -45.16 -35.09
C ILE K 97 20.18 -44.89 -34.73
N ALA K 98 19.63 -43.84 -35.35
CA ALA K 98 18.25 -43.43 -35.31
C ALA K 98 17.93 -42.92 -36.71
N MET K 99 16.82 -43.33 -37.28
CA MET K 99 16.51 -42.88 -38.64
C MET K 99 15.51 -41.76 -38.58
N ILE K 100 16.00 -40.57 -38.87
CA ILE K 100 15.25 -39.37 -38.61
C ILE K 100 14.65 -38.81 -39.87
N GLN K 101 13.36 -39.07 -40.02
CA GLN K 101 12.63 -38.50 -41.13
C GLN K 101 12.07 -37.22 -40.60
N VAL K 102 12.55 -36.12 -41.15
CA VAL K 102 12.24 -34.79 -40.64
C VAL K 102 11.08 -34.14 -41.40
N SER K 103 9.86 -34.53 -41.04
CA SER K 103 8.67 -33.89 -41.57
C SER K 103 8.73 -32.48 -40.96
N ASP K 104 8.77 -31.41 -41.74
CA ASP K 104 8.32 -31.29 -43.12
C ASP K 104 6.88 -31.82 -43.31
N SER K 105 5.91 -31.20 -42.63
CA SER K 105 6.06 -29.90 -42.00
C SER K 105 5.38 -29.91 -40.65
N GLY K 106 6.18 -29.90 -39.60
CA GLY K 106 5.64 -29.99 -38.27
C GLY K 106 6.59 -30.86 -37.53
N GLU K 107 6.06 -31.93 -36.94
CA GLU K 107 6.83 -32.75 -36.03
C GLU K 107 7.35 -33.95 -36.80
N ASN K 108 8.56 -34.38 -36.42
CA ASN K 108 9.35 -35.33 -37.19
C ASN K 108 9.31 -36.70 -36.55
N SER K 109 9.97 -37.70 -37.15
CA SER K 109 10.02 -39.02 -36.55
C SER K 109 11.45 -39.42 -36.26
N ILE K 110 11.61 -40.28 -35.25
CA ILE K 110 12.91 -40.89 -34.89
C ILE K 110 12.75 -42.31 -34.41
N CYS K 111 13.53 -43.21 -34.99
CA CYS K 111 13.50 -44.60 -34.60
C CYS K 111 14.95 -44.88 -34.35
N ILE K 112 15.31 -45.25 -33.12
CA ILE K 112 16.71 -45.41 -32.76
C ILE K 112 17.01 -46.85 -32.41
N SER K 113 18.00 -47.45 -33.07
CA SER K 113 18.45 -48.78 -32.69
C SER K 113 19.92 -48.71 -32.40
N ALA K 114 20.24 -48.39 -31.16
CA ALA K 114 21.62 -48.23 -30.75
C ALA K 114 22.32 -49.59 -30.85
N GLU K 115 22.73 -49.89 -32.07
CA GLU K 115 23.34 -51.15 -32.45
C GLU K 115 24.46 -51.63 -31.54
N ALA K 116 25.72 -51.39 -31.90
CA ALA K 116 26.84 -51.89 -31.13
C ALA K 116 26.88 -51.36 -29.69
N ASN K 117 26.16 -50.27 -29.42
CA ASN K 117 26.13 -49.74 -28.07
C ASN K 117 25.76 -50.79 -27.05
N ALA K 118 24.70 -51.54 -27.30
CA ALA K 118 24.24 -52.51 -26.32
C ALA K 118 25.30 -53.55 -25.95
N LYS K 119 26.47 -53.46 -26.57
CA LYS K 119 27.55 -54.36 -26.20
C LYS K 119 28.45 -53.80 -25.07
N LEU K 120 28.15 -52.61 -24.57
CA LEU K 120 28.96 -52.10 -23.48
C LEU K 120 28.45 -52.56 -22.14
N THR K 121 28.84 -53.76 -21.70
CA THR K 121 28.35 -54.29 -20.45
C THR K 121 29.40 -54.32 -19.33
N ALA K 122 28.98 -54.56 -18.08
CA ALA K 122 29.89 -54.59 -16.95
C ALA K 122 31.16 -55.37 -17.23
N ALA K 123 31.01 -56.61 -17.67
CA ALA K 123 32.17 -57.45 -17.86
C ALA K 123 32.90 -57.03 -19.12
N ALA K 124 32.22 -56.21 -19.93
CA ALA K 124 32.79 -55.81 -21.21
C ALA K 124 33.73 -54.67 -20.92
N ILE K 125 33.59 -54.03 -19.75
CA ILE K 125 34.45 -52.89 -19.44
C ILE K 125 35.44 -53.30 -18.38
N GLU K 126 35.48 -54.59 -18.07
CA GLU K 126 36.51 -55.07 -17.15
C GLU K 126 37.93 -54.55 -17.41
N PRO K 127 38.41 -54.57 -18.67
CA PRO K 127 39.78 -54.10 -18.80
C PRO K 127 39.91 -52.59 -18.71
N ASP K 128 38.79 -51.90 -18.81
CA ASP K 128 38.77 -50.45 -18.89
C ASP K 128 38.35 -49.74 -17.62
N LEU K 129 37.69 -50.45 -16.71
CA LEU K 129 37.46 -49.90 -15.37
C LEU K 129 38.82 -49.54 -14.78
N ALA K 130 39.86 -50.12 -15.38
CA ALA K 130 41.24 -49.72 -15.12
C ALA K 130 41.33 -48.21 -15.15
N ALA K 131 41.01 -47.59 -16.28
CA ALA K 131 41.13 -46.15 -16.41
C ALA K 131 40.26 -45.40 -15.42
N ILE K 132 39.04 -45.87 -15.19
CA ILE K 132 38.17 -45.28 -14.18
C ILE K 132 38.87 -45.21 -12.82
N ARG K 133 39.61 -46.25 -12.45
CA ARG K 133 40.44 -46.14 -11.27
C ARG K 133 41.52 -45.25 -11.85
N ASP K 134 41.89 -44.20 -11.11
CA ASP K 134 42.81 -43.11 -11.50
C ASP K 134 41.91 -41.91 -11.73
N ALA K 135 41.73 -41.61 -13.02
CA ALA K 135 40.95 -40.50 -13.56
C ALA K 135 40.06 -39.77 -12.58
N ARG K 136 40.10 -38.44 -12.74
CA ARG K 136 39.58 -37.46 -11.79
C ARG K 136 38.10 -37.29 -12.01
N TYR K 137 37.70 -37.39 -13.27
CA TYR K 137 36.29 -37.31 -13.66
C TYR K 137 35.81 -38.42 -14.64
N LEU K 138 34.52 -38.76 -14.54
CA LEU K 138 33.91 -39.73 -15.41
C LEU K 138 32.56 -39.20 -15.75
N LEU K 139 32.33 -39.03 -17.04
CA LEU K 139 31.05 -38.50 -17.51
C LEU K 139 30.32 -39.63 -18.26
N MET K 140 29.06 -39.88 -17.95
CA MET K 140 28.30 -40.95 -18.60
C MET K 140 26.85 -40.55 -18.70
N GLN K 141 26.16 -41.19 -19.63
CA GLN K 141 24.74 -40.97 -19.80
C GLN K 141 23.95 -42.29 -19.82
N LEU K 142 22.74 -42.20 -20.35
CA LEU K 142 21.85 -43.32 -20.33
C LEU K 142 21.49 -43.80 -21.73
N GLU K 143 22.43 -43.69 -22.66
CA GLU K 143 22.14 -44.16 -24.00
C GLU K 143 22.82 -45.49 -24.37
N THR K 144 23.37 -46.16 -23.37
CA THR K 144 23.95 -47.48 -23.58
C THR K 144 23.37 -48.38 -22.49
N PRO K 145 23.75 -49.69 -22.43
CA PRO K 145 23.22 -50.53 -21.35
C PRO K 145 23.49 -49.99 -19.98
N LEU K 146 22.58 -50.23 -19.05
CA LEU K 146 22.77 -49.80 -17.66
C LEU K 146 23.97 -50.54 -17.09
N ASP K 147 23.70 -51.69 -16.49
CA ASP K 147 24.70 -52.56 -15.88
C ASP K 147 26.15 -52.11 -15.86
N GLY K 148 26.64 -51.63 -17.01
CA GLY K 148 28.04 -51.30 -17.16
C GLY K 148 28.26 -49.96 -16.54
N ILE K 149 27.28 -49.10 -16.79
CA ILE K 149 27.14 -47.80 -16.17
C ILE K 149 27.28 -47.99 -14.66
N LEU K 150 26.44 -48.84 -14.09
CA LEU K 150 26.49 -49.14 -12.68
C LEU K 150 27.87 -49.68 -12.29
N LYS K 151 28.45 -50.58 -13.06
CA LYS K 151 29.78 -51.02 -12.67
C LYS K 151 30.72 -49.87 -12.92
N ALA K 152 30.44 -49.09 -13.95
CA ALA K 152 31.32 -47.96 -14.25
C ALA K 152 31.41 -47.00 -13.08
N ALA K 153 30.35 -46.92 -12.27
CA ALA K 153 30.30 -46.00 -11.14
C ALA K 153 30.96 -46.49 -9.85
N GLN K 154 30.54 -47.66 -9.39
CA GLN K 154 31.05 -48.28 -8.17
C GLN K 154 32.54 -48.62 -8.27
N GLU K 155 32.98 -49.11 -9.43
CA GLU K 155 34.38 -49.49 -9.63
C GLU K 155 35.19 -48.21 -9.68
N ALA K 156 34.50 -47.13 -10.05
CA ALA K 156 35.01 -45.77 -10.09
C ALA K 156 35.08 -45.16 -8.71
N LYS K 157 33.89 -45.02 -8.12
CA LYS K 157 33.63 -44.47 -6.78
C LYS K 157 34.68 -44.89 -5.74
N THR K 158 35.20 -46.10 -5.88
CA THR K 158 36.19 -46.63 -4.95
C THR K 158 37.44 -45.73 -4.92
N ALA K 159 38.25 -45.67 -5.98
CA ALA K 159 39.43 -44.78 -5.96
C ALA K 159 39.04 -43.31 -6.26
N LYS K 160 37.87 -42.94 -5.73
CA LYS K 160 36.94 -41.97 -6.30
C LYS K 160 37.46 -40.99 -7.35
N THR K 161 37.60 -39.76 -6.89
CA THR K 161 37.35 -38.59 -7.72
C THR K 161 36.23 -38.82 -8.81
N ASN K 162 35.01 -38.56 -8.37
CA ASN K 162 33.88 -38.10 -9.17
C ASN K 162 33.30 -38.93 -10.33
N VAL K 163 31.97 -38.93 -10.38
CA VAL K 163 31.18 -39.65 -11.35
C VAL K 163 30.08 -38.67 -11.76
N ILE K 164 30.05 -38.26 -13.02
CA ILE K 164 28.95 -37.37 -13.44
C ILE K 164 27.98 -38.07 -14.35
N LEU K 165 26.69 -37.87 -14.10
CA LEU K 165 25.68 -38.51 -14.90
C LEU K 165 24.70 -37.51 -15.45
N ASN K 166 24.76 -37.37 -16.76
CA ASN K 166 23.78 -36.68 -17.56
C ASN K 166 22.65 -37.68 -17.77
N PRO K 167 21.51 -37.49 -17.09
CA PRO K 167 20.50 -38.55 -17.20
C PRO K 167 19.77 -38.48 -18.53
N ALA K 168 20.46 -38.11 -19.59
CA ALA K 168 19.87 -38.03 -20.89
C ALA K 168 20.24 -39.31 -21.68
N PRO K 169 19.25 -39.91 -22.39
CA PRO K 169 17.84 -39.50 -22.52
C PRO K 169 17.01 -39.94 -21.31
N ALA K 170 15.90 -39.26 -21.09
CA ALA K 170 15.09 -39.47 -19.88
C ALA K 170 14.63 -40.88 -19.60
N ARG K 171 14.98 -41.43 -18.43
CA ARG K 171 14.39 -42.71 -18.04
C ARG K 171 14.45 -42.90 -16.52
N GLU K 172 13.91 -44.03 -16.05
CA GLU K 172 13.93 -44.31 -14.61
C GLU K 172 15.18 -45.08 -14.22
N LEU K 173 15.77 -44.68 -13.09
CA LEU K 173 16.98 -45.30 -12.58
C LEU K 173 16.75 -45.84 -11.19
N PRO K 174 17.51 -46.89 -10.84
CA PRO K 174 17.34 -47.43 -9.50
C PRO K 174 18.25 -46.69 -8.54
N ASP K 175 17.83 -46.60 -7.28
CA ASP K 175 18.58 -45.93 -6.23
C ASP K 175 19.96 -46.56 -6.12
N GLU K 176 19.98 -47.90 -6.14
CA GLU K 176 21.21 -48.70 -6.11
C GLU K 176 22.41 -48.02 -6.83
N LEU K 177 22.09 -47.20 -7.83
CA LEU K 177 23.09 -46.49 -8.63
C LEU K 177 23.20 -45.01 -8.24
N LEU K 178 22.06 -44.33 -8.12
CA LEU K 178 22.02 -42.92 -7.72
C LEU K 178 22.85 -42.62 -6.50
N LYS K 179 23.24 -43.66 -5.77
CA LYS K 179 24.08 -43.48 -4.60
C LYS K 179 25.53 -43.21 -5.05
N CYS K 180 25.78 -43.43 -6.35
CA CYS K 180 27.12 -43.25 -6.87
C CYS K 180 27.38 -42.05 -7.76
N VAL K 181 26.40 -41.18 -7.96
CA VAL K 181 26.69 -39.98 -8.76
C VAL K 181 27.09 -38.82 -7.88
N ASP K 182 28.01 -37.98 -8.35
CA ASP K 182 28.45 -36.86 -7.53
C ASP K 182 27.70 -35.64 -7.98
N LEU K 183 27.19 -35.73 -9.21
CA LEU K 183 26.43 -34.67 -9.85
C LEU K 183 25.65 -35.22 -11.00
N ILE K 184 24.47 -34.68 -11.18
CA ILE K 184 23.56 -35.12 -12.20
C ILE K 184 23.09 -33.88 -12.98
N THR K 185 22.90 -34.01 -14.29
CA THR K 185 22.53 -32.88 -15.15
C THR K 185 21.26 -33.10 -15.98
N PRO K 186 20.13 -33.37 -15.34
CA PRO K 186 18.91 -33.69 -16.09
C PRO K 186 18.30 -32.53 -16.87
N ASN K 187 16.99 -32.62 -17.04
CA ASN K 187 16.24 -31.54 -17.58
C ASN K 187 14.78 -31.71 -17.17
N GLU K 188 13.96 -30.81 -17.67
CA GLU K 188 12.54 -30.74 -17.40
C GLU K 188 11.90 -32.12 -17.41
N THR K 189 12.07 -32.80 -18.54
CA THR K 189 11.47 -34.11 -18.80
C THR K 189 12.22 -35.28 -18.18
N GLU K 190 13.24 -35.03 -17.38
CA GLU K 190 13.96 -36.14 -16.78
C GLU K 190 13.99 -36.05 -15.26
N ALA K 191 14.13 -34.84 -14.74
CA ALA K 191 14.08 -34.62 -13.30
C ALA K 191 12.71 -35.05 -12.78
N GLU K 192 11.79 -35.23 -13.73
CA GLU K 192 10.44 -35.70 -13.50
C GLU K 192 10.30 -37.21 -13.68
N VAL K 193 10.80 -37.71 -14.80
CA VAL K 193 10.71 -39.13 -15.10
C VAL K 193 11.55 -39.88 -14.08
N LEU K 194 12.51 -39.19 -13.46
CA LEU K 194 13.44 -39.86 -12.56
C LEU K 194 12.99 -39.65 -11.11
N THR K 195 12.05 -38.73 -10.88
CA THR K 195 11.57 -38.43 -9.51
C THR K 195 10.04 -38.43 -9.36
N GLY K 196 9.33 -38.06 -10.43
CA GLY K 196 7.87 -38.07 -10.44
C GLY K 196 7.29 -36.67 -10.37
N ILE K 197 8.16 -35.68 -10.23
CA ILE K 197 7.72 -34.29 -10.09
C ILE K 197 7.77 -33.56 -11.41
N THR K 198 6.69 -32.88 -11.77
CA THR K 198 6.64 -32.19 -13.05
C THR K 198 7.12 -30.76 -12.86
N VAL K 199 8.17 -30.38 -13.57
CA VAL K 199 8.84 -29.08 -13.41
C VAL K 199 8.28 -27.91 -14.24
N TYR K 200 7.72 -26.91 -13.54
CA TYR K 200 7.20 -25.68 -14.19
C TYR K 200 7.72 -24.34 -13.59
N ASP K 201 8.28 -24.34 -12.38
CA ASP K 201 8.72 -23.07 -11.79
C ASP K 201 10.01 -23.12 -10.96
N ASP K 202 10.27 -22.02 -10.24
CA ASP K 202 11.43 -21.90 -9.34
C ASP K 202 11.34 -22.87 -8.18
N SER K 203 10.14 -23.06 -7.63
CA SER K 203 10.01 -23.92 -6.47
C SER K 203 10.13 -25.35 -6.93
N SER K 204 9.52 -25.67 -8.08
CA SER K 204 9.60 -27.00 -8.66
C SER K 204 11.01 -27.21 -9.19
N ALA K 205 11.98 -27.15 -8.28
CA ALA K 205 13.38 -27.31 -8.59
C ALA K 205 14.14 -27.39 -7.29
N GLN K 206 13.65 -26.65 -6.30
CA GLN K 206 14.15 -26.72 -4.94
C GLN K 206 13.61 -28.00 -4.28
N GLN K 207 12.87 -28.78 -5.06
CA GLN K 207 12.21 -30.01 -4.60
C GLN K 207 12.61 -31.18 -5.49
N ALA K 208 12.77 -30.91 -6.79
CA ALA K 208 13.24 -31.95 -7.69
C ALA K 208 14.62 -32.29 -7.17
N ALA K 209 15.45 -31.27 -7.01
CA ALA K 209 16.77 -31.42 -6.40
C ALA K 209 16.63 -32.24 -5.12
N ASP K 210 15.85 -31.73 -4.18
CA ASP K 210 15.49 -32.44 -2.95
C ASP K 210 15.29 -33.96 -3.12
N ALA K 211 14.44 -34.36 -4.08
CA ALA K 211 14.15 -35.79 -4.30
C ALA K 211 15.39 -36.56 -4.71
N LEU K 212 16.14 -36.02 -5.66
CA LEU K 212 17.41 -36.60 -6.09
C LEU K 212 18.37 -36.72 -4.91
N HIS K 213 18.65 -35.58 -4.29
CA HIS K 213 19.45 -35.46 -3.07
C HIS K 213 19.34 -36.66 -2.13
N CYS K 214 18.13 -37.22 -2.03
CA CYS K 214 17.83 -38.36 -1.15
C CYS K 214 18.58 -39.67 -1.43
N LYS K 215 19.23 -39.77 -2.58
CA LYS K 215 19.93 -41.02 -2.89
C LYS K 215 21.44 -40.97 -2.77
N GLY K 216 22.04 -39.79 -2.85
CA GLY K 216 23.44 -39.65 -2.51
C GLY K 216 24.27 -38.69 -3.35
N ILE K 217 23.60 -37.95 -4.23
CA ILE K 217 24.29 -37.02 -5.13
C ILE K 217 24.22 -35.59 -4.61
N GLU K 218 25.37 -34.94 -4.61
CA GLU K 218 25.59 -33.61 -4.06
C GLU K 218 24.86 -32.48 -4.78
N ILE K 219 25.25 -32.30 -6.02
CA ILE K 219 24.89 -31.16 -6.83
C ILE K 219 23.83 -31.51 -7.88
N VAL K 220 22.82 -30.68 -8.03
CA VAL K 220 21.71 -31.02 -8.93
C VAL K 220 21.51 -29.90 -9.97
N ILE K 221 21.63 -30.22 -11.25
CA ILE K 221 21.47 -29.24 -12.33
C ILE K 221 20.31 -29.50 -13.26
N ILE K 222 19.24 -28.76 -13.11
CA ILE K 222 18.06 -28.97 -13.94
C ILE K 222 18.01 -28.06 -15.16
N THR K 223 18.33 -28.55 -16.35
CA THR K 223 18.31 -27.62 -17.49
C THR K 223 16.90 -27.32 -17.99
N LEU K 224 16.56 -26.04 -17.98
CA LEU K 224 15.27 -25.54 -18.41
C LEU K 224 15.44 -24.54 -19.57
N GLY K 225 15.59 -25.08 -20.78
CA GLY K 225 15.76 -24.31 -22.00
C GLY K 225 16.26 -22.87 -21.95
N SER K 226 15.44 -21.96 -22.48
CA SER K 226 15.80 -20.57 -22.60
C SER K 226 16.02 -19.93 -21.24
N LYS K 227 15.41 -20.50 -20.21
CA LYS K 227 15.50 -19.89 -18.92
C LYS K 227 16.84 -20.22 -18.29
N GLY K 228 17.56 -21.21 -18.80
CA GLY K 228 18.86 -21.45 -18.21
C GLY K 228 18.98 -22.74 -17.42
N VAL K 229 19.56 -22.60 -16.24
CA VAL K 229 19.91 -23.70 -15.37
C VAL K 229 19.32 -23.52 -13.99
N TRP K 230 18.71 -24.54 -13.43
CA TRP K 230 18.43 -24.43 -12.01
C TRP K 230 19.50 -25.22 -11.27
N LEU K 231 20.49 -24.52 -10.75
CA LEU K 231 21.52 -25.22 -10.02
C LEU K 231 21.01 -25.34 -8.63
N SER K 232 21.34 -26.43 -7.95
CA SER K 232 20.94 -26.55 -6.56
C SER K 232 21.87 -27.47 -5.80
N GLN K 233 22.96 -26.92 -5.30
CA GLN K 233 23.87 -27.71 -4.51
C GLN K 233 23.28 -27.80 -3.10
N ASN K 234 22.93 -28.99 -2.65
CA ASN K 234 22.35 -29.20 -1.30
C ASN K 234 21.27 -28.17 -0.93
N GLY K 235 20.64 -27.58 -1.93
CA GLY K 235 19.59 -26.62 -1.66
C GLY K 235 19.93 -25.18 -1.89
N ARG K 236 21.23 -24.89 -2.06
CA ARG K 236 21.63 -23.55 -2.40
C ARG K 236 21.34 -23.56 -3.89
N GLY K 237 20.05 -23.41 -4.17
CA GLY K 237 19.47 -23.53 -5.50
C GLY K 237 19.29 -22.25 -6.29
N GLN K 238 20.30 -21.85 -7.06
CA GLN K 238 20.22 -20.61 -7.84
C GLN K 238 19.15 -20.65 -8.91
N ARG K 239 19.44 -19.99 -10.02
CA ARG K 239 18.58 -19.98 -11.15
C ARG K 239 19.46 -19.31 -12.16
N ILE K 240 20.73 -19.70 -12.13
CA ILE K 240 21.78 -19.21 -13.02
C ILE K 240 21.25 -18.77 -14.38
N PRO K 241 21.43 -17.49 -14.70
CA PRO K 241 20.86 -17.09 -15.97
C PRO K 241 21.57 -17.70 -17.15
N GLY K 242 20.76 -18.21 -18.06
CA GLY K 242 21.26 -18.72 -19.31
C GLY K 242 21.52 -17.51 -20.16
N PHE K 243 22.59 -17.53 -20.96
CA PHE K 243 22.85 -16.43 -21.90
C PHE K 243 21.60 -16.27 -22.76
N VAL K 244 21.48 -15.14 -23.46
CA VAL K 244 20.35 -14.96 -24.37
C VAL K 244 20.52 -16.03 -25.48
N VAL K 245 20.06 -17.26 -25.21
CA VAL K 245 20.28 -18.39 -26.12
C VAL K 245 19.25 -18.33 -27.24
N LYS K 246 19.17 -19.39 -28.05
CA LYS K 246 18.28 -19.39 -29.22
C LYS K 246 17.72 -20.77 -29.61
N ALA K 247 16.69 -20.76 -30.46
CA ALA K 247 15.91 -21.95 -30.82
C ALA K 247 15.71 -22.06 -32.33
N THR K 248 16.21 -23.16 -32.90
CA THR K 248 16.11 -23.51 -34.33
C THR K 248 16.83 -24.85 -34.46
N ASP K 249 17.63 -25.14 -33.45
CA ASP K 249 18.41 -26.37 -33.32
C ASP K 249 18.35 -26.93 -31.91
N THR K 250 17.17 -26.90 -31.30
CA THR K 250 17.01 -27.35 -29.92
C THR K 250 17.38 -28.83 -29.81
N THR K 251 18.67 -29.11 -29.58
CA THR K 251 19.16 -30.50 -29.52
C THR K 251 20.41 -30.70 -28.63
N ALA K 252 21.58 -30.62 -29.27
CA ALA K 252 22.86 -31.04 -28.68
C ALA K 252 23.41 -30.00 -27.72
N ALA K 253 22.63 -28.96 -27.48
CA ALA K 253 22.98 -27.91 -26.55
C ALA K 253 23.59 -28.53 -25.32
N GLY K 254 22.90 -29.56 -24.82
CA GLY K 254 23.23 -30.15 -23.54
C GLY K 254 24.42 -31.07 -23.63
N ASP K 255 24.93 -31.27 -24.82
CA ASP K 255 26.05 -32.16 -24.92
C ASP K 255 27.28 -31.28 -24.76
N THR K 256 27.21 -30.09 -25.33
CA THR K 256 28.31 -29.13 -25.24
C THR K 256 28.37 -28.54 -23.86
N PHE K 257 27.19 -28.21 -23.34
CA PHE K 257 27.01 -27.87 -21.94
C PHE K 257 27.78 -28.88 -21.06
N ASN K 258 27.36 -30.16 -21.11
CA ASN K 258 28.01 -31.26 -20.37
C ASN K 258 29.44 -31.54 -20.74
N GLY K 259 29.78 -31.30 -21.98
CA GLY K 259 31.16 -31.51 -22.30
C GLY K 259 31.94 -30.43 -21.58
N ALA K 260 31.50 -29.18 -21.68
CA ALA K 260 32.29 -28.06 -21.17
C ALA K 260 32.23 -27.98 -19.64
N LEU K 261 31.02 -28.02 -19.06
CA LEU K 261 30.87 -27.95 -17.61
C LEU K 261 31.86 -28.84 -16.85
N VAL K 262 32.13 -30.00 -17.40
CA VAL K 262 33.10 -30.89 -16.78
C VAL K 262 34.52 -30.44 -17.11
N THR K 263 34.70 -29.83 -18.29
CA THR K 263 36.02 -29.34 -18.65
C THR K 263 36.28 -28.19 -17.70
N GLY K 264 35.21 -27.55 -17.26
CA GLY K 264 35.38 -26.59 -16.19
C GLY K 264 35.90 -27.30 -14.95
N LEU K 265 35.05 -28.10 -14.36
CA LEU K 265 35.42 -28.79 -13.16
C LEU K 265 36.78 -29.42 -13.33
N LEU K 266 37.10 -29.93 -14.51
CA LEU K 266 38.43 -30.49 -14.71
C LEU K 266 39.53 -29.42 -14.78
N GLN K 267 39.25 -28.27 -15.38
CA GLN K 267 40.27 -27.23 -15.55
C GLN K 267 40.30 -26.21 -14.37
N GLU K 268 39.85 -26.69 -13.20
CA GLU K 268 39.95 -25.99 -11.89
C GLU K 268 38.86 -24.92 -11.55
N MET K 269 37.93 -24.66 -12.47
CA MET K 269 36.81 -23.75 -12.22
C MET K 269 35.91 -24.03 -11.04
N PRO K 270 35.44 -22.97 -10.39
CA PRO K 270 34.34 -23.16 -9.46
C PRO K 270 33.01 -23.25 -10.24
N LEU K 271 32.07 -24.01 -9.71
CA LEU K 271 30.76 -24.25 -10.34
C LEU K 271 30.04 -23.05 -10.99
N GLU K 272 29.86 -21.97 -10.24
CA GLU K 272 29.13 -20.83 -10.78
C GLU K 272 29.78 -20.31 -12.06
N SER K 273 31.11 -20.46 -12.13
CA SER K 273 31.89 -20.03 -13.29
C SER K 273 31.85 -21.05 -14.42
N ALA K 274 31.92 -22.33 -14.07
CA ALA K 274 31.83 -23.42 -15.03
C ALA K 274 30.45 -23.56 -15.69
N ILE K 275 29.36 -23.52 -14.91
CA ILE K 275 27.99 -23.52 -15.51
C ILE K 275 27.90 -22.35 -16.52
N LYS K 276 28.65 -21.28 -16.28
CA LYS K 276 28.71 -20.25 -17.32
C LYS K 276 29.43 -20.87 -18.49
N PHE K 277 30.75 -20.82 -18.49
CA PHE K 277 31.59 -21.39 -19.55
C PHE K 277 30.81 -22.26 -20.50
N ALA K 278 30.27 -23.33 -19.95
CA ALA K 278 29.38 -24.23 -20.68
C ALA K 278 28.30 -23.45 -21.43
N HIS K 279 27.57 -22.61 -20.70
CA HIS K 279 26.51 -21.81 -21.32
C HIS K 279 26.96 -21.07 -22.57
N ALA K 280 28.26 -20.79 -22.64
CA ALA K 280 28.81 -20.16 -23.81
C ALA K 280 28.91 -21.22 -24.87
N ALA K 281 29.59 -22.30 -24.50
CA ALA K 281 29.80 -23.48 -25.34
C ALA K 281 28.54 -23.96 -26.06
N ALA K 282 27.43 -24.00 -25.33
CA ALA K 282 26.15 -24.34 -25.92
C ALA K 282 25.70 -23.27 -26.90
N ALA K 283 25.84 -22.01 -26.47
CA ALA K 283 25.30 -20.85 -27.18
C ALA K 283 25.89 -20.58 -28.56
N ILE K 284 27.18 -20.77 -28.73
CA ILE K 284 27.73 -20.67 -30.08
C ILE K 284 27.46 -21.97 -30.84
N SER K 285 27.43 -23.10 -30.15
CA SER K 285 27.24 -24.38 -30.84
C SER K 285 25.90 -24.54 -31.57
N VAL K 286 24.79 -24.40 -30.85
CA VAL K 286 23.45 -24.50 -31.46
C VAL K 286 23.07 -23.38 -32.43
N THR K 287 23.72 -22.22 -32.33
CA THR K 287 23.40 -21.11 -33.25
C THR K 287 24.11 -21.21 -34.60
N ARG K 288 25.04 -22.16 -34.71
CA ARG K 288 25.75 -22.46 -35.96
C ARG K 288 25.23 -23.79 -36.59
N PHE K 289 25.23 -23.90 -37.92
CA PHE K 289 24.78 -25.11 -38.65
C PHE K 289 25.37 -26.48 -38.23
N GLY K 290 24.51 -27.50 -38.11
CA GLY K 290 24.97 -28.84 -37.77
C GLY K 290 24.61 -29.36 -36.40
N ALA K 291 24.96 -30.62 -36.15
CA ALA K 291 24.67 -31.29 -34.89
C ALA K 291 25.97 -31.59 -34.14
N GLN K 292 26.84 -32.40 -34.73
CA GLN K 292 28.18 -32.65 -34.15
C GLN K 292 29.32 -31.91 -34.83
N THR K 293 29.02 -31.04 -35.78
CA THR K 293 30.06 -30.26 -36.43
C THR K 293 30.00 -28.81 -35.93
N SER K 294 28.82 -28.41 -35.46
CA SER K 294 28.67 -27.13 -34.81
C SER K 294 29.10 -27.21 -33.34
N ILE K 295 30.39 -27.45 -33.10
CA ILE K 295 30.95 -27.51 -31.75
C ILE K 295 32.19 -26.63 -31.76
N PRO K 296 32.22 -25.58 -30.93
CA PRO K 296 33.29 -24.59 -31.06
C PRO K 296 34.53 -24.97 -30.26
N THR K 297 35.68 -24.36 -30.52
CA THR K 297 36.86 -24.69 -29.69
C THR K 297 36.92 -23.75 -28.55
N ARG K 298 37.95 -23.92 -27.71
CA ARG K 298 38.19 -23.06 -26.56
C ARG K 298 38.31 -21.60 -26.93
N ALA K 299 39.17 -21.32 -27.90
CA ALA K 299 39.38 -19.95 -28.32
C ALA K 299 38.08 -19.23 -28.57
N GLU K 300 37.22 -19.83 -29.39
CA GLU K 300 35.98 -19.20 -29.77
C GLU K 300 35.08 -19.02 -28.54
N VAL K 301 35.06 -19.98 -27.62
CA VAL K 301 34.21 -19.87 -26.43
C VAL K 301 34.68 -18.69 -25.61
N GLU K 302 35.99 -18.62 -25.40
CA GLU K 302 36.62 -17.58 -24.61
C GLU K 302 36.46 -16.22 -25.30
N ALA K 303 36.66 -16.24 -26.60
CA ALA K 303 36.36 -15.11 -27.45
C ALA K 303 34.89 -14.70 -27.28
N PHE K 304 33.99 -15.67 -27.23
CA PHE K 304 32.57 -15.38 -27.04
C PHE K 304 32.28 -14.68 -25.73
N LEU K 305 32.81 -15.29 -24.68
CA LEU K 305 32.65 -14.82 -23.32
C LEU K 305 33.07 -13.37 -23.18
N ALA K 306 34.24 -13.05 -23.72
CA ALA K 306 34.76 -11.70 -23.66
C ALA K 306 33.81 -10.71 -24.33
N GLU K 307 33.44 -11.04 -25.57
CA GLU K 307 32.56 -10.22 -26.41
C GLU K 307 31.17 -10.04 -25.85
N HIS K 308 30.84 -10.80 -24.83
CA HIS K 308 29.55 -10.67 -24.17
C HIS K 308 29.79 -10.19 -22.75
N SER K 309 28.78 -9.55 -22.17
CA SER K 309 28.87 -9.06 -20.81
C SER K 309 27.47 -8.66 -20.29
N MET L 4 32.53 -52.56 -76.77
CA MET L 4 31.11 -52.15 -76.70
C MET L 4 30.22 -53.28 -76.19
N ASN L 5 29.29 -52.97 -75.28
CA ASN L 5 28.47 -54.03 -74.67
C ASN L 5 27.27 -54.37 -75.52
N LYS L 6 26.96 -55.66 -75.63
CA LYS L 6 25.86 -56.13 -76.46
C LYS L 6 24.53 -55.76 -75.79
N LEU L 7 24.53 -55.85 -74.46
CA LEU L 7 23.40 -55.48 -73.60
C LEU L 7 23.75 -54.27 -72.71
N VAL L 8 22.80 -53.37 -72.57
CA VAL L 8 23.00 -52.16 -71.82
C VAL L 8 21.85 -51.81 -70.87
N VAL L 9 22.19 -51.59 -69.60
CA VAL L 9 21.22 -51.17 -68.56
C VAL L 9 21.40 -49.70 -68.16
N LEU L 10 20.29 -48.99 -68.01
CA LEU L 10 20.33 -47.58 -67.60
C LEU L 10 19.31 -47.40 -66.50
N GLY L 11 19.77 -47.26 -65.26
CA GLY L 11 18.80 -47.12 -64.19
C GLY L 11 19.44 -46.94 -62.87
N SER L 12 18.64 -47.05 -61.83
CA SER L 12 19.00 -46.55 -60.51
C SER L 12 19.81 -47.46 -59.63
N VAL L 13 21.01 -47.05 -59.24
CA VAL L 13 21.68 -47.71 -58.11
C VAL L 13 21.19 -47.14 -56.78
N ASN L 14 21.02 -47.99 -55.79
CA ASN L 14 20.41 -47.58 -54.55
C ASN L 14 21.11 -48.28 -53.40
N ALA L 15 20.92 -47.82 -52.17
CA ALA L 15 21.30 -48.61 -50.99
C ALA L 15 20.11 -48.63 -50.08
N ASP L 16 19.99 -49.65 -49.26
CA ASP L 16 18.82 -49.75 -48.40
C ASP L 16 19.14 -49.96 -46.94
N HIS L 17 18.57 -49.07 -46.14
CA HIS L 17 18.72 -49.15 -44.70
C HIS L 17 17.48 -49.88 -44.11
N VAL L 18 17.67 -51.12 -43.69
CA VAL L 18 16.58 -51.95 -43.18
C VAL L 18 16.76 -52.13 -41.68
N LEU L 19 15.69 -52.04 -40.90
CA LEU L 19 15.75 -52.21 -39.44
C LEU L 19 14.38 -52.68 -38.92
N GLN L 20 14.36 -53.65 -38.00
CA GLN L 20 13.08 -54.10 -37.50
C GLN L 20 12.61 -53.25 -36.33
N VAL L 21 11.39 -52.73 -36.39
CA VAL L 21 10.83 -51.93 -35.27
C VAL L 21 9.63 -52.64 -34.71
N PRO L 22 9.31 -52.40 -33.43
CA PRO L 22 8.12 -53.06 -32.89
C PRO L 22 6.82 -52.42 -33.38
N SER L 23 6.75 -51.10 -33.41
CA SER L 23 5.56 -50.45 -33.92
C SER L 23 5.88 -49.54 -35.08
N PHE L 24 4.83 -49.05 -35.70
CA PHE L 24 4.97 -48.07 -36.76
C PHE L 24 5.05 -46.76 -35.97
N PRO L 25 5.99 -45.86 -36.32
CA PRO L 25 6.26 -44.64 -35.53
C PRO L 25 5.18 -43.56 -35.56
N ARG L 26 4.78 -43.06 -34.39
CA ARG L 26 3.88 -41.90 -34.31
C ARG L 26 4.69 -40.65 -33.89
N PRO L 27 4.22 -39.42 -34.23
CA PRO L 27 5.03 -38.21 -34.01
C PRO L 27 5.28 -37.86 -32.58
N GLY L 28 6.55 -37.86 -32.18
CA GLY L 28 6.93 -37.55 -30.83
C GLY L 28 7.72 -38.73 -30.33
N GLU L 29 7.00 -39.77 -29.91
CA GLU L 29 7.61 -40.95 -29.28
C GLU L 29 8.69 -41.56 -30.16
N THR L 30 9.84 -41.86 -29.57
CA THR L 30 10.94 -42.31 -30.39
C THR L 30 10.88 -43.80 -30.25
N LEU L 31 11.39 -44.52 -31.24
CA LEU L 31 11.18 -45.95 -31.26
C LEU L 31 12.51 -46.67 -31.22
N HIS L 32 12.58 -47.70 -30.39
CA HIS L 32 13.78 -48.48 -30.30
C HIS L 32 13.57 -49.71 -31.16
N GLY L 33 14.46 -49.87 -32.14
CA GLY L 33 14.40 -50.93 -33.14
C GLY L 33 15.61 -51.85 -33.11
N ARG L 34 15.69 -52.73 -34.08
CA ARG L 34 16.81 -53.65 -34.08
C ARG L 34 17.27 -54.18 -35.45
N ASN L 35 18.31 -54.99 -35.31
CA ASN L 35 18.96 -55.71 -36.38
C ASN L 35 19.64 -54.75 -37.32
N TYR L 36 18.86 -53.89 -37.95
CA TYR L 36 19.36 -52.88 -38.89
C TYR L 36 20.28 -53.48 -39.96
N GLN L 37 19.96 -53.27 -41.24
CA GLN L 37 20.79 -53.79 -42.31
C GLN L 37 20.96 -52.84 -43.49
N VAL L 38 22.14 -52.85 -44.08
CA VAL L 38 22.36 -52.10 -45.28
C VAL L 38 22.42 -53.13 -46.43
N ILE L 39 21.44 -53.04 -47.33
CA ILE L 39 21.26 -53.96 -48.45
C ILE L 39 21.35 -53.25 -49.79
N PRO L 40 22.40 -53.57 -50.58
CA PRO L 40 22.58 -52.93 -51.88
C PRO L 40 21.44 -53.32 -52.77
N GLY L 41 20.86 -52.36 -53.47
CA GLY L 41 19.60 -52.64 -54.12
C GLY L 41 19.38 -51.69 -55.25
N GLY L 42 18.11 -51.44 -55.55
CA GLY L 42 17.75 -50.55 -56.61
C GLY L 42 17.63 -51.23 -57.95
N LYS L 43 16.51 -51.00 -58.61
CA LYS L 43 16.12 -51.64 -59.85
C LYS L 43 17.29 -51.72 -60.80
N GLY L 44 17.80 -50.61 -61.31
CA GLY L 44 18.99 -50.67 -62.13
C GLY L 44 20.10 -51.60 -61.68
N ALA L 45 20.31 -51.72 -60.38
CA ALA L 45 21.42 -52.53 -59.95
C ALA L 45 20.97 -53.98 -59.89
N ASN L 46 19.81 -54.20 -59.26
CA ASN L 46 19.19 -55.50 -59.21
C ASN L 46 19.12 -56.08 -60.60
N GLN L 47 18.59 -55.31 -61.57
CA GLN L 47 18.44 -55.83 -62.93
C GLN L 47 19.77 -56.06 -63.66
N ALA L 48 20.74 -55.20 -63.43
CA ALA L 48 22.01 -55.37 -64.14
C ALA L 48 22.86 -56.52 -63.58
N VAL L 49 22.74 -56.83 -62.30
CA VAL L 49 23.45 -57.93 -61.65
C VAL L 49 22.93 -59.32 -62.02
N ALA L 50 21.63 -59.41 -62.30
CA ALA L 50 21.04 -60.65 -62.80
C ALA L 50 21.68 -60.99 -64.13
N ALA L 51 21.42 -60.15 -65.15
CA ALA L 51 22.02 -60.33 -66.47
C ALA L 51 23.51 -60.61 -66.36
N ALA L 52 24.20 -59.90 -65.48
CA ALA L 52 25.62 -60.15 -65.36
C ALA L 52 25.79 -61.61 -64.98
N ARG L 53 24.95 -62.10 -64.06
CA ARG L 53 25.11 -63.45 -63.51
C ARG L 53 24.71 -64.62 -64.45
N MET L 54 23.88 -64.36 -65.44
CA MET L 54 23.54 -65.35 -66.47
C MET L 54 24.53 -65.14 -67.61
N GLN L 55 25.80 -64.97 -67.31
CA GLN L 55 26.82 -64.74 -68.35
C GLN L 55 26.39 -63.79 -69.49
N ALA L 56 25.92 -62.59 -69.18
CA ALA L 56 25.57 -61.64 -70.23
C ALA L 56 26.73 -60.74 -70.52
N ASP L 57 26.65 -60.06 -71.66
CA ASP L 57 27.55 -58.97 -72.01
C ASP L 57 26.92 -57.67 -71.58
N VAL L 58 27.14 -57.29 -70.34
CA VAL L 58 26.38 -56.20 -69.78
C VAL L 58 27.24 -54.97 -69.46
N GLY L 59 26.65 -53.80 -69.67
CA GLY L 59 27.24 -52.56 -69.25
C GLY L 59 26.18 -51.90 -68.39
N PHE L 60 26.63 -51.05 -67.46
CA PHE L 60 25.75 -50.29 -66.58
C PHE L 60 25.89 -48.77 -66.84
N ILE L 61 24.76 -48.08 -66.81
CA ILE L 61 24.68 -46.64 -66.94
C ILE L 61 23.94 -46.17 -65.69
N ALA L 62 24.65 -45.50 -64.79
CA ALA L 62 24.01 -45.10 -63.55
C ALA L 62 24.72 -43.96 -62.80
N CYS L 63 24.09 -43.50 -61.73
CA CYS L 63 24.70 -42.51 -60.89
C CYS L 63 24.86 -43.00 -59.46
N VAL L 64 26.10 -42.98 -58.98
CA VAL L 64 26.38 -43.21 -57.55
C VAL L 64 27.09 -41.99 -56.93
N GLY L 65 27.20 -41.97 -55.60
CA GLY L 65 27.77 -40.82 -54.94
C GLY L 65 29.23 -40.87 -54.59
N ASP L 66 29.76 -39.79 -54.04
CA ASP L 66 31.14 -39.82 -53.62
C ASP L 66 31.14 -40.42 -52.22
N ASP L 67 29.94 -40.76 -51.74
CA ASP L 67 29.82 -41.42 -50.44
C ASP L 67 30.48 -42.77 -50.55
N SER L 68 30.84 -43.33 -49.40
CA SER L 68 31.63 -44.56 -49.39
C SER L 68 30.97 -45.66 -50.23
N PHE L 69 29.72 -45.98 -49.90
CA PHE L 69 28.88 -46.91 -50.67
C PHE L 69 29.14 -46.82 -52.16
N GLY L 70 28.75 -45.69 -52.74
CA GLY L 70 28.96 -45.40 -54.14
C GLY L 70 30.25 -45.84 -54.83
N ILE L 71 31.39 -45.77 -54.15
CA ILE L 71 32.64 -46.22 -54.75
C ILE L 71 32.71 -47.73 -54.63
N ASN L 72 32.29 -48.22 -53.46
CA ASN L 72 32.37 -49.63 -53.16
C ASN L 72 31.41 -50.45 -54.01
N ILE L 73 30.32 -49.83 -54.44
CA ILE L 73 29.36 -50.55 -55.26
C ILE L 73 29.83 -50.58 -56.70
N ARG L 74 30.51 -49.55 -57.17
CA ARG L 74 31.05 -49.57 -58.54
C ARG L 74 32.09 -50.66 -58.67
N GLU L 75 32.58 -51.12 -57.53
CA GLU L 75 33.55 -52.19 -57.53
C GLU L 75 32.85 -53.54 -57.51
N SER L 76 31.69 -53.60 -56.86
CA SER L 76 30.88 -54.83 -56.84
C SER L 76 30.30 -55.14 -58.21
N PHE L 77 29.93 -54.10 -58.93
CA PHE L 77 29.47 -54.23 -60.29
C PHE L 77 30.50 -54.84 -61.20
N LYS L 78 31.71 -54.29 -61.21
CA LYS L 78 32.79 -54.80 -62.04
C LYS L 78 33.31 -56.18 -61.67
N LEU L 79 33.23 -56.55 -60.39
CA LEU L 79 33.59 -57.92 -60.01
C LEU L 79 32.42 -58.83 -60.24
N ASP L 80 31.36 -58.28 -60.81
CA ASP L 80 30.18 -59.04 -61.22
C ASP L 80 30.12 -59.06 -62.77
N GLY L 81 31.17 -58.49 -63.38
CA GLY L 81 31.36 -58.48 -64.81
C GLY L 81 30.67 -57.30 -65.49
N ILE L 82 30.08 -56.40 -64.70
CA ILE L 82 29.35 -55.26 -65.27
C ILE L 82 30.28 -54.16 -65.67
N ASN L 83 30.06 -53.62 -66.87
CA ASN L 83 30.85 -52.50 -67.33
C ASN L 83 30.51 -51.13 -66.73
N THR L 84 31.38 -50.64 -65.84
CA THR L 84 31.10 -49.41 -65.10
C THR L 84 31.52 -48.11 -65.79
N ALA L 85 32.10 -48.22 -66.99
CA ALA L 85 32.42 -47.06 -67.82
C ALA L 85 31.26 -46.09 -68.03
N GLY L 86 30.04 -46.53 -67.70
CA GLY L 86 28.89 -45.65 -67.78
C GLY L 86 28.21 -45.34 -66.45
N VAL L 87 28.79 -45.78 -65.33
CA VAL L 87 28.32 -45.42 -63.98
C VAL L 87 29.08 -44.21 -63.42
N LYS L 88 28.39 -43.08 -63.25
CA LYS L 88 29.03 -41.80 -62.87
C LYS L 88 28.99 -41.50 -61.39
N LEU L 89 30.06 -40.87 -60.90
CA LEU L 89 30.09 -40.39 -59.52
C LEU L 89 29.64 -38.92 -59.47
N GLN L 90 28.59 -38.69 -58.70
CA GLN L 90 28.03 -37.38 -58.59
C GLN L 90 28.83 -36.78 -57.47
N PRO L 91 29.49 -35.64 -57.73
CA PRO L 91 30.39 -35.09 -56.70
C PRO L 91 29.64 -34.27 -55.66
N ASN L 92 30.12 -34.32 -54.41
CA ASN L 92 29.45 -33.75 -53.25
C ASN L 92 27.97 -34.16 -53.28
N CYS L 93 27.78 -35.40 -53.69
CA CYS L 93 26.47 -36.04 -53.84
C CYS L 93 26.52 -37.48 -53.28
N PRO L 94 25.42 -37.96 -52.69
CA PRO L 94 25.46 -39.33 -52.19
C PRO L 94 24.97 -40.34 -53.19
N THR L 95 24.62 -41.50 -52.69
CA THR L 95 24.08 -42.57 -53.46
C THR L 95 22.72 -42.88 -52.91
N GLY L 96 21.69 -42.34 -53.58
CA GLY L 96 20.30 -42.45 -53.20
C GLY L 96 19.88 -43.61 -52.34
N ILE L 97 18.74 -43.47 -51.69
CA ILE L 97 18.47 -44.37 -50.59
C ILE L 97 17.01 -44.81 -50.42
N ALA L 98 16.83 -45.83 -49.60
CA ALA L 98 15.51 -46.20 -49.15
C ALA L 98 15.67 -46.66 -47.70
N MET L 99 14.87 -46.04 -46.83
CA MET L 99 14.88 -46.31 -45.39
C MET L 99 13.63 -47.06 -45.03
N ILE L 100 13.80 -48.37 -44.85
CA ILE L 100 12.67 -49.29 -44.72
C ILE L 100 12.56 -49.81 -43.29
N GLN L 101 11.55 -49.30 -42.58
CA GLN L 101 11.31 -49.67 -41.22
C GLN L 101 10.26 -50.77 -41.13
N VAL L 102 10.62 -51.94 -40.59
CA VAL L 102 9.68 -53.07 -40.48
C VAL L 102 9.01 -53.16 -39.10
N SER L 103 7.69 -53.01 -39.02
CA SER L 103 7.02 -53.02 -37.72
C SER L 103 6.41 -54.35 -37.28
N ASP L 104 7.06 -55.46 -37.60
CA ASP L 104 6.45 -56.80 -37.57
C ASP L 104 4.93 -56.76 -37.70
N SER L 105 4.23 -56.48 -36.60
CA SER L 105 2.79 -56.39 -36.66
C SER L 105 2.35 -55.15 -37.41
N GLY L 106 1.67 -55.33 -38.54
CA GLY L 106 1.21 -54.22 -39.33
C GLY L 106 2.20 -53.83 -40.41
N GLU L 107 1.87 -52.77 -41.13
CA GLU L 107 2.67 -52.30 -42.27
C GLU L 107 4.06 -51.77 -41.89
N ASN L 108 4.87 -51.48 -42.92
CA ASN L 108 6.26 -51.01 -42.77
C ASN L 108 6.41 -49.53 -43.17
N SER L 109 7.59 -48.96 -42.92
CA SER L 109 7.83 -47.59 -43.34
C SER L 109 8.96 -47.57 -44.34
N ILE L 110 8.62 -47.35 -45.61
CA ILE L 110 9.59 -47.27 -46.70
C ILE L 110 9.69 -45.85 -47.20
N CYS L 111 10.90 -45.31 -47.23
CA CYS L 111 11.21 -43.91 -47.58
C CYS L 111 12.22 -43.84 -48.70
N ILE L 112 11.88 -43.09 -49.75
CA ILE L 112 12.68 -43.05 -50.98
C ILE L 112 13.32 -41.69 -51.20
N SER L 113 14.58 -41.69 -51.65
CA SER L 113 15.18 -40.45 -52.12
C SER L 113 16.24 -40.75 -53.17
N ALA L 114 16.21 -40.00 -54.26
CA ALA L 114 17.07 -40.31 -55.39
C ALA L 114 18.54 -39.94 -55.22
N GLU L 115 18.86 -39.20 -54.17
CA GLU L 115 20.18 -38.56 -53.98
C GLU L 115 21.21 -38.38 -55.13
N ALA L 116 21.50 -39.42 -55.91
CA ALA L 116 22.34 -39.26 -57.09
C ALA L 116 21.53 -39.60 -58.32
N ASN L 117 20.55 -40.46 -58.11
CA ASN L 117 19.79 -41.03 -59.21
C ASN L 117 19.02 -39.99 -59.98
N ALA L 118 18.69 -38.86 -59.36
CA ALA L 118 17.95 -37.85 -60.10
C ALA L 118 18.91 -37.02 -60.92
N LYS L 119 20.20 -37.34 -60.80
CA LYS L 119 21.24 -36.61 -61.53
C LYS L 119 21.55 -37.18 -62.91
N LEU L 120 20.84 -38.25 -63.27
CA LEU L 120 20.98 -38.88 -64.57
C LEU L 120 20.03 -38.20 -65.56
N THR L 121 20.44 -37.07 -66.14
CA THR L 121 19.60 -36.37 -67.10
C THR L 121 20.12 -36.50 -68.54
N ALA L 122 19.33 -36.06 -69.50
CA ALA L 122 19.67 -36.11 -70.92
C ALA L 122 21.06 -35.60 -71.27
N ALA L 123 21.38 -34.41 -70.79
CA ALA L 123 22.66 -33.83 -71.13
C ALA L 123 23.77 -34.55 -70.37
N ALA L 124 23.36 -35.33 -69.37
CA ALA L 124 24.31 -36.01 -68.54
C ALA L 124 24.73 -37.37 -69.07
N ILE L 125 23.93 -37.96 -69.95
CA ILE L 125 24.23 -39.33 -70.39
C ILE L 125 24.79 -39.31 -71.80
N GLU L 126 24.96 -38.11 -72.34
CA GLU L 126 25.53 -37.89 -73.66
C GLU L 126 26.77 -38.72 -74.05
N PRO L 127 27.74 -38.89 -73.14
CA PRO L 127 28.91 -39.65 -73.59
C PRO L 127 28.56 -41.13 -73.77
N ASP L 128 27.36 -41.49 -73.37
CA ASP L 128 26.90 -42.86 -73.45
C ASP L 128 25.97 -43.17 -74.62
N LEU L 129 25.36 -42.14 -75.21
CA LEU L 129 24.55 -42.30 -76.42
C LEU L 129 25.26 -43.21 -77.41
N ALA L 130 26.55 -43.00 -77.60
CA ALA L 130 27.38 -43.91 -78.39
C ALA L 130 27.14 -45.37 -78.05
N ALA L 131 27.30 -45.73 -76.78
CA ALA L 131 27.15 -47.14 -76.41
C ALA L 131 25.74 -47.65 -76.68
N ILE L 132 24.75 -46.89 -76.26
CA ILE L 132 23.37 -47.22 -76.57
C ILE L 132 23.14 -47.49 -78.06
N ARG L 133 23.79 -46.75 -78.94
CA ARG L 133 23.54 -46.95 -80.37
C ARG L 133 24.12 -48.26 -80.90
N ASP L 134 25.13 -48.79 -80.24
CA ASP L 134 25.79 -49.99 -80.75
C ASP L 134 25.53 -51.25 -79.91
N ALA L 135 24.69 -51.12 -78.91
CA ALA L 135 24.34 -52.27 -78.14
C ALA L 135 23.11 -52.88 -78.83
N ARG L 136 22.83 -54.16 -78.59
CA ARG L 136 21.65 -54.79 -79.21
C ARG L 136 20.44 -54.39 -78.39
N TYR L 137 20.64 -54.29 -77.08
CA TYR L 137 19.55 -54.03 -76.14
C TYR L 137 19.84 -52.91 -75.13
N LEU L 138 18.77 -52.32 -74.62
CA LEU L 138 18.82 -51.29 -73.63
C LEU L 138 17.68 -51.56 -72.71
N LEU L 139 18.02 -51.86 -71.45
CA LEU L 139 17.03 -52.20 -70.45
C LEU L 139 16.96 -51.05 -69.51
N MET L 140 15.75 -50.63 -69.18
CA MET L 140 15.58 -49.42 -68.40
C MET L 140 14.38 -49.58 -67.53
N GLN L 141 14.35 -48.77 -66.48
CA GLN L 141 13.21 -48.72 -65.60
C GLN L 141 12.71 -47.29 -65.44
N LEU L 142 11.83 -47.14 -64.47
CA LEU L 142 11.22 -45.88 -64.18
C LEU L 142 11.65 -45.56 -62.80
N GLU L 143 12.91 -45.86 -62.51
CA GLU L 143 13.42 -45.46 -61.24
C GLU L 143 14.32 -44.21 -61.34
N THR L 144 14.69 -43.76 -62.53
CA THR L 144 15.40 -42.49 -62.59
C THR L 144 14.67 -41.60 -63.60
N PRO L 145 15.05 -40.29 -63.70
CA PRO L 145 14.23 -39.36 -64.49
C PRO L 145 13.99 -39.74 -65.92
N LEU L 146 12.86 -39.27 -66.46
CA LEU L 146 12.49 -39.49 -67.85
C LEU L 146 13.53 -38.88 -68.74
N ASP L 147 13.37 -37.61 -69.08
CA ASP L 147 14.30 -36.83 -69.92
C ASP L 147 15.63 -37.53 -70.31
N GLY L 148 16.18 -38.32 -69.37
CA GLY L 148 17.37 -39.15 -69.54
C GLY L 148 16.99 -40.51 -70.07
N ILE L 149 15.90 -41.08 -69.52
CA ILE L 149 15.21 -42.31 -69.99
C ILE L 149 14.79 -42.18 -71.44
N LEU L 150 14.02 -41.11 -71.69
CA LEU L 150 13.54 -40.73 -73.00
C LEU L 150 14.62 -40.56 -74.02
N LYS L 151 15.74 -39.97 -73.66
CA LYS L 151 16.80 -39.80 -74.64
C LYS L 151 17.34 -41.17 -75.00
N ALA L 152 17.52 -42.02 -74.00
CA ALA L 152 18.02 -43.34 -74.24
C ALA L 152 17.08 -44.03 -75.22
N ALA L 153 15.78 -43.98 -74.95
CA ALA L 153 14.80 -44.63 -75.84
C ALA L 153 14.82 -44.10 -77.28
N GLN L 154 14.69 -42.79 -77.43
CA GLN L 154 14.72 -42.16 -78.74
C GLN L 154 16.09 -42.30 -79.43
N GLU L 155 17.17 -42.36 -78.67
CA GLU L 155 18.51 -42.53 -79.26
C GLU L 155 18.79 -43.95 -79.69
N ALA L 156 18.21 -44.91 -78.97
CA ALA L 156 18.34 -46.33 -79.30
C ALA L 156 17.45 -46.67 -80.51
N LYS L 157 16.16 -46.31 -80.41
CA LYS L 157 15.18 -46.51 -81.50
C LYS L 157 15.80 -46.14 -82.84
N THR L 158 16.44 -44.98 -82.90
CA THR L 158 17.14 -44.55 -84.11
C THR L 158 18.38 -45.39 -84.45
N ALA L 159 18.75 -46.33 -83.62
CA ALA L 159 19.92 -47.12 -83.95
C ALA L 159 19.54 -48.58 -83.92
N LYS L 160 18.28 -48.82 -84.27
CA LYS L 160 17.73 -50.14 -84.36
C LYS L 160 18.22 -51.05 -83.22
N THR L 161 18.16 -50.51 -82.00
CA THR L 161 18.62 -51.18 -80.81
C THR L 161 17.37 -51.45 -80.00
N ASN L 162 17.22 -52.67 -79.50
CA ASN L 162 16.07 -53.02 -78.69
C ASN L 162 15.87 -52.32 -77.37
N VAL L 163 14.61 -52.00 -77.06
CA VAL L 163 14.31 -51.22 -75.88
C VAL L 163 13.28 -51.99 -75.06
N ILE L 164 13.68 -52.35 -73.84
CA ILE L 164 12.78 -53.00 -72.90
C ILE L 164 12.59 -52.04 -71.74
N LEU L 165 11.36 -51.85 -71.29
CA LEU L 165 11.11 -50.87 -70.24
C LEU L 165 10.32 -51.54 -69.15
N ASN L 166 10.98 -51.73 -68.01
CA ASN L 166 10.28 -52.25 -66.84
C ASN L 166 9.57 -51.07 -66.14
N PRO L 167 8.23 -50.99 -66.26
CA PRO L 167 7.51 -49.83 -65.73
C PRO L 167 7.34 -49.90 -64.23
N ALA L 168 8.34 -50.38 -63.51
CA ALA L 168 8.36 -50.37 -62.06
C ALA L 168 9.52 -49.48 -61.73
N PRO L 169 9.31 -48.53 -60.77
CA PRO L 169 8.07 -48.36 -59.98
C PRO L 169 6.93 -47.59 -60.65
N ALA L 170 5.71 -48.01 -60.32
CA ALA L 170 4.49 -47.58 -61.00
C ALA L 170 4.32 -46.08 -61.12
N ARG L 171 4.26 -45.60 -62.35
CA ARG L 171 4.07 -44.20 -62.68
C ARG L 171 3.47 -44.06 -64.08
N GLU L 172 3.09 -42.86 -64.50
CA GLU L 172 2.54 -42.67 -65.84
C GLU L 172 3.60 -42.15 -66.81
N LEU L 173 3.52 -42.55 -68.07
CA LEU L 173 4.53 -42.15 -69.07
C LEU L 173 3.98 -41.30 -70.22
N PRO L 174 4.85 -40.53 -70.88
CA PRO L 174 4.34 -39.75 -71.99
C PRO L 174 4.20 -40.70 -73.19
N ASP L 175 3.33 -40.41 -74.15
CA ASP L 175 3.18 -41.31 -75.30
C ASP L 175 4.50 -41.44 -76.03
N GLU L 176 5.03 -40.35 -76.56
CA GLU L 176 6.33 -40.34 -77.26
C GLU L 176 7.39 -41.39 -76.81
N LEU L 177 7.20 -41.97 -75.62
CA LEU L 177 8.11 -42.96 -74.99
C LEU L 177 7.65 -44.43 -75.18
N LEU L 178 6.41 -44.73 -74.83
CA LEU L 178 5.87 -46.05 -75.11
C LEU L 178 6.04 -46.39 -76.57
N LYS L 179 5.93 -45.38 -77.43
CA LYS L 179 6.02 -45.61 -78.86
C LYS L 179 7.46 -45.86 -79.23
N CYS L 180 8.35 -45.75 -78.25
CA CYS L 180 9.78 -46.05 -78.45
C CYS L 180 10.11 -47.33 -77.71
N VAL L 181 9.13 -47.94 -77.04
CA VAL L 181 9.37 -49.21 -76.28
C VAL L 181 9.00 -50.48 -77.05
N ASP L 182 9.83 -51.51 -76.95
CA ASP L 182 9.75 -52.74 -77.74
C ASP L 182 9.24 -54.02 -77.01
N LEU L 183 9.26 -53.96 -75.68
CA LEU L 183 8.84 -55.06 -74.84
C LEU L 183 8.43 -54.41 -73.54
N ILE L 184 7.41 -54.91 -72.88
CA ILE L 184 7.02 -54.28 -71.62
C ILE L 184 6.79 -55.35 -70.55
N THR L 185 7.14 -55.02 -69.31
CA THR L 185 7.06 -56.01 -68.24
C THR L 185 6.27 -55.53 -67.01
N PRO L 186 5.00 -55.14 -67.21
CA PRO L 186 4.20 -54.52 -66.13
C PRO L 186 3.83 -55.52 -65.12
N ASN L 187 3.08 -55.12 -64.12
CA ASN L 187 2.52 -56.10 -63.22
C ASN L 187 1.00 -55.89 -63.23
N GLU L 188 0.27 -56.73 -62.49
CA GLU L 188 -1.18 -56.59 -62.39
C GLU L 188 -1.51 -55.12 -62.27
N THR L 189 -0.76 -54.41 -61.42
CA THR L 189 -0.96 -52.97 -61.16
C THR L 189 -0.42 -52.03 -62.25
N GLU L 190 0.91 -52.03 -62.46
CA GLU L 190 1.61 -51.20 -63.46
C GLU L 190 0.87 -50.97 -64.77
N ALA L 191 0.14 -51.98 -65.25
CA ALA L 191 -0.69 -51.82 -66.45
C ALA L 191 -1.86 -50.85 -66.27
N GLU L 192 -2.50 -50.91 -65.11
CA GLU L 192 -3.64 -50.04 -64.84
C GLU L 192 -3.27 -48.57 -64.91
N VAL L 193 -2.10 -48.23 -64.40
CA VAL L 193 -1.62 -46.86 -64.46
C VAL L 193 -1.38 -46.45 -65.91
N LEU L 194 -1.18 -47.44 -66.77
CA LEU L 194 -0.76 -47.19 -68.14
C LEU L 194 -1.89 -47.33 -69.15
N THR L 195 -2.95 -47.98 -68.73
CA THR L 195 -3.98 -48.32 -69.68
C THR L 195 -5.37 -47.88 -69.23
N GLY L 196 -5.66 -48.07 -67.95
CA GLY L 196 -6.96 -47.74 -67.44
C GLY L 196 -7.69 -49.04 -67.25
N ILE L 197 -7.00 -50.11 -67.61
CA ILE L 197 -7.57 -51.46 -67.51
C ILE L 197 -7.08 -52.16 -66.24
N THR L 198 -7.99 -52.85 -65.57
CA THR L 198 -7.69 -53.55 -64.33
C THR L 198 -7.34 -55.03 -64.58
N VAL L 199 -6.12 -55.30 -65.03
CA VAL L 199 -5.65 -56.68 -65.22
C VAL L 199 -5.89 -57.62 -64.01
N TYR L 200 -6.89 -58.51 -64.13
CA TYR L 200 -7.19 -59.52 -63.08
C TYR L 200 -7.29 -60.98 -63.56
N ASP L 201 -7.64 -61.21 -64.83
CA ASP L 201 -7.71 -62.59 -65.34
C ASP L 201 -7.18 -62.60 -66.77
N ASP L 202 -7.23 -63.77 -67.43
CA ASP L 202 -6.73 -63.87 -68.80
C ASP L 202 -7.58 -63.02 -69.75
N SER L 203 -8.85 -62.92 -69.42
CA SER L 203 -9.80 -62.17 -70.22
C SER L 203 -9.62 -60.65 -70.05
N SER L 204 -8.69 -60.23 -69.18
CA SER L 204 -8.43 -58.82 -68.97
C SER L 204 -6.97 -58.49 -69.20
N ALA L 205 -6.11 -59.48 -69.04
CA ALA L 205 -4.72 -59.25 -69.28
C ALA L 205 -4.58 -58.99 -70.76
N GLN L 206 -5.48 -59.57 -71.56
CA GLN L 206 -5.49 -59.38 -73.01
C GLN L 206 -5.85 -57.96 -73.42
N GLN L 207 -6.89 -57.41 -72.82
CA GLN L 207 -7.30 -56.10 -73.27
C GLN L 207 -6.23 -55.06 -72.89
N ALA L 208 -5.79 -55.09 -71.64
CA ALA L 208 -4.76 -54.18 -71.16
C ALA L 208 -3.50 -54.37 -71.98
N ALA L 209 -3.22 -55.62 -72.33
CA ALA L 209 -2.12 -55.96 -73.22
C ALA L 209 -2.21 -55.12 -74.48
N ASP L 210 -3.32 -55.22 -75.18
CA ASP L 210 -3.45 -54.44 -76.40
C ASP L 210 -3.57 -52.91 -76.30
N ALA L 211 -3.88 -52.41 -75.12
CA ALA L 211 -3.89 -50.99 -74.97
C ALA L 211 -2.48 -50.65 -75.34
N LEU L 212 -1.58 -51.27 -74.59
CA LEU L 212 -0.16 -51.08 -74.72
C LEU L 212 0.37 -51.41 -76.11
N HIS L 213 -0.39 -52.14 -76.91
CA HIS L 213 0.08 -52.44 -78.28
C HIS L 213 -0.24 -51.28 -79.18
N CYS L 214 -1.47 -50.80 -79.07
CA CYS L 214 -1.89 -49.70 -79.89
C CYS L 214 -1.16 -48.39 -79.52
N LYS L 215 -0.26 -48.49 -78.52
CA LYS L 215 0.59 -47.36 -78.11
C LYS L 215 2.01 -47.45 -78.67
N GLY L 216 2.25 -48.49 -79.46
CA GLY L 216 3.46 -48.68 -80.23
C GLY L 216 4.37 -49.79 -79.79
N ILE L 217 3.87 -50.60 -78.84
CA ILE L 217 4.65 -51.68 -78.25
C ILE L 217 4.28 -53.06 -78.79
N GLU L 218 5.28 -53.79 -79.28
CA GLU L 218 5.08 -55.11 -79.90
C GLU L 218 4.76 -56.21 -78.88
N ILE L 219 5.70 -56.47 -77.98
CA ILE L 219 5.59 -57.57 -77.05
C ILE L 219 5.21 -57.06 -75.68
N VAL L 220 4.26 -57.73 -75.05
CA VAL L 220 3.78 -57.27 -73.78
C VAL L 220 3.80 -58.42 -72.80
N ILE L 221 4.61 -58.29 -71.75
CA ILE L 221 4.78 -59.35 -70.75
C ILE L 221 4.30 -58.96 -69.35
N ILE L 222 2.98 -58.98 -69.17
CA ILE L 222 2.32 -58.57 -67.93
C ILE L 222 2.39 -59.68 -66.93
N THR L 223 3.25 -59.60 -65.92
CA THR L 223 3.31 -60.66 -64.91
C THR L 223 2.15 -60.64 -63.92
N LEU L 224 1.57 -61.81 -63.67
CA LEU L 224 0.46 -61.91 -62.78
C LEU L 224 0.85 -62.64 -61.51
N GLY L 225 2.09 -62.42 -61.05
CA GLY L 225 2.51 -63.02 -59.80
C GLY L 225 2.48 -64.54 -59.77
N SER L 226 1.63 -65.08 -58.88
CA SER L 226 1.58 -66.51 -58.69
C SER L 226 1.11 -67.25 -59.95
N LYS L 227 0.26 -66.59 -60.72
CA LYS L 227 -0.39 -67.21 -61.87
C LYS L 227 0.51 -67.23 -63.09
N GLY L 228 1.65 -66.55 -63.00
CA GLY L 228 2.60 -66.53 -64.09
C GLY L 228 2.54 -65.18 -64.78
N VAL L 229 2.60 -65.21 -66.10
CA VAL L 229 2.62 -63.98 -66.87
C VAL L 229 1.78 -64.17 -68.12
N TRP L 230 1.02 -63.16 -68.51
CA TRP L 230 0.33 -63.23 -69.77
C TRP L 230 1.10 -62.62 -70.90
N LEU L 231 1.70 -63.44 -71.75
CA LEU L 231 2.51 -62.93 -72.86
C LEU L 231 1.57 -62.61 -73.99
N SER L 232 1.76 -61.48 -74.66
CA SER L 232 0.89 -61.13 -75.77
C SER L 232 1.55 -60.25 -76.79
N GLN L 233 2.20 -60.81 -77.81
CA GLN L 233 2.83 -59.99 -78.86
C GLN L 233 1.91 -59.50 -79.98
N ASN L 234 1.34 -58.31 -79.83
CA ASN L 234 0.45 -57.70 -80.81
C ASN L 234 -0.88 -58.44 -81.03
N GLY L 235 -1.41 -59.08 -79.98
CA GLY L 235 -2.68 -59.79 -80.04
C GLY L 235 -2.55 -61.29 -79.92
N ARG L 236 -1.34 -61.79 -80.16
CA ARG L 236 -1.07 -63.19 -80.01
C ARG L 236 -0.77 -63.48 -78.54
N GLY L 237 -1.82 -63.52 -77.73
CA GLY L 237 -1.66 -63.67 -76.30
C GLY L 237 -1.72 -65.07 -75.72
N GLN L 238 -0.97 -65.31 -74.64
CA GLN L 238 -0.96 -66.61 -74.00
C GLN L 238 -0.49 -66.48 -72.58
N ARG L 239 -1.12 -67.20 -71.66
CA ARG L 239 -0.60 -67.21 -70.31
C ARG L 239 0.48 -68.28 -70.18
N ILE L 240 1.54 -67.96 -69.46
CA ILE L 240 2.55 -68.93 -69.16
C ILE L 240 2.69 -68.87 -67.64
N PRO L 241 2.25 -69.91 -66.91
CA PRO L 241 2.37 -69.82 -65.45
C PRO L 241 3.79 -70.02 -64.97
N GLY L 242 3.99 -70.04 -63.65
CA GLY L 242 5.31 -70.29 -63.12
C GLY L 242 5.47 -71.56 -62.31
N PHE L 243 6.68 -71.71 -61.75
CA PHE L 243 7.06 -72.87 -60.96
C PHE L 243 6.66 -72.53 -59.52
N VAL L 244 6.72 -73.49 -58.60
CA VAL L 244 6.38 -73.28 -57.17
C VAL L 244 6.73 -71.85 -56.69
N VAL L 245 5.68 -71.09 -56.38
CA VAL L 245 5.80 -69.67 -56.05
C VAL L 245 4.84 -69.37 -54.88
N LYS L 246 5.06 -68.24 -54.17
CA LYS L 246 4.31 -67.76 -52.98
C LYS L 246 4.94 -68.29 -51.66
N ALA L 247 4.66 -67.68 -50.50
CA ALA L 247 4.17 -66.31 -50.35
C ALA L 247 4.88 -65.56 -49.22
N THR L 248 4.46 -65.87 -47.99
CA THR L 248 4.91 -65.25 -46.72
C THR L 248 4.99 -63.70 -46.77
N ASP L 249 5.83 -63.16 -47.65
CA ASP L 249 5.89 -61.71 -47.89
C ASP L 249 5.79 -61.48 -49.40
N THR L 250 4.62 -61.07 -49.90
CA THR L 250 4.36 -60.99 -51.34
C THR L 250 5.35 -60.12 -52.11
N THR L 251 6.62 -60.47 -51.98
CA THR L 251 7.76 -59.72 -52.51
C THR L 251 7.80 -59.56 -54.03
N ALA L 252 9.02 -59.45 -54.54
CA ALA L 252 9.26 -59.07 -55.90
C ALA L 252 10.68 -59.44 -56.31
N ALA L 253 10.79 -60.47 -57.16
CA ALA L 253 12.07 -60.83 -57.76
C ALA L 253 11.88 -60.66 -59.26
N GLY L 254 11.08 -59.65 -59.61
CA GLY L 254 10.87 -59.25 -60.98
C GLY L 254 12.03 -58.52 -61.61
N ASP L 255 13.06 -58.34 -60.83
CA ASP L 255 14.21 -57.64 -61.33
C ASP L 255 15.02 -58.79 -61.88
N THR L 256 14.97 -59.90 -61.18
CA THR L 256 15.73 -61.04 -61.62
C THR L 256 15.03 -61.63 -62.79
N PHE L 257 13.71 -61.72 -62.72
CA PHE L 257 12.94 -62.05 -63.91
C PHE L 257 13.45 -61.25 -65.09
N ASN L 258 13.34 -59.93 -64.96
CA ASN L 258 13.78 -58.92 -65.92
C ASN L 258 15.26 -58.88 -66.23
N GLY L 259 16.06 -59.27 -65.25
CA GLY L 259 17.49 -59.31 -65.50
C GLY L 259 17.75 -60.45 -66.45
N ALA L 260 17.07 -61.57 -66.23
CA ALA L 260 17.27 -62.79 -66.99
C ALA L 260 16.57 -62.78 -68.36
N LEU L 261 15.32 -62.37 -68.40
CA LEU L 261 14.57 -62.38 -69.64
C LEU L 261 15.36 -61.79 -70.82
N VAL L 262 16.12 -60.73 -70.57
CA VAL L 262 16.90 -60.16 -71.64
C VAL L 262 18.17 -60.98 -71.80
N THR L 263 18.61 -61.62 -70.72
CA THR L 263 19.82 -62.43 -70.82
C THR L 263 19.60 -63.63 -71.72
N GLY L 264 18.39 -64.17 -71.69
CA GLY L 264 17.97 -65.17 -72.65
C GLY L 264 17.93 -64.56 -74.03
N LEU L 265 16.98 -63.68 -74.27
CA LEU L 265 16.81 -63.05 -75.57
C LEU L 265 18.13 -62.61 -76.17
N LEU L 266 19.08 -62.22 -75.34
CA LEU L 266 20.38 -61.83 -75.88
C LEU L 266 21.08 -63.05 -76.54
N GLN L 267 20.96 -64.24 -75.96
CA GLN L 267 21.62 -65.42 -76.57
C GLN L 267 20.73 -66.18 -77.58
N GLU L 268 19.78 -65.46 -78.19
CA GLU L 268 18.91 -65.96 -79.28
C GLU L 268 17.87 -66.97 -78.78
N MET L 269 17.74 -67.12 -77.47
CA MET L 269 16.59 -67.84 -76.95
C MET L 269 15.34 -67.25 -77.54
N PRO L 270 14.43 -68.10 -77.98
CA PRO L 270 13.16 -67.58 -78.47
C PRO L 270 12.28 -67.25 -77.26
N LEU L 271 11.41 -66.27 -77.45
CA LEU L 271 10.66 -65.63 -76.35
C LEU L 271 10.12 -66.52 -75.26
N GLU L 272 9.22 -67.43 -75.60
CA GLU L 272 8.64 -68.29 -74.58
C GLU L 272 9.68 -69.10 -73.81
N SER L 273 10.82 -69.34 -74.46
CA SER L 273 11.91 -70.10 -73.85
C SER L 273 12.67 -69.21 -72.85
N ALA L 274 12.86 -67.94 -73.22
CA ALA L 274 13.47 -66.92 -72.33
C ALA L 274 12.58 -66.54 -71.14
N ILE L 275 11.29 -66.37 -71.38
CA ILE L 275 10.37 -66.16 -70.28
C ILE L 275 10.40 -67.31 -69.26
N LYS L 276 10.57 -68.56 -69.69
CA LYS L 276 10.56 -69.63 -68.71
C LYS L 276 11.80 -69.50 -67.86
N PHE L 277 12.93 -69.34 -68.53
CA PHE L 277 14.22 -69.16 -67.90
C PHE L 277 14.13 -68.25 -66.72
N ALA L 278 13.64 -67.05 -67.01
CA ALA L 278 13.33 -66.02 -66.01
C ALA L 278 12.57 -66.55 -64.79
N HIS L 279 11.48 -67.27 -65.06
CA HIS L 279 10.69 -67.94 -64.03
C HIS L 279 11.54 -68.83 -63.14
N ALA L 280 12.69 -69.25 -63.64
CA ALA L 280 13.58 -69.99 -62.77
C ALA L 280 14.22 -69.00 -61.81
N ALA L 281 14.92 -68.02 -62.38
CA ALA L 281 15.62 -66.93 -61.65
C ALA L 281 14.80 -66.26 -60.55
N ALA L 282 13.53 -65.98 -60.81
CA ALA L 282 12.67 -65.43 -59.78
C ALA L 282 12.49 -66.43 -58.63
N ALA L 283 12.26 -67.69 -58.98
CA ALA L 283 11.97 -68.75 -58.00
C ALA L 283 13.14 -69.07 -57.05
N ILE L 284 14.36 -69.03 -57.55
CA ILE L 284 15.51 -69.16 -56.68
C ILE L 284 15.82 -67.84 -56.00
N SER L 285 15.55 -66.72 -56.67
CA SER L 285 15.91 -65.44 -56.09
C SER L 285 15.22 -65.18 -54.76
N VAL L 286 13.92 -65.45 -54.69
CA VAL L 286 13.19 -65.29 -53.44
C VAL L 286 13.70 -66.23 -52.36
N THR L 287 14.25 -67.38 -52.76
CA THR L 287 14.85 -68.29 -51.78
C THR L 287 16.24 -67.74 -51.50
N ARG L 288 16.69 -67.88 -50.26
CA ARG L 288 18.01 -67.40 -49.84
C ARG L 288 18.09 -65.86 -49.96
N PHE L 289 17.05 -65.20 -49.43
CA PHE L 289 16.94 -63.74 -49.20
C PHE L 289 16.51 -62.79 -50.35
N GLY L 290 17.01 -61.55 -50.30
CA GLY L 290 16.65 -60.55 -51.29
C GLY L 290 17.47 -59.27 -51.37
N ALA L 291 18.77 -59.41 -51.65
CA ALA L 291 19.67 -58.25 -51.76
C ALA L 291 20.27 -58.14 -53.17
N GLN L 292 21.59 -57.98 -53.20
CA GLN L 292 22.39 -58.04 -54.43
C GLN L 292 23.12 -59.40 -54.40
N THR L 293 22.82 -60.19 -53.37
CA THR L 293 23.41 -61.52 -53.17
C THR L 293 22.44 -62.69 -53.37
N SER L 294 21.15 -62.41 -53.43
CA SER L 294 20.18 -63.47 -53.70
C SER L 294 20.25 -63.92 -55.14
N ILE L 295 20.20 -62.97 -56.08
CA ILE L 295 20.31 -63.22 -57.51
C ILE L 295 21.29 -64.35 -57.80
N PRO L 296 20.81 -65.50 -58.32
CA PRO L 296 21.62 -66.73 -58.37
C PRO L 296 22.43 -66.82 -59.65
N THR L 297 23.38 -67.73 -59.76
CA THR L 297 24.16 -67.80 -61.00
C THR L 297 23.51 -68.72 -62.00
N ARG L 298 24.04 -68.72 -63.24
CA ARG L 298 23.54 -69.55 -64.37
C ARG L 298 23.45 -71.05 -64.06
N ALA L 299 24.52 -71.60 -63.51
CA ALA L 299 24.57 -72.98 -63.06
C ALA L 299 23.36 -73.39 -62.20
N GLU L 300 23.03 -72.62 -61.17
CA GLU L 300 21.86 -72.92 -60.34
C GLU L 300 20.57 -72.76 -61.12
N VAL L 301 20.51 -71.74 -61.98
CA VAL L 301 19.28 -71.48 -62.71
C VAL L 301 19.03 -72.62 -63.65
N GLU L 302 20.03 -73.05 -64.39
CA GLU L 302 19.80 -74.19 -65.27
C GLU L 302 19.64 -75.50 -64.49
N ALA L 303 20.46 -75.70 -63.47
CA ALA L 303 20.21 -76.82 -62.60
C ALA L 303 18.79 -76.75 -62.07
N PHE L 304 18.25 -75.58 -61.78
CA PHE L 304 16.88 -75.51 -61.25
C PHE L 304 15.98 -76.18 -62.24
N LEU L 305 16.17 -75.76 -63.48
CA LEU L 305 15.46 -76.20 -64.67
C LEU L 305 15.52 -77.71 -64.95
N ALA L 306 16.70 -78.29 -64.88
CA ALA L 306 16.87 -79.72 -65.09
C ALA L 306 16.02 -80.53 -64.09
N GLU L 307 16.08 -80.15 -62.81
CA GLU L 307 15.33 -80.82 -61.71
C GLU L 307 13.83 -80.68 -61.84
N HIS L 308 13.40 -79.73 -62.67
CA HIS L 308 12.00 -79.44 -62.89
C HIS L 308 11.78 -79.84 -64.32
N SER L 309 10.61 -79.54 -64.87
CA SER L 309 10.36 -79.81 -66.29
C SER L 309 9.04 -79.20 -66.80
N MET M 4 -4.72 -49.05 -113.94
CA MET M 4 -4.37 -49.00 -112.53
C MET M 4 -5.42 -48.21 -111.74
N ASN M 5 -5.81 -48.74 -110.59
CA ASN M 5 -6.94 -48.19 -109.85
C ASN M 5 -7.04 -48.65 -108.41
N LYS M 6 -6.72 -47.74 -107.48
CA LYS M 6 -6.58 -47.98 -106.03
C LYS M 6 -7.06 -49.33 -105.42
N LEU M 7 -8.29 -49.75 -105.74
CA LEU M 7 -8.92 -50.96 -105.17
C LEU M 7 -9.19 -52.06 -106.22
N VAL M 8 -8.98 -53.32 -105.83
CA VAL M 8 -9.28 -54.48 -106.69
C VAL M 8 -10.10 -55.53 -105.94
N VAL M 9 -11.23 -55.93 -106.51
CA VAL M 9 -12.06 -56.96 -105.88
C VAL M 9 -12.07 -58.29 -106.64
N LEU M 10 -11.99 -59.41 -105.92
CA LEU M 10 -11.84 -60.71 -106.55
C LEU M 10 -12.78 -61.76 -105.92
N GLY M 11 -13.76 -62.24 -106.70
CA GLY M 11 -14.76 -63.17 -106.17
C GLY M 11 -15.77 -63.69 -107.18
N SER M 12 -16.93 -64.07 -106.66
CA SER M 12 -17.92 -64.80 -107.43
C SER M 12 -18.90 -63.90 -108.15
N VAL M 13 -19.20 -64.23 -109.40
CA VAL M 13 -20.38 -63.68 -110.06
C VAL M 13 -21.34 -64.88 -110.24
N ASN M 14 -22.64 -64.66 -109.99
CA ASN M 14 -23.63 -65.71 -109.98
C ASN M 14 -24.92 -65.33 -110.66
N ALA M 15 -25.95 -66.05 -110.32
CA ALA M 15 -27.28 -65.68 -110.77
C ALA M 15 -28.28 -66.33 -109.83
N ASP M 16 -29.18 -65.51 -109.28
CA ASP M 16 -30.13 -66.01 -108.31
C ASP M 16 -31.48 -66.21 -108.94
N HIS M 17 -31.81 -67.48 -109.19
CA HIS M 17 -33.06 -67.87 -109.81
C HIS M 17 -34.06 -68.07 -108.73
N VAL M 18 -34.98 -67.13 -108.62
CA VAL M 18 -35.89 -67.07 -107.49
C VAL M 18 -37.31 -67.48 -107.88
N LEU M 19 -37.96 -68.21 -106.98
CA LEU M 19 -39.32 -68.66 -107.22
C LEU M 19 -40.14 -68.77 -105.91
N GLN M 20 -41.39 -68.29 -105.91
CA GLN M 20 -42.24 -68.50 -104.72
C GLN M 20 -42.99 -69.83 -104.81
N VAL M 21 -42.71 -70.76 -103.89
CA VAL M 21 -43.35 -72.08 -103.89
C VAL M 21 -44.08 -72.34 -102.56
N PRO M 22 -45.30 -72.87 -102.62
CA PRO M 22 -45.96 -73.13 -101.33
C PRO M 22 -45.51 -74.43 -100.65
N SER M 23 -46.35 -75.46 -100.74
CA SER M 23 -46.12 -76.77 -100.11
C SER M 23 -44.70 -77.34 -100.32
N PHE M 24 -43.69 -76.55 -99.93
CA PHE M 24 -42.25 -76.88 -100.03
C PHE M 24 -41.87 -78.31 -100.42
N PRO M 25 -40.91 -78.47 -101.35
CA PRO M 25 -40.61 -79.80 -101.91
C PRO M 25 -39.98 -80.83 -100.97
N ARG M 26 -40.25 -82.09 -101.31
CA ARG M 26 -39.77 -83.29 -100.65
C ARG M 26 -39.62 -84.23 -101.84
N PRO M 27 -39.02 -85.43 -101.66
CA PRO M 27 -38.83 -86.17 -102.92
C PRO M 27 -40.11 -86.57 -103.66
N GLY M 28 -39.88 -87.21 -104.81
CA GLY M 28 -40.91 -87.79 -105.65
C GLY M 28 -41.79 -86.90 -106.51
N GLU M 29 -42.87 -86.40 -105.94
CA GLU M 29 -43.95 -85.82 -106.74
C GLU M 29 -43.69 -84.35 -107.07
N THR M 30 -44.51 -83.74 -107.93
CA THR M 30 -44.17 -82.43 -108.47
C THR M 30 -44.80 -81.27 -107.72
N LEU M 31 -44.14 -80.11 -107.82
CA LEU M 31 -44.47 -78.93 -107.03
C LEU M 31 -44.57 -77.62 -107.82
N HIS M 32 -45.77 -77.15 -108.11
CA HIS M 32 -45.90 -75.89 -108.82
C HIS M 32 -45.28 -74.72 -108.04
N GLY M 33 -45.23 -73.56 -108.65
CA GLY M 33 -44.65 -72.40 -107.99
C GLY M 33 -45.09 -71.17 -108.74
N ARG M 34 -44.66 -70.00 -108.30
CA ARG M 34 -45.11 -68.78 -108.94
C ARG M 34 -43.97 -67.79 -108.92
N ASN M 35 -44.12 -66.71 -109.68
CA ASN M 35 -43.14 -65.62 -109.74
C ASN M 35 -41.67 -66.03 -109.84
N TYR M 36 -41.12 -66.06 -111.05
CA TYR M 36 -39.71 -66.37 -111.26
C TYR M 36 -38.92 -65.15 -111.68
N GLN M 37 -37.79 -64.89 -111.03
CA GLN M 37 -36.88 -63.84 -111.48
C GLN M 37 -35.43 -64.30 -111.46
N VAL M 38 -34.63 -63.77 -112.38
CA VAL M 38 -33.20 -64.05 -112.30
C VAL M 38 -32.54 -62.77 -111.76
N ILE M 39 -32.02 -62.85 -110.53
CA ILE M 39 -31.44 -61.68 -109.85
C ILE M 39 -29.94 -61.81 -109.78
N PRO M 40 -29.23 -60.82 -110.36
CA PRO M 40 -27.77 -60.86 -110.44
C PRO M 40 -27.24 -60.94 -109.05
N GLY M 41 -26.18 -61.70 -108.83
CA GLY M 41 -25.76 -61.94 -107.47
C GLY M 41 -24.34 -62.43 -107.41
N GLY M 42 -24.05 -63.16 -106.34
CA GLY M 42 -22.73 -63.69 -106.10
C GLY M 42 -21.95 -62.73 -105.26
N LYS M 43 -21.34 -63.21 -104.19
CA LYS M 43 -20.64 -62.34 -103.25
C LYS M 43 -19.67 -61.33 -103.90
N GLY M 44 -18.61 -61.82 -104.53
CA GLY M 44 -17.70 -60.97 -105.26
C GLY M 44 -18.25 -59.84 -106.13
N ALA M 45 -19.42 -59.99 -106.76
CA ALA M 45 -19.91 -58.90 -107.59
C ALA M 45 -20.74 -57.98 -106.73
N ASN M 46 -21.51 -58.58 -105.83
CA ASN M 46 -22.26 -57.83 -104.83
C ASN M 46 -21.35 -56.76 -104.23
N GLN M 47 -20.20 -57.20 -103.77
CA GLN M 47 -19.22 -56.33 -103.14
C GLN M 47 -18.50 -55.40 -104.11
N ALA M 48 -18.26 -55.85 -105.33
CA ALA M 48 -17.50 -54.98 -106.21
C ALA M 48 -18.37 -53.87 -106.71
N VAL M 49 -19.65 -54.18 -106.86
CA VAL M 49 -20.63 -53.17 -107.30
C VAL M 49 -20.94 -52.18 -106.15
N ALA M 50 -20.86 -52.67 -104.90
CA ALA M 50 -20.99 -51.83 -103.72
C ALA M 50 -19.90 -50.78 -103.66
N ALA M 51 -18.64 -51.21 -103.62
CA ALA M 51 -17.53 -50.28 -103.68
C ALA M 51 -17.72 -49.33 -104.87
N ALA M 52 -18.18 -49.89 -105.99
CA ALA M 52 -18.37 -49.08 -107.18
C ALA M 52 -19.39 -47.95 -106.99
N ARG M 53 -20.48 -48.24 -106.29
CA ARG M 53 -21.57 -47.28 -106.04
C ARG M 53 -21.10 -46.29 -104.99
N MET M 54 -20.09 -46.71 -104.24
CA MET M 54 -19.44 -45.88 -103.24
C MET M 54 -18.35 -45.09 -103.89
N GLN M 55 -18.56 -44.70 -105.14
CA GLN M 55 -17.65 -43.84 -105.89
C GLN M 55 -16.18 -44.18 -105.65
N ALA M 56 -15.86 -45.46 -105.67
CA ALA M 56 -14.49 -45.86 -105.48
C ALA M 56 -13.90 -46.12 -106.85
N ASP M 57 -12.62 -46.45 -106.88
CA ASP M 57 -11.93 -46.80 -108.12
C ASP M 57 -11.52 -48.27 -108.20
N VAL M 58 -12.44 -49.12 -108.64
CA VAL M 58 -12.27 -50.58 -108.53
C VAL M 58 -12.15 -51.34 -109.84
N GLY M 59 -11.35 -52.41 -109.82
CA GLY M 59 -11.30 -53.36 -110.92
C GLY M 59 -11.75 -54.75 -110.47
N PHE M 60 -12.36 -55.48 -111.40
CA PHE M 60 -12.96 -56.77 -111.05
C PHE M 60 -12.19 -57.92 -111.70
N ILE M 61 -12.04 -58.98 -110.94
CA ILE M 61 -11.37 -60.16 -111.38
C ILE M 61 -12.40 -61.22 -111.10
N ALA M 62 -13.01 -61.77 -112.13
CA ALA M 62 -14.05 -62.78 -111.96
C ALA M 62 -14.14 -63.67 -113.17
N CYS M 63 -14.88 -64.75 -113.00
CA CYS M 63 -15.12 -65.61 -114.12
C CYS M 63 -16.62 -65.72 -114.30
N VAL M 64 -17.03 -65.41 -115.51
CA VAL M 64 -18.41 -65.54 -115.96
C VAL M 64 -18.48 -66.53 -117.13
N GLY M 65 -19.66 -67.01 -117.49
CA GLY M 65 -19.76 -67.96 -118.59
C GLY M 65 -20.07 -67.23 -119.89
N ASP M 66 -20.12 -67.92 -121.04
CA ASP M 66 -20.58 -67.22 -122.26
C ASP M 66 -22.07 -67.36 -122.48
N ASP M 67 -22.77 -67.82 -121.45
CA ASP M 67 -24.23 -67.79 -121.47
C ASP M 67 -24.62 -66.32 -121.56
N SER M 68 -25.83 -66.04 -122.03
CA SER M 68 -26.23 -64.67 -122.30
C SER M 68 -26.03 -63.77 -121.10
N PHE M 69 -26.23 -64.37 -119.92
CA PHE M 69 -26.02 -63.69 -118.66
C PHE M 69 -24.58 -63.23 -118.55
N GLY M 70 -23.66 -64.18 -118.35
CA GLY M 70 -22.23 -63.89 -118.32
C GLY M 70 -21.67 -62.88 -119.33
N ILE M 71 -22.24 -62.82 -120.52
CA ILE M 71 -21.76 -61.90 -121.55
C ILE M 71 -22.26 -60.52 -121.18
N ASN M 72 -23.55 -60.50 -120.88
CA ASN M 72 -24.27 -59.28 -120.57
C ASN M 72 -23.96 -58.73 -119.18
N ILE M 73 -23.66 -59.58 -118.22
CA ILE M 73 -23.50 -59.09 -116.86
C ILE M 73 -22.20 -58.35 -116.69
N ARG M 74 -21.17 -58.80 -117.39
CA ARG M 74 -19.87 -58.17 -117.33
C ARG M 74 -19.96 -56.74 -117.91
N GLU M 75 -20.98 -56.49 -118.72
CA GLU M 75 -21.17 -55.15 -119.27
C GLU M 75 -21.98 -54.32 -118.28
N SER M 76 -22.86 -54.98 -117.55
CA SER M 76 -23.66 -54.32 -116.54
C SER M 76 -22.75 -53.79 -115.46
N PHE M 77 -21.68 -54.55 -115.17
CA PHE M 77 -20.63 -54.14 -114.24
C PHE M 77 -20.00 -52.81 -114.66
N LYS M 78 -19.75 -52.68 -115.95
CA LYS M 78 -19.15 -51.49 -116.52
C LYS M 78 -19.95 -50.24 -116.27
N LEU M 79 -21.27 -50.37 -116.11
CA LEU M 79 -22.12 -49.21 -115.84
C LEU M 79 -22.16 -48.78 -114.38
N ASP M 80 -21.36 -49.43 -113.54
CA ASP M 80 -21.15 -48.99 -112.17
C ASP M 80 -19.71 -48.49 -112.04
N GLY M 81 -19.02 -48.42 -113.18
CA GLY M 81 -17.67 -47.91 -113.28
C GLY M 81 -16.61 -48.96 -113.09
N ILE M 82 -17.02 -50.22 -113.03
CA ILE M 82 -16.10 -51.31 -112.72
C ILE M 82 -15.12 -51.68 -113.82
N ASN M 83 -13.84 -51.71 -113.46
CA ASN M 83 -12.82 -52.07 -114.43
C ASN M 83 -12.84 -53.59 -114.65
N THR M 84 -13.46 -53.96 -115.78
CA THR M 84 -13.73 -55.36 -116.11
C THR M 84 -12.64 -56.07 -116.93
N ALA M 85 -11.54 -55.39 -117.22
CA ALA M 85 -10.42 -56.01 -117.94
C ALA M 85 -10.13 -57.42 -117.46
N GLY M 86 -10.29 -57.65 -116.15
CA GLY M 86 -10.06 -58.96 -115.61
C GLY M 86 -11.27 -59.88 -115.47
N VAL M 87 -12.43 -59.51 -115.98
CA VAL M 87 -13.55 -60.43 -115.90
C VAL M 87 -13.59 -61.26 -117.13
N LYS M 88 -13.25 -62.54 -117.00
CA LYS M 88 -13.15 -63.42 -118.18
C LYS M 88 -14.36 -64.34 -118.41
N LEU M 89 -14.65 -64.56 -119.69
CA LEU M 89 -15.71 -65.45 -120.16
C LEU M 89 -15.03 -66.78 -120.33
N GLN M 90 -15.55 -67.76 -119.61
CA GLN M 90 -14.97 -69.08 -119.58
C GLN M 90 -15.58 -69.86 -120.71
N PRO M 91 -14.78 -70.69 -121.39
CA PRO M 91 -15.33 -71.31 -122.58
C PRO M 91 -16.28 -72.43 -122.21
N ASN M 92 -17.32 -72.63 -123.02
CA ASN M 92 -18.38 -73.61 -122.79
C ASN M 92 -18.73 -73.78 -121.31
N CYS M 93 -18.79 -72.70 -120.55
CA CYS M 93 -19.09 -72.88 -119.14
C CYS M 93 -20.24 -71.97 -118.80
N PRO M 94 -21.19 -72.44 -117.99
CA PRO M 94 -22.24 -71.48 -117.73
C PRO M 94 -21.80 -70.60 -116.55
N THR M 95 -22.51 -69.51 -116.28
CA THR M 95 -22.13 -68.65 -115.17
C THR M 95 -22.71 -69.28 -113.90
N GLY M 96 -22.07 -69.08 -112.75
CA GLY M 96 -22.46 -69.71 -111.49
C GLY M 96 -23.90 -69.43 -111.07
N ILE M 97 -24.41 -70.12 -110.06
CA ILE M 97 -25.85 -70.06 -109.82
C ILE M 97 -26.36 -70.21 -108.35
N ALA M 98 -27.63 -69.90 -108.17
CA ALA M 98 -28.36 -70.25 -106.96
C ALA M 98 -29.82 -70.53 -107.38
N MET M 99 -30.35 -71.69 -107.02
CA MET M 99 -31.73 -71.94 -107.37
C MET M 99 -32.49 -71.82 -106.08
N ILE M 100 -33.13 -70.67 -105.85
CA ILE M 100 -33.70 -70.40 -104.52
C ILE M 100 -35.21 -70.38 -104.50
N GLN M 101 -35.83 -71.44 -104.00
CA GLN M 101 -37.27 -71.46 -103.83
C GLN M 101 -37.69 -71.01 -102.43
N VAL M 102 -38.52 -69.97 -102.40
CA VAL M 102 -38.96 -69.35 -101.16
C VAL M 102 -40.33 -69.83 -100.69
N SER M 103 -40.32 -70.56 -99.57
CA SER M 103 -41.55 -70.98 -98.91
C SER M 103 -41.82 -69.96 -97.79
N ASP M 104 -43.04 -69.44 -97.63
CA ASP M 104 -44.33 -69.90 -98.17
C ASP M 104 -44.62 -71.36 -97.82
N SER M 105 -44.65 -71.69 -96.53
CA SER M 105 -44.79 -70.70 -95.48
C SER M 105 -43.81 -70.99 -94.34
N GLY M 106 -42.99 -72.00 -94.54
CA GLY M 106 -41.94 -72.31 -93.59
C GLY M 106 -40.72 -71.52 -94.02
N GLU M 107 -39.60 -72.21 -94.16
CA GLU M 107 -38.34 -71.58 -94.51
C GLU M 107 -38.00 -71.92 -95.97
N ASN M 108 -36.88 -71.41 -96.46
CA ASN M 108 -36.56 -71.57 -97.87
C ASN M 108 -35.48 -72.64 -98.10
N SER M 109 -35.36 -73.11 -99.34
CA SER M 109 -34.38 -74.12 -99.68
C SER M 109 -33.42 -73.52 -100.69
N ILE M 110 -32.21 -74.06 -100.79
CA ILE M 110 -31.20 -73.55 -101.75
C ILE M 110 -30.19 -74.58 -102.25
N CYS M 111 -30.03 -74.63 -103.57
CA CYS M 111 -29.17 -75.59 -104.25
C CYS M 111 -28.28 -74.73 -105.11
N ILE M 112 -26.98 -74.82 -104.90
CA ILE M 112 -26.01 -73.95 -105.57
C ILE M 112 -24.95 -74.74 -106.33
N SER M 113 -24.55 -74.32 -107.52
CA SER M 113 -23.32 -74.88 -108.06
C SER M 113 -22.51 -73.69 -108.55
N ALA M 114 -21.19 -73.73 -108.33
CA ALA M 114 -20.30 -72.59 -108.58
C ALA M 114 -19.54 -72.67 -109.90
N GLU M 115 -20.33 -72.73 -110.99
CA GLU M 115 -19.94 -72.94 -112.41
C GLU M 115 -18.66 -72.24 -112.94
N ALA M 116 -18.83 -71.10 -113.60
CA ALA M 116 -17.66 -70.40 -114.12
C ALA M 116 -16.84 -69.98 -112.92
N ASN M 117 -17.48 -69.96 -111.76
CA ASN M 117 -16.82 -69.60 -110.52
C ASN M 117 -15.68 -70.56 -110.22
N ALA M 118 -15.78 -71.80 -110.67
CA ALA M 118 -14.73 -72.75 -110.35
C ALA M 118 -13.53 -72.53 -111.24
N LYS M 119 -13.65 -71.62 -112.18
CA LYS M 119 -12.53 -71.37 -113.07
C LYS M 119 -11.61 -70.27 -112.57
N LEU M 120 -11.89 -69.69 -111.40
CA LEU M 120 -10.98 -68.67 -110.90
C LEU M 120 -9.83 -69.33 -110.13
N THR M 121 -8.89 -69.85 -110.91
CA THR M 121 -7.74 -70.53 -110.37
C THR M 121 -6.51 -69.66 -110.57
N ALA M 122 -5.46 -69.93 -109.80
CA ALA M 122 -4.20 -69.19 -109.87
C ALA M 122 -3.65 -68.96 -111.27
N ALA M 123 -3.47 -70.01 -112.06
CA ALA M 123 -2.78 -69.84 -113.32
C ALA M 123 -3.69 -69.10 -114.29
N ALA M 124 -4.96 -69.02 -113.93
CA ALA M 124 -5.96 -68.38 -114.78
C ALA M 124 -5.99 -66.88 -114.53
N ILE M 125 -5.38 -66.43 -113.42
CA ILE M 125 -5.36 -65.00 -113.12
C ILE M 125 -3.98 -64.39 -113.25
N GLU M 126 -3.01 -65.12 -113.79
CA GLU M 126 -1.71 -64.53 -114.11
C GLU M 126 -1.66 -63.15 -114.79
N PRO M 127 -2.47 -62.92 -115.85
CA PRO M 127 -2.39 -61.59 -116.46
C PRO M 127 -2.98 -60.54 -115.52
N ASP M 128 -3.62 -61.00 -114.44
CA ASP M 128 -4.32 -60.15 -113.50
C ASP M 128 -3.47 -59.79 -112.26
N LEU M 129 -2.42 -60.55 -111.98
CA LEU M 129 -1.49 -60.16 -110.91
C LEU M 129 -1.04 -58.68 -110.94
N ALA M 130 -0.81 -58.14 -112.12
CA ALA M 130 -0.45 -56.73 -112.30
C ALA M 130 -1.32 -55.79 -111.49
N ALA M 131 -2.63 -55.89 -111.66
CA ALA M 131 -3.53 -55.04 -110.89
C ALA M 131 -3.43 -55.31 -109.37
N ILE M 132 -3.33 -56.60 -108.99
CA ILE M 132 -3.11 -56.99 -107.59
C ILE M 132 -1.92 -56.23 -106.97
N ARG M 133 -0.86 -56.03 -107.75
CA ARG M 133 0.30 -55.31 -107.29
C ARG M 133 -0.03 -53.85 -107.30
N ASP M 134 -0.43 -53.39 -108.48
CA ASP M 134 -0.77 -52.00 -108.71
C ASP M 134 -2.05 -51.58 -108.01
N ALA M 135 -2.17 -51.86 -106.72
CA ALA M 135 -3.40 -51.56 -105.98
C ALA M 135 -3.10 -51.41 -104.51
N ARG M 136 -3.96 -50.65 -103.81
CA ARG M 136 -3.76 -50.41 -102.37
C ARG M 136 -4.58 -51.35 -101.49
N TYR M 137 -5.77 -51.70 -101.95
CA TYR M 137 -6.59 -52.62 -101.20
C TYR M 137 -7.20 -53.69 -102.15
N LEU M 138 -7.34 -54.92 -101.66
CA LEU M 138 -7.81 -56.04 -102.48
C LEU M 138 -8.80 -56.91 -101.75
N LEU M 139 -9.98 -57.05 -102.31
CA LEU M 139 -11.00 -57.67 -101.51
C LEU M 139 -11.38 -59.02 -102.11
N MET M 140 -11.51 -60.04 -101.26
CA MET M 140 -11.82 -61.39 -101.73
C MET M 140 -12.72 -62.06 -100.75
N GLN M 141 -13.51 -62.99 -101.23
CA GLN M 141 -14.35 -63.76 -100.34
C GLN M 141 -14.10 -65.22 -100.66
N LEU M 142 -14.92 -66.11 -100.18
CA LEU M 142 -14.55 -67.48 -100.35
C LEU M 142 -15.57 -68.22 -101.24
N GLU M 143 -15.98 -67.53 -102.29
CA GLU M 143 -16.92 -68.07 -103.24
C GLU M 143 -16.25 -68.49 -104.57
N THR M 144 -14.91 -68.51 -104.61
CA THR M 144 -14.15 -69.05 -105.75
C THR M 144 -13.08 -70.02 -105.20
N PRO M 145 -12.40 -70.79 -106.08
CA PRO M 145 -11.43 -71.74 -105.53
C PRO M 145 -10.33 -71.08 -104.75
N LEU M 146 -9.94 -71.73 -103.68
CA LEU M 146 -8.91 -71.26 -102.78
C LEU M 146 -7.49 -71.22 -103.37
N ASP M 147 -7.25 -71.81 -104.52
CA ASP M 147 -5.88 -71.81 -105.05
C ASP M 147 -5.55 -70.44 -105.59
N GLY M 148 -6.55 -69.75 -106.11
CA GLY M 148 -6.36 -68.42 -106.66
C GLY M 148 -6.42 -67.35 -105.60
N ILE M 149 -7.39 -67.45 -104.71
CA ILE M 149 -7.54 -66.57 -103.57
C ILE M 149 -6.24 -66.52 -102.84
N LEU M 150 -5.79 -67.63 -102.34
CA LEU M 150 -4.50 -67.70 -101.72
C LEU M 150 -3.41 -67.22 -102.65
N LYS M 151 -3.61 -67.26 -103.97
CA LYS M 151 -2.55 -66.77 -104.85
C LYS M 151 -2.41 -65.25 -104.90
N ALA M 152 -3.54 -64.56 -104.93
CA ALA M 152 -3.52 -63.12 -104.98
C ALA M 152 -2.88 -62.64 -103.70
N ALA M 153 -3.39 -63.16 -102.59
CA ALA M 153 -2.91 -62.79 -101.27
C ALA M 153 -1.42 -63.10 -100.99
N GLN M 154 -0.67 -63.50 -102.01
CA GLN M 154 0.77 -63.62 -101.87
C GLN M 154 1.38 -62.58 -102.75
N GLU M 155 0.72 -62.35 -103.88
CA GLU M 155 1.12 -61.29 -104.78
C GLU M 155 0.79 -59.95 -104.18
N ALA M 156 -0.27 -59.95 -103.38
CA ALA M 156 -0.73 -58.75 -102.68
C ALA M 156 0.26 -58.48 -101.57
N LYS M 157 0.45 -59.44 -100.68
CA LYS M 157 1.48 -59.29 -99.66
C LYS M 157 2.76 -58.69 -100.18
N THR M 158 3.28 -59.22 -101.28
CA THR M 158 4.56 -58.79 -101.84
C THR M 158 4.63 -57.37 -102.41
N ALA M 159 3.51 -56.67 -102.52
CA ALA M 159 3.51 -55.30 -103.07
C ALA M 159 2.80 -54.43 -102.04
N LYS M 160 3.06 -54.79 -100.78
CA LYS M 160 2.56 -54.15 -99.56
C LYS M 160 1.10 -53.67 -99.68
N THR M 161 0.36 -54.28 -100.60
CA THR M 161 -1.02 -53.92 -100.85
C THR M 161 -1.86 -54.61 -99.80
N ASN M 162 -2.67 -53.86 -99.08
CA ASN M 162 -3.50 -54.50 -98.06
C ASN M 162 -4.47 -55.50 -98.67
N VAL M 163 -4.68 -56.62 -97.97
CA VAL M 163 -5.48 -57.73 -98.48
C VAL M 163 -6.58 -58.05 -97.50
N ILE M 164 -7.82 -57.78 -97.91
CA ILE M 164 -8.96 -57.90 -97.01
C ILE M 164 -9.82 -59.07 -97.41
N LEU M 165 -10.13 -59.91 -96.44
CA LEU M 165 -10.75 -61.19 -96.72
C LEU M 165 -11.99 -61.39 -95.88
N ASN M 166 -13.15 -61.37 -96.53
CA ASN M 166 -14.40 -61.80 -95.93
C ASN M 166 -14.43 -63.30 -96.07
N PRO M 167 -14.25 -64.03 -94.97
CA PRO M 167 -14.10 -65.48 -95.00
C PRO M 167 -15.42 -66.20 -95.14
N ALA M 168 -16.34 -65.57 -95.83
CA ALA M 168 -17.62 -66.18 -96.12
C ALA M 168 -17.49 -66.67 -97.56
N PRO M 169 -18.14 -67.78 -97.88
CA PRO M 169 -18.99 -68.47 -96.92
C PRO M 169 -18.23 -69.45 -96.03
N ALA M 170 -18.80 -69.66 -94.86
CA ALA M 170 -18.18 -70.37 -93.76
C ALA M 170 -17.51 -71.69 -94.16
N ARG M 171 -16.22 -71.78 -93.87
CA ARG M 171 -15.41 -72.95 -94.16
C ARG M 171 -14.12 -72.95 -93.34
N GLU M 172 -13.27 -73.91 -93.60
CA GLU M 172 -11.99 -73.98 -92.91
C GLU M 172 -10.99 -73.27 -93.83
N LEU M 173 -9.96 -72.62 -93.27
CA LEU M 173 -8.93 -71.98 -94.09
C LEU M 173 -7.50 -72.38 -93.71
N PRO M 174 -6.55 -72.31 -94.65
CA PRO M 174 -5.20 -72.78 -94.38
C PRO M 174 -4.39 -71.71 -93.70
N ASP M 175 -3.41 -72.08 -92.89
CA ASP M 175 -2.63 -71.08 -92.21
C ASP M 175 -1.93 -70.15 -93.18
N GLU M 176 -1.05 -70.68 -94.02
CA GLU M 176 -0.33 -69.87 -94.99
C GLU M 176 -1.15 -68.76 -95.68
N LEU M 177 -2.47 -68.83 -95.55
CA LEU M 177 -3.34 -67.82 -96.13
C LEU M 177 -3.75 -66.86 -95.02
N LEU M 178 -4.22 -67.36 -93.88
CA LEU M 178 -4.51 -66.46 -92.78
C LEU M 178 -3.31 -65.54 -92.42
N LYS M 179 -2.12 -66.04 -92.72
CA LYS M 179 -0.91 -65.29 -92.45
C LYS M 179 -0.77 -64.19 -93.46
N CYS M 180 -1.54 -64.25 -94.52
CA CYS M 180 -1.37 -63.31 -95.59
C CYS M 180 -2.48 -62.29 -95.54
N VAL M 181 -3.41 -62.46 -94.61
CA VAL M 181 -4.59 -61.57 -94.54
C VAL M 181 -4.35 -60.33 -93.66
N ASP M 182 -4.83 -59.18 -94.10
CA ASP M 182 -4.56 -57.95 -93.36
C ASP M 182 -5.74 -57.37 -92.60
N LEU M 183 -6.94 -57.85 -92.91
CA LEU M 183 -8.16 -57.48 -92.21
C LEU M 183 -9.11 -58.57 -92.59
N ILE M 184 -9.79 -59.17 -91.62
CA ILE M 184 -10.67 -60.29 -91.93
C ILE M 184 -12.03 -59.92 -91.35
N THR M 185 -13.11 -60.25 -92.04
CA THR M 185 -14.41 -59.77 -91.58
C THR M 185 -15.42 -60.85 -91.27
N PRO M 186 -15.02 -61.90 -90.50
CA PRO M 186 -15.91 -63.05 -90.33
C PRO M 186 -17.06 -62.66 -89.46
N ASN M 187 -17.90 -63.64 -89.21
CA ASN M 187 -18.92 -63.45 -88.23
C ASN M 187 -18.68 -64.55 -87.23
N GLU M 188 -19.49 -64.57 -86.18
CA GLU M 188 -19.40 -65.56 -85.12
C GLU M 188 -19.21 -67.03 -85.59
N THR M 189 -20.05 -67.50 -86.51
CA THR M 189 -19.98 -68.89 -86.94
C THR M 189 -18.78 -69.19 -87.86
N GLU M 190 -18.34 -68.20 -88.64
CA GLU M 190 -17.16 -68.39 -89.48
C GLU M 190 -15.92 -68.35 -88.59
N ALA M 191 -16.15 -68.25 -87.29
CA ALA M 191 -15.07 -68.26 -86.34
C ALA M 191 -15.06 -69.60 -85.63
N GLU M 192 -16.25 -70.10 -85.28
CA GLU M 192 -16.39 -71.41 -84.65
C GLU M 192 -15.82 -72.44 -85.58
N VAL M 193 -16.06 -72.25 -86.88
CA VAL M 193 -15.35 -72.99 -87.93
C VAL M 193 -13.87 -72.57 -88.09
N LEU M 194 -13.52 -71.35 -87.71
CA LEU M 194 -12.16 -70.85 -87.94
C LEU M 194 -11.24 -70.85 -86.72
N THR M 195 -11.84 -70.95 -85.53
CA THR M 195 -11.08 -70.87 -84.30
C THR M 195 -11.45 -72.06 -83.45
N GLY M 196 -12.72 -72.43 -83.54
CA GLY M 196 -13.24 -73.58 -82.82
C GLY M 196 -13.98 -73.01 -81.65
N ILE M 197 -13.88 -71.69 -81.51
CA ILE M 197 -14.48 -71.01 -80.39
C ILE M 197 -15.81 -70.44 -80.79
N THR M 198 -16.77 -70.51 -79.87
CA THR M 198 -18.10 -70.01 -80.15
C THR M 198 -18.27 -68.55 -79.76
N VAL M 199 -18.44 -67.68 -80.74
CA VAL M 199 -18.68 -66.26 -80.45
C VAL M 199 -20.14 -65.92 -80.24
N TYR M 200 -20.53 -65.58 -79.02
CA TYR M 200 -21.91 -65.19 -78.79
C TYR M 200 -22.00 -63.86 -78.06
N ASP M 201 -21.01 -63.54 -77.24
CA ASP M 201 -21.10 -62.34 -76.43
C ASP M 201 -19.77 -61.60 -76.26
N ASP M 202 -19.82 -60.62 -75.36
CA ASP M 202 -18.71 -59.75 -75.01
C ASP M 202 -17.35 -60.45 -75.04
N SER M 203 -17.19 -61.43 -74.16
CA SER M 203 -15.91 -62.09 -73.93
C SER M 203 -15.47 -63.11 -75.00
N SER M 204 -16.42 -63.89 -75.49
CA SER M 204 -16.15 -64.97 -76.44
C SER M 204 -15.70 -64.51 -77.81
N ALA M 205 -16.02 -63.26 -78.16
CA ALA M 205 -15.60 -62.70 -79.44
C ALA M 205 -14.14 -62.30 -79.41
N GLN M 206 -13.69 -61.77 -78.28
CA GLN M 206 -12.29 -61.42 -78.14
C GLN M 206 -11.51 -62.69 -78.02
N GLN M 207 -12.08 -63.68 -77.35
CA GLN M 207 -11.36 -64.91 -77.18
C GLN M 207 -11.20 -65.55 -78.55
N ALA M 208 -12.23 -65.44 -79.38
CA ALA M 208 -12.11 -65.91 -80.76
C ALA M 208 -11.09 -65.09 -81.53
N ALA M 209 -11.26 -63.77 -81.47
CA ALA M 209 -10.34 -62.83 -82.10
C ALA M 209 -8.87 -63.14 -81.79
N ASP M 210 -8.58 -63.35 -80.51
CA ASP M 210 -7.27 -63.80 -80.06
C ASP M 210 -6.61 -64.83 -81.01
N ALA M 211 -7.37 -65.87 -81.33
CA ALA M 211 -6.89 -66.90 -82.24
C ALA M 211 -6.64 -66.35 -83.65
N LEU M 212 -7.63 -65.63 -84.16
CA LEU M 212 -7.54 -65.01 -85.48
C LEU M 212 -6.34 -64.09 -85.58
N HIS M 213 -5.99 -63.54 -84.41
CA HIS M 213 -4.78 -62.74 -84.25
C HIS M 213 -3.61 -63.66 -84.24
N CYS M 214 -3.79 -64.78 -83.55
CA CYS M 214 -2.70 -65.68 -83.39
C CYS M 214 -2.29 -66.17 -84.77
N LYS M 215 -3.26 -66.22 -85.69
CA LYS M 215 -2.97 -66.63 -87.05
C LYS M 215 -2.15 -65.60 -87.78
N GLY M 216 -2.56 -64.33 -87.73
CA GLY M 216 -1.72 -63.27 -88.25
C GLY M 216 -2.41 -62.07 -88.86
N ILE M 217 -3.71 -61.97 -88.65
CA ILE M 217 -4.47 -60.89 -89.27
C ILE M 217 -4.63 -59.70 -88.32
N GLU M 218 -4.27 -58.51 -88.81
CA GLU M 218 -4.16 -57.30 -88.00
C GLU M 218 -5.48 -56.88 -87.41
N ILE M 219 -6.40 -56.53 -88.26
CA ILE M 219 -7.66 -56.00 -87.80
C ILE M 219 -8.70 -57.08 -87.93
N VAL M 220 -9.52 -57.28 -86.92
CA VAL M 220 -10.46 -58.39 -86.98
C VAL M 220 -11.82 -57.81 -86.66
N ILE M 221 -12.74 -57.90 -87.61
CA ILE M 221 -14.06 -57.30 -87.43
C ILE M 221 -15.16 -58.39 -87.46
N ILE M 222 -15.49 -58.89 -86.28
CA ILE M 222 -16.47 -59.93 -86.09
C ILE M 222 -17.90 -59.40 -86.08
N THR M 223 -18.61 -59.54 -87.18
CA THR M 223 -20.00 -59.11 -87.16
C THR M 223 -20.83 -60.07 -86.33
N LEU M 224 -21.58 -59.50 -85.39
CA LEU M 224 -22.40 -60.26 -84.45
C LEU M 224 -23.87 -60.06 -84.77
N GLY M 225 -24.15 -59.90 -86.06
CA GLY M 225 -25.49 -59.68 -86.56
C GLY M 225 -26.14 -58.39 -86.10
N SER M 226 -27.29 -58.51 -85.45
CA SER M 226 -28.06 -57.33 -85.05
C SER M 226 -27.40 -56.49 -83.98
N LYS M 227 -26.68 -57.16 -83.07
CA LYS M 227 -26.10 -56.53 -81.88
C LYS M 227 -24.80 -55.80 -82.19
N GLY M 228 -24.39 -55.81 -83.44
CA GLY M 228 -23.27 -54.99 -83.82
C GLY M 228 -22.11 -55.75 -84.38
N VAL M 229 -20.92 -55.32 -83.98
CA VAL M 229 -19.68 -55.79 -84.56
C VAL M 229 -18.71 -55.95 -83.40
N TRP M 230 -17.57 -56.56 -83.64
CA TRP M 230 -16.49 -56.58 -82.68
C TRP M 230 -15.16 -56.19 -83.35
N LEU M 231 -14.67 -54.98 -83.08
CA LEU M 231 -13.43 -54.52 -83.68
C LEU M 231 -12.23 -54.80 -82.79
N SER M 232 -11.71 -56.02 -82.85
CA SER M 232 -10.47 -56.32 -82.14
C SER M 232 -9.28 -55.83 -82.99
N GLN M 233 -8.93 -54.57 -82.79
CA GLN M 233 -7.83 -53.90 -83.47
C GLN M 233 -6.57 -54.38 -82.77
N ASN M 234 -5.71 -55.08 -83.50
CA ASN M 234 -4.47 -55.65 -82.97
C ASN M 234 -4.57 -56.34 -81.60
N GLY M 235 -5.78 -56.73 -81.22
CA GLY M 235 -6.03 -57.43 -79.97
C GLY M 235 -6.90 -56.71 -78.94
N ARG M 236 -7.10 -55.40 -79.09
CA ARG M 236 -7.99 -54.70 -78.16
C ARG M 236 -9.39 -54.73 -78.73
N GLY M 237 -10.29 -55.33 -77.98
CA GLY M 237 -11.62 -55.59 -78.47
C GLY M 237 -12.53 -54.43 -78.23
N GLN M 238 -13.53 -54.30 -79.07
CA GLN M 238 -14.40 -53.16 -79.01
C GLN M 238 -15.74 -53.46 -79.66
N ARG M 239 -16.80 -53.54 -78.85
CA ARG M 239 -18.13 -53.69 -79.42
C ARG M 239 -18.65 -52.39 -80.04
N ILE M 240 -19.19 -52.46 -81.25
CA ILE M 240 -19.78 -51.32 -81.95
C ILE M 240 -21.16 -51.65 -82.47
N PRO M 241 -22.21 -51.14 -81.83
CA PRO M 241 -23.50 -51.55 -82.38
C PRO M 241 -23.80 -50.89 -83.73
N GLY M 242 -24.69 -51.52 -84.50
CA GLY M 242 -25.09 -50.97 -85.78
C GLY M 242 -26.00 -49.81 -85.53
N PHE M 243 -26.64 -49.28 -86.58
CA PHE M 243 -27.51 -48.13 -86.38
C PHE M 243 -28.83 -48.74 -85.87
N VAL M 244 -29.98 -48.08 -86.03
CA VAL M 244 -31.22 -48.77 -85.63
C VAL M 244 -31.38 -49.94 -86.61
N VAL M 245 -30.66 -51.04 -86.34
CA VAL M 245 -30.54 -52.14 -87.30
C VAL M 245 -31.88 -52.81 -87.55
N LYS M 246 -32.61 -52.26 -88.53
CA LYS M 246 -33.84 -52.89 -88.97
C LYS M 246 -33.39 -54.13 -89.74
N ALA M 247 -34.24 -55.13 -89.84
CA ALA M 247 -33.82 -56.43 -90.39
C ALA M 247 -34.80 -56.84 -91.45
N THR M 248 -34.35 -56.93 -92.70
CA THR M 248 -35.24 -57.27 -93.80
C THR M 248 -34.67 -58.37 -94.70
N ASP M 249 -33.58 -58.08 -95.41
CA ASP M 249 -32.96 -59.12 -96.25
C ASP M 249 -31.66 -59.70 -95.65
N THR M 250 -31.40 -60.96 -96.00
CA THR M 250 -30.38 -61.84 -95.38
C THR M 250 -28.89 -61.48 -95.39
N THR M 251 -28.19 -61.79 -96.49
CA THR M 251 -26.74 -61.60 -96.57
C THR M 251 -26.45 -60.16 -96.24
N ALA M 252 -26.53 -59.30 -97.26
CA ALA M 252 -26.34 -57.86 -97.13
C ALA M 252 -25.39 -57.49 -96.00
N ALA M 253 -25.83 -57.72 -94.76
CA ALA M 253 -25.04 -57.54 -93.52
C ALA M 253 -23.59 -58.00 -93.63
N GLY M 254 -23.04 -57.91 -94.84
CA GLY M 254 -21.62 -58.01 -95.10
C GLY M 254 -21.31 -57.89 -96.57
N ASP M 255 -22.30 -57.90 -97.46
CA ASP M 255 -21.95 -57.80 -98.86
C ASP M 255 -21.90 -56.35 -99.24
N THR M 256 -22.83 -55.55 -98.74
CA THR M 256 -22.72 -54.10 -98.93
C THR M 256 -21.75 -53.49 -97.94
N PHE M 257 -21.82 -53.94 -96.69
CA PHE M 257 -20.85 -53.64 -95.65
C PHE M 257 -19.39 -53.72 -96.17
N ASN M 258 -19.00 -54.90 -96.63
CA ASN M 258 -17.64 -55.07 -97.10
C ASN M 258 -17.31 -54.09 -98.22
N GLY M 259 -18.30 -53.79 -99.05
CA GLY M 259 -18.06 -52.91 -100.19
C GLY M 259 -17.73 -51.50 -99.75
N ALA M 260 -18.47 -51.04 -98.75
CA ALA M 260 -18.30 -49.71 -98.22
C ALA M 260 -17.08 -49.65 -97.32
N LEU M 261 -17.01 -50.53 -96.31
CA LEU M 261 -15.87 -50.53 -95.38
C LEU M 261 -14.52 -50.40 -96.08
N VAL M 262 -14.39 -51.01 -97.24
CA VAL M 262 -13.11 -50.95 -97.91
C VAL M 262 -13.00 -49.60 -98.64
N THR M 263 -14.10 -49.08 -99.18
CA THR M 263 -14.06 -47.78 -99.83
C THR M 263 -13.77 -46.74 -98.78
N GLY M 264 -14.18 -47.02 -97.56
CA GLY M 264 -13.79 -46.21 -96.42
C GLY M 264 -12.28 -46.18 -96.20
N LEU M 265 -11.69 -47.31 -95.79
CA LEU M 265 -10.27 -47.36 -95.52
C LEU M 265 -9.52 -46.79 -96.68
N LEU M 266 -10.09 -47.03 -97.85
CA LEU M 266 -9.54 -46.59 -99.11
C LEU M 266 -9.54 -45.09 -99.23
N GLN M 267 -10.58 -44.49 -98.69
CA GLN M 267 -10.77 -43.06 -98.83
C GLN M 267 -10.26 -42.24 -97.65
N GLU M 268 -9.28 -42.80 -96.94
CA GLU M 268 -8.54 -42.14 -95.86
C GLU M 268 -9.29 -42.10 -94.51
N MET M 269 -10.46 -42.72 -94.47
CA MET M 269 -11.23 -42.82 -93.24
C MET M 269 -10.44 -43.47 -92.11
N PRO M 270 -10.69 -43.01 -90.87
CA PRO M 270 -10.16 -43.70 -89.69
C PRO M 270 -10.94 -45.00 -89.48
N LEU M 271 -10.25 -46.04 -89.00
CA LEU M 271 -10.80 -47.39 -88.88
C LEU M 271 -12.18 -47.37 -88.25
N GLU M 272 -12.27 -46.78 -87.07
CA GLU M 272 -13.50 -46.69 -86.31
C GLU M 272 -14.62 -46.00 -87.11
N SER M 273 -14.21 -45.09 -88.00
CA SER M 273 -15.14 -44.27 -88.79
C SER M 273 -15.74 -45.02 -89.96
N ALA M 274 -14.90 -45.81 -90.63
CA ALA M 274 -15.28 -46.65 -91.79
C ALA M 274 -16.30 -47.74 -91.46
N ILE M 275 -16.09 -48.42 -90.35
CA ILE M 275 -17.07 -49.35 -89.82
C ILE M 275 -18.45 -48.67 -89.71
N LYS M 276 -18.46 -47.36 -89.44
CA LYS M 276 -19.69 -46.60 -89.34
C LYS M 276 -20.24 -46.41 -90.74
N PHE M 277 -19.37 -46.04 -91.68
CA PHE M 277 -19.76 -45.92 -93.09
C PHE M 277 -20.43 -47.19 -93.53
N ALA M 278 -19.68 -48.28 -93.40
CA ALA M 278 -20.19 -49.63 -93.68
C ALA M 278 -21.54 -49.85 -93.03
N HIS M 279 -21.64 -49.66 -91.73
CA HIS M 279 -22.91 -49.81 -91.02
C HIS M 279 -24.10 -49.05 -91.64
N ALA M 280 -23.77 -47.90 -92.23
CA ALA M 280 -24.77 -47.03 -92.85
C ALA M 280 -25.15 -47.64 -94.16
N ALA M 281 -24.13 -47.80 -94.99
CA ALA M 281 -24.21 -48.47 -96.28
C ALA M 281 -24.99 -49.80 -96.21
N ALA M 282 -24.75 -50.54 -95.14
CA ALA M 282 -25.41 -51.80 -94.93
C ALA M 282 -26.91 -51.66 -94.71
N ALA M 283 -27.29 -50.79 -93.79
CA ALA M 283 -28.69 -50.73 -93.38
C ALA M 283 -29.66 -50.29 -94.46
N ILE M 284 -29.28 -49.35 -95.33
CA ILE M 284 -30.20 -48.91 -96.39
C ILE M 284 -30.29 -49.99 -97.44
N SER M 285 -29.15 -50.64 -97.65
CA SER M 285 -29.03 -51.74 -98.60
C SER M 285 -29.89 -52.93 -98.17
N VAL M 286 -29.80 -53.26 -96.89
CA VAL M 286 -30.55 -54.37 -96.30
C VAL M 286 -32.06 -54.23 -96.52
N THR M 287 -32.53 -53.00 -96.69
CA THR M 287 -33.97 -52.78 -96.79
C THR M 287 -34.61 -53.07 -98.16
N ARG M 288 -33.79 -53.23 -99.19
CA ARG M 288 -34.36 -53.48 -100.52
C ARG M 288 -34.30 -54.96 -100.94
N PHE M 289 -35.47 -55.50 -101.31
CA PHE M 289 -35.69 -56.93 -101.63
C PHE M 289 -34.78 -57.56 -102.69
N GLY M 290 -33.89 -56.78 -103.29
CA GLY M 290 -32.99 -57.32 -104.28
C GLY M 290 -31.84 -58.05 -103.62
N ALA M 291 -30.66 -57.89 -104.21
CA ALA M 291 -29.44 -58.54 -103.76
C ALA M 291 -28.22 -57.97 -104.52
N GLN M 292 -28.46 -56.96 -105.36
CA GLN M 292 -27.43 -56.21 -106.08
C GLN M 292 -28.06 -54.95 -106.73
N THR M 293 -29.37 -54.80 -106.53
CA THR M 293 -30.12 -53.63 -106.98
C THR M 293 -30.52 -52.78 -105.78
N SER M 294 -30.43 -53.40 -104.61
CA SER M 294 -30.64 -52.76 -103.30
C SER M 294 -29.47 -51.88 -102.83
N ILE M 295 -28.42 -51.80 -103.64
CA ILE M 295 -27.19 -51.14 -103.23
C ILE M 295 -27.27 -49.65 -103.43
N PRO M 296 -27.12 -48.88 -102.35
CA PRO M 296 -27.27 -47.44 -102.50
C PRO M 296 -25.93 -46.79 -102.86
N THR M 297 -25.95 -45.55 -103.38
CA THR M 297 -24.75 -44.80 -103.75
C THR M 297 -24.23 -44.01 -102.56
N ARG M 298 -23.07 -43.39 -102.71
CA ARG M 298 -22.43 -42.61 -101.65
C ARG M 298 -23.38 -41.53 -101.12
N ALA M 299 -23.94 -40.74 -102.04
CA ALA M 299 -24.88 -39.69 -101.67
C ALA M 299 -25.93 -40.17 -100.69
N GLU M 300 -26.52 -41.30 -101.00
CA GLU M 300 -27.57 -41.85 -100.17
C GLU M 300 -27.03 -42.24 -98.82
N VAL M 301 -25.86 -42.87 -98.79
CA VAL M 301 -25.28 -43.31 -97.51
C VAL M 301 -24.81 -42.09 -96.69
N GLU M 302 -24.22 -41.12 -97.37
CA GLU M 302 -23.87 -39.87 -96.70
C GLU M 302 -25.16 -39.19 -96.28
N ALA M 303 -26.19 -39.24 -97.13
CA ALA M 303 -27.47 -38.72 -96.71
C ALA M 303 -27.90 -39.37 -95.40
N PHE M 304 -27.76 -40.68 -95.33
CA PHE M 304 -28.17 -41.44 -94.15
C PHE M 304 -27.43 -41.01 -92.91
N LEU M 305 -26.12 -40.97 -93.05
CA LEU M 305 -25.25 -40.68 -91.94
C LEU M 305 -25.63 -39.41 -91.19
N ALA M 306 -25.89 -38.35 -91.94
CA ALA M 306 -26.27 -37.09 -91.34
C ALA M 306 -27.51 -37.28 -90.49
N GLU M 307 -28.53 -37.91 -91.04
CA GLU M 307 -29.80 -38.03 -90.34
C GLU M 307 -29.73 -38.82 -89.07
N HIS M 308 -28.65 -39.57 -88.87
CA HIS M 308 -28.58 -40.41 -87.68
C HIS M 308 -27.50 -39.97 -86.72
N SER M 309 -27.69 -38.76 -86.16
CA SER M 309 -26.71 -38.15 -85.27
C SER M 309 -27.42 -37.19 -84.32
N MET N 4 -50.65 -71.30 -144.26
CA MET N 4 -51.65 -72.08 -143.51
C MET N 4 -51.23 -73.53 -143.25
N ASN N 5 -51.52 -74.05 -142.05
CA ASN N 5 -50.97 -75.35 -141.71
C ASN N 5 -51.90 -76.52 -141.41
N LYS N 6 -51.39 -77.69 -141.79
CA LYS N 6 -52.04 -78.98 -141.75
C LYS N 6 -52.26 -79.37 -140.30
N LEU N 7 -51.18 -79.38 -139.52
CA LEU N 7 -51.23 -79.69 -138.10
C LEU N 7 -50.83 -78.47 -137.29
N VAL N 8 -51.55 -78.23 -136.21
CA VAL N 8 -51.22 -77.09 -135.38
C VAL N 8 -51.06 -77.52 -133.93
N VAL N 9 -49.93 -77.16 -133.33
CA VAL N 9 -49.72 -77.46 -131.92
C VAL N 9 -49.92 -76.21 -131.07
N LEU N 10 -50.58 -76.41 -129.93
CA LEU N 10 -51.00 -75.35 -129.03
C LEU N 10 -50.51 -75.72 -127.68
N GLY N 11 -49.59 -74.94 -127.14
CA GLY N 11 -49.08 -75.32 -125.85
C GLY N 11 -48.05 -74.42 -125.22
N SER N 12 -47.39 -75.01 -124.24
CA SER N 12 -46.48 -74.32 -123.38
C SER N 12 -45.08 -74.36 -123.97
N VAL N 13 -44.29 -73.31 -123.75
CA VAL N 13 -42.84 -73.48 -123.90
C VAL N 13 -42.24 -73.26 -122.53
N ASN N 14 -41.24 -74.07 -122.17
CA ASN N 14 -40.59 -74.01 -120.87
C ASN N 14 -39.10 -74.19 -121.04
N ALA N 15 -38.36 -73.83 -120.02
CA ALA N 15 -36.94 -74.11 -120.03
C ALA N 15 -36.61 -74.94 -118.80
N ASP N 16 -35.94 -76.06 -118.98
CA ASP N 16 -35.65 -76.90 -117.82
C ASP N 16 -34.25 -76.61 -117.29
N HIS N 17 -34.24 -76.02 -116.09
CA HIS N 17 -33.02 -75.69 -115.37
C HIS N 17 -32.66 -76.95 -114.59
N VAL N 18 -31.67 -77.70 -115.06
CA VAL N 18 -31.31 -78.96 -114.40
C VAL N 18 -29.97 -78.86 -113.70
N LEU N 19 -29.92 -79.46 -112.51
CA LEU N 19 -28.71 -79.44 -111.70
C LEU N 19 -28.57 -80.72 -110.92
N GLN N 20 -27.40 -81.36 -111.00
CA GLN N 20 -27.18 -82.62 -110.30
C GLN N 20 -26.81 -82.34 -108.86
N VAL N 21 -27.58 -82.88 -107.93
CA VAL N 21 -27.32 -82.63 -106.53
C VAL N 21 -26.93 -83.94 -105.86
N PRO N 22 -26.07 -83.86 -104.85
CA PRO N 22 -25.66 -85.07 -104.11
C PRO N 22 -26.68 -85.41 -103.05
N SER N 23 -27.20 -84.38 -102.39
CA SER N 23 -28.13 -84.62 -101.31
C SER N 23 -29.50 -84.09 -101.67
N PHE N 24 -30.49 -84.37 -100.83
CA PHE N 24 -31.78 -83.75 -101.04
C PHE N 24 -31.91 -82.50 -100.19
N PRO N 25 -32.41 -81.40 -100.78
CA PRO N 25 -32.48 -80.13 -100.03
C PRO N 25 -33.57 -80.08 -98.96
N ARG N 26 -33.16 -79.89 -97.70
CA ARG N 26 -34.08 -79.71 -96.60
C ARG N 26 -34.03 -78.21 -96.37
N PRO N 27 -34.97 -77.66 -95.56
CA PRO N 27 -34.86 -76.20 -95.52
C PRO N 27 -33.55 -75.78 -94.90
N GLY N 28 -33.32 -74.48 -94.85
CA GLY N 28 -32.13 -73.99 -94.20
C GLY N 28 -30.87 -74.30 -94.99
N GLU N 29 -30.43 -75.55 -94.91
CA GLU N 29 -29.07 -75.87 -95.32
C GLU N 29 -28.92 -75.80 -96.83
N THR N 30 -27.68 -75.63 -97.28
CA THR N 30 -27.40 -75.38 -98.68
C THR N 30 -26.81 -76.59 -99.38
N LEU N 31 -27.02 -76.66 -100.70
CA LEU N 31 -26.66 -77.84 -101.48
C LEU N 31 -25.76 -77.46 -102.64
N HIS N 32 -24.50 -77.90 -102.58
CA HIS N 32 -23.60 -77.57 -103.65
C HIS N 32 -23.72 -78.67 -104.64
N GLY N 33 -24.13 -78.30 -105.85
CA GLY N 33 -24.40 -79.22 -106.93
C GLY N 33 -23.45 -79.08 -108.08
N ARG N 34 -23.92 -79.40 -109.28
CA ARG N 34 -23.09 -79.47 -110.48
C ARG N 34 -23.86 -79.68 -111.78
N ASN N 35 -23.12 -79.61 -112.88
CA ASN N 35 -23.67 -79.81 -114.21
C ASN N 35 -24.94 -79.02 -114.47
N TYR N 36 -24.86 -77.72 -114.31
CA TYR N 36 -26.04 -76.90 -114.55
C TYR N 36 -26.26 -76.99 -116.05
N GLN N 37 -27.50 -77.23 -116.45
CA GLN N 37 -27.82 -77.22 -117.88
C GLN N 37 -29.15 -76.54 -118.18
N VAL N 38 -29.20 -75.82 -119.30
CA VAL N 38 -30.45 -75.24 -119.75
C VAL N 38 -30.85 -76.12 -120.91
N ILE N 39 -31.94 -76.85 -120.68
CA ILE N 39 -32.46 -77.79 -121.64
C ILE N 39 -33.87 -77.32 -121.99
N PRO N 40 -34.09 -77.00 -123.28
CA PRO N 40 -35.41 -76.59 -123.78
C PRO N 40 -36.36 -77.78 -123.76
N GLY N 41 -37.58 -77.62 -123.28
CA GLY N 41 -38.45 -78.75 -123.02
C GLY N 41 -39.87 -78.25 -123.02
N GLY N 42 -40.76 -78.90 -122.28
CA GLY N 42 -42.15 -78.45 -122.28
C GLY N 42 -42.96 -79.14 -123.34
N LYS N 43 -44.10 -79.68 -122.94
CA LYS N 43 -44.87 -80.55 -123.79
C LYS N 43 -45.11 -80.03 -125.23
N GLY N 44 -46.08 -79.12 -125.38
CA GLY N 44 -46.42 -78.55 -126.66
C GLY N 44 -45.29 -78.21 -127.60
N ALA N 45 -44.13 -77.87 -127.07
CA ALA N 45 -43.03 -77.54 -127.96
C ALA N 45 -42.30 -78.82 -128.30
N ASN N 46 -42.12 -79.68 -127.30
CA ASN N 46 -41.52 -80.97 -127.53
C ASN N 46 -42.20 -81.63 -128.69
N GLN N 47 -43.52 -81.69 -128.61
CA GLN N 47 -44.34 -82.37 -129.60
C GLN N 47 -44.29 -81.70 -130.97
N ALA N 48 -44.20 -80.38 -130.96
CA ALA N 48 -44.13 -79.61 -132.19
C ALA N 48 -42.76 -79.71 -132.80
N VAL N 49 -41.75 -79.88 -131.95
CA VAL N 49 -40.43 -80.15 -132.50
C VAL N 49 -40.41 -81.57 -132.98
N ALA N 50 -41.11 -82.43 -132.28
CA ALA N 50 -41.29 -83.79 -132.71
C ALA N 50 -41.96 -83.78 -134.10
N ALA N 51 -43.18 -83.23 -134.17
CA ALA N 51 -43.95 -83.19 -135.42
C ALA N 51 -43.19 -82.72 -136.66
N ALA N 52 -42.57 -81.53 -136.56
CA ALA N 52 -41.80 -80.93 -137.64
C ALA N 52 -40.60 -81.77 -138.06
N ARG N 53 -40.06 -82.50 -137.09
CA ARG N 53 -38.90 -83.33 -137.33
C ARG N 53 -39.27 -84.56 -138.16
N MET N 54 -40.49 -85.07 -138.00
CA MET N 54 -40.95 -86.15 -138.86
C MET N 54 -41.55 -85.53 -140.10
N GLN N 55 -40.95 -84.41 -140.50
CA GLN N 55 -41.28 -83.69 -141.71
C GLN N 55 -42.77 -83.54 -141.95
N ALA N 56 -43.49 -83.09 -140.93
CA ALA N 56 -44.92 -82.87 -141.06
C ALA N 56 -45.16 -81.40 -141.37
N ASP N 57 -46.38 -81.05 -141.76
CA ASP N 57 -46.73 -79.63 -141.91
C ASP N 57 -47.26 -79.07 -140.60
N VAL N 58 -46.37 -78.55 -139.76
CA VAL N 58 -46.78 -78.12 -138.43
C VAL N 58 -46.63 -76.60 -138.22
N GLY N 59 -47.63 -76.03 -137.56
CA GLY N 59 -47.58 -74.67 -137.07
C GLY N 59 -47.76 -74.71 -135.57
N PHE N 60 -47.12 -73.77 -134.87
CA PHE N 60 -47.09 -73.75 -133.42
C PHE N 60 -47.88 -72.58 -132.87
N ILE N 61 -48.61 -72.81 -131.80
CA ILE N 61 -49.31 -71.75 -131.11
C ILE N 61 -48.85 -71.84 -129.65
N ALA N 62 -48.13 -70.84 -129.19
CA ALA N 62 -47.59 -70.88 -127.84
C ALA N 62 -47.27 -69.51 -127.28
N CYS N 63 -46.95 -69.49 -126.00
CA CYS N 63 -46.57 -68.25 -125.33
C CYS N 63 -45.13 -68.30 -124.79
N VAL N 64 -44.30 -67.41 -125.28
CA VAL N 64 -42.95 -67.32 -124.74
C VAL N 64 -42.75 -65.96 -124.10
N GLY N 65 -41.70 -65.78 -123.30
CA GLY N 65 -41.53 -64.50 -122.63
C GLY N 65 -40.66 -63.62 -123.48
N ASP N 66 -40.52 -62.35 -123.10
CA ASP N 66 -39.66 -61.41 -123.84
C ASP N 66 -38.22 -61.57 -123.36
N ASP N 67 -38.03 -62.58 -122.51
CA ASP N 67 -36.72 -62.99 -121.99
C ASP N 67 -35.76 -63.42 -123.09
N SER N 68 -34.47 -63.41 -122.76
CA SER N 68 -33.43 -63.75 -123.72
C SER N 68 -33.68 -65.13 -124.31
N PHE N 69 -34.25 -66.00 -123.50
CA PHE N 69 -34.66 -67.30 -123.97
C PHE N 69 -35.68 -67.12 -125.08
N GLY N 70 -36.89 -66.68 -124.69
CA GLY N 70 -38.04 -66.57 -125.57
C GLY N 70 -37.90 -66.19 -127.02
N ILE N 71 -37.16 -65.12 -127.33
CA ILE N 71 -37.09 -64.67 -128.72
C ILE N 71 -36.16 -65.64 -129.42
N ASN N 72 -35.10 -65.97 -128.71
CA ASN N 72 -34.05 -66.78 -129.24
C ASN N 72 -34.59 -68.14 -129.57
N ILE N 73 -35.67 -68.55 -128.90
CA ILE N 73 -36.18 -69.87 -129.18
C ILE N 73 -37.10 -69.98 -130.41
N ARG N 74 -37.96 -69.00 -130.65
CA ARG N 74 -38.81 -69.05 -131.86
C ARG N 74 -38.03 -68.84 -133.16
N GLU N 75 -36.76 -68.50 -133.05
CA GLU N 75 -35.96 -68.40 -134.23
C GLU N 75 -35.44 -69.80 -134.48
N SER N 76 -35.38 -70.60 -133.41
CA SER N 76 -34.93 -71.99 -133.52
C SER N 76 -36.08 -72.98 -133.66
N PHE N 77 -37.30 -72.44 -133.67
CA PHE N 77 -38.47 -73.19 -134.12
C PHE N 77 -38.53 -72.91 -135.60
N LYS N 78 -38.37 -71.65 -135.95
CA LYS N 78 -38.42 -71.21 -137.34
C LYS N 78 -37.46 -71.99 -138.22
N LEU N 79 -36.28 -72.26 -137.70
CA LEU N 79 -35.29 -73.02 -138.43
C LEU N 79 -35.46 -74.48 -138.18
N ASP N 80 -36.57 -74.83 -137.54
CA ASP N 80 -36.93 -76.23 -137.46
C ASP N 80 -38.14 -76.52 -138.33
N GLY N 81 -38.52 -75.57 -139.18
CA GLY N 81 -39.56 -75.75 -140.17
C GLY N 81 -40.94 -75.50 -139.60
N ILE N 82 -40.98 -75.00 -138.37
CA ILE N 82 -42.22 -74.66 -137.69
C ILE N 82 -42.70 -73.25 -138.02
N ASN N 83 -43.99 -73.13 -138.32
CA ASN N 83 -44.65 -71.85 -138.55
C ASN N 83 -44.84 -71.14 -137.22
N THR N 84 -44.02 -70.11 -137.02
CA THR N 84 -43.99 -69.39 -135.75
C THR N 84 -44.97 -68.23 -135.65
N ALA N 85 -45.64 -67.87 -136.73
CA ALA N 85 -46.65 -66.82 -136.70
C ALA N 85 -47.69 -66.94 -135.56
N GLY N 86 -47.50 -67.90 -134.66
CA GLY N 86 -48.41 -68.07 -133.55
C GLY N 86 -47.71 -68.21 -132.21
N VAL N 87 -46.39 -68.07 -132.18
CA VAL N 87 -45.70 -67.93 -130.90
C VAL N 87 -45.58 -66.45 -130.67
N LYS N 88 -46.36 -65.96 -129.71
CA LYS N 88 -46.44 -64.54 -129.42
C LYS N 88 -45.52 -64.25 -128.23
N LEU N 89 -44.88 -63.08 -128.27
CA LEU N 89 -43.96 -62.68 -127.21
C LEU N 89 -44.72 -61.92 -126.14
N GLN N 90 -44.63 -62.40 -124.90
CA GLN N 90 -45.25 -61.67 -123.79
C GLN N 90 -44.23 -60.74 -123.15
N PRO N 91 -44.57 -59.44 -123.08
CA PRO N 91 -43.68 -58.39 -122.59
C PRO N 91 -43.72 -58.38 -121.10
N ASN N 92 -42.63 -57.95 -120.47
CA ASN N 92 -42.50 -58.00 -119.01
C ASN N 92 -42.92 -59.33 -118.41
N CYS N 93 -42.78 -60.40 -119.18
CA CYS N 93 -43.12 -61.68 -118.66
C CYS N 93 -42.04 -62.62 -119.14
N PRO N 94 -41.56 -63.48 -118.27
CA PRO N 94 -40.54 -64.43 -118.73
C PRO N 94 -41.14 -65.74 -119.26
N THR N 95 -40.30 -66.63 -119.81
CA THR N 95 -40.77 -67.92 -120.34
C THR N 95 -40.99 -68.89 -119.18
N GLY N 96 -41.86 -69.88 -119.40
CA GLY N 96 -42.21 -70.82 -118.35
C GLY N 96 -40.99 -71.60 -117.91
N ILE N 97 -41.08 -72.22 -116.75
CA ILE N 97 -39.87 -72.80 -116.17
C ILE N 97 -40.10 -74.11 -115.40
N ALA N 98 -39.03 -74.87 -115.24
CA ALA N 98 -39.05 -76.10 -114.45
C ALA N 98 -37.70 -76.23 -113.81
N MET N 99 -37.67 -76.35 -112.49
CA MET N 99 -36.40 -76.45 -111.79
C MET N 99 -36.22 -77.85 -111.21
N ILE N 100 -35.28 -78.55 -111.81
CA ILE N 100 -35.10 -79.95 -111.59
C ILE N 100 -33.80 -80.27 -110.84
N GLN N 101 -33.92 -80.72 -109.58
CA GLN N 101 -32.74 -81.22 -108.88
C GLN N 101 -32.69 -82.77 -108.89
N VAL N 102 -31.71 -83.37 -109.58
CA VAL N 102 -31.64 -84.84 -109.64
C VAL N 102 -30.55 -85.43 -108.70
N SER N 103 -30.96 -86.12 -107.64
CA SER N 103 -30.00 -86.81 -106.78
C SER N 103 -29.97 -88.22 -107.33
N ASP N 104 -28.83 -88.77 -107.74
CA ASP N 104 -27.54 -88.83 -107.04
C ASP N 104 -27.62 -88.75 -105.51
N SER N 105 -28.41 -89.61 -104.86
CA SER N 105 -28.95 -90.85 -105.41
C SER N 105 -30.40 -91.01 -104.99
N GLY N 106 -31.30 -91.10 -105.97
CA GLY N 106 -32.72 -91.25 -105.69
C GLY N 106 -33.65 -90.57 -106.68
N GLU N 107 -34.57 -89.76 -106.14
CA GLU N 107 -35.59 -89.10 -106.96
C GLU N 107 -35.44 -87.58 -107.07
N ASN N 108 -35.89 -87.06 -108.21
CA ASN N 108 -35.74 -85.66 -108.53
C ASN N 108 -36.71 -84.76 -107.80
N SER N 109 -36.41 -83.47 -107.80
CA SER N 109 -37.31 -82.45 -107.28
C SER N 109 -37.60 -81.46 -108.39
N ILE N 110 -38.84 -81.47 -108.88
CA ILE N 110 -39.28 -80.59 -109.95
C ILE N 110 -40.28 -79.53 -109.51
N CYS N 111 -40.00 -78.30 -109.90
CA CYS N 111 -40.80 -77.13 -109.54
C CYS N 111 -41.19 -76.40 -110.81
N ILE N 112 -42.47 -76.16 -111.01
CA ILE N 112 -42.89 -75.57 -112.26
C ILE N 112 -43.44 -74.17 -112.07
N SER N 113 -43.12 -73.26 -112.98
CA SER N 113 -43.92 -72.06 -113.07
C SER N 113 -44.22 -71.77 -114.53
N ALA N 114 -45.47 -71.45 -114.80
CA ALA N 114 -45.97 -71.21 -116.15
C ALA N 114 -45.52 -69.90 -116.79
N GLU N 115 -44.77 -69.11 -116.03
CA GLU N 115 -44.41 -67.72 -116.35
C GLU N 115 -45.26 -67.02 -117.42
N ALA N 116 -45.03 -67.38 -118.68
CA ALA N 116 -45.77 -66.79 -119.80
C ALA N 116 -46.75 -67.79 -120.41
N ASN N 117 -46.54 -69.09 -120.17
CA ASN N 117 -47.47 -70.09 -120.71
C ASN N 117 -48.83 -69.82 -120.10
N ALA N 118 -48.82 -69.17 -118.94
CA ALA N 118 -50.06 -68.92 -118.24
C ALA N 118 -50.78 -67.79 -118.88
N LYS N 119 -50.16 -67.14 -119.84
CA LYS N 119 -50.85 -66.02 -120.46
C LYS N 119 -51.57 -66.46 -121.74
N LEU N 120 -51.55 -67.76 -122.05
CA LEU N 120 -52.20 -68.28 -123.25
C LEU N 120 -53.69 -68.51 -123.03
N THR N 121 -54.47 -67.45 -123.08
CA THR N 121 -55.85 -67.54 -122.71
C THR N 121 -56.75 -67.51 -123.92
N ALA N 122 -58.03 -67.73 -123.69
CA ALA N 122 -59.07 -67.65 -124.72
C ALA N 122 -58.99 -66.40 -125.59
N ALA N 123 -58.96 -65.25 -124.94
CA ALA N 123 -59.00 -63.99 -125.67
C ALA N 123 -57.68 -63.79 -126.36
N ALA N 124 -56.69 -64.59 -125.97
CA ALA N 124 -55.32 -64.51 -126.48
C ALA N 124 -55.09 -65.31 -127.79
N ILE N 125 -56.03 -66.16 -128.17
CA ILE N 125 -55.86 -66.99 -129.34
C ILE N 125 -56.68 -66.41 -130.48
N GLU N 126 -57.40 -65.33 -130.19
CA GLU N 126 -58.25 -64.69 -131.18
C GLU N 126 -57.68 -64.46 -132.60
N PRO N 127 -56.40 -64.04 -132.74
CA PRO N 127 -55.86 -63.90 -134.11
C PRO N 127 -55.49 -65.23 -134.74
N ASP N 128 -55.47 -66.29 -133.92
CA ASP N 128 -55.00 -67.61 -134.33
C ASP N 128 -56.11 -68.56 -134.77
N LEU N 129 -57.34 -68.34 -134.29
CA LEU N 129 -58.48 -69.17 -134.64
C LEU N 129 -58.53 -69.54 -136.11
N ALA N 130 -58.29 -68.56 -136.97
CA ALA N 130 -58.14 -68.78 -138.40
C ALA N 130 -57.28 -70.01 -138.65
N ALA N 131 -56.15 -70.10 -137.96
CA ALA N 131 -55.26 -71.26 -138.11
C ALA N 131 -55.89 -72.64 -137.70
N ILE N 132 -56.56 -72.68 -136.55
CA ILE N 132 -57.23 -73.89 -136.10
C ILE N 132 -58.30 -74.43 -137.05
N ARG N 133 -59.12 -73.58 -137.62
CA ARG N 133 -60.19 -74.09 -138.48
C ARG N 133 -59.65 -74.61 -139.81
N ASP N 134 -58.52 -74.08 -140.23
CA ASP N 134 -57.95 -74.46 -141.49
C ASP N 134 -56.99 -75.63 -141.32
N ALA N 135 -56.87 -76.15 -140.11
CA ALA N 135 -55.97 -77.28 -139.88
C ALA N 135 -56.70 -78.63 -139.89
N ARG N 136 -56.00 -79.70 -140.24
CA ARG N 136 -56.63 -81.01 -140.31
C ARG N 136 -56.54 -81.58 -138.90
N TYR N 137 -55.41 -81.35 -138.25
CA TYR N 137 -55.17 -81.80 -136.88
C TYR N 137 -54.56 -80.72 -135.93
N LEU N 138 -54.93 -80.85 -134.66
CA LEU N 138 -54.59 -79.87 -133.65
C LEU N 138 -54.20 -80.62 -132.40
N LEU N 139 -52.96 -80.45 -131.99
CA LEU N 139 -52.46 -81.24 -130.90
C LEU N 139 -52.32 -80.28 -129.70
N MET N 140 -52.72 -80.74 -128.52
CA MET N 140 -52.69 -79.94 -127.30
C MET N 140 -52.38 -80.82 -126.09
N GLN N 141 -51.81 -80.19 -125.09
CA GLN N 141 -51.46 -80.82 -123.84
C GLN N 141 -52.08 -79.99 -122.75
N LEU N 142 -51.69 -80.21 -121.49
CA LEU N 142 -52.39 -79.47 -120.46
C LEU N 142 -51.46 -78.60 -119.66
N GLU N 143 -50.45 -78.06 -120.32
CA GLU N 143 -49.51 -77.21 -119.63
C GLU N 143 -49.77 -75.71 -119.87
N THR N 144 -50.91 -75.37 -120.46
CA THR N 144 -51.31 -73.97 -120.62
C THR N 144 -52.70 -73.82 -120.06
N PRO N 145 -53.20 -72.58 -119.95
CA PRO N 145 -54.52 -72.52 -119.31
C PRO N 145 -55.61 -73.28 -120.06
N LEU N 146 -56.55 -73.76 -119.27
CA LEU N 146 -57.73 -74.50 -119.71
C LEU N 146 -58.59 -73.63 -120.58
N ASP N 147 -58.89 -72.44 -120.08
CA ASP N 147 -59.75 -71.48 -120.78
C ASP N 147 -59.46 -71.35 -122.30
N GLY N 148 -58.17 -71.39 -122.63
CA GLY N 148 -57.73 -71.24 -124.00
C GLY N 148 -57.83 -72.55 -124.76
N ILE N 149 -57.45 -73.63 -124.10
CA ILE N 149 -57.59 -74.98 -124.65
C ILE N 149 -59.01 -75.23 -125.12
N LEU N 150 -59.97 -75.09 -124.23
CA LEU N 150 -61.36 -75.25 -124.58
C LEU N 150 -61.76 -74.48 -125.83
N LYS N 151 -61.22 -73.29 -126.00
CA LYS N 151 -61.63 -72.50 -127.15
C LYS N 151 -61.25 -73.24 -128.41
N ALA N 152 -60.00 -73.68 -128.49
CA ALA N 152 -59.48 -74.35 -129.67
C ALA N 152 -60.27 -75.62 -129.93
N ALA N 153 -60.41 -76.42 -128.88
CA ALA N 153 -61.08 -77.69 -129.02
C ALA N 153 -62.44 -77.46 -129.68
N GLN N 154 -63.26 -76.56 -129.15
CA GLN N 154 -64.56 -76.23 -129.74
C GLN N 154 -64.46 -75.56 -131.11
N GLU N 155 -63.50 -74.66 -131.25
CA GLU N 155 -63.32 -73.89 -132.49
C GLU N 155 -62.86 -74.86 -133.53
N ALA N 156 -62.27 -75.95 -133.05
CA ALA N 156 -61.87 -77.08 -133.89
C ALA N 156 -63.09 -77.93 -134.32
N LYS N 157 -63.80 -78.50 -133.35
CA LYS N 157 -65.01 -79.29 -133.60
C LYS N 157 -65.95 -78.68 -134.63
N THR N 158 -66.29 -77.41 -134.48
CA THR N 158 -67.21 -76.79 -135.44
C THR N 158 -66.61 -76.55 -136.81
N ALA N 159 -65.31 -76.76 -136.98
CA ALA N 159 -64.67 -76.52 -138.27
C ALA N 159 -63.96 -77.79 -138.70
N LYS N 160 -64.61 -78.88 -138.35
CA LYS N 160 -64.23 -80.24 -138.66
C LYS N 160 -62.82 -80.70 -138.23
N THR N 161 -61.82 -79.83 -138.28
CA THR N 161 -60.47 -80.12 -137.78
C THR N 161 -60.42 -81.15 -136.63
N ASN N 162 -59.61 -82.20 -136.78
CA ASN N 162 -59.46 -83.22 -135.71
C ASN N 162 -58.82 -82.74 -134.44
N VAL N 163 -59.18 -83.34 -133.31
CA VAL N 163 -58.65 -82.90 -132.02
C VAL N 163 -57.96 -84.02 -131.21
N ILE N 164 -56.64 -83.90 -131.03
CA ILE N 164 -55.89 -84.83 -130.20
C ILE N 164 -55.38 -84.12 -128.96
N LEU N 165 -55.59 -84.73 -127.79
CA LEU N 165 -55.24 -84.11 -126.52
C LEU N 165 -54.50 -85.07 -125.63
N ASN N 166 -53.24 -84.77 -125.40
CA ASN N 166 -52.47 -85.46 -124.38
C ASN N 166 -52.85 -84.82 -123.05
N PRO N 167 -53.59 -85.53 -122.20
CA PRO N 167 -54.10 -84.91 -120.97
C PRO N 167 -53.00 -84.73 -119.90
N ALA N 168 -51.80 -84.46 -120.36
CA ALA N 168 -50.66 -84.25 -119.51
C ALA N 168 -50.45 -82.75 -119.41
N PRO N 169 -50.08 -82.27 -118.22
CA PRO N 169 -49.88 -83.12 -117.05
C PRO N 169 -51.22 -83.46 -116.45
N ALA N 170 -51.24 -84.52 -115.65
CA ALA N 170 -52.47 -85.06 -115.12
C ALA N 170 -53.32 -83.94 -114.49
N ARG N 171 -54.51 -83.73 -115.05
CA ARG N 171 -55.41 -82.70 -114.58
C ARG N 171 -56.80 -83.21 -114.65
N GLU N 172 -57.54 -83.03 -113.57
CA GLU N 172 -58.92 -83.46 -113.56
C GLU N 172 -59.61 -82.60 -114.58
N LEU N 173 -59.79 -83.13 -115.79
CA LEU N 173 -60.41 -82.35 -116.85
C LEU N 173 -61.90 -82.43 -116.78
N PRO N 174 -62.54 -81.37 -117.27
CA PRO N 174 -63.99 -81.28 -117.21
C PRO N 174 -64.56 -81.89 -118.49
N ASP N 175 -65.71 -82.57 -118.42
CA ASP N 175 -66.27 -83.16 -119.63
C ASP N 175 -66.77 -82.16 -120.67
N GLU N 176 -66.93 -80.90 -120.28
CA GLU N 176 -67.35 -79.86 -121.22
C GLU N 176 -66.27 -79.69 -122.29
N LEU N 177 -65.11 -80.23 -122.00
CA LEU N 177 -64.00 -80.16 -122.91
C LEU N 177 -63.91 -81.54 -123.55
N LEU N 178 -63.93 -82.58 -122.73
CA LEU N 178 -63.81 -83.96 -123.23
C LEU N 178 -64.76 -84.41 -124.34
N LYS N 179 -65.96 -83.84 -124.39
CA LYS N 179 -66.90 -84.22 -125.44
C LYS N 179 -66.58 -83.49 -126.77
N CYS N 180 -65.37 -82.94 -126.86
CA CYS N 180 -64.97 -82.12 -128.01
C CYS N 180 -63.64 -82.54 -128.65
N VAL N 181 -62.98 -83.52 -128.05
CA VAL N 181 -61.71 -84.03 -128.54
C VAL N 181 -61.96 -85.28 -129.37
N ASP N 182 -61.13 -85.58 -130.37
CA ASP N 182 -61.39 -86.79 -131.17
C ASP N 182 -60.61 -87.99 -130.68
N LEU N 183 -59.56 -87.74 -129.89
CA LEU N 183 -58.77 -88.83 -129.33
C LEU N 183 -57.87 -88.31 -128.20
N ILE N 184 -57.67 -89.15 -127.19
CA ILE N 184 -56.91 -88.77 -126.01
C ILE N 184 -55.79 -89.76 -125.83
N THR N 185 -54.65 -89.29 -125.34
CA THR N 185 -53.51 -90.17 -125.18
C THR N 185 -52.79 -90.19 -123.82
N PRO N 186 -53.55 -90.45 -122.74
CA PRO N 186 -53.03 -90.44 -121.36
C PRO N 186 -52.12 -91.63 -121.07
N ASN N 187 -51.70 -91.76 -119.82
CA ASN N 187 -50.99 -92.94 -119.35
C ASN N 187 -51.80 -93.59 -118.23
N GLU N 188 -51.34 -94.74 -117.73
CA GLU N 188 -52.03 -95.39 -116.61
C GLU N 188 -52.47 -94.41 -115.54
N THR N 189 -51.55 -93.52 -115.18
CA THR N 189 -51.77 -92.56 -114.12
C THR N 189 -52.74 -91.45 -114.55
N GLU N 190 -52.66 -91.05 -115.81
CA GLU N 190 -53.54 -90.00 -116.31
C GLU N 190 -54.93 -90.53 -116.58
N ALA N 191 -55.01 -91.78 -117.02
CA ALA N 191 -56.31 -92.39 -117.26
C ALA N 191 -57.14 -92.41 -115.97
N GLU N 192 -56.48 -92.73 -114.86
CA GLU N 192 -57.10 -92.80 -113.53
C GLU N 192 -57.63 -91.48 -112.98
N VAL N 193 -56.82 -90.46 -113.11
CA VAL N 193 -57.18 -89.15 -112.61
C VAL N 193 -58.36 -88.59 -113.38
N LEU N 194 -58.66 -89.21 -114.53
CA LEU N 194 -59.68 -88.72 -115.45
C LEU N 194 -61.02 -89.45 -115.39
N THR N 195 -61.06 -90.60 -114.71
CA THR N 195 -62.29 -91.39 -114.71
C THR N 195 -62.75 -91.74 -113.28
N GLY N 196 -62.25 -92.86 -112.79
CA GLY N 196 -62.55 -93.34 -111.45
C GLY N 196 -62.00 -94.74 -111.38
N ILE N 197 -61.48 -95.17 -112.53
CA ILE N 197 -60.94 -96.50 -112.70
C ILE N 197 -59.42 -96.46 -112.51
N THR N 198 -58.82 -97.60 -112.19
CA THR N 198 -57.37 -97.72 -112.01
C THR N 198 -56.78 -98.76 -112.98
N VAL N 199 -55.86 -98.34 -113.85
CA VAL N 199 -55.25 -99.26 -114.81
C VAL N 199 -54.05 -100.04 -114.30
N TYR N 200 -54.25 -101.35 -114.07
CA TYR N 200 -53.20 -102.25 -113.61
C TYR N 200 -53.13 -103.50 -114.49
N ASP N 201 -54.15 -103.69 -115.33
CA ASP N 201 -54.24 -104.88 -116.19
C ASP N 201 -54.81 -104.60 -117.58
N ASP N 202 -55.11 -105.70 -118.28
CA ASP N 202 -55.75 -105.68 -119.59
C ASP N 202 -57.18 -105.17 -119.51
N SER N 203 -57.92 -105.66 -118.52
CA SER N 203 -59.34 -105.37 -118.43
C SER N 203 -59.64 -103.95 -117.93
N SER N 204 -58.85 -103.47 -116.98
CA SER N 204 -59.07 -102.15 -116.39
C SER N 204 -58.86 -101.02 -117.39
N ALA N 205 -58.13 -101.32 -118.46
CA ALA N 205 -57.91 -100.32 -119.50
C ALA N 205 -59.17 -100.20 -120.35
N GLN N 206 -59.86 -101.32 -120.53
CA GLN N 206 -61.12 -101.34 -121.25
C GLN N 206 -62.16 -100.69 -120.35
N GLN N 207 -62.03 -100.93 -119.05
CA GLN N 207 -62.94 -100.38 -118.06
C GLN N 207 -62.77 -98.87 -117.94
N ALA N 208 -61.52 -98.41 -118.07
CA ALA N 208 -61.19 -96.99 -118.08
C ALA N 208 -61.85 -96.30 -119.28
N ALA N 209 -61.66 -96.91 -120.44
CA ALA N 209 -62.39 -96.51 -121.63
C ALA N 209 -63.87 -96.42 -121.29
N ASP N 210 -64.49 -97.56 -120.90
CA ASP N 210 -65.88 -97.59 -120.42
C ASP N 210 -66.24 -96.33 -119.63
N ALA N 211 -65.40 -95.97 -118.66
CA ALA N 211 -65.61 -94.76 -117.90
C ALA N 211 -65.48 -93.56 -118.81
N LEU N 212 -64.37 -93.48 -119.54
CA LEU N 212 -64.24 -92.44 -120.57
C LEU N 212 -65.23 -92.74 -121.69
N HIS N 213 -64.85 -92.48 -122.94
CA HIS N 213 -65.65 -92.87 -124.11
C HIS N 213 -67.07 -92.30 -124.10
N CYS N 214 -67.68 -92.32 -122.93
CA CYS N 214 -69.00 -91.78 -122.70
C CYS N 214 -69.00 -90.24 -122.85
N LYS N 215 -68.05 -89.76 -123.64
CA LYS N 215 -67.93 -88.38 -124.08
C LYS N 215 -67.40 -88.55 -125.50
N GLY N 216 -68.06 -87.94 -126.48
CA GLY N 216 -67.63 -87.86 -127.88
C GLY N 216 -66.21 -88.25 -128.32
N ILE N 217 -65.44 -88.93 -127.47
CA ILE N 217 -64.07 -89.26 -127.82
C ILE N 217 -64.06 -90.61 -128.50
N GLU N 218 -63.79 -90.57 -129.80
CA GLU N 218 -63.86 -91.74 -130.63
C GLU N 218 -62.77 -92.71 -130.21
N ILE N 219 -61.52 -92.27 -130.28
CA ILE N 219 -60.37 -93.13 -130.03
C ILE N 219 -59.72 -92.89 -128.67
N VAL N 220 -59.37 -93.94 -127.94
CA VAL N 220 -58.81 -93.75 -126.62
C VAL N 220 -57.56 -94.61 -126.46
N ILE N 221 -56.39 -94.00 -126.29
CA ILE N 221 -55.17 -94.82 -126.20
C ILE N 221 -54.41 -94.69 -124.88
N ILE N 222 -54.68 -95.60 -123.95
CA ILE N 222 -54.02 -95.60 -122.68
C ILE N 222 -52.66 -96.29 -122.80
N THR N 223 -51.59 -95.51 -122.77
CA THR N 223 -50.26 -96.11 -122.84
C THR N 223 -49.91 -96.83 -121.54
N LEU N 224 -49.30 -98.02 -121.63
CA LEU N 224 -48.94 -98.80 -120.45
C LEU N 224 -47.45 -99.00 -120.25
N GLY N 225 -46.67 -98.01 -120.66
CA GLY N 225 -45.23 -98.05 -120.55
C GLY N 225 -44.58 -99.18 -121.33
N SER N 226 -43.79 -100.01 -120.64
CA SER N 226 -43.04 -101.08 -121.27
C SER N 226 -43.98 -102.10 -121.85
N LYS N 227 -45.16 -102.20 -121.25
CA LYS N 227 -46.12 -103.21 -121.66
C LYS N 227 -46.83 -102.74 -122.91
N GLY N 228 -46.67 -101.45 -123.22
CA GLY N 228 -47.18 -100.90 -124.46
C GLY N 228 -48.23 -99.82 -124.34
N VAL N 229 -49.22 -99.90 -125.23
CA VAL N 229 -50.30 -98.94 -125.31
C VAL N 229 -51.58 -99.72 -125.56
N TRP N 230 -52.63 -99.36 -124.83
CA TRP N 230 -53.97 -99.91 -125.01
C TRP N 230 -54.86 -98.96 -125.83
N LEU N 231 -55.28 -99.40 -127.01
CA LEU N 231 -56.10 -98.60 -127.93
C LEU N 231 -57.57 -98.76 -127.57
N SER N 232 -58.48 -98.15 -128.33
CA SER N 232 -59.93 -98.33 -128.15
C SER N 232 -60.78 -97.48 -129.08
N GLN N 233 -61.12 -97.99 -130.25
CA GLN N 233 -61.97 -97.25 -131.18
C GLN N 233 -63.45 -97.39 -130.85
N ASN N 234 -63.97 -96.51 -130.01
CA ASN N 234 -65.40 -96.54 -129.67
C ASN N 234 -65.82 -97.80 -128.93
N GLY N 235 -64.91 -98.40 -128.17
CA GLY N 235 -65.22 -99.56 -127.36
C GLY N 235 -64.62 -100.94 -127.61
N ARG N 236 -63.46 -101.03 -128.25
CA ARG N 236 -62.85 -102.35 -128.40
C ARG N 236 -61.36 -102.36 -128.01
N GLY N 237 -61.16 -102.66 -126.73
CA GLY N 237 -59.86 -102.65 -126.10
C GLY N 237 -58.81 -103.51 -126.75
N GLN N 238 -58.44 -103.20 -128.00
CA GLN N 238 -57.37 -103.91 -128.66
C GLN N 238 -56.10 -103.63 -127.84
N ARG N 239 -54.99 -104.30 -128.08
CA ARG N 239 -53.77 -103.93 -127.37
C ARG N 239 -52.51 -104.04 -128.26
N ILE N 240 -51.62 -103.07 -128.16
CA ILE N 240 -50.36 -103.10 -128.91
C ILE N 240 -49.21 -103.05 -127.94
N PRO N 241 -48.45 -104.13 -127.86
CA PRO N 241 -47.34 -104.17 -126.92
C PRO N 241 -46.26 -103.23 -127.35
N GLY N 242 -45.38 -102.92 -126.43
CA GLY N 242 -44.30 -101.98 -126.65
C GLY N 242 -43.20 -102.48 -127.56
N PHE N 243 -42.08 -101.78 -127.50
CA PHE N 243 -40.91 -102.12 -128.30
C PHE N 243 -39.72 -102.47 -127.41
N VAL N 244 -38.73 -103.12 -128.03
CA VAL N 244 -37.47 -103.45 -127.38
C VAL N 244 -36.71 -102.16 -127.05
N VAL N 245 -36.88 -101.67 -125.83
CA VAL N 245 -36.34 -100.38 -125.48
C VAL N 245 -35.48 -100.49 -124.23
N LYS N 246 -34.74 -99.41 -123.97
CA LYS N 246 -33.81 -99.31 -122.84
C LYS N 246 -34.20 -98.19 -121.91
N ALA N 247 -33.58 -98.19 -120.73
CA ALA N 247 -34.04 -97.39 -119.60
C ALA N 247 -32.95 -96.45 -119.09
N THR N 248 -32.73 -95.38 -119.86
CA THR N 248 -31.71 -94.38 -119.58
C THR N 248 -32.35 -92.97 -119.66
N ASP N 249 -33.61 -92.89 -120.11
CA ASP N 249 -34.33 -91.61 -120.22
C ASP N 249 -35.87 -91.76 -120.42
N THR N 250 -36.69 -91.05 -119.63
CA THR N 250 -38.15 -91.21 -119.68
C THR N 250 -38.99 -89.92 -119.83
N THR N 251 -38.34 -88.76 -119.94
CA THR N 251 -39.05 -87.47 -120.00
C THR N 251 -40.03 -87.36 -121.18
N ALA N 252 -39.53 -86.88 -122.31
CA ALA N 252 -40.34 -86.55 -123.47
C ALA N 252 -40.72 -87.81 -124.24
N ALA N 253 -40.19 -88.95 -123.80
CA ALA N 253 -40.35 -90.23 -124.47
C ALA N 253 -41.74 -90.47 -125.07
N GLY N 254 -42.78 -90.12 -124.31
CA GLY N 254 -44.14 -90.09 -124.82
C GLY N 254 -44.49 -88.84 -125.61
N ASP N 255 -43.57 -87.88 -125.68
CA ASP N 255 -43.83 -86.63 -126.41
C ASP N 255 -43.29 -86.71 -127.82
N THR N 256 -42.19 -87.42 -128.02
CA THR N 256 -41.77 -87.60 -129.39
C THR N 256 -42.77 -88.58 -129.97
N PHE N 257 -43.09 -89.62 -129.20
CA PHE N 257 -44.22 -90.49 -129.52
C PHE N 257 -45.45 -89.69 -129.88
N ASN N 258 -45.96 -88.93 -128.92
CA ASN N 258 -47.22 -88.28 -129.15
C ASN N 258 -47.17 -87.41 -130.40
N GLY N 259 -45.99 -86.86 -130.66
CA GLY N 259 -45.77 -86.01 -131.82
C GLY N 259 -45.71 -86.74 -133.15
N ALA N 260 -45.03 -87.88 -133.18
CA ALA N 260 -44.83 -88.63 -134.41
C ALA N 260 -46.14 -89.35 -134.71
N LEU N 261 -46.78 -89.83 -133.66
CA LEU N 261 -48.07 -90.46 -133.81
C LEU N 261 -49.05 -89.63 -134.60
N VAL N 262 -49.16 -88.36 -134.29
CA VAL N 262 -50.10 -87.57 -135.04
C VAL N 262 -49.48 -87.25 -136.40
N THR N 263 -48.15 -87.19 -136.46
CA THR N 263 -47.45 -86.96 -137.73
C THR N 263 -47.81 -88.15 -138.60
N GLY N 264 -48.07 -89.27 -137.93
CA GLY N 264 -48.59 -90.46 -138.59
C GLY N 264 -49.94 -90.27 -139.26
N LEU N 265 -51.00 -90.10 -138.48
CA LEU N 265 -52.34 -90.03 -139.02
C LEU N 265 -52.48 -89.09 -140.25
N LEU N 266 -51.71 -87.99 -140.25
CA LEU N 266 -51.76 -87.00 -141.34
C LEU N 266 -51.22 -87.64 -142.59
N GLN N 267 -50.29 -88.55 -142.35
CA GLN N 267 -49.59 -89.22 -143.41
C GLN N 267 -50.35 -90.47 -143.80
N GLU N 268 -51.64 -90.49 -143.47
CA GLU N 268 -52.61 -91.49 -143.93
C GLU N 268 -52.50 -92.86 -143.25
N MET N 269 -51.56 -93.02 -142.33
CA MET N 269 -51.44 -94.23 -141.52
C MET N 269 -52.70 -94.54 -140.71
N PRO N 270 -53.03 -95.83 -140.55
CA PRO N 270 -54.06 -96.29 -139.62
C PRO N 270 -53.49 -96.34 -138.19
N LEU N 271 -54.38 -96.16 -137.21
CA LEU N 271 -54.00 -96.09 -135.80
C LEU N 271 -52.93 -97.08 -135.42
N GLU N 272 -53.25 -98.37 -135.49
CA GLU N 272 -52.30 -99.40 -135.11
C GLU N 272 -51.00 -99.34 -135.91
N SER N 273 -51.07 -98.84 -137.15
CA SER N 273 -49.86 -98.72 -137.94
C SER N 273 -49.15 -97.45 -137.50
N ALA N 274 -49.93 -96.39 -137.28
CA ALA N 274 -49.38 -95.11 -136.81
C ALA N 274 -48.75 -95.18 -135.42
N ILE N 275 -49.37 -95.92 -134.51
CA ILE N 275 -48.78 -96.17 -133.20
C ILE N 275 -47.39 -96.83 -133.29
N LYS N 276 -47.18 -97.71 -134.27
CA LYS N 276 -45.87 -98.37 -134.38
C LYS N 276 -44.78 -97.43 -134.88
N PHE N 277 -45.10 -96.67 -135.92
CA PHE N 277 -44.24 -95.59 -136.38
C PHE N 277 -43.85 -94.83 -135.15
N ALA N 278 -44.86 -94.38 -134.43
CA ALA N 278 -44.68 -93.74 -133.14
C ALA N 278 -43.80 -94.52 -132.14
N HIS N 279 -44.14 -95.79 -131.90
CA HIS N 279 -43.39 -96.67 -131.01
C HIS N 279 -41.89 -96.73 -131.34
N ALA N 280 -41.55 -96.46 -132.59
CA ALA N 280 -40.17 -96.42 -133.04
C ALA N 280 -39.56 -95.13 -132.55
N ALA N 281 -40.18 -94.00 -132.91
CA ALA N 281 -39.76 -92.70 -132.43
C ALA N 281 -39.54 -92.73 -130.92
N ALA N 282 -40.43 -93.36 -130.16
CA ALA N 282 -40.24 -93.48 -128.73
C ALA N 282 -38.99 -94.33 -128.45
N ALA N 283 -38.88 -95.44 -129.18
CA ALA N 283 -37.73 -96.33 -129.03
C ALA N 283 -36.45 -95.66 -129.53
N ILE N 284 -36.60 -94.46 -130.11
CA ILE N 284 -35.46 -93.61 -130.41
C ILE N 284 -35.68 -92.28 -129.68
N SER N 285 -36.75 -92.16 -128.91
CA SER N 285 -36.93 -90.94 -128.12
C SER N 285 -35.85 -90.94 -127.07
N VAL N 286 -35.77 -92.05 -126.37
CA VAL N 286 -34.72 -92.26 -125.40
C VAL N 286 -33.37 -92.34 -126.10
N THR N 287 -33.37 -92.79 -127.37
CA THR N 287 -32.17 -93.05 -128.18
C THR N 287 -30.99 -93.34 -127.28
N ARG N 288 -30.42 -92.23 -126.85
CA ARG N 288 -29.33 -92.16 -125.88
C ARG N 288 -29.38 -90.68 -125.47
N PHE N 289 -29.41 -90.41 -124.16
CA PHE N 289 -29.48 -89.03 -123.65
C PHE N 289 -30.72 -88.23 -124.09
N GLY N 290 -31.84 -88.38 -123.38
CA GLY N 290 -33.04 -87.63 -123.73
C GLY N 290 -32.92 -86.16 -123.36
N ALA N 291 -33.76 -85.31 -123.98
CA ALA N 291 -33.73 -83.83 -123.83
C ALA N 291 -34.66 -83.14 -124.83
N GLN N 292 -34.06 -82.38 -125.74
CA GLN N 292 -34.76 -81.80 -126.90
C GLN N 292 -33.75 -81.70 -128.02
N THR N 293 -32.61 -82.32 -127.76
CA THR N 293 -31.56 -82.51 -128.74
C THR N 293 -31.68 -84.02 -129.11
N SER N 294 -32.30 -84.78 -128.21
CA SER N 294 -32.69 -86.17 -128.44
C SER N 294 -34.05 -86.35 -129.12
N ILE N 295 -34.08 -86.26 -130.45
CA ILE N 295 -35.32 -86.39 -131.24
C ILE N 295 -34.98 -86.66 -132.70
N PRO N 296 -35.47 -87.79 -133.23
CA PRO N 296 -35.01 -88.34 -134.49
C PRO N 296 -35.71 -87.78 -135.75
N THR N 297 -35.13 -88.04 -136.92
CA THR N 297 -35.67 -87.57 -138.19
C THR N 297 -36.67 -88.56 -138.74
N ARG N 298 -37.37 -88.20 -139.81
CA ARG N 298 -38.31 -89.14 -140.44
C ARG N 298 -37.59 -90.38 -140.95
N ALA N 299 -36.60 -90.15 -141.81
CA ALA N 299 -35.82 -91.25 -142.38
C ALA N 299 -35.20 -92.16 -141.34
N GLU N 300 -34.54 -91.58 -140.35
CA GLU N 300 -33.83 -92.38 -139.36
C GLU N 300 -34.83 -93.24 -138.62
N VAL N 301 -36.03 -92.72 -138.35
CA VAL N 301 -37.03 -93.56 -137.72
C VAL N 301 -37.51 -94.60 -138.68
N GLU N 302 -37.82 -94.22 -139.91
CA GLU N 302 -38.31 -95.21 -140.88
C GLU N 302 -37.25 -96.30 -141.05
N ALA N 303 -36.00 -95.88 -141.06
CA ALA N 303 -34.90 -96.82 -141.04
C ALA N 303 -35.08 -97.82 -139.89
N PHE N 304 -35.45 -97.33 -138.72
CA PHE N 304 -35.59 -98.17 -137.53
C PHE N 304 -36.56 -99.29 -137.81
N LEU N 305 -37.72 -98.91 -138.34
CA LEU N 305 -38.76 -99.85 -138.72
C LEU N 305 -38.25 -100.93 -139.66
N ALA N 306 -37.44 -100.51 -140.63
CA ALA N 306 -36.89 -101.44 -141.61
C ALA N 306 -36.10 -102.57 -140.94
N GLU N 307 -35.19 -102.22 -140.03
CA GLU N 307 -34.37 -103.17 -139.28
C GLU N 307 -35.18 -104.02 -138.32
N HIS N 308 -36.42 -103.64 -138.09
CA HIS N 308 -37.22 -104.35 -137.11
C HIS N 308 -38.20 -105.33 -137.72
N SER N 309 -38.21 -106.50 -137.09
CA SER N 309 -38.96 -107.67 -137.52
C SER N 309 -39.12 -108.63 -136.33
N MET O 4 -37.38 -10.20 -89.09
CA MET O 4 -36.22 -11.07 -88.96
C MET O 4 -35.85 -11.48 -87.53
N ASN O 5 -36.70 -12.35 -86.96
CA ASN O 5 -36.70 -12.79 -85.55
C ASN O 5 -35.42 -12.65 -84.76
N LYS O 6 -35.56 -12.19 -83.53
CA LYS O 6 -34.42 -12.03 -82.65
C LYS O 6 -34.09 -13.45 -82.24
N LEU O 7 -35.13 -14.25 -82.04
CA LEU O 7 -34.96 -15.58 -81.52
C LEU O 7 -35.31 -16.64 -82.55
N VAL O 8 -34.50 -17.69 -82.53
CA VAL O 8 -34.64 -18.79 -83.43
C VAL O 8 -34.56 -20.05 -82.61
N VAL O 9 -35.56 -20.92 -82.79
CA VAL O 9 -35.55 -22.27 -82.21
C VAL O 9 -35.29 -23.23 -83.36
N LEU O 10 -34.49 -24.24 -83.13
CA LEU O 10 -34.17 -25.20 -84.17
C LEU O 10 -34.48 -26.54 -83.53
N GLY O 11 -35.53 -27.20 -84.01
CA GLY O 11 -35.90 -28.46 -83.40
C GLY O 11 -37.02 -29.31 -83.95
N SER O 12 -37.44 -30.23 -83.10
CA SER O 12 -38.37 -31.27 -83.47
C SER O 12 -39.81 -30.88 -83.17
N VAL O 13 -40.71 -31.20 -84.08
CA VAL O 13 -42.13 -31.19 -83.74
C VAL O 13 -42.56 -32.68 -83.83
N ASN O 14 -43.36 -33.15 -82.88
CA ASN O 14 -43.75 -34.54 -82.81
C ASN O 14 -45.22 -34.66 -82.63
N ALA O 15 -45.63 -35.76 -82.05
CA ALA O 15 -47.01 -35.97 -81.67
C ALA O 15 -47.07 -37.24 -80.81
N ASP O 16 -47.70 -37.15 -79.65
CA ASP O 16 -47.72 -38.30 -78.77
C ASP O 16 -49.06 -39.00 -78.97
N HIS O 17 -48.99 -40.19 -79.57
CA HIS O 17 -50.18 -41.00 -79.84
C HIS O 17 -50.40 -41.94 -78.65
N VAL O 18 -51.25 -41.49 -77.75
CA VAL O 18 -51.43 -42.11 -76.44
C VAL O 18 -52.73 -42.84 -76.36
N LEU O 19 -52.69 -43.99 -75.69
CA LEU O 19 -53.87 -44.80 -75.52
C LEU O 19 -53.84 -45.49 -74.15
N GLN O 20 -54.93 -45.39 -73.42
CA GLN O 20 -55.01 -46.01 -72.11
C GLN O 20 -55.47 -47.46 -72.26
N VAL O 21 -54.60 -48.36 -71.82
CA VAL O 21 -54.76 -49.79 -72.00
C VAL O 21 -54.99 -50.44 -70.64
N PRO O 22 -55.61 -51.64 -70.60
CA PRO O 22 -55.95 -52.30 -69.32
C PRO O 22 -54.80 -53.02 -68.62
N SER O 23 -53.96 -53.74 -69.37
CA SER O 23 -52.81 -54.41 -68.79
C SER O 23 -51.51 -53.99 -69.48
N PHE O 24 -50.90 -54.96 -70.16
CA PHE O 24 -49.68 -54.75 -70.93
C PHE O 24 -49.59 -55.94 -71.89
N PRO O 25 -49.39 -55.67 -73.19
CA PRO O 25 -49.40 -56.84 -74.07
C PRO O 25 -48.06 -57.56 -74.10
N ARG O 26 -48.07 -58.85 -73.78
CA ARG O 26 -46.91 -59.67 -74.04
C ARG O 26 -47.13 -59.99 -75.51
N PRO O 27 -46.08 -60.37 -76.23
CA PRO O 27 -46.37 -60.58 -77.65
C PRO O 27 -47.28 -61.79 -77.93
N GLY O 28 -47.57 -62.02 -79.20
CA GLY O 28 -48.41 -63.13 -79.64
C GLY O 28 -49.91 -62.98 -79.43
N GLU O 29 -50.35 -61.81 -78.96
CA GLU O 29 -51.75 -61.59 -78.61
C GLU O 29 -52.06 -60.08 -78.48
N THR O 30 -53.35 -59.74 -78.60
CA THR O 30 -53.80 -58.36 -78.70
C THR O 30 -54.66 -57.90 -77.53
N LEU O 31 -54.75 -56.57 -77.38
CA LEU O 31 -55.39 -55.88 -76.24
C LEU O 31 -56.43 -54.82 -76.64
N HIS O 32 -57.48 -54.68 -75.84
CA HIS O 32 -58.47 -53.64 -76.07
C HIS O 32 -58.13 -52.42 -75.21
N GLY O 33 -57.97 -51.28 -75.85
CA GLY O 33 -57.54 -50.07 -75.16
C GLY O 33 -58.63 -49.03 -75.04
N ARG O 34 -58.30 -47.87 -74.45
CA ARG O 34 -59.28 -46.84 -74.14
C ARG O 34 -58.75 -45.43 -74.28
N ASN O 35 -59.67 -44.49 -74.51
CA ASN O 35 -59.42 -43.06 -74.53
C ASN O 35 -58.22 -42.71 -75.41
N TYR O 36 -58.43 -42.59 -76.72
CA TYR O 36 -57.36 -42.24 -77.64
C TYR O 36 -57.01 -40.75 -77.53
N GLN O 37 -55.71 -40.43 -77.49
CA GLN O 37 -55.30 -39.03 -77.48
C GLN O 37 -54.05 -38.74 -78.33
N VAL O 38 -54.18 -37.79 -79.27
CA VAL O 38 -53.05 -37.25 -80.04
C VAL O 38 -52.74 -35.82 -79.61
N ILE O 39 -51.60 -35.65 -78.96
CA ILE O 39 -51.24 -34.35 -78.45
C ILE O 39 -49.96 -33.89 -79.10
N PRO O 40 -49.98 -32.73 -79.76
CA PRO O 40 -48.78 -32.22 -80.43
C PRO O 40 -47.66 -32.11 -79.44
N GLY O 41 -46.43 -32.41 -79.85
CA GLY O 41 -45.35 -32.48 -78.89
C GLY O 41 -43.97 -32.22 -79.44
N GLY O 42 -42.98 -32.80 -78.75
CA GLY O 42 -41.60 -32.62 -79.13
C GLY O 42 -40.99 -31.46 -78.40
N LYS O 43 -39.81 -31.67 -77.84
CA LYS O 43 -39.07 -30.65 -77.11
C LYS O 43 -39.00 -29.36 -77.92
N GLY O 44 -38.29 -29.41 -79.04
CA GLY O 44 -38.16 -28.28 -79.96
C GLY O 44 -39.40 -27.43 -80.20
N ALA O 45 -40.59 -28.03 -80.11
CA ALA O 45 -41.82 -27.28 -80.32
C ALA O 45 -42.57 -27.02 -79.02
N ASN O 46 -41.92 -27.28 -77.90
CA ASN O 46 -42.47 -26.86 -76.63
C ASN O 46 -41.78 -25.55 -76.21
N GLN O 47 -40.47 -25.52 -76.40
CA GLN O 47 -39.71 -24.33 -76.11
C GLN O 47 -40.19 -23.21 -77.03
N ALA O 48 -40.48 -23.52 -78.29
CA ALA O 48 -40.87 -22.47 -79.20
C ALA O 48 -42.31 -22.01 -78.98
N VAL O 49 -43.15 -22.91 -78.50
CA VAL O 49 -44.51 -22.55 -78.12
C VAL O 49 -44.42 -21.84 -76.78
N ALA O 50 -43.42 -22.20 -75.97
CA ALA O 50 -43.16 -21.44 -74.75
C ALA O 50 -42.82 -20.01 -75.16
N ALA O 51 -41.76 -19.84 -75.95
CA ALA O 51 -41.34 -18.52 -76.44
C ALA O 51 -42.53 -17.71 -76.93
N ALA O 52 -43.44 -18.41 -77.61
CA ALA O 52 -44.67 -17.87 -78.17
C ALA O 52 -45.69 -17.31 -77.15
N ARG O 53 -45.78 -17.91 -75.96
CA ARG O 53 -46.71 -17.40 -74.94
C ARG O 53 -46.12 -16.12 -74.37
N MET O 54 -44.79 -16.08 -74.36
CA MET O 54 -44.06 -14.91 -73.92
C MET O 54 -43.66 -14.05 -75.11
N GLN O 55 -44.49 -14.06 -76.16
CA GLN O 55 -44.43 -13.11 -77.25
C GLN O 55 -43.05 -12.57 -77.67
N ALA O 56 -42.08 -13.46 -77.90
CA ALA O 56 -40.74 -13.04 -78.29
C ALA O 56 -40.68 -12.94 -79.81
N ASP O 57 -39.65 -12.34 -80.39
CA ASP O 57 -39.53 -12.32 -81.84
C ASP O 57 -38.83 -13.60 -82.29
N VAL O 58 -39.60 -14.69 -82.41
CA VAL O 58 -39.06 -16.04 -82.64
C VAL O 58 -39.47 -16.69 -83.98
N GLY O 59 -38.53 -17.43 -84.57
CA GLY O 59 -38.81 -18.27 -85.74
C GLY O 59 -38.47 -19.74 -85.47
N PHE O 60 -39.12 -20.66 -86.19
CA PHE O 60 -38.92 -22.10 -85.95
C PHE O 60 -38.21 -22.77 -87.12
N ILE O 61 -37.32 -23.69 -86.80
CA ILE O 61 -36.61 -24.47 -87.80
C ILE O 61 -36.91 -25.88 -87.43
N ALA O 62 -37.65 -26.56 -88.29
CA ALA O 62 -38.00 -27.93 -88.04
C ALA O 62 -38.26 -28.59 -89.36
N CYS O 63 -38.28 -29.91 -89.33
CA CYS O 63 -38.70 -30.67 -90.48
C CYS O 63 -39.89 -31.51 -90.02
N VAL O 64 -41.03 -31.25 -90.63
CA VAL O 64 -42.21 -32.06 -90.40
C VAL O 64 -42.68 -32.63 -91.72
N GLY O 65 -43.63 -33.55 -91.66
CA GLY O 65 -44.12 -34.20 -92.86
C GLY O 65 -45.32 -33.56 -93.52
N ASP O 66 -45.80 -34.20 -94.58
CA ASP O 66 -47.04 -33.78 -95.22
C ASP O 66 -48.27 -34.47 -94.68
N ASP O 67 -48.18 -35.19 -93.57
CA ASP O 67 -49.43 -35.77 -93.08
C ASP O 67 -50.34 -34.62 -92.74
N SER O 68 -51.64 -34.88 -92.72
CA SER O 68 -52.63 -33.83 -92.55
C SER O 68 -52.30 -33.11 -91.25
N PHE O 69 -51.69 -33.84 -90.32
CA PHE O 69 -51.15 -33.24 -89.12
C PHE O 69 -50.03 -32.25 -89.45
N GLY O 70 -48.90 -32.78 -89.90
CA GLY O 70 -47.75 -31.98 -90.28
C GLY O 70 -48.07 -30.64 -90.93
N ILE O 71 -49.12 -30.57 -91.74
CA ILE O 71 -49.54 -29.27 -92.27
C ILE O 71 -50.43 -28.58 -91.24
N ASN O 72 -51.38 -29.31 -90.68
CA ASN O 72 -52.31 -28.73 -89.70
C ASN O 72 -51.63 -28.46 -88.37
N ILE O 73 -50.31 -28.31 -88.39
CA ILE O 73 -49.55 -28.05 -87.17
C ILE O 73 -48.58 -26.89 -87.41
N ARG O 74 -48.08 -26.76 -88.64
CA ARG O 74 -47.25 -25.62 -89.03
C ARG O 74 -48.14 -24.37 -89.00
N GLU O 75 -49.46 -24.58 -88.96
CA GLU O 75 -50.40 -23.47 -88.82
C GLU O 75 -50.60 -23.13 -87.34
N SER O 76 -50.69 -24.14 -86.48
CA SER O 76 -50.79 -23.91 -85.03
C SER O 76 -49.46 -23.44 -84.43
N PHE O 77 -48.67 -22.79 -85.28
CA PHE O 77 -47.46 -22.10 -84.88
C PHE O 77 -47.63 -20.62 -85.27
N LYS O 78 -48.11 -20.41 -86.49
CA LYS O 78 -48.40 -19.06 -86.95
C LYS O 78 -49.39 -18.38 -86.03
N LEU O 79 -50.27 -19.19 -85.46
CA LEU O 79 -51.31 -18.71 -84.59
C LEU O 79 -50.83 -18.56 -83.16
N ASP O 80 -49.56 -18.85 -82.91
CA ASP O 80 -48.98 -18.53 -81.61
C ASP O 80 -47.85 -17.51 -81.73
N GLY O 81 -47.56 -17.09 -82.95
CA GLY O 81 -46.50 -16.13 -83.25
C GLY O 81 -45.12 -16.64 -83.65
N ILE O 82 -44.97 -17.93 -83.91
CA ILE O 82 -43.69 -18.43 -84.41
C ILE O 82 -43.60 -18.19 -85.93
N ASN O 83 -42.49 -17.62 -86.40
CA ASN O 83 -42.32 -17.42 -87.83
C ASN O 83 -42.04 -18.70 -88.58
N THR O 84 -43.01 -19.13 -89.40
CA THR O 84 -42.91 -20.39 -90.13
C THR O 84 -41.75 -20.56 -91.09
N ALA O 85 -41.66 -19.71 -92.12
CA ALA O 85 -40.57 -19.69 -93.11
C ALA O 85 -39.51 -20.79 -93.01
N GLY O 86 -39.07 -21.10 -91.80
CA GLY O 86 -38.12 -22.18 -91.57
C GLY O 86 -38.71 -23.53 -91.19
N VAL O 87 -40.04 -23.67 -91.21
CA VAL O 87 -40.64 -25.00 -91.09
C VAL O 87 -40.87 -25.47 -92.47
N LYS O 88 -40.12 -26.47 -92.88
CA LYS O 88 -40.25 -26.99 -94.22
C LYS O 88 -41.05 -28.29 -94.19
N LEU O 89 -41.83 -28.54 -95.23
CA LEU O 89 -42.60 -29.78 -95.30
C LEU O 89 -41.79 -30.82 -96.05
N GLN O 90 -41.61 -31.98 -95.41
CA GLN O 90 -40.83 -33.06 -95.97
C GLN O 90 -41.77 -33.93 -96.79
N PRO O 91 -41.44 -34.20 -98.07
CA PRO O 91 -42.43 -34.84 -98.92
C PRO O 91 -42.50 -36.34 -98.68
N ASN O 92 -43.71 -36.88 -98.64
CA ASN O 92 -43.97 -38.29 -98.30
C ASN O 92 -43.01 -38.85 -97.21
N CYS O 93 -42.77 -37.99 -96.21
CA CYS O 93 -42.07 -38.33 -94.98
C CYS O 93 -43.08 -37.87 -93.99
N PRO O 94 -43.38 -38.68 -92.99
CA PRO O 94 -44.39 -38.21 -92.04
C PRO O 94 -43.77 -37.40 -90.90
N THR O 95 -44.57 -36.70 -90.12
CA THR O 95 -44.00 -35.94 -89.02
C THR O 95 -43.68 -36.91 -87.91
N GLY O 96 -42.82 -36.52 -86.98
CA GLY O 96 -42.35 -37.43 -85.95
C GLY O 96 -43.49 -37.90 -85.08
N ILE O 97 -43.28 -39.01 -84.37
CA ILE O 97 -44.37 -39.69 -83.68
C ILE O 97 -43.89 -40.37 -82.39
N ALA O 98 -44.85 -40.63 -81.53
CA ALA O 98 -44.59 -41.37 -80.32
C ALA O 98 -45.82 -42.21 -80.07
N MET O 99 -45.61 -43.50 -79.85
CA MET O 99 -46.72 -44.39 -79.55
C MET O 99 -46.64 -44.73 -78.08
N ILE O 100 -47.53 -44.13 -77.30
CA ILE O 100 -47.44 -44.17 -75.85
C ILE O 100 -48.52 -45.11 -75.34
N GLN O 101 -48.10 -46.25 -74.85
CA GLN O 101 -49.03 -47.19 -74.22
C GLN O 101 -49.01 -46.86 -72.75
N VAL O 102 -50.18 -46.55 -72.20
CA VAL O 102 -50.30 -46.14 -70.81
C VAL O 102 -49.95 -47.30 -69.89
N SER O 103 -49.33 -47.00 -68.76
CA SER O 103 -48.99 -48.02 -67.76
C SER O 103 -50.22 -48.86 -67.52
N ASP O 104 -51.17 -48.25 -66.81
CA ASP O 104 -52.37 -48.90 -66.29
C ASP O 104 -52.26 -50.42 -66.12
N SER O 105 -51.29 -50.88 -65.30
CA SER O 105 -50.59 -50.04 -64.35
C SER O 105 -49.10 -50.28 -64.48
N GLY O 106 -48.40 -50.18 -63.36
CA GLY O 106 -46.96 -50.40 -63.36
C GLY O 106 -46.24 -49.34 -64.17
N GLU O 107 -45.48 -49.77 -65.17
CA GLU O 107 -44.69 -48.87 -66.00
C GLU O 107 -45.28 -48.78 -67.41
N ASN O 108 -44.69 -47.92 -68.25
CA ASN O 108 -45.23 -47.58 -69.56
C ASN O 108 -44.49 -48.15 -70.76
N SER O 109 -45.13 -48.05 -71.91
CA SER O 109 -44.52 -48.43 -73.18
C SER O 109 -44.47 -47.20 -74.07
N ILE O 110 -43.26 -46.67 -74.25
CA ILE O 110 -43.02 -45.50 -75.09
C ILE O 110 -42.20 -45.88 -76.32
N CYS O 111 -42.68 -45.53 -77.51
CA CYS O 111 -42.00 -45.86 -78.76
C CYS O 111 -41.91 -44.60 -79.62
N ILE O 112 -40.69 -44.21 -79.99
CA ILE O 112 -40.45 -42.96 -80.70
C ILE O 112 -39.91 -43.17 -82.10
N SER O 113 -40.35 -42.37 -83.07
CA SER O 113 -39.63 -42.35 -84.33
C SER O 113 -39.27 -40.94 -84.73
N ALA O 114 -38.07 -40.77 -85.26
CA ALA O 114 -37.66 -39.44 -85.66
C ALA O 114 -38.39 -39.03 -86.96
N GLU O 115 -39.10 -39.98 -87.55
CA GLU O 115 -39.66 -39.83 -88.91
C GLU O 115 -39.09 -38.65 -89.69
N ALA O 116 -39.88 -37.59 -89.83
CA ALA O 116 -39.42 -36.39 -90.55
C ALA O 116 -38.40 -35.54 -89.81
N ASN O 117 -38.39 -35.58 -88.48
CA ASN O 117 -37.50 -34.66 -87.77
C ASN O 117 -36.05 -34.95 -88.05
N ALA O 118 -35.77 -36.19 -88.42
CA ALA O 118 -34.40 -36.58 -88.64
C ALA O 118 -33.87 -36.09 -89.97
N LYS O 119 -34.71 -35.40 -90.73
CA LYS O 119 -34.33 -34.90 -92.04
C LYS O 119 -33.70 -33.50 -91.95
N LEU O 120 -33.58 -33.02 -90.71
CA LEU O 120 -32.96 -31.73 -90.41
C LEU O 120 -31.44 -31.83 -90.34
N THR O 121 -30.82 -31.79 -91.51
CA THR O 121 -29.39 -31.94 -91.62
C THR O 121 -28.77 -30.57 -91.83
N ALA O 122 -27.44 -30.51 -91.85
CA ALA O 122 -26.69 -29.29 -92.15
C ALA O 122 -27.03 -28.63 -93.49
N ALA O 123 -27.71 -29.36 -94.37
CA ALA O 123 -28.04 -28.86 -95.71
C ALA O 123 -29.53 -28.56 -95.79
N ALA O 124 -30.28 -29.02 -94.79
CA ALA O 124 -31.71 -28.81 -94.76
C ALA O 124 -31.95 -27.45 -94.19
N ILE O 125 -30.91 -26.92 -93.56
CA ILE O 125 -30.99 -25.62 -92.89
C ILE O 125 -30.21 -24.52 -93.61
N GLU O 126 -29.59 -24.86 -94.74
CA GLU O 126 -28.90 -23.86 -95.56
C GLU O 126 -29.71 -22.56 -95.79
N PRO O 127 -31.03 -22.66 -96.06
CA PRO O 127 -31.72 -21.38 -96.20
C PRO O 127 -31.97 -20.66 -94.88
N ASP O 128 -32.11 -21.42 -93.81
CA ASP O 128 -32.52 -20.84 -92.54
C ASP O 128 -31.29 -20.28 -91.81
N LEU O 129 -30.10 -20.62 -92.28
CA LEU O 129 -28.88 -20.01 -91.78
C LEU O 129 -28.85 -18.50 -91.67
N ALA O 130 -29.30 -17.81 -92.71
CA ALA O 130 -29.27 -16.34 -92.74
C ALA O 130 -29.85 -15.74 -91.47
N ALA O 131 -31.15 -15.96 -91.24
CA ALA O 131 -31.78 -15.41 -90.05
C ALA O 131 -31.23 -16.04 -88.75
N ILE O 132 -30.12 -16.79 -88.84
CA ILE O 132 -29.39 -17.24 -87.65
C ILE O 132 -28.38 -16.17 -87.38
N ARG O 133 -27.81 -15.66 -88.46
CA ARG O 133 -26.77 -14.64 -88.38
C ARG O 133 -27.43 -13.37 -87.90
N ASP O 134 -28.51 -12.99 -88.60
CA ASP O 134 -29.36 -11.84 -88.24
C ASP O 134 -30.19 -12.07 -86.96
N ALA O 135 -30.01 -13.22 -86.30
CA ALA O 135 -30.71 -13.48 -85.03
C ALA O 135 -29.83 -13.10 -83.85
N ARG O 136 -30.44 -12.71 -82.75
CA ARG O 136 -29.69 -12.32 -81.56
C ARG O 136 -29.42 -13.56 -80.72
N TYR O 137 -30.38 -14.49 -80.68
CA TYR O 137 -30.21 -15.74 -79.92
C TYR O 137 -30.61 -16.92 -80.79
N LEU O 138 -30.18 -18.12 -80.39
CA LEU O 138 -30.50 -19.38 -81.07
C LEU O 138 -30.75 -20.55 -80.09
N LEU O 139 -31.91 -21.20 -80.19
CA LEU O 139 -32.25 -22.24 -79.23
C LEU O 139 -32.33 -23.66 -79.81
N MET O 140 -31.74 -24.66 -79.15
CA MET O 140 -31.75 -26.03 -79.65
C MET O 140 -31.70 -27.07 -78.57
N GLN O 141 -32.21 -28.25 -78.88
CA GLN O 141 -32.19 -29.37 -77.96
C GLN O 141 -31.52 -30.56 -78.66
N LEU O 142 -31.63 -31.76 -78.09
CA LEU O 142 -30.93 -32.90 -78.66
C LEU O 142 -31.86 -34.01 -79.18
N GLU O 143 -33.01 -33.61 -79.73
CA GLU O 143 -33.91 -34.56 -80.38
C GLU O 143 -34.06 -34.33 -81.88
N THR O 144 -33.16 -33.57 -82.49
CA THR O 144 -33.12 -33.50 -83.96
C THR O 144 -31.66 -33.81 -84.36
N PRO O 145 -31.42 -34.08 -85.65
CA PRO O 145 -30.07 -34.52 -86.04
C PRO O 145 -28.92 -33.52 -85.79
N LEU O 146 -27.84 -34.05 -85.22
CA LEU O 146 -26.66 -33.32 -84.76
C LEU O 146 -25.89 -32.61 -85.86
N ASP O 147 -25.63 -33.31 -86.95
CA ASP O 147 -25.02 -32.69 -88.11
C ASP O 147 -25.68 -31.35 -88.42
N GLY O 148 -26.98 -31.23 -88.14
CA GLY O 148 -27.69 -29.98 -88.37
C GLY O 148 -27.54 -28.98 -87.25
N ILE O 149 -27.61 -29.51 -86.02
CA ILE O 149 -27.35 -28.78 -84.78
C ILE O 149 -25.99 -28.12 -84.83
N LEU O 150 -24.95 -28.92 -85.08
CA LEU O 150 -23.58 -28.42 -85.21
C LEU O 150 -23.43 -27.27 -86.26
N LYS O 151 -24.09 -27.36 -87.41
CA LYS O 151 -23.95 -26.31 -88.43
C LYS O 151 -24.60 -25.04 -87.97
N ALA O 152 -25.73 -25.16 -87.28
CA ALA O 152 -26.39 -23.99 -86.74
C ALA O 152 -25.41 -23.28 -85.81
N ALA O 153 -24.78 -24.03 -84.92
CA ALA O 153 -23.79 -23.50 -83.99
C ALA O 153 -22.63 -22.84 -84.71
N GLN O 154 -22.03 -23.51 -85.70
CA GLN O 154 -20.94 -22.87 -86.46
C GLN O 154 -21.43 -21.61 -87.15
N GLU O 155 -22.65 -21.66 -87.66
CA GLU O 155 -23.17 -20.51 -88.36
C GLU O 155 -23.44 -19.40 -87.38
N ALA O 156 -23.71 -19.77 -86.14
CA ALA O 156 -23.98 -18.83 -85.07
C ALA O 156 -22.69 -18.17 -84.62
N LYS O 157 -21.77 -19.02 -84.16
CA LYS O 157 -20.45 -18.60 -83.69
C LYS O 157 -19.80 -17.49 -84.52
N THR O 158 -19.80 -17.66 -85.83
CA THR O 158 -19.10 -16.74 -86.72
C THR O 158 -19.67 -15.32 -86.78
N ALA O 159 -20.94 -15.18 -86.41
CA ALA O 159 -21.64 -13.91 -86.56
C ALA O 159 -22.28 -13.52 -85.27
N LYS O 160 -21.54 -13.78 -84.19
CA LYS O 160 -21.93 -13.45 -82.82
C LYS O 160 -23.41 -13.59 -82.53
N THR O 161 -23.82 -14.84 -82.33
CA THR O 161 -25.18 -15.10 -81.97
C THR O 161 -25.12 -16.08 -80.80
N ASN O 162 -25.79 -15.72 -79.71
CA ASN O 162 -25.77 -16.55 -78.52
C ASN O 162 -26.32 -17.92 -78.82
N VAL O 163 -25.77 -18.95 -78.20
CA VAL O 163 -26.23 -20.28 -78.49
C VAL O 163 -26.69 -20.89 -77.20
N ILE O 164 -27.96 -21.23 -77.18
CA ILE O 164 -28.54 -21.86 -76.04
C ILE O 164 -28.89 -23.29 -76.40
N LEU O 165 -28.47 -24.22 -75.56
CA LEU O 165 -28.75 -25.61 -75.82
C LEU O 165 -29.22 -26.29 -74.57
N ASN O 166 -30.51 -26.61 -74.55
CA ASN O 166 -31.01 -27.50 -73.54
C ASN O 166 -30.62 -28.83 -74.11
N PRO O 167 -29.59 -29.48 -73.54
CA PRO O 167 -29.06 -30.70 -74.17
C PRO O 167 -29.98 -31.90 -73.99
N ALA O 168 -31.27 -31.68 -74.09
CA ALA O 168 -32.28 -32.70 -73.91
C ALA O 168 -32.81 -33.19 -75.25
N PRO O 169 -33.04 -34.52 -75.36
CA PRO O 169 -32.83 -35.53 -74.31
C PRO O 169 -31.39 -36.07 -74.19
N ALA O 170 -31.03 -36.49 -72.97
CA ALA O 170 -29.66 -36.87 -72.60
C ALA O 170 -29.00 -37.91 -73.48
N ARG O 171 -27.86 -37.56 -74.07
CA ARG O 171 -27.09 -38.48 -74.88
C ARG O 171 -25.67 -37.98 -74.89
N GLU O 172 -24.74 -38.73 -75.45
CA GLU O 172 -23.39 -38.21 -75.44
C GLU O 172 -23.30 -37.21 -76.58
N LEU O 173 -22.57 -36.14 -76.33
CA LEU O 173 -22.43 -35.06 -77.27
C LEU O 173 -20.97 -35.02 -77.68
N PRO O 174 -20.54 -34.03 -78.47
CA PRO O 174 -19.13 -34.13 -78.84
C PRO O 174 -18.22 -33.19 -78.07
N ASP O 175 -17.29 -32.58 -78.82
CA ASP O 175 -16.37 -31.60 -78.31
C ASP O 175 -16.58 -30.33 -79.11
N GLU O 176 -16.18 -30.40 -80.38
CA GLU O 176 -16.25 -29.28 -81.34
C GLU O 176 -17.58 -28.54 -81.35
N LEU O 177 -18.56 -29.07 -80.65
CA LEU O 177 -19.85 -28.42 -80.57
C LEU O 177 -19.99 -27.64 -79.28
N LEU O 178 -19.73 -28.31 -78.16
CA LEU O 178 -19.84 -27.65 -76.85
C LEU O 178 -19.04 -26.37 -76.73
N LYS O 179 -18.00 -26.19 -77.52
CA LYS O 179 -17.21 -24.97 -77.43
C LYS O 179 -17.95 -23.82 -78.10
N CYS O 180 -18.98 -24.18 -78.85
CA CYS O 180 -19.76 -23.23 -79.60
C CYS O 180 -21.10 -22.98 -78.92
N VAL O 181 -21.29 -23.61 -77.76
CA VAL O 181 -22.49 -23.37 -76.96
C VAL O 181 -22.21 -22.29 -75.89
N ASP O 182 -23.18 -21.40 -75.64
CA ASP O 182 -23.01 -20.29 -74.71
C ASP O 182 -23.73 -20.49 -73.39
N LEU O 183 -24.70 -21.39 -73.37
CA LEU O 183 -25.45 -21.61 -72.16
C LEU O 183 -26.05 -22.99 -72.36
N ILE O 184 -26.08 -23.75 -71.27
CA ILE O 184 -26.55 -25.13 -71.27
C ILE O 184 -27.50 -25.39 -70.12
N THR O 185 -28.52 -26.20 -70.35
CA THR O 185 -29.48 -26.44 -69.30
C THR O 185 -29.65 -27.93 -69.03
N PRO O 186 -28.56 -28.63 -68.73
CA PRO O 186 -28.79 -30.05 -68.54
C PRO O 186 -29.56 -30.25 -67.26
N ASN O 187 -30.01 -31.46 -66.98
CA ASN O 187 -30.61 -31.78 -65.69
C ASN O 187 -29.90 -32.99 -65.07
N GLU O 188 -30.25 -33.36 -63.83
CA GLU O 188 -29.55 -34.43 -63.09
C GLU O 188 -29.19 -35.70 -63.89
N THR O 189 -30.15 -36.28 -64.61
CA THR O 189 -29.90 -37.52 -65.35
C THR O 189 -29.10 -37.22 -66.62
N GLU O 190 -29.33 -36.05 -67.16
CA GLU O 190 -28.71 -35.55 -68.38
C GLU O 190 -27.29 -35.08 -68.15
N ALA O 191 -27.09 -34.44 -67.01
CA ALA O 191 -25.80 -33.93 -66.63
C ALA O 191 -24.78 -35.03 -66.58
N GLU O 192 -25.19 -36.19 -66.07
CA GLU O 192 -24.27 -37.31 -65.98
C GLU O 192 -23.75 -37.75 -67.35
N VAL O 193 -24.63 -37.81 -68.35
CA VAL O 193 -24.22 -38.25 -69.68
C VAL O 193 -23.23 -37.30 -70.36
N LEU O 194 -23.16 -36.06 -69.86
CA LEU O 194 -22.31 -35.00 -70.43
C LEU O 194 -21.02 -34.79 -69.66
N THR O 195 -20.97 -35.32 -68.44
CA THR O 195 -19.80 -35.09 -67.65
C THR O 195 -19.26 -36.39 -67.07
N GLY O 196 -20.14 -37.22 -66.55
CA GLY O 196 -19.66 -38.41 -65.89
C GLY O 196 -19.82 -38.18 -64.42
N ILE O 197 -20.37 -37.01 -64.06
CA ILE O 197 -20.59 -36.66 -62.65
C ILE O 197 -22.02 -36.95 -62.21
N THR O 198 -22.15 -37.61 -61.08
CA THR O 198 -23.47 -37.93 -60.56
C THR O 198 -23.89 -36.80 -59.63
N VAL O 199 -24.87 -36.03 -60.09
CA VAL O 199 -25.38 -34.91 -59.35
C VAL O 199 -26.42 -35.34 -58.33
N TYR O 200 -26.05 -35.31 -57.04
CA TYR O 200 -27.02 -35.67 -56.00
C TYR O 200 -27.11 -34.66 -54.87
N ASP O 201 -26.01 -33.93 -54.64
CA ASP O 201 -25.96 -32.95 -53.55
C ASP O 201 -25.17 -31.74 -54.01
N ASP O 202 -24.83 -30.84 -53.09
CA ASP O 202 -24.15 -29.59 -53.45
C ASP O 202 -22.77 -29.80 -54.11
N SER O 203 -21.72 -29.71 -53.31
CA SER O 203 -20.33 -29.74 -53.80
C SER O 203 -20.10 -30.69 -54.99
N SER O 204 -20.70 -31.88 -54.94
CA SER O 204 -20.58 -32.84 -56.04
C SER O 204 -21.36 -32.41 -57.27
N ALA O 205 -22.38 -31.58 -57.09
CA ALA O 205 -23.13 -31.05 -58.24
C ALA O 205 -22.36 -29.93 -58.90
N GLN O 206 -21.57 -29.20 -58.12
CA GLN O 206 -20.74 -28.15 -58.71
C GLN O 206 -19.66 -28.78 -59.57
N GLN O 207 -19.17 -29.94 -59.12
CA GLN O 207 -18.12 -30.67 -59.81
C GLN O 207 -18.61 -30.95 -61.24
N ALA O 208 -19.93 -31.14 -61.35
CA ALA O 208 -20.61 -31.36 -62.62
C ALA O 208 -20.36 -30.21 -63.58
N ALA O 209 -20.57 -28.98 -63.10
CA ALA O 209 -20.15 -27.79 -63.84
C ALA O 209 -18.66 -27.90 -64.06
N ASP O 210 -18.00 -26.81 -64.37
CA ASP O 210 -16.52 -26.83 -64.47
C ASP O 210 -16.05 -27.83 -65.56
N ALA O 211 -16.46 -29.10 -65.46
CA ALA O 211 -16.24 -30.15 -66.47
C ALA O 211 -17.01 -29.75 -67.71
N LEU O 212 -18.21 -29.23 -67.46
CA LEU O 212 -19.01 -28.55 -68.47
C LEU O 212 -18.29 -27.27 -68.92
N HIS O 213 -18.14 -26.32 -68.01
CA HIS O 213 -17.35 -25.13 -68.26
C HIS O 213 -16.06 -25.37 -69.04
N CYS O 214 -15.36 -26.45 -68.69
CA CYS O 214 -14.04 -26.75 -69.27
C CYS O 214 -14.07 -27.07 -70.77
N LYS O 215 -15.27 -27.29 -71.31
CA LYS O 215 -15.47 -27.65 -72.73
C LYS O 215 -15.99 -26.51 -73.62
N GLY O 216 -15.84 -25.28 -73.13
CA GLY O 216 -16.15 -24.10 -73.92
C GLY O 216 -17.48 -23.43 -73.65
N ILE O 217 -18.15 -23.84 -72.58
CA ILE O 217 -19.42 -23.21 -72.24
C ILE O 217 -19.27 -22.18 -71.11
N GLU O 218 -19.75 -20.95 -71.36
CA GLU O 218 -19.72 -19.85 -70.36
C GLU O 218 -20.67 -20.12 -69.19
N ILE O 219 -21.98 -20.17 -69.46
CA ILE O 219 -22.99 -20.32 -68.41
C ILE O 219 -23.53 -21.76 -68.39
N VAL O 220 -23.69 -22.32 -67.20
CA VAL O 220 -24.16 -23.69 -67.02
C VAL O 220 -25.30 -23.70 -65.99
N ILE O 221 -26.50 -24.08 -66.37
CA ILE O 221 -27.60 -24.11 -65.42
C ILE O 221 -28.20 -25.51 -65.26
N ILE O 222 -27.63 -26.32 -64.36
CA ILE O 222 -28.12 -27.68 -64.20
C ILE O 222 -29.34 -27.71 -63.29
N THR O 223 -30.49 -27.99 -63.90
CA THR O 223 -31.73 -28.15 -63.15
C THR O 223 -31.71 -29.45 -62.36
N LEU O 224 -32.09 -29.35 -61.10
CA LEU O 224 -32.19 -30.53 -60.26
C LEU O 224 -33.63 -30.68 -59.84
N GLY O 225 -34.55 -30.21 -60.68
CA GLY O 225 -35.96 -30.27 -60.36
C GLY O 225 -36.36 -29.46 -59.14
N SER O 226 -36.81 -30.17 -58.10
CA SER O 226 -37.38 -29.55 -56.91
C SER O 226 -36.44 -28.64 -56.12
N LYS O 227 -35.17 -28.98 -56.05
CA LYS O 227 -34.33 -28.15 -55.23
C LYS O 227 -33.98 -26.99 -56.12
N GLY O 228 -34.16 -27.18 -57.42
CA GLY O 228 -33.98 -26.05 -58.30
C GLY O 228 -32.92 -26.01 -59.38
N VAL O 229 -32.20 -24.91 -59.36
CA VAL O 229 -31.28 -24.57 -60.42
C VAL O 229 -29.96 -24.21 -59.80
N TRP O 230 -28.89 -24.81 -60.33
CA TRP O 230 -27.56 -24.42 -59.90
C TRP O 230 -26.92 -23.49 -60.93
N LEU O 231 -27.38 -22.26 -61.01
CA LEU O 231 -26.78 -21.29 -61.93
C LEU O 231 -25.30 -21.28 -61.61
N SER O 232 -24.45 -21.22 -62.61
CA SER O 232 -23.02 -21.22 -62.35
C SER O 232 -22.23 -20.55 -63.48
N GLN O 233 -22.05 -19.23 -63.39
CA GLN O 233 -21.33 -18.48 -64.43
C GLN O 233 -19.82 -18.55 -64.29
N ASN O 234 -19.24 -19.46 -65.07
CA ASN O 234 -17.82 -19.77 -65.06
C ASN O 234 -17.48 -20.40 -63.72
N GLY O 235 -18.50 -20.99 -63.12
CA GLY O 235 -18.38 -21.64 -61.84
C GLY O 235 -19.13 -20.85 -60.77
N ARG O 236 -19.55 -19.61 -61.05
CA ARG O 236 -20.19 -18.81 -60.04
C ARG O 236 -21.51 -19.47 -59.68
N GLY O 237 -21.40 -20.44 -58.78
CA GLY O 237 -22.52 -21.29 -58.44
C GLY O 237 -23.37 -20.80 -57.30
N GLN O 238 -24.65 -21.15 -57.36
CA GLN O 238 -25.63 -20.72 -56.37
C GLN O 238 -26.80 -21.71 -56.36
N ARG O 239 -27.97 -21.25 -55.94
CA ARG O 239 -29.16 -22.11 -55.95
C ARG O 239 -30.45 -21.29 -55.88
N ILE O 240 -31.43 -21.68 -56.68
CA ILE O 240 -32.71 -21.02 -56.60
C ILE O 240 -33.75 -22.11 -56.35
N PRO O 241 -34.36 -22.09 -55.16
CA PRO O 241 -35.39 -23.04 -54.76
C PRO O 241 -36.69 -22.83 -55.50
N GLY O 242 -36.66 -21.92 -56.48
CA GLY O 242 -37.80 -21.69 -57.35
C GLY O 242 -39.08 -21.41 -56.61
N PHE O 243 -40.19 -21.44 -57.33
CA PHE O 243 -41.46 -21.17 -56.71
C PHE O 243 -42.08 -22.45 -56.21
N VAL O 244 -43.04 -22.35 -55.31
CA VAL O 244 -43.62 -23.54 -54.72
C VAL O 244 -45.07 -23.78 -55.14
N VAL O 245 -45.40 -25.08 -55.24
CA VAL O 245 -46.68 -25.63 -55.73
C VAL O 245 -46.56 -27.16 -55.71
N LYS O 246 -47.65 -27.88 -55.97
CA LYS O 246 -47.56 -29.31 -56.26
C LYS O 246 -48.29 -29.54 -57.57
N ALA O 247 -48.09 -30.68 -58.22
CA ALA O 247 -48.46 -30.80 -59.64
C ALA O 247 -49.35 -32.01 -59.97
N THR O 248 -49.48 -32.33 -61.27
CA THR O 248 -50.34 -33.43 -61.69
C THR O 248 -49.68 -34.46 -62.65
N ASP O 249 -48.35 -34.55 -62.56
CA ASP O 249 -47.51 -35.54 -63.27
C ASP O 249 -47.19 -35.41 -64.76
N THR O 250 -45.98 -35.89 -65.04
CA THR O 250 -45.39 -36.07 -66.36
C THR O 250 -45.85 -35.19 -67.53
N THR O 251 -45.24 -34.01 -67.69
CA THR O 251 -45.55 -33.09 -68.78
C THR O 251 -44.64 -31.85 -68.82
N ALA O 252 -44.46 -31.31 -70.03
CA ALA O 252 -43.48 -30.25 -70.39
C ALA O 252 -42.32 -30.02 -69.40
N ALA O 253 -42.67 -29.58 -68.20
CA ALA O 253 -41.74 -29.13 -67.16
C ALA O 253 -40.59 -28.24 -67.66
N GLY O 254 -39.48 -28.86 -68.04
CA GLY O 254 -38.34 -28.17 -68.62
C GLY O 254 -38.49 -27.71 -70.05
N ASP O 255 -39.65 -27.95 -70.61
CA ASP O 255 -39.87 -27.64 -72.01
C ASP O 255 -40.50 -26.26 -72.28
N THR O 256 -40.91 -25.59 -71.20
CA THR O 256 -41.47 -24.21 -71.21
C THR O 256 -40.51 -23.25 -70.44
N PHE O 257 -40.01 -23.83 -69.36
CA PHE O 257 -38.92 -23.40 -68.52
C PHE O 257 -37.86 -22.74 -69.39
N ASN O 258 -37.21 -23.54 -70.23
CA ASN O 258 -36.17 -23.06 -71.13
C ASN O 258 -36.68 -22.02 -72.10
N GLY O 259 -37.97 -22.10 -72.42
CA GLY O 259 -38.55 -21.15 -73.35
C GLY O 259 -38.56 -19.80 -72.70
N ALA O 260 -38.91 -19.81 -71.42
CA ALA O 260 -39.04 -18.56 -70.70
C ALA O 260 -37.66 -18.02 -70.43
N LEU O 261 -36.75 -18.88 -69.94
CA LEU O 261 -35.39 -18.44 -69.64
C LEU O 261 -34.77 -17.71 -70.80
N VAL O 262 -35.02 -18.19 -72.02
CA VAL O 262 -34.50 -17.47 -73.18
C VAL O 262 -35.37 -16.25 -73.49
N THR O 263 -36.65 -16.37 -73.15
CA THR O 263 -37.57 -15.26 -73.31
C THR O 263 -37.22 -14.17 -72.29
N GLY O 264 -36.69 -14.58 -71.15
CA GLY O 264 -36.20 -13.66 -70.15
C GLY O 264 -35.05 -12.85 -70.72
N LEU O 265 -33.94 -13.56 -70.97
CA LEU O 265 -32.71 -12.98 -71.50
C LEU O 265 -32.94 -12.15 -72.77
N LEU O 266 -33.99 -12.50 -73.52
CA LEU O 266 -34.31 -11.80 -74.77
C LEU O 266 -34.79 -10.36 -74.62
N GLN O 267 -35.57 -10.09 -73.59
CA GLN O 267 -36.07 -8.74 -73.38
C GLN O 267 -35.06 -7.98 -72.52
N GLU O 268 -33.81 -8.46 -72.56
CA GLU O 268 -32.66 -7.80 -71.93
C GLU O 268 -32.64 -7.89 -70.39
N MET O 269 -33.62 -8.55 -69.80
CA MET O 269 -33.64 -8.81 -68.36
C MET O 269 -32.36 -9.52 -67.93
N PRO O 270 -31.92 -9.31 -66.67
CA PRO O 270 -30.73 -10.00 -66.17
C PRO O 270 -31.01 -11.46 -65.83
N LEU O 271 -29.98 -12.29 -65.99
CA LEU O 271 -30.00 -13.75 -65.82
C LEU O 271 -30.80 -14.24 -64.61
N GLU O 272 -30.35 -13.88 -63.41
CA GLU O 272 -31.06 -14.30 -62.19
C GLU O 272 -32.51 -13.82 -62.17
N SER O 273 -32.79 -12.76 -62.91
CA SER O 273 -34.16 -12.29 -62.97
C SER O 273 -34.87 -13.27 -63.90
N ALA O 274 -34.17 -13.65 -64.95
CA ALA O 274 -34.68 -14.61 -65.92
C ALA O 274 -34.89 -16.03 -65.41
N ILE O 275 -33.94 -16.55 -64.65
CA ILE O 275 -34.11 -17.88 -64.06
C ILE O 275 -35.34 -17.98 -63.14
N LYS O 276 -35.68 -16.91 -62.43
CA LYS O 276 -36.88 -16.93 -61.60
C LYS O 276 -38.14 -16.80 -62.46
N PHE O 277 -38.11 -15.92 -63.46
CA PHE O 277 -39.21 -15.84 -64.43
C PHE O 277 -39.57 -17.25 -64.87
N ALA O 278 -38.58 -17.96 -65.41
CA ALA O 278 -38.70 -19.37 -65.75
C ALA O 278 -39.37 -20.14 -64.62
N HIS O 279 -38.84 -19.98 -63.42
CA HIS O 279 -39.38 -20.62 -62.22
C HIS O 279 -40.87 -20.41 -62.02
N ALA O 280 -41.40 -19.31 -62.56
CA ALA O 280 -42.83 -19.04 -62.47
C ALA O 280 -43.58 -19.94 -63.46
N ALA O 281 -43.26 -19.77 -64.74
CA ALA O 281 -43.82 -20.60 -65.80
C ALA O 281 -43.72 -22.10 -65.48
N ALA O 282 -42.56 -22.48 -64.97
CA ALA O 282 -42.28 -23.86 -64.60
C ALA O 282 -43.20 -24.36 -63.52
N ALA O 283 -43.48 -23.47 -62.56
CA ALA O 283 -44.26 -23.82 -61.39
C ALA O 283 -45.64 -24.30 -61.79
N ILE O 284 -46.16 -23.71 -62.85
CA ILE O 284 -47.41 -24.15 -63.42
C ILE O 284 -47.14 -25.39 -64.28
N SER O 285 -47.56 -25.37 -65.54
CA SER O 285 -47.37 -26.50 -66.45
C SER O 285 -47.91 -27.83 -65.87
N VAL O 286 -47.06 -28.59 -65.20
CA VAL O 286 -47.45 -29.86 -64.58
C VAL O 286 -48.57 -29.79 -63.54
N THR O 287 -48.78 -28.62 -62.93
CA THR O 287 -49.86 -28.53 -61.95
C THR O 287 -51.21 -28.32 -62.63
N ARG O 288 -51.16 -28.05 -63.92
CA ARG O 288 -52.34 -28.06 -64.76
C ARG O 288 -52.30 -29.41 -65.47
N PHE O 289 -53.44 -30.10 -65.53
CA PHE O 289 -53.54 -31.42 -66.16
C PHE O 289 -52.95 -31.49 -67.58
N GLY O 290 -51.64 -31.36 -67.71
CA GLY O 290 -51.00 -31.42 -69.02
C GLY O 290 -49.75 -30.56 -69.24
N ALA O 291 -49.38 -30.41 -70.52
CA ALA O 291 -48.18 -29.67 -70.91
C ALA O 291 -48.50 -28.43 -71.73
N GLN O 292 -48.69 -28.63 -73.03
CA GLN O 292 -49.06 -27.55 -73.95
C GLN O 292 -50.41 -27.01 -73.58
N THR O 293 -51.25 -27.92 -73.11
CA THR O 293 -52.58 -27.60 -72.63
C THR O 293 -52.46 -26.78 -71.36
N SER O 294 -51.27 -26.84 -70.77
CA SER O 294 -50.99 -26.17 -69.51
C SER O 294 -49.89 -25.11 -69.53
N ILE O 295 -49.40 -24.76 -70.72
CA ILE O 295 -48.32 -23.77 -70.79
C ILE O 295 -48.92 -22.37 -70.65
N PRO O 296 -48.48 -21.62 -69.63
CA PRO O 296 -49.10 -20.34 -69.29
C PRO O 296 -48.53 -19.16 -70.08
N THR O 297 -49.25 -18.05 -70.07
CA THR O 297 -48.85 -16.81 -70.76
C THR O 297 -48.09 -15.85 -69.86
N ARG O 298 -47.59 -14.78 -70.46
CA ARG O 298 -46.88 -13.72 -69.75
C ARG O 298 -47.70 -13.21 -68.58
N ALA O 299 -48.95 -12.87 -68.86
CA ALA O 299 -49.87 -12.41 -67.82
C ALA O 299 -49.89 -13.37 -66.63
N GLU O 300 -49.97 -14.67 -66.89
CA GLU O 300 -50.07 -15.66 -65.81
C GLU O 300 -48.83 -15.71 -64.92
N VAL O 301 -47.66 -15.66 -65.54
CA VAL O 301 -46.39 -15.63 -64.82
C VAL O 301 -46.09 -14.28 -64.16
N GLU O 302 -46.43 -13.17 -64.83
CA GLU O 302 -46.18 -11.86 -64.25
C GLU O 302 -46.96 -11.73 -62.96
N ALA O 303 -48.24 -12.13 -63.03
CA ALA O 303 -49.11 -12.20 -61.87
C ALA O 303 -48.56 -13.09 -60.75
N PHE O 304 -48.11 -14.28 -61.11
CA PHE O 304 -47.64 -15.27 -60.14
C PHE O 304 -46.52 -14.65 -59.31
N LEU O 305 -45.58 -14.01 -60.00
CA LEU O 305 -44.44 -13.37 -59.38
C LEU O 305 -44.80 -12.40 -58.24
N ALA O 306 -45.64 -11.43 -58.58
CA ALA O 306 -46.11 -10.42 -57.63
C ALA O 306 -46.84 -11.07 -56.46
N GLU O 307 -47.61 -12.10 -56.80
CA GLU O 307 -48.47 -12.83 -55.86
C GLU O 307 -47.79 -13.51 -54.67
N HIS O 308 -46.46 -13.54 -54.64
CA HIS O 308 -45.77 -14.26 -53.56
C HIS O 308 -45.06 -13.35 -52.54
N SER O 309 -43.72 -13.42 -52.53
CA SER O 309 -42.86 -12.68 -51.59
C SER O 309 -43.09 -13.12 -50.14
N MET P 4 -79.57 -45.92 -103.94
CA MET P 4 -80.63 -46.90 -103.74
C MET P 4 -80.07 -48.32 -103.58
N ASN P 5 -78.76 -48.35 -103.38
CA ASN P 5 -77.89 -49.54 -103.37
C ASN P 5 -78.40 -50.92 -102.90
N LYS P 6 -78.02 -51.95 -103.68
CA LYS P 6 -78.39 -53.36 -103.43
C LYS P 6 -77.51 -54.18 -102.45
N LEU P 7 -76.26 -53.78 -102.20
CA LEU P 7 -75.46 -54.42 -101.12
C LEU P 7 -75.09 -53.45 -100.00
N VAL P 8 -75.29 -53.88 -98.75
CA VAL P 8 -75.03 -52.99 -97.62
C VAL P 8 -74.13 -53.67 -96.58
N VAL P 9 -72.99 -53.06 -96.33
CA VAL P 9 -72.06 -53.60 -95.37
C VAL P 9 -72.00 -52.76 -94.10
N LEU P 10 -71.87 -53.42 -92.97
CA LEU P 10 -71.92 -52.73 -91.68
C LEU P 10 -70.78 -53.22 -90.80
N GLY P 11 -69.84 -52.34 -90.48
CA GLY P 11 -68.70 -52.75 -89.69
C GLY P 11 -67.78 -51.63 -89.26
N SER P 12 -66.58 -52.02 -88.83
CA SER P 12 -65.66 -51.12 -88.17
C SER P 12 -64.77 -50.43 -89.16
N VAL P 13 -64.41 -49.19 -88.86
CA VAL P 13 -63.32 -48.52 -89.53
C VAL P 13 -62.18 -48.40 -88.53
N ASN P 14 -60.96 -48.49 -89.06
CA ASN P 14 -59.71 -48.41 -88.31
C ASN P 14 -58.77 -47.51 -89.06
N ALA P 15 -57.69 -47.11 -88.39
CA ALA P 15 -56.64 -46.36 -89.04
C ALA P 15 -55.29 -47.06 -88.88
N ASP P 16 -55.26 -48.14 -88.09
CA ASP P 16 -54.05 -48.91 -87.71
C ASP P 16 -52.71 -48.13 -87.76
N HIS P 17 -52.21 -47.75 -86.59
CA HIS P 17 -50.94 -47.04 -86.52
C HIS P 17 -49.82 -48.03 -86.32
N VAL P 18 -49.09 -48.29 -87.40
CA VAL P 18 -48.05 -49.29 -87.38
C VAL P 18 -46.69 -48.61 -87.36
N LEU P 19 -45.82 -49.13 -86.50
CA LEU P 19 -44.47 -48.67 -86.35
C LEU P 19 -43.61 -49.89 -86.04
N GLN P 20 -42.54 -50.05 -86.81
CA GLN P 20 -41.67 -51.20 -86.63
C GLN P 20 -40.66 -50.89 -85.54
N VAL P 21 -40.56 -51.79 -84.59
CA VAL P 21 -39.71 -51.57 -83.46
C VAL P 21 -38.57 -52.57 -83.52
N PRO P 22 -37.42 -52.23 -82.91
CA PRO P 22 -36.32 -53.19 -82.84
C PRO P 22 -36.60 -54.19 -81.73
N SER P 23 -36.13 -53.93 -80.52
CA SER P 23 -36.46 -54.83 -79.43
C SER P 23 -37.95 -54.71 -79.16
N PHE P 24 -38.51 -55.61 -78.38
CA PHE P 24 -39.94 -55.56 -78.12
C PHE P 24 -40.17 -54.61 -76.96
N PRO P 25 -41.22 -53.79 -77.04
CA PRO P 25 -41.36 -52.80 -75.97
C PRO P 25 -41.74 -53.43 -74.63
N ARG P 26 -40.85 -53.22 -73.64
CA ARG P 26 -40.95 -53.67 -72.25
C ARG P 26 -41.32 -52.46 -71.39
N PRO P 27 -41.75 -52.68 -70.13
CA PRO P 27 -42.14 -51.47 -69.40
C PRO P 27 -40.99 -50.50 -69.16
N GLY P 28 -41.30 -49.38 -68.51
CA GLY P 28 -40.30 -48.42 -68.08
C GLY P 28 -39.64 -47.55 -69.13
N GLU P 29 -38.67 -48.15 -69.81
CA GLU P 29 -37.74 -47.39 -70.65
C GLU P 29 -38.35 -47.13 -72.02
N THR P 30 -37.67 -46.31 -72.81
CA THR P 30 -38.17 -45.84 -74.10
C THR P 30 -37.47 -46.61 -75.23
N LEU P 31 -38.12 -46.66 -76.39
CA LEU P 31 -37.67 -47.44 -77.53
C LEU P 31 -37.64 -46.58 -78.80
N HIS P 32 -36.68 -46.84 -79.68
CA HIS P 32 -36.53 -46.09 -80.91
C HIS P 32 -37.16 -46.81 -82.10
N GLY P 33 -38.07 -46.17 -82.82
CA GLY P 33 -38.75 -46.84 -83.92
C GLY P 33 -38.45 -46.31 -85.30
N ARG P 34 -39.06 -46.94 -86.30
CA ARG P 34 -38.76 -46.60 -87.68
C ARG P 34 -39.88 -46.90 -88.68
N ASN P 35 -39.77 -46.30 -89.87
CA ASN P 35 -40.69 -46.48 -91.00
C ASN P 35 -42.16 -46.55 -90.60
N TYR P 36 -42.65 -45.49 -89.99
CA TYR P 36 -44.04 -45.41 -89.54
C TYR P 36 -45.01 -45.20 -90.73
N GLN P 37 -46.08 -45.98 -90.76
CA GLN P 37 -47.16 -45.79 -91.74
C GLN P 37 -48.49 -45.89 -91.01
N VAL P 38 -49.42 -45.04 -91.39
CA VAL P 38 -50.78 -45.19 -90.93
C VAL P 38 -51.50 -45.67 -92.19
N ILE P 39 -51.95 -46.92 -92.15
CA ILE P 39 -52.55 -47.56 -93.30
C ILE P 39 -54.01 -47.85 -93.07
N PRO P 40 -54.86 -47.33 -93.96
CA PRO P 40 -56.32 -47.45 -93.85
C PRO P 40 -56.71 -48.88 -93.56
N GLY P 41 -57.71 -49.07 -92.70
CA GLY P 41 -58.02 -50.40 -92.25
C GLY P 41 -59.42 -50.53 -91.70
N GLY P 42 -59.59 -51.51 -90.83
CA GLY P 42 -60.87 -51.79 -90.23
C GLY P 42 -61.62 -52.84 -91.01
N LYS P 43 -62.11 -53.86 -90.31
CA LYS P 43 -62.81 -54.98 -90.92
C LYS P 43 -63.87 -54.47 -91.89
N GLY P 44 -64.92 -53.87 -91.33
CA GLY P 44 -65.97 -53.27 -92.13
C GLY P 44 -65.55 -52.47 -93.35
N ALA P 45 -64.41 -51.80 -93.33
CA ALA P 45 -64.03 -50.96 -94.46
C ALA P 45 -63.26 -51.74 -95.51
N ASN P 46 -62.41 -52.66 -95.07
CA ASN P 46 -61.71 -53.57 -95.97
C ASN P 46 -62.64 -54.27 -96.93
N GLN P 47 -63.63 -54.94 -96.34
CA GLN P 47 -64.56 -55.77 -97.07
C GLN P 47 -65.44 -54.95 -98.00
N ALA P 48 -65.79 -53.75 -97.58
CA ALA P 48 -66.64 -52.95 -98.44
C ALA P 48 -65.79 -52.36 -99.56
N VAL P 49 -64.51 -52.14 -99.26
CA VAL P 49 -63.58 -51.68 -100.29
C VAL P 49 -63.23 -52.85 -101.19
N ALA P 50 -63.13 -54.03 -100.59
CA ALA P 50 -62.99 -55.25 -101.36
C ALA P 50 -64.19 -55.41 -102.29
N ALA P 51 -65.39 -55.43 -101.71
CA ALA P 51 -66.65 -55.47 -102.45
C ALA P 51 -66.77 -54.39 -103.54
N ALA P 52 -66.53 -53.13 -103.19
CA ALA P 52 -66.64 -52.04 -104.15
C ALA P 52 -65.67 -52.10 -105.32
N ARG P 53 -64.43 -52.48 -105.00
CA ARG P 53 -63.35 -52.57 -105.98
C ARG P 53 -63.60 -53.76 -106.87
N MET P 54 -64.45 -54.66 -106.38
CA MET P 54 -64.94 -55.81 -107.15
C MET P 54 -66.18 -55.41 -107.94
N GLN P 55 -66.17 -54.15 -108.41
CA GLN P 55 -67.19 -53.54 -109.25
C GLN P 55 -68.63 -53.89 -108.87
N ALA P 56 -68.92 -53.88 -107.58
CA ALA P 56 -70.24 -54.18 -107.06
C ALA P 56 -71.02 -52.92 -106.72
N ASP P 57 -72.31 -53.08 -106.43
CA ASP P 57 -73.13 -52.00 -105.91
C ASP P 57 -73.15 -52.03 -104.40
N VAL P 58 -72.17 -51.41 -103.74
CA VAL P 58 -72.06 -51.57 -102.28
C VAL P 58 -72.31 -50.28 -101.50
N GLY P 59 -72.98 -50.41 -100.36
CA GLY P 59 -73.12 -49.32 -99.44
C GLY P 59 -72.52 -49.70 -98.10
N PHE P 60 -72.05 -48.69 -97.39
CA PHE P 60 -71.40 -48.93 -96.12
C PHE P 60 -72.31 -48.38 -95.05
N ILE P 61 -72.36 -49.06 -93.91
CA ILE P 61 -73.02 -48.53 -92.74
C ILE P 61 -71.93 -48.61 -91.70
N ALA P 62 -71.36 -47.46 -91.32
CA ALA P 62 -70.24 -47.44 -90.38
C ALA P 62 -70.08 -46.10 -89.66
N CYS P 63 -69.26 -46.11 -88.61
CA CYS P 63 -68.96 -44.90 -87.85
C CYS P 63 -67.46 -44.55 -87.84
N VAL P 64 -67.14 -43.34 -88.29
CA VAL P 64 -65.78 -42.82 -88.32
C VAL P 64 -65.69 -41.62 -87.36
N GLY P 65 -64.46 -41.16 -87.10
CA GLY P 65 -64.25 -40.03 -86.19
C GLY P 65 -64.19 -38.70 -86.92
N ASP P 66 -64.07 -37.59 -86.19
CA ASP P 66 -64.00 -36.32 -86.87
C ASP P 66 -62.60 -35.82 -87.21
N ASP P 67 -61.54 -36.46 -86.71
CA ASP P 67 -60.18 -36.03 -87.07
C ASP P 67 -59.96 -36.18 -88.57
N SER P 68 -58.84 -35.65 -89.07
CA SER P 68 -58.61 -35.61 -90.51
C SER P 68 -58.83 -36.93 -91.25
N PHE P 69 -58.53 -38.05 -90.59
CA PHE P 69 -58.71 -39.40 -91.14
C PHE P 69 -60.18 -39.57 -91.49
N GLY P 70 -61.00 -39.71 -90.45
CA GLY P 70 -62.45 -39.79 -90.57
C GLY P 70 -63.14 -38.92 -91.63
N ILE P 71 -62.62 -37.73 -91.88
CA ILE P 71 -63.24 -36.87 -92.90
C ILE P 71 -62.75 -37.26 -94.27
N ASN P 72 -61.43 -37.43 -94.37
CA ASN P 72 -60.74 -37.77 -95.60
C ASN P 72 -60.95 -39.21 -95.99
N ILE P 73 -61.21 -40.09 -95.03
CA ILE P 73 -61.39 -41.49 -95.37
C ILE P 73 -62.75 -41.70 -96.01
N ARG P 74 -63.77 -41.00 -95.54
CA ARG P 74 -65.08 -41.13 -96.14
C ARG P 74 -65.08 -40.51 -97.53
N GLU P 75 -64.12 -39.63 -97.77
CA GLU P 75 -64.07 -38.95 -99.04
C GLU P 75 -63.37 -39.85 -100.03
N SER P 76 -62.46 -40.67 -99.51
CA SER P 76 -61.76 -41.68 -100.31
C SER P 76 -62.76 -42.74 -100.73
N PHE P 77 -63.71 -42.98 -99.85
CA PHE P 77 -64.83 -43.87 -100.11
C PHE P 77 -65.65 -43.37 -101.29
N LYS P 78 -65.95 -42.08 -101.31
CA LYS P 78 -66.69 -41.47 -102.42
C LYS P 78 -65.97 -41.53 -103.78
N LEU P 79 -64.77 -42.07 -103.85
CA LEU P 79 -64.19 -42.25 -105.16
C LEU P 79 -63.81 -43.72 -105.35
N ASP P 80 -64.03 -44.52 -104.32
CA ASP P 80 -63.93 -45.97 -104.43
C ASP P 80 -65.25 -46.32 -105.09
N GLY P 81 -66.19 -45.40 -104.94
CA GLY P 81 -67.55 -45.48 -105.46
C GLY P 81 -68.51 -46.00 -104.41
N ILE P 82 -68.04 -46.05 -103.16
CA ILE P 82 -68.81 -46.60 -102.05
C ILE P 82 -69.90 -45.67 -101.57
N ASN P 83 -71.11 -46.19 -101.42
CA ASN P 83 -72.15 -45.34 -100.88
C ASN P 83 -71.87 -45.13 -99.40
N THR P 84 -71.34 -43.94 -99.11
CA THR P 84 -70.92 -43.56 -97.76
C THR P 84 -72.01 -42.86 -97.00
N ALA P 85 -73.15 -42.69 -97.66
CA ALA P 85 -74.32 -42.06 -97.05
C ALA P 85 -74.57 -42.52 -95.62
N GLY P 86 -74.45 -43.82 -95.38
CA GLY P 86 -74.68 -44.37 -94.07
C GLY P 86 -73.41 -44.46 -93.22
N VAL P 87 -72.34 -43.85 -93.70
CA VAL P 87 -71.16 -43.75 -92.88
C VAL P 87 -71.27 -42.44 -92.14
N LYS P 88 -71.58 -42.50 -90.85
CA LYS P 88 -71.74 -41.29 -90.06
C LYS P 88 -70.57 -41.09 -89.13
N LEU P 89 -70.11 -39.85 -89.05
CA LEU P 89 -69.03 -39.47 -88.16
C LEU P 89 -69.64 -38.85 -86.92
N GLN P 90 -69.27 -39.41 -85.77
CA GLN P 90 -69.67 -38.87 -84.48
C GLN P 90 -68.56 -37.90 -84.11
N PRO P 91 -68.96 -36.68 -83.68
CA PRO P 91 -68.05 -35.58 -83.38
C PRO P 91 -67.43 -35.74 -82.01
N ASN P 92 -66.24 -35.18 -81.85
CA ASN P 92 -65.44 -35.37 -80.65
C ASN P 92 -65.21 -36.84 -80.31
N CYS P 93 -65.03 -37.62 -81.36
CA CYS P 93 -64.61 -38.98 -81.22
C CYS P 93 -63.56 -39.10 -82.29
N PRO P 94 -62.36 -39.59 -81.95
CA PRO P 94 -61.46 -39.72 -83.08
C PRO P 94 -61.78 -41.03 -83.75
N THR P 95 -61.23 -41.35 -84.91
CA THR P 95 -61.68 -42.54 -85.60
C THR P 95 -61.18 -43.76 -84.85
N GLY P 96 -61.61 -44.93 -85.28
CA GLY P 96 -61.24 -46.16 -84.62
C GLY P 96 -59.76 -46.36 -84.83
N ILE P 97 -59.15 -47.24 -84.06
CA ILE P 97 -57.71 -47.33 -84.16
C ILE P 97 -57.10 -48.70 -83.83
N ALA P 98 -55.87 -48.91 -84.28
CA ALA P 98 -55.14 -50.09 -83.90
C ALA P 98 -53.68 -49.71 -83.85
N MET P 99 -53.02 -49.99 -82.73
CA MET P 99 -51.61 -49.64 -82.63
C MET P 99 -50.76 -50.88 -82.70
N ILE P 100 -50.16 -51.06 -83.86
CA ILE P 100 -49.48 -52.29 -84.16
C ILE P 100 -48.01 -52.02 -84.11
N GLN P 101 -47.39 -52.35 -82.99
CA GLN P 101 -45.96 -52.24 -82.95
C GLN P 101 -45.51 -53.64 -83.31
N VAL P 102 -44.85 -53.72 -84.46
CA VAL P 102 -44.39 -54.98 -85.01
C VAL P 102 -42.90 -55.09 -84.78
N SER P 103 -42.47 -56.10 -84.03
CA SER P 103 -41.04 -56.26 -83.76
C SER P 103 -40.35 -57.09 -84.82
N ASP P 104 -39.74 -56.39 -85.78
CA ASP P 104 -38.70 -56.96 -86.61
C ASP P 104 -37.37 -56.75 -85.87
N SER P 105 -36.99 -57.74 -85.07
CA SER P 105 -37.56 -59.07 -85.20
C SER P 105 -38.08 -59.58 -83.86
N GLY P 106 -38.90 -60.62 -83.93
CA GLY P 106 -39.53 -61.23 -82.77
C GLY P 106 -40.97 -61.64 -83.04
N GLU P 107 -41.90 -60.73 -82.72
CA GLU P 107 -43.34 -60.97 -82.78
C GLU P 107 -44.05 -59.61 -82.73
N ASN P 108 -45.36 -59.57 -82.90
CA ASN P 108 -46.09 -58.30 -82.91
C ASN P 108 -46.95 -58.06 -81.68
N SER P 109 -47.35 -56.80 -81.46
CA SER P 109 -48.35 -56.43 -80.45
C SER P 109 -49.30 -55.33 -80.98
N ILE P 110 -50.56 -55.71 -81.18
CA ILE P 110 -51.59 -54.81 -81.66
C ILE P 110 -52.42 -54.41 -80.47
N CYS P 111 -52.64 -53.11 -80.30
CA CYS P 111 -53.37 -52.62 -79.15
C CYS P 111 -54.48 -51.79 -79.75
N ILE P 112 -55.71 -52.19 -79.49
CA ILE P 112 -56.86 -51.61 -80.18
C ILE P 112 -57.86 -50.94 -79.27
N SER P 113 -58.41 -49.83 -79.71
CA SER P 113 -59.61 -49.34 -79.05
C SER P 113 -60.56 -49.09 -80.18
N ALA P 114 -61.84 -49.41 -80.00
CA ALA P 114 -62.84 -49.21 -81.06
C ALA P 114 -63.08 -47.71 -81.28
N GLU P 115 -63.35 -47.03 -80.19
CA GLU P 115 -63.60 -45.59 -80.20
C GLU P 115 -64.80 -45.15 -81.02
N ALA P 116 -64.54 -44.52 -82.16
CA ALA P 116 -65.60 -43.99 -83.02
C ALA P 116 -66.43 -45.05 -83.71
N ASN P 117 -66.33 -46.28 -83.21
CA ASN P 117 -67.07 -47.42 -83.74
C ASN P 117 -68.09 -47.90 -82.71
N ALA P 118 -67.84 -47.59 -81.44
CA ALA P 118 -68.74 -48.02 -80.38
C ALA P 118 -69.97 -47.11 -80.33
N LYS P 119 -69.95 -46.06 -81.15
CA LYS P 119 -71.10 -45.17 -81.23
C LYS P 119 -72.06 -45.72 -82.29
N LEU P 120 -71.66 -46.82 -82.92
CA LEU P 120 -72.47 -47.49 -83.93
C LEU P 120 -73.42 -48.46 -83.23
N THR P 121 -74.49 -47.89 -82.68
CA THR P 121 -75.45 -48.64 -81.88
C THR P 121 -76.81 -48.87 -82.53
N ALA P 122 -77.60 -49.72 -81.88
CA ALA P 122 -78.98 -50.02 -82.26
C ALA P 122 -79.75 -48.75 -82.53
N ALA P 123 -79.67 -47.79 -81.63
CA ALA P 123 -80.48 -46.58 -81.78
C ALA P 123 -79.92 -45.67 -82.87
N ALA P 124 -78.66 -45.88 -83.23
CA ALA P 124 -78.01 -45.01 -84.21
C ALA P 124 -78.20 -45.44 -85.68
N ILE P 125 -79.11 -46.38 -85.93
CA ILE P 125 -79.37 -46.78 -87.31
C ILE P 125 -80.80 -46.52 -87.77
N GLU P 126 -81.56 -45.84 -86.92
CA GLU P 126 -82.93 -45.41 -87.25
C GLU P 126 -83.00 -44.76 -88.66
N PRO P 127 -82.05 -43.86 -89.01
CA PRO P 127 -82.10 -43.32 -90.38
C PRO P 127 -81.54 -44.26 -91.47
N ASP P 128 -80.87 -45.34 -91.08
CA ASP P 128 -80.26 -46.26 -92.05
C ASP P 128 -81.04 -47.56 -92.34
N LEU P 129 -82.02 -47.91 -91.50
CA LEU P 129 -82.91 -49.03 -91.82
C LEU P 129 -83.41 -48.99 -93.25
N ALA P 130 -83.64 -47.77 -93.76
CA ALA P 130 -83.94 -47.57 -95.18
C ALA P 130 -83.04 -48.42 -96.11
N ALA P 131 -81.73 -48.28 -95.94
CA ALA P 131 -80.78 -49.04 -96.74
C ALA P 131 -80.88 -50.55 -96.51
N ILE P 132 -80.95 -50.94 -95.25
CA ILE P 132 -81.02 -52.35 -94.82
C ILE P 132 -82.12 -53.25 -95.43
N ARG P 133 -83.35 -52.76 -95.52
CA ARG P 133 -84.44 -53.64 -95.97
C ARG P 133 -84.49 -53.85 -97.49
N ASP P 134 -84.47 -52.77 -98.26
CA ASP P 134 -84.58 -52.89 -99.71
C ASP P 134 -83.38 -53.62 -100.34
N ALA P 135 -82.16 -53.18 -100.05
CA ALA P 135 -80.95 -53.79 -100.60
C ALA P 135 -80.99 -55.31 -100.50
N ARG P 136 -80.28 -55.99 -101.39
CA ARG P 136 -80.38 -57.44 -101.44
C ARG P 136 -79.43 -58.16 -100.46
N TYR P 137 -78.31 -57.55 -100.14
CA TYR P 137 -77.40 -58.19 -99.20
C TYR P 137 -76.92 -57.30 -98.06
N LEU P 138 -76.57 -57.93 -96.94
CA LEU P 138 -76.00 -57.24 -95.80
C LEU P 138 -74.90 -58.03 -95.14
N LEU P 139 -73.71 -57.45 -95.18
CA LEU P 139 -72.53 -58.07 -94.60
C LEU P 139 -72.06 -57.25 -93.39
N MET P 140 -71.75 -57.93 -92.30
CA MET P 140 -71.35 -57.27 -91.06
C MET P 140 -70.38 -58.18 -90.35
N GLN P 141 -69.52 -57.59 -89.52
CA GLN P 141 -68.57 -58.37 -88.74
C GLN P 141 -68.73 -58.02 -87.28
N LEU P 142 -68.01 -58.73 -86.41
CA LEU P 142 -68.25 -58.64 -84.98
C LEU P 142 -67.32 -57.64 -84.28
N GLU P 143 -66.95 -56.58 -84.99
CA GLU P 143 -66.03 -55.55 -84.48
C GLU P 143 -66.75 -54.25 -84.12
N THR P 144 -68.07 -54.35 -83.97
CA THR P 144 -68.92 -53.25 -83.52
C THR P 144 -69.79 -53.76 -82.34
N PRO P 145 -70.52 -52.87 -81.62
CA PRO P 145 -71.37 -53.43 -80.55
C PRO P 145 -72.47 -54.33 -81.11
N LEU P 146 -72.83 -55.36 -80.35
CA LEU P 146 -73.84 -56.33 -80.77
C LEU P 146 -75.25 -55.75 -80.92
N ASP P 147 -75.70 -54.99 -79.92
CA ASP P 147 -77.02 -54.34 -79.96
C ASP P 147 -77.31 -53.69 -81.32
N GLY P 148 -76.26 -53.15 -81.96
CA GLY P 148 -76.41 -52.56 -83.27
C GLY P 148 -76.37 -53.60 -84.38
N ILE P 149 -75.47 -54.58 -84.25
CA ILE P 149 -75.42 -55.73 -85.17
C ILE P 149 -76.77 -56.42 -85.16
N LEU P 150 -77.22 -56.80 -83.97
CA LEU P 150 -78.51 -57.44 -83.75
C LEU P 150 -79.70 -56.71 -84.37
N LYS P 151 -79.71 -55.39 -84.32
CA LYS P 151 -80.86 -54.67 -84.85
C LYS P 151 -80.93 -54.85 -86.36
N ALA P 152 -79.77 -54.88 -87.00
CA ALA P 152 -79.67 -55.11 -88.45
C ALA P 152 -80.12 -56.51 -88.91
N ALA P 153 -79.63 -57.54 -88.22
CA ALA P 153 -79.96 -58.92 -88.55
C ALA P 153 -81.46 -59.19 -88.48
N GLN P 154 -82.07 -58.86 -87.34
CA GLN P 154 -83.51 -59.04 -87.15
C GLN P 154 -84.31 -58.23 -88.18
N GLU P 155 -83.75 -57.10 -88.60
CA GLU P 155 -84.33 -56.25 -89.64
C GLU P 155 -84.26 -56.88 -91.05
N ALA P 156 -83.27 -57.74 -91.25
CA ALA P 156 -83.02 -58.36 -92.55
C ALA P 156 -83.96 -59.51 -92.92
N LYS P 157 -83.92 -60.61 -92.17
CA LYS P 157 -84.85 -61.72 -92.38
C LYS P 157 -86.30 -61.20 -92.50
N THR P 158 -86.68 -60.27 -91.61
CA THR P 158 -88.00 -59.66 -91.60
C THR P 158 -88.24 -58.76 -92.82
N ALA P 159 -87.20 -58.52 -93.62
CA ALA P 159 -87.34 -57.68 -94.82
C ALA P 159 -86.81 -58.42 -96.04
N LYS P 160 -86.95 -59.75 -95.99
CA LYS P 160 -86.52 -60.69 -97.03
C LYS P 160 -85.23 -60.22 -97.72
N THR P 161 -84.32 -59.72 -96.89
CA THR P 161 -83.07 -59.18 -97.36
C THR P 161 -82.00 -60.07 -96.75
N ASN P 162 -81.07 -60.52 -97.61
CA ASN P 162 -80.05 -61.47 -97.18
C ASN P 162 -79.11 -61.03 -96.06
N VAL P 163 -78.70 -62.00 -95.24
CA VAL P 163 -77.84 -61.73 -94.10
C VAL P 163 -76.58 -62.54 -94.22
N ILE P 164 -75.45 -61.90 -94.49
CA ILE P 164 -74.21 -62.68 -94.45
C ILE P 164 -73.37 -62.08 -93.36
N LEU P 165 -72.80 -62.94 -92.53
CA LEU P 165 -72.12 -62.48 -91.33
C LEU P 165 -70.73 -63.04 -91.21
N ASN P 166 -69.74 -62.16 -91.27
CA ASN P 166 -68.37 -62.54 -90.97
C ASN P 166 -68.15 -62.49 -89.46
N PRO P 167 -67.97 -63.65 -88.83
CA PRO P 167 -67.85 -63.71 -87.37
C PRO P 167 -66.48 -63.26 -86.87
N ALA P 168 -65.92 -62.25 -87.52
CA ALA P 168 -64.65 -61.65 -87.15
C ALA P 168 -64.93 -60.31 -86.45
N PRO P 169 -64.10 -59.98 -85.46
CA PRO P 169 -62.94 -60.76 -85.00
C PRO P 169 -63.40 -61.81 -84.01
N ALA P 170 -62.57 -62.84 -83.82
CA ALA P 170 -62.94 -64.07 -83.10
C ALA P 170 -63.66 -63.89 -81.76
N ARG P 171 -64.89 -64.43 -81.67
CA ARG P 171 -65.66 -64.38 -80.43
C ARG P 171 -66.76 -65.44 -80.36
N GLU P 172 -67.37 -65.59 -79.19
CA GLU P 172 -68.53 -66.47 -78.94
C GLU P 172 -69.81 -65.64 -79.04
N LEU P 173 -70.88 -66.19 -79.60
CA LEU P 173 -72.12 -65.42 -79.69
C LEU P 173 -73.35 -66.09 -79.09
N PRO P 174 -74.37 -65.27 -78.74
CA PRO P 174 -75.65 -65.80 -78.28
C PRO P 174 -76.55 -66.07 -79.50
N ASP P 175 -77.41 -67.08 -79.41
CA ASP P 175 -78.25 -67.48 -80.55
C ASP P 175 -79.34 -66.51 -81.04
N GLU P 176 -80.00 -65.77 -80.15
CA GLU P 176 -81.08 -64.82 -80.51
C GLU P 176 -80.89 -64.06 -81.84
N LEU P 177 -79.64 -64.06 -82.32
CA LEU P 177 -79.19 -63.42 -83.55
C LEU P 177 -78.93 -64.40 -84.70
N LEU P 178 -78.23 -65.48 -84.38
CA LEU P 178 -77.88 -66.54 -85.34
C LEU P 178 -79.06 -67.08 -86.19
N LYS P 179 -80.28 -66.92 -85.71
CA LYS P 179 -81.47 -67.36 -86.46
C LYS P 179 -81.85 -66.36 -87.55
N CYS P 180 -81.26 -65.19 -87.45
CA CYS P 180 -81.50 -64.13 -88.41
C CYS P 180 -80.26 -64.05 -89.26
N VAL P 181 -79.82 -65.21 -89.73
CA VAL P 181 -78.65 -65.32 -90.59
C VAL P 181 -78.96 -66.29 -91.74
N ASP P 182 -78.47 -65.97 -92.93
CA ASP P 182 -78.72 -66.84 -94.07
C ASP P 182 -77.49 -67.65 -94.42
N LEU P 183 -76.33 -67.19 -93.91
CA LEU P 183 -75.04 -67.85 -94.13
C LEU P 183 -73.95 -67.35 -93.18
N ILE P 184 -73.10 -68.26 -92.74
CA ILE P 184 -72.04 -67.94 -91.79
C ILE P 184 -70.72 -68.38 -92.37
N THR P 185 -69.71 -67.54 -92.15
CA THR P 185 -68.40 -67.73 -92.73
C THR P 185 -67.24 -67.68 -91.73
N PRO P 186 -67.28 -68.53 -90.69
CA PRO P 186 -66.23 -68.48 -89.66
C PRO P 186 -64.90 -69.07 -90.12
N ASN P 187 -63.90 -69.08 -89.24
CA ASN P 187 -62.67 -69.76 -89.53
C ASN P 187 -62.36 -70.75 -88.42
N GLU P 188 -61.27 -71.50 -88.59
CA GLU P 188 -60.80 -72.48 -87.61
C GLU P 188 -60.89 -72.00 -86.17
N THR P 189 -60.35 -70.80 -85.94
CA THR P 189 -60.29 -70.24 -84.59
C THR P 189 -61.65 -69.70 -84.15
N GLU P 190 -62.42 -69.19 -85.10
CA GLU P 190 -63.75 -68.65 -84.86
C GLU P 190 -64.83 -69.73 -84.79
N ALA P 191 -64.42 -70.99 -84.69
CA ALA P 191 -65.39 -72.07 -84.65
C ALA P 191 -65.46 -72.77 -83.30
N GLU P 192 -64.31 -73.00 -82.66
CA GLU P 192 -64.29 -73.61 -81.34
C GLU P 192 -65.07 -72.69 -80.39
N VAL P 193 -64.87 -71.39 -80.59
CA VAL P 193 -65.55 -70.36 -79.81
C VAL P 193 -67.06 -70.34 -80.04
N LEU P 194 -67.52 -70.91 -81.15
CA LEU P 194 -68.94 -70.85 -81.49
C LEU P 194 -69.72 -72.14 -81.16
N THR P 195 -69.03 -73.27 -81.20
CA THR P 195 -69.71 -74.55 -81.05
C THR P 195 -69.03 -75.43 -80.01
N GLY P 196 -67.72 -75.40 -79.97
CA GLY P 196 -66.98 -76.21 -79.03
C GLY P 196 -66.37 -77.40 -79.74
N ILE P 197 -66.65 -77.51 -81.03
CA ILE P 197 -66.12 -78.61 -81.81
C ILE P 197 -64.84 -78.09 -82.45
N THR P 198 -63.74 -78.82 -82.26
CA THR P 198 -62.45 -78.37 -82.77
C THR P 198 -62.20 -78.94 -84.16
N VAL P 199 -62.12 -78.03 -85.11
CA VAL P 199 -61.88 -78.36 -86.50
C VAL P 199 -60.38 -78.39 -86.86
N TYR P 200 -59.86 -79.57 -87.19
CA TYR P 200 -58.49 -79.66 -87.67
C TYR P 200 -58.48 -80.37 -89.03
N ASP P 201 -59.50 -81.18 -89.30
CA ASP P 201 -59.62 -81.91 -90.57
C ASP P 201 -61.08 -82.04 -91.01
N ASP P 202 -61.34 -82.81 -92.07
CA ASP P 202 -62.70 -82.96 -92.64
C ASP P 202 -63.79 -83.59 -91.76
N SER P 203 -63.44 -84.55 -90.90
CA SER P 203 -64.45 -85.23 -90.10
C SER P 203 -64.96 -84.30 -89.00
N SER P 204 -64.05 -83.59 -88.37
CA SER P 204 -64.40 -82.63 -87.32
C SER P 204 -65.06 -81.38 -87.89
N ALA P 205 -64.78 -81.11 -89.17
CA ALA P 205 -65.37 -79.97 -89.87
C ALA P 205 -66.81 -80.29 -90.25
N GLN P 206 -67.07 -81.57 -90.46
CA GLN P 206 -68.40 -82.02 -90.78
C GLN P 206 -69.23 -81.81 -89.52
N GLN P 207 -68.67 -82.13 -88.37
CA GLN P 207 -69.38 -82.01 -87.10
C GLN P 207 -69.56 -80.60 -86.53
N ALA P 208 -68.53 -79.77 -86.61
CA ALA P 208 -68.62 -78.42 -86.03
C ALA P 208 -69.67 -77.55 -86.70
N ALA P 209 -69.49 -77.37 -88.00
CA ALA P 209 -70.42 -76.62 -88.84
C ALA P 209 -71.85 -77.11 -88.65
N ASP P 210 -72.08 -78.37 -89.04
CA ASP P 210 -73.36 -79.07 -88.93
C ASP P 210 -74.24 -78.65 -87.75
N ALA P 211 -73.63 -78.55 -86.56
CA ALA P 211 -74.34 -78.15 -85.36
C ALA P 211 -74.98 -76.77 -85.53
N LEU P 212 -74.27 -75.85 -86.18
CA LEU P 212 -74.77 -74.50 -86.46
C LEU P 212 -76.14 -74.43 -87.08
N HIS P 213 -76.31 -75.15 -88.19
CA HIS P 213 -77.59 -75.31 -88.88
C HIS P 213 -78.76 -75.38 -87.90
N CYS P 214 -78.55 -76.14 -86.83
CA CYS P 214 -79.56 -76.31 -85.79
C CYS P 214 -79.86 -74.98 -85.09
N LYS P 215 -78.98 -73.99 -85.27
CA LYS P 215 -79.20 -72.67 -84.69
C LYS P 215 -79.68 -71.68 -85.75
N GLY P 216 -80.19 -72.20 -86.87
CA GLY P 216 -80.86 -71.38 -87.84
C GLY P 216 -80.06 -70.92 -89.05
N ILE P 217 -78.88 -71.49 -89.22
CA ILE P 217 -78.04 -71.10 -90.35
C ILE P 217 -78.13 -72.08 -91.52
N GLU P 218 -78.39 -71.54 -92.71
CA GLU P 218 -78.58 -72.33 -93.93
C GLU P 218 -77.29 -73.02 -94.45
N ILE P 219 -76.25 -72.23 -94.72
CA ILE P 219 -74.98 -72.74 -95.25
C ILE P 219 -73.81 -72.18 -94.44
N VAL P 220 -72.84 -73.02 -94.11
CA VAL P 220 -71.75 -72.62 -93.21
C VAL P 220 -70.35 -72.87 -93.77
N ILE P 221 -69.54 -71.80 -93.78
CA ILE P 221 -68.19 -71.85 -94.34
C ILE P 221 -67.04 -71.66 -93.36
N ILE P 222 -66.53 -72.76 -92.80
CA ILE P 222 -65.31 -72.69 -92.01
C ILE P 222 -64.14 -72.73 -92.97
N THR P 223 -63.48 -71.60 -93.18
CA THR P 223 -62.33 -71.56 -94.07
C THR P 223 -61.23 -72.35 -93.36
N LEU P 224 -60.58 -73.23 -94.13
CA LEU P 224 -59.59 -74.14 -93.56
C LEU P 224 -58.18 -73.77 -94.01
N GLY P 225 -57.57 -72.89 -93.23
CA GLY P 225 -56.22 -72.36 -93.47
C GLY P 225 -55.55 -72.51 -94.82
N SER P 226 -54.38 -73.13 -94.79
CA SER P 226 -53.58 -73.31 -95.98
C SER P 226 -54.32 -74.23 -96.95
N LYS P 227 -55.15 -75.11 -96.40
CA LYS P 227 -55.90 -76.09 -97.17
C LYS P 227 -57.37 -75.75 -97.56
N GLY P 228 -57.58 -74.76 -98.41
CA GLY P 228 -58.90 -74.46 -98.95
C GLY P 228 -60.03 -73.96 -98.04
N VAL P 229 -61.26 -74.43 -98.30
CA VAL P 229 -62.46 -73.99 -97.57
C VAL P 229 -63.47 -75.12 -97.40
N TRP P 230 -64.04 -75.23 -96.20
CA TRP P 230 -65.10 -76.22 -96.00
C TRP P 230 -66.48 -75.56 -96.17
N LEU P 231 -67.42 -76.36 -96.65
CA LEU P 231 -68.76 -75.91 -96.99
C LEU P 231 -69.81 -76.89 -96.47
N SER P 232 -70.99 -76.40 -96.10
CA SER P 232 -72.08 -77.31 -95.71
C SER P 232 -73.45 -76.72 -96.00
N GLN P 233 -73.98 -76.97 -97.20
CA GLN P 233 -75.33 -76.54 -97.51
C GLN P 233 -76.26 -77.61 -96.94
N ASN P 234 -76.56 -77.49 -95.64
CA ASN P 234 -77.41 -78.44 -94.92
C ASN P 234 -76.81 -79.84 -94.83
N GLY P 235 -75.64 -79.94 -94.21
CA GLY P 235 -74.97 -81.22 -94.00
C GLY P 235 -74.36 -81.82 -95.25
N ARG P 236 -74.77 -81.33 -96.41
CA ARG P 236 -74.21 -81.80 -97.66
C ARG P 236 -72.96 -80.97 -97.92
N GLY P 237 -71.85 -81.38 -97.30
CA GLY P 237 -70.62 -80.62 -97.36
C GLY P 237 -69.69 -81.00 -98.48
N GLN P 238 -68.43 -80.58 -98.34
CA GLN P 238 -67.35 -80.88 -99.29
C GLN P 238 -66.17 -79.98 -98.95
N ARG P 239 -65.03 -80.26 -99.57
CA ARG P 239 -63.84 -79.43 -99.42
C ARG P 239 -63.41 -78.84 -100.77
N ILE P 240 -63.05 -77.55 -100.76
CA ILE P 240 -62.69 -76.81 -101.98
C ILE P 240 -61.28 -76.24 -101.91
N PRO P 241 -60.35 -76.72 -102.77
CA PRO P 241 -58.98 -76.23 -102.76
C PRO P 241 -58.80 -74.83 -103.39
N GLY P 242 -58.02 -73.98 -102.73
CA GLY P 242 -57.68 -72.65 -103.20
C GLY P 242 -56.62 -72.73 -104.27
N PHE P 243 -56.05 -71.60 -104.68
CA PHE P 243 -55.05 -71.66 -105.75
C PHE P 243 -53.66 -71.84 -105.14
N VAL P 244 -52.60 -71.47 -105.86
CA VAL P 244 -51.22 -71.51 -105.29
C VAL P 244 -51.13 -70.44 -104.18
N VAL P 245 -52.10 -70.51 -103.26
CA VAL P 245 -52.34 -69.50 -102.25
C VAL P 245 -51.27 -69.42 -101.17
N LYS P 246 -51.25 -68.29 -100.47
CA LYS P 246 -50.26 -68.01 -99.44
C LYS P 246 -50.78 -66.95 -98.48
N ALA P 247 -49.88 -66.21 -97.83
CA ALA P 247 -50.24 -65.37 -96.68
C ALA P 247 -49.13 -64.50 -96.07
N THR P 248 -48.53 -63.57 -96.84
CA THR P 248 -47.53 -62.61 -96.31
C THR P 248 -48.30 -61.35 -95.92
N ASP P 249 -49.62 -61.47 -96.12
CA ASP P 249 -50.60 -60.44 -95.81
C ASP P 249 -52.00 -61.08 -95.77
N THR P 250 -52.46 -61.45 -94.58
CA THR P 250 -53.78 -62.06 -94.41
C THR P 250 -54.78 -60.99 -93.97
N THR P 251 -54.27 -59.77 -93.77
CA THR P 251 -55.04 -58.61 -93.31
C THR P 251 -56.27 -58.39 -94.18
N ALA P 252 -56.09 -57.77 -95.35
CA ALA P 252 -57.21 -57.53 -96.26
C ALA P 252 -57.59 -58.83 -96.96
N ALA P 253 -56.75 -59.85 -96.81
CA ALA P 253 -56.86 -61.09 -97.57
C ALA P 253 -58.03 -61.98 -97.20
N GLY P 254 -58.32 -62.13 -95.91
CA GLY P 254 -59.58 -62.77 -95.55
C GLY P 254 -60.77 -61.83 -95.65
N ASP P 255 -60.48 -60.56 -95.91
CA ASP P 255 -61.46 -59.49 -96.02
C ASP P 255 -61.89 -59.40 -97.45
N THR P 256 -60.95 -59.68 -98.36
CA THR P 256 -61.27 -59.74 -99.78
C THR P 256 -62.02 -61.03 -100.11
N PHE P 257 -61.61 -62.15 -99.51
CA PHE P 257 -62.43 -63.35 -99.54
C PHE P 257 -63.89 -63.01 -99.22
N ASN P 258 -64.13 -62.54 -98.00
CA ASN P 258 -65.47 -62.18 -97.53
C ASN P 258 -66.14 -61.05 -98.31
N GLY P 259 -65.36 -60.10 -98.80
CA GLY P 259 -65.92 -59.00 -99.57
C GLY P 259 -66.38 -59.45 -100.93
N ALA P 260 -65.57 -60.28 -101.56
CA ALA P 260 -65.82 -60.73 -102.93
C ALA P 260 -66.94 -61.79 -103.00
N LEU P 261 -66.91 -62.77 -102.10
CA LEU P 261 -67.94 -63.81 -102.04
C LEU P 261 -69.36 -63.27 -101.98
N VAL P 262 -69.60 -62.16 -101.29
CA VAL P 262 -70.96 -61.61 -101.22
C VAL P 262 -71.27 -60.87 -102.51
N THR P 263 -70.23 -60.28 -103.11
CA THR P 263 -70.36 -59.62 -104.39
C THR P 263 -70.61 -60.64 -105.51
N GLY P 264 -70.02 -61.83 -105.34
CA GLY P 264 -70.24 -62.96 -106.23
C GLY P 264 -71.68 -63.42 -106.24
N LEU P 265 -72.13 -63.94 -105.11
CA LEU P 265 -73.51 -64.38 -104.94
C LEU P 265 -74.45 -63.30 -105.46
N LEU P 266 -74.03 -62.03 -105.32
CA LEU P 266 -74.76 -60.84 -105.82
C LEU P 266 -74.72 -60.71 -107.34
N GLN P 267 -73.68 -61.21 -108.00
CA GLN P 267 -73.66 -61.23 -109.47
C GLN P 267 -74.25 -62.53 -110.05
N GLU P 268 -75.09 -63.19 -109.26
CA GLU P 268 -75.88 -64.34 -109.67
C GLU P 268 -75.09 -65.67 -109.80
N MET P 269 -73.79 -65.62 -109.49
CA MET P 269 -72.98 -66.83 -109.42
C MET P 269 -73.55 -67.87 -108.46
N PRO P 270 -73.35 -69.18 -108.74
CA PRO P 270 -73.76 -70.22 -107.81
C PRO P 270 -72.75 -70.35 -106.68
N LEU P 271 -73.25 -70.64 -105.48
CA LEU P 271 -72.47 -70.71 -104.24
C LEU P 271 -71.05 -71.22 -104.41
N GLU P 272 -70.92 -72.42 -104.96
CA GLU P 272 -69.64 -73.06 -105.19
C GLU P 272 -68.71 -72.22 -106.07
N SER P 273 -69.29 -71.47 -107.01
CA SER P 273 -68.50 -70.71 -107.97
C SER P 273 -67.98 -69.39 -107.39
N ALA P 274 -68.80 -68.72 -106.59
CA ALA P 274 -68.41 -67.50 -105.89
C ALA P 274 -67.32 -67.71 -104.83
N ILE P 275 -67.43 -68.77 -104.04
CA ILE P 275 -66.34 -69.17 -103.13
C ILE P 275 -65.06 -69.40 -103.89
N LYS P 276 -65.20 -69.87 -105.12
CA LYS P 276 -64.08 -70.06 -106.01
C LYS P 276 -63.63 -68.69 -106.56
N PHE P 277 -64.58 -67.84 -106.96
CA PHE P 277 -64.28 -66.44 -107.33
C PHE P 277 -63.42 -65.64 -106.32
N ALA P 278 -63.97 -65.48 -105.13
CA ALA P 278 -63.32 -64.80 -104.02
C ALA P 278 -61.87 -65.22 -103.83
N HIS P 279 -61.61 -66.51 -103.77
CA HIS P 279 -60.26 -67.02 -103.66
C HIS P 279 -59.29 -66.41 -104.68
N ALA P 280 -59.78 -65.97 -105.83
CA ALA P 280 -58.82 -65.40 -106.78
C ALA P 280 -58.37 -64.10 -106.17
N ALA P 281 -59.32 -63.18 -106.00
CA ALA P 281 -59.09 -61.91 -105.34
C ALA P 281 -58.33 -62.10 -104.02
N ALA P 282 -58.66 -63.15 -103.27
CA ALA P 282 -57.96 -63.46 -102.04
C ALA P 282 -56.51 -63.87 -102.28
N ALA P 283 -56.28 -64.69 -103.31
CA ALA P 283 -54.93 -65.15 -103.61
C ALA P 283 -54.01 -64.06 -104.16
N ILE P 284 -54.59 -63.13 -104.91
CA ILE P 284 -53.82 -62.01 -105.46
C ILE P 284 -53.52 -61.03 -104.35
N SER P 285 -54.45 -60.94 -103.39
CA SER P 285 -54.25 -60.10 -102.23
C SER P 285 -53.10 -60.69 -101.39
N VAL P 286 -53.14 -61.99 -101.08
CA VAL P 286 -52.07 -62.64 -100.28
C VAL P 286 -50.64 -62.63 -100.84
N THR P 287 -50.47 -62.86 -102.14
CA THR P 287 -49.12 -62.88 -102.72
C THR P 287 -48.58 -61.48 -103.06
N ARG P 288 -49.42 -60.44 -102.93
CA ARG P 288 -48.96 -59.06 -103.07
C ARG P 288 -48.86 -58.35 -101.72
N PHE P 289 -47.64 -57.99 -101.30
CA PHE P 289 -47.44 -57.21 -100.09
C PHE P 289 -48.20 -55.87 -100.15
N GLY P 290 -48.86 -55.50 -99.05
CA GLY P 290 -49.64 -54.27 -98.98
C GLY P 290 -50.70 -54.52 -97.93
N ALA P 291 -51.49 -53.52 -97.54
CA ALA P 291 -52.46 -53.81 -96.49
C ALA P 291 -53.91 -53.76 -96.94
N GLN P 292 -54.45 -52.57 -97.22
CA GLN P 292 -55.79 -52.46 -97.83
C GLN P 292 -55.68 -52.06 -99.30
N THR P 293 -54.45 -52.08 -99.78
CA THR P 293 -54.15 -51.80 -101.18
C THR P 293 -53.85 -53.13 -101.87
N SER P 294 -53.68 -54.19 -101.08
CA SER P 294 -53.53 -55.53 -101.62
C SER P 294 -54.88 -56.05 -102.15
N ILE P 295 -55.91 -55.21 -102.07
CA ILE P 295 -57.20 -55.58 -102.61
C ILE P 295 -57.24 -55.13 -104.08
N PRO P 296 -57.37 -56.10 -105.00
CA PRO P 296 -57.25 -55.95 -106.46
C PRO P 296 -58.54 -55.59 -107.19
N THR P 297 -58.47 -55.19 -108.46
CA THR P 297 -59.68 -54.86 -109.22
C THR P 297 -60.25 -56.10 -109.94
N ARG P 298 -61.47 -55.97 -110.46
CA ARG P 298 -62.14 -57.05 -111.18
C ARG P 298 -61.30 -57.54 -112.34
N ALA P 299 -60.92 -56.63 -113.23
CA ALA P 299 -60.07 -56.95 -114.37
C ALA P 299 -58.86 -57.79 -114.00
N GLU P 300 -58.13 -57.36 -112.98
CA GLU P 300 -56.96 -58.09 -112.54
C GLU P 300 -57.35 -59.41 -111.85
N VAL P 301 -58.46 -59.39 -111.13
CA VAL P 301 -58.95 -60.62 -110.52
C VAL P 301 -59.46 -61.61 -111.57
N GLU P 302 -60.29 -61.11 -112.49
CA GLU P 302 -60.87 -61.89 -113.60
C GLU P 302 -59.85 -62.34 -114.63
N ALA P 303 -58.92 -61.45 -115.00
CA ALA P 303 -57.77 -61.83 -115.82
C ALA P 303 -57.01 -62.98 -115.16
N PHE P 304 -56.88 -62.90 -113.84
CA PHE P 304 -56.22 -63.93 -113.02
C PHE P 304 -56.89 -65.31 -113.18
N LEU P 305 -58.21 -65.32 -113.09
CA LEU P 305 -58.99 -66.54 -113.23
C LEU P 305 -58.65 -67.33 -114.49
N ALA P 306 -58.57 -66.61 -115.61
CA ALA P 306 -58.24 -67.19 -116.93
C ALA P 306 -56.89 -67.91 -116.94
N GLU P 307 -55.88 -67.22 -116.44
CA GLU P 307 -54.50 -67.67 -116.30
C GLU P 307 -54.39 -68.85 -115.32
N HIS P 308 -55.44 -69.07 -114.53
CA HIS P 308 -55.52 -70.21 -113.62
C HIS P 308 -56.70 -71.13 -113.87
N SER P 309 -57.12 -71.25 -115.12
CA SER P 309 -58.26 -72.10 -115.45
C SER P 309 -57.87 -73.56 -115.58
#